data_7TCT
#
_entry.id   7TCT
#
_cell.length_a   259.160
_cell.length_b   143.840
_cell.length_c   104.910
_cell.angle_alpha   90.000
_cell.angle_beta   90.000
_cell.angle_gamma   90.000
#
_symmetry.space_group_name_H-M   'P 21 21 2'
#
loop_
_entity.id
_entity.type
_entity.pdbx_description
1 polymer 'Integrin alpha-IIb heavy chain'
2 polymer 'Isoform Beta-3C of Integrin beta-3'
3 polymer 'Fab heavy chain'
4 polymer 'Fab light chain'
5 branched beta-D-mannopyranose-(1-3)-[beta-D-mannopyranose-(1-6)]beta-D-mannopyranose-(1-4)-2-acetamido-2-deoxy-beta-D-glucopyranose-(1-4)-2-acetamido-2-deoxy-beta-D-glucopyranose
6 branched 2-acetamido-2-deoxy-beta-D-glucopyranose-(1-4)-2-acetamido-2-deoxy-beta-D-glucopyranose
7 branched beta-D-mannopyranose-(1-3)-beta-D-mannopyranose-(1-4)-2-acetamido-2-deoxy-beta-D-glucopyranose-(1-4)-2-acetamido-2-deoxy-beta-D-glucopyranose
8 non-polymer 'CALCIUM ION'
9 non-polymer 'SULFATE ION'
10 non-polymer 'MAGNESIUM ION'
11 non-polymer 2-acetamido-2-deoxy-beta-D-glucopyranose
12 non-polymer '{5-[N-(4-carbamimidoylbenzoyl)-4-nitro-L-phenylalanyl]-4,5,6,7-tetrahydro-2H-pyrazolo[4,3-c]pyridin-2-yl}acetic acid'
13 non-polymer 'CHLORIDE ION'
14 water water
#
loop_
_entity_poly.entity_id
_entity_poly.type
_entity_poly.pdbx_seq_one_letter_code
_entity_poly.pdbx_strand_id
1 'polypeptide(L)'
;LNLDPVQLTFYAGPNGSQFGFSLDFHKDSHGRVAIVVGAPRTLGPSQEETGGVFLCPWRAEGGQCPSLLFDLRDETRNVG
SQTLQTFKARQGLGASVVSWSDVIVACAPWQHWNVLEKTEEAEKTPVGSCFLAQPESGRRAEYSPCRGNTLSRIYVENDF
SWDKRYCEAGFSSVVTQAGELVLGAPGGYYFLGLLAQAPVADIFSSYRPGILLWHVSSQSLSFDSSNPEYFDGYWGYSVA
VGEFDGDLNTTEYVVGAPTWSWTLGAVEILDSYYQRLHRLRGEQMASYFGHSVAVTDVNGDGRHDLLVGAPLYMESRADR
KLAEVGRVYLFLQPRGPHALGAPSLLLTGTQLYGRFGSAIAPLGDLDRDGYNDIAVAAPYGGPSGRGQVLVFLGQSEGLR
SRPSQVLDSPFPTGSAFGFSLRGAVDIDDNGYPDLIVGAYGANQVAVYRAQPVVKAS
;
A,C
2 'polypeptide(L)'
;GPNICTTRGVSSCQQCLAVSPMCAWCSDEALPLGSPRCDLKENLLKDNCAPESIEFPVSEARVLEDRPLSDKGSGDSSQV
TQVSPQRIALRLRPDDSKNFSIQVRQVEDYPVDIYYLMDLSYSMKDDLWSIQNLGTKLATQMRKLTSNLRIGFGAFVDKP
VSPYMYISPPEALENPCYDMKTTCLPMFGYKHVLTLTDQVTRFNEEVKKQSVSRNRDAPEGGFDAIMQATVCDEKIGWRN
DASHLLVFTTDAKTHIALDGRLAGIVQPNDGQCHVGSDNHYSASTTMDYPSLGLMTEKLSQKNINLIFAVTENVVNLYQN
YSELIPGTTVGVLSMDSSNVLQLIVDAYGKIRSKVELEVRDLPEELSLSFNATCLNNEVIPGLKSCMGLKIGDTVSFSIE
AKVRGCPQEKEKSFTIKPVGFKDSLIVQVTFDCDCACQAQAEPNSHRCNNGNGTFECGVCRCGPGWLGSQCE
;
B,D
3 'polypeptide(L)'
;EVQLQQSGAELVKPGASVKLSCTASGFNIKDTYVHWVKQRPEQGLEWIGRIDPANGYTKYDPKFQGKATITADTSSNTAY
LQLSSLTSEDTAVYYCVRPLYDYYAMDYWGQGTSVTVSSAKTTAPSVYPLAPVCGDTTGSSVTLGCLVKGYFPEPVTLTW
NSGSLSSGVHTFPAVLQSDLYTLSSSVTVTSSTWPSQSITCNVAHPASSTKVDKKIEPRGP
;
E,H
4 'polypeptide(L)'
;DILMTQSPSSMSVSLGDTVSITCHASQGISSNIGWLQQKPGKSFMGLIYYGTNLVDGVPSRFSGSGSGADYSLTISSLDS
EDFADYYCVQYAQLPYTFGGGTKLEIKRADAAPTVSIFPPSSEQLTSGGASVVCFLNNFYPKDINVKWKIDGSERQNGVL
NSWTDQDSKDSTYSMSSTLTLTKDEYERHNSYTCEATHKTSTSPIVKSFNRNEC
;
F,L
#
# COMPACT_ATOMS: atom_id res chain seq x y z
N LEU A 1 28.05 33.13 -22.10
CA LEU A 1 29.38 33.33 -22.68
C LEU A 1 29.60 34.78 -23.09
N ASN A 2 28.66 35.33 -23.86
CA ASN A 2 28.83 36.64 -24.48
C ASN A 2 27.85 37.68 -23.95
N LEU A 3 27.32 37.51 -22.74
CA LEU A 3 26.61 38.60 -22.09
C LEU A 3 27.62 39.65 -21.64
N ASP A 4 27.24 40.92 -21.75
CA ASP A 4 28.13 42.02 -21.40
C ASP A 4 27.99 42.33 -19.91
N PRO A 5 28.99 42.05 -19.08
CA PRO A 5 28.91 42.36 -17.65
C PRO A 5 29.51 43.71 -17.27
N VAL A 6 29.92 44.53 -18.22
CA VAL A 6 30.53 45.82 -17.92
C VAL A 6 29.50 46.94 -17.93
N GLN A 7 28.70 47.03 -18.98
CA GLN A 7 27.73 48.10 -19.14
C GLN A 7 26.32 47.51 -18.97
N LEU A 8 25.86 47.51 -17.73
CA LEU A 8 24.54 47.01 -17.41
C LEU A 8 23.51 48.15 -17.46
N THR A 9 22.24 47.77 -17.45
CA THR A 9 21.13 48.71 -17.40
C THR A 9 20.30 48.42 -16.16
N PHE A 10 20.09 49.43 -15.32
CA PHE A 10 19.42 49.28 -14.04
C PHE A 10 18.07 49.99 -14.08
N TYR A 11 17.02 49.29 -13.67
CA TYR A 11 15.73 49.88 -13.38
C TYR A 11 15.47 49.78 -11.88
N ALA A 12 14.69 50.73 -11.35
CA ALA A 12 14.50 50.82 -9.91
C ALA A 12 13.05 51.15 -9.61
N GLY A 13 12.59 50.66 -8.45
CA GLY A 13 11.28 50.98 -7.94
C GLY A 13 11.35 51.55 -6.54
N PRO A 14 10.19 51.78 -5.93
CA PRO A 14 10.18 52.35 -4.58
C PRO A 14 10.86 51.45 -3.57
N ASN A 15 11.48 52.07 -2.56
CA ASN A 15 12.13 51.31 -1.51
C ASN A 15 11.13 50.46 -0.75
N GLY A 16 11.49 49.20 -0.49
CA GLY A 16 10.61 48.28 0.20
C GLY A 16 9.49 47.70 -0.63
N SER A 17 9.40 48.06 -1.91
CA SER A 17 8.32 47.56 -2.76
C SER A 17 8.58 46.17 -3.32
N GLN A 18 9.79 45.64 -3.15
CA GLN A 18 10.21 44.37 -3.73
C GLN A 18 10.11 44.39 -5.25
N PHE A 19 10.33 45.57 -5.82
CA PHE A 19 10.48 45.76 -7.26
C PHE A 19 11.49 44.75 -7.81
N GLY A 20 11.05 43.94 -8.78
CA GLY A 20 11.89 42.91 -9.34
C GLY A 20 11.61 41.52 -8.82
N PHE A 21 10.60 41.34 -7.97
CA PHE A 21 10.24 40.00 -7.50
C PHE A 21 9.86 39.11 -8.66
N SER A 22 9.20 39.67 -9.68
CA SER A 22 8.89 38.96 -10.90
C SER A 22 9.06 39.93 -12.07
N LEU A 23 9.34 39.38 -13.25
CA LEU A 23 9.56 40.21 -14.42
C LEU A 23 9.30 39.40 -15.67
N ASP A 24 9.09 40.11 -16.78
CA ASP A 24 8.92 39.47 -18.08
C ASP A 24 9.15 40.51 -19.17
N PHE A 25 9.47 40.03 -20.37
CA PHE A 25 9.51 40.90 -21.53
C PHE A 25 8.11 41.13 -22.06
N HIS A 26 7.88 42.33 -22.62
CA HIS A 26 6.58 42.67 -23.17
C HIS A 26 6.77 43.35 -24.51
N LYS A 27 6.15 42.78 -25.55
CA LYS A 27 6.12 43.39 -26.87
C LYS A 27 4.75 44.02 -27.09
N ASP A 28 4.73 45.29 -27.47
CA ASP A 28 3.47 45.94 -27.79
C ASP A 28 3.02 45.50 -29.19
N SER A 29 1.86 46.01 -29.63
CA SER A 29 1.32 45.67 -30.94
C SER A 29 2.27 46.01 -32.08
N HIS A 30 3.30 46.82 -31.83
CA HIS A 30 4.28 47.19 -32.84
C HIS A 30 5.58 46.40 -32.74
N GLY A 31 5.69 45.49 -31.78
CA GLY A 31 6.92 44.73 -31.63
C GLY A 31 7.99 45.42 -30.83
N ARG A 32 7.66 46.51 -30.15
N ARG A 32 7.66 46.49 -30.11
CA ARG A 32 8.62 47.21 -29.30
CA ARG A 32 8.62 47.22 -29.30
C ARG A 32 8.70 46.51 -27.95
C ARG A 32 8.71 46.56 -27.93
N VAL A 33 9.90 46.08 -27.58
CA VAL A 33 10.08 45.32 -26.35
C VAL A 33 10.20 46.26 -25.16
N ALA A 34 9.42 45.99 -24.12
CA ALA A 34 9.52 46.65 -22.83
C ALA A 34 9.62 45.56 -21.76
N ILE A 35 9.78 45.99 -20.50
CA ILE A 35 9.94 45.07 -19.38
C ILE A 35 8.84 45.33 -18.37
N VAL A 36 7.99 44.33 -18.14
CA VAL A 36 6.99 44.38 -17.07
C VAL A 36 7.65 43.87 -15.80
N VAL A 37 7.48 44.61 -14.70
CA VAL A 37 8.13 44.30 -13.44
C VAL A 37 7.07 44.26 -12.35
N GLY A 38 7.04 43.16 -11.60
CA GLY A 38 6.17 43.04 -10.45
C GLY A 38 6.86 43.53 -9.18
N ALA A 39 6.10 44.26 -8.36
CA ALA A 39 6.59 44.80 -7.09
C ALA A 39 5.54 44.52 -6.04
N PRO A 40 5.56 43.32 -5.44
CA PRO A 40 4.41 42.83 -4.66
C PRO A 40 4.22 43.50 -3.30
N ARG A 41 5.07 44.43 -2.89
CA ARG A 41 4.86 45.15 -1.64
C ARG A 41 4.78 46.66 -1.86
N THR A 42 4.45 47.09 -3.07
CA THR A 42 4.24 48.51 -3.34
C THR A 42 3.05 49.01 -2.53
N LEU A 43 3.19 50.20 -1.97
CA LEU A 43 2.12 50.78 -1.17
C LEU A 43 0.92 51.14 -2.04
N GLY A 44 -0.27 50.95 -1.48
CA GLY A 44 -1.49 51.29 -2.17
C GLY A 44 -2.04 52.62 -1.71
N PRO A 45 -3.35 52.82 -1.88
CA PRO A 45 -3.93 54.12 -1.50
C PRO A 45 -3.94 54.36 0.00
N SER A 46 -4.30 53.35 0.79
CA SER A 46 -4.37 53.47 2.24
C SER A 46 -3.00 53.43 2.92
N GLN A 47 -1.93 53.77 2.19
CA GLN A 47 -0.56 53.66 2.67
C GLN A 47 -0.23 52.24 3.12
N GLU A 48 -0.93 51.26 2.58
CA GLU A 48 -0.80 49.86 2.98
C GLU A 48 -0.25 49.05 1.81
N GLU A 49 0.52 48.02 2.13
CA GLU A 49 1.09 47.16 1.11
C GLU A 49 -0.01 46.45 0.34
N THR A 50 0.02 46.60 -0.98
CA THR A 50 -0.88 45.86 -1.87
C THR A 50 -0.15 45.30 -3.08
N GLY A 51 1.07 45.74 -3.36
CA GLY A 51 1.76 45.36 -4.58
C GLY A 51 1.48 46.33 -5.71
N GLY A 52 2.25 46.18 -6.78
CA GLY A 52 2.11 47.03 -7.94
C GLY A 52 2.87 46.48 -9.11
N VAL A 53 2.54 47.00 -10.29
CA VAL A 53 3.16 46.56 -11.54
C VAL A 53 3.72 47.79 -12.25
N PHE A 54 4.87 47.61 -12.89
CA PHE A 54 5.54 48.68 -13.62
C PHE A 54 5.90 48.19 -15.01
N LEU A 55 5.80 49.08 -15.99
CA LEU A 55 6.08 48.76 -17.39
C LEU A 55 7.25 49.64 -17.82
N CYS A 56 8.44 49.05 -17.90
CA CYS A 56 9.67 49.81 -18.14
C CYS A 56 9.97 49.87 -19.63
N PRO A 57 9.94 51.03 -20.26
CA PRO A 57 10.42 51.13 -21.64
C PRO A 57 11.92 50.88 -21.69
N TRP A 58 12.37 50.27 -22.78
CA TRP A 58 13.79 49.95 -22.91
C TRP A 58 14.59 51.22 -23.10
N ARG A 59 15.48 51.51 -22.14
CA ARG A 59 16.43 52.60 -22.25
C ARG A 59 17.77 52.08 -21.75
N ALA A 60 18.83 52.33 -22.52
CA ALA A 60 20.15 51.87 -22.13
C ALA A 60 20.55 52.39 -20.76
N GLU A 61 20.06 53.57 -20.39
CA GLU A 61 20.35 54.15 -19.08
C GLU A 61 19.41 53.62 -17.99
N GLY A 62 18.32 52.96 -18.36
CA GLY A 62 17.39 52.46 -17.36
C GLY A 62 16.69 53.59 -16.64
N GLY A 63 16.60 53.45 -15.32
CA GLY A 63 15.98 54.47 -14.50
C GLY A 63 14.63 54.08 -13.95
N GLN A 64 13.73 55.05 -13.83
CA GLN A 64 12.41 54.82 -13.28
C GLN A 64 11.44 54.37 -14.37
N CYS A 65 10.35 53.74 -13.94
CA CYS A 65 9.36 53.20 -14.86
C CYS A 65 7.97 53.70 -14.49
N PRO A 66 7.10 53.89 -15.48
CA PRO A 66 5.71 54.23 -15.17
C PRO A 66 4.98 53.04 -14.57
N SER A 67 3.84 53.35 -13.94
CA SER A 67 3.02 52.31 -13.34
C SER A 67 2.06 51.72 -14.37
N LEU A 68 1.72 50.46 -14.17
CA LEU A 68 0.62 49.81 -14.87
C LEU A 68 -0.53 49.74 -13.88
N LEU A 69 -1.42 50.72 -13.94
CA LEU A 69 -2.38 50.93 -12.86
C LEU A 69 -3.45 49.85 -12.83
N PHE A 70 -3.84 49.47 -11.62
CA PHE A 70 -4.91 48.51 -11.39
C PHE A 70 -5.79 49.01 -10.25
N ASP A 71 -7.02 48.51 -10.21
CA ASP A 71 -7.96 48.88 -9.15
C ASP A 71 -7.57 48.19 -7.84
N LEU A 72 -7.17 48.98 -6.85
CA LEU A 72 -6.68 48.47 -5.58
C LEU A 72 -7.71 48.56 -4.46
N ARG A 73 -8.95 48.90 -4.77
CA ARG A 73 -9.98 49.10 -3.75
C ARG A 73 -10.68 47.79 -3.43
N ASP A 74 -10.98 47.59 -2.15
CA ASP A 74 -11.76 46.42 -1.74
C ASP A 74 -13.18 46.53 -2.27
N GLU A 75 -13.75 45.38 -2.63
CA GLU A 75 -15.09 45.31 -3.20
C GLU A 75 -16.03 44.58 -2.25
N THR A 76 -17.27 45.03 -2.20
CA THR A 76 -18.33 44.38 -1.44
C THR A 76 -19.58 44.34 -2.30
N ARG A 77 -20.20 43.17 -2.40
CA ARG A 77 -21.40 42.99 -3.20
C ARG A 77 -22.41 42.20 -2.39
N ASN A 78 -23.60 42.77 -2.22
CA ASN A 78 -24.70 42.10 -1.53
C ASN A 78 -25.68 41.61 -2.61
N VAL A 79 -25.60 40.31 -2.91
CA VAL A 79 -26.40 39.72 -3.97
C VAL A 79 -26.79 38.31 -3.54
N GLY A 80 -28.00 37.91 -3.92
CA GLY A 80 -28.49 36.58 -3.60
C GLY A 80 -28.53 36.31 -2.11
N SER A 81 -28.82 37.37 -1.34
CA SER A 81 -28.87 37.33 0.11
C SER A 81 -27.54 36.90 0.73
N GLN A 82 -26.44 37.10 0.02
CA GLN A 82 -25.10 36.87 0.53
C GLN A 82 -24.30 38.16 0.45
N THR A 83 -23.10 38.14 1.03
CA THR A 83 -22.21 39.29 1.01
C THR A 83 -20.84 38.83 0.51
N LEU A 84 -20.48 39.26 -0.70
CA LEU A 84 -19.20 38.92 -1.28
C LEU A 84 -18.18 40.00 -0.93
N GLN A 85 -16.96 39.57 -0.61
CA GLN A 85 -15.94 40.49 -0.12
C GLN A 85 -14.58 40.12 -0.72
N THR A 86 -13.91 41.10 -1.32
CA THR A 86 -12.52 40.97 -1.75
C THR A 86 -11.64 41.81 -0.84
N PHE A 87 -10.46 41.28 -0.51
CA PHE A 87 -9.51 41.96 0.37
C PHE A 87 -8.17 42.03 -0.33
N LYS A 88 -7.72 43.25 -0.64
CA LYS A 88 -6.52 43.46 -1.42
C LYS A 88 -5.32 43.91 -0.60
N ALA A 89 -5.49 44.09 0.72
CA ALA A 89 -4.35 44.45 1.56
C ALA A 89 -3.37 43.29 1.63
N ARG A 90 -2.09 43.59 1.37
CA ARG A 90 -1.02 42.59 1.38
C ARG A 90 -1.30 41.44 0.40
N GLN A 91 -2.05 41.72 -0.66
CA GLN A 91 -2.39 40.70 -1.63
C GLN A 91 -1.19 40.27 -2.47
N GLY A 92 -0.13 41.07 -2.50
CA GLY A 92 1.05 40.72 -3.27
C GLY A 92 0.88 40.85 -4.77
N LEU A 93 0.16 41.87 -5.22
CA LEU A 93 0.03 42.12 -6.65
C LEU A 93 1.40 42.36 -7.27
N GLY A 94 1.74 41.54 -8.26
CA GLY A 94 3.06 41.57 -8.86
C GLY A 94 3.98 40.46 -8.40
N ALA A 95 3.52 39.56 -7.53
CA ALA A 95 4.32 38.40 -7.16
C ALA A 95 4.56 37.51 -8.36
N SER A 96 3.76 37.63 -9.41
CA SER A 96 4.02 36.98 -10.68
C SER A 96 3.48 37.87 -11.79
N VAL A 97 4.28 38.05 -12.84
CA VAL A 97 3.87 38.76 -14.03
C VAL A 97 4.25 37.93 -15.25
N VAL A 98 3.40 37.99 -16.28
CA VAL A 98 3.66 37.28 -17.52
C VAL A 98 2.99 38.04 -18.65
N SER A 99 3.63 38.03 -19.82
CA SER A 99 3.16 38.75 -20.98
C SER A 99 2.87 37.77 -22.12
N TRP A 100 1.75 37.99 -22.80
CA TRP A 100 1.40 37.24 -24.01
C TRP A 100 0.75 38.20 -24.99
N SER A 101 1.21 38.17 -26.23
CA SER A 101 0.73 39.07 -27.29
C SER A 101 0.88 40.51 -26.77
N ASP A 102 -0.18 41.32 -26.79
CA ASP A 102 -0.14 42.66 -26.23
C ASP A 102 -0.91 42.74 -24.91
N VAL A 103 -0.92 41.64 -24.14
CA VAL A 103 -1.65 41.54 -22.89
C VAL A 103 -0.66 41.21 -21.78
N ILE A 104 -0.88 41.81 -20.61
CA ILE A 104 -0.06 41.58 -19.42
C ILE A 104 -0.96 40.99 -18.34
N VAL A 105 -0.48 39.91 -17.71
CA VAL A 105 -1.20 39.25 -16.62
C VAL A 105 -0.34 39.36 -15.37
N ALA A 106 -0.84 40.09 -14.37
CA ALA A 106 -0.17 40.22 -13.08
C ALA A 106 -1.11 39.69 -12.00
N CYS A 107 -0.58 38.85 -11.13
CA CYS A 107 -1.40 38.13 -10.17
C CYS A 107 -1.08 38.56 -8.74
N ALA A 108 -2.11 38.56 -7.91
CA ALA A 108 -2.01 38.85 -6.48
C ALA A 108 -2.30 37.57 -5.72
N PRO A 109 -1.29 36.72 -5.49
CA PRO A 109 -1.56 35.37 -4.95
C PRO A 109 -2.20 35.36 -3.57
N TRP A 110 -2.01 36.42 -2.78
CA TRP A 110 -2.51 36.43 -1.41
C TRP A 110 -3.70 37.36 -1.23
N GLN A 111 -4.42 37.66 -2.31
CA GLN A 111 -5.68 38.37 -2.19
C GLN A 111 -6.70 37.48 -1.49
N HIS A 112 -7.35 38.01 -0.46
CA HIS A 112 -8.26 37.23 0.35
C HIS A 112 -9.70 37.42 -0.11
N TRP A 113 -10.57 36.51 0.36
CA TRP A 113 -11.93 36.43 -0.09
C TRP A 113 -12.79 35.84 1.02
N ASN A 114 -14.02 36.34 1.14
CA ASN A 114 -14.93 35.84 2.14
C ASN A 114 -16.36 36.06 1.66
N VAL A 115 -17.27 35.25 2.19
CA VAL A 115 -18.70 35.34 1.85
C VAL A 115 -19.49 35.23 3.14
N LEU A 116 -20.22 36.29 3.49
CA LEU A 116 -21.03 36.32 4.70
C LEU A 116 -22.49 36.01 4.36
N GLU A 117 -23.13 35.20 5.18
CA GLU A 117 -24.54 34.88 5.04
C GLU A 117 -25.11 34.72 6.45
N LYS A 118 -25.71 35.80 6.96
CA LYS A 118 -26.23 35.87 8.32
C LYS A 118 -25.07 35.64 9.28
N THR A 119 -25.10 34.63 10.15
CA THR A 119 -24.04 34.39 11.11
C THR A 119 -22.99 33.42 10.61
N GLU A 120 -23.17 32.84 9.42
CA GLU A 120 -22.19 31.94 8.84
C GLU A 120 -21.32 32.67 7.83
N GLU A 121 -20.23 32.01 7.42
CA GLU A 121 -19.32 32.59 6.44
C GLU A 121 -18.55 31.46 5.76
N ALA A 122 -17.89 31.82 4.66
CA ALA A 122 -17.08 30.87 3.93
C ALA A 122 -15.65 30.77 4.46
N GLU A 123 -15.28 31.67 5.39
CA GLU A 123 -13.95 31.89 5.96
C GLU A 123 -13.09 32.77 5.05
N LYS A 124 -12.44 33.77 5.64
CA LYS A 124 -11.60 34.72 4.92
C LYS A 124 -10.30 34.03 4.53
N THR A 125 -10.14 33.74 3.25
CA THR A 125 -9.08 32.86 2.78
C THR A 125 -8.38 33.45 1.55
N PRO A 126 -7.10 33.14 1.34
CA PRO A 126 -6.35 33.65 0.18
C PRO A 126 -6.61 32.88 -1.12
N VAL A 127 -7.72 33.22 -1.79
CA VAL A 127 -8.04 32.57 -3.04
C VAL A 127 -7.09 32.99 -4.16
N GLY A 128 -6.46 34.14 -4.02
CA GLY A 128 -5.63 34.69 -5.07
C GLY A 128 -6.47 35.28 -6.19
N SER A 129 -5.81 36.11 -7.01
CA SER A 129 -6.47 36.75 -8.13
C SER A 129 -5.40 37.26 -9.09
N CYS A 130 -5.78 37.36 -10.36
CA CYS A 130 -4.90 37.87 -11.40
C CYS A 130 -5.60 39.04 -12.10
N PHE A 131 -4.81 40.06 -12.42
CA PHE A 131 -5.28 41.23 -13.14
C PHE A 131 -4.72 41.20 -14.55
N LEU A 132 -5.58 41.44 -15.53
CA LEU A 132 -5.19 41.43 -16.94
C LEU A 132 -5.31 42.82 -17.52
N ALA A 133 -4.32 43.22 -18.30
CA ALA A 133 -4.27 44.55 -18.89
C ALA A 133 -3.80 44.47 -20.33
N GLN A 134 -4.47 45.22 -21.20
CA GLN A 134 -4.00 45.50 -22.55
C GLN A 134 -3.56 46.96 -22.56
N PRO A 135 -2.27 47.24 -22.33
CA PRO A 135 -1.85 48.63 -22.04
C PRO A 135 -2.23 49.65 -23.10
N GLU A 136 -2.12 49.30 -24.38
CA GLU A 136 -2.34 50.29 -25.43
C GLU A 136 -3.80 50.73 -25.51
N SER A 137 -4.74 49.83 -25.20
CA SER A 137 -6.15 50.18 -25.21
C SER A 137 -6.70 50.53 -23.83
N GLY A 138 -5.98 50.18 -22.76
CA GLY A 138 -6.46 50.41 -21.43
C GLY A 138 -7.47 49.41 -20.91
N ARG A 139 -7.79 48.37 -21.70
CA ARG A 139 -8.71 47.34 -21.24
C ARG A 139 -8.16 46.65 -20.00
N ARG A 140 -9.04 46.40 -19.03
CA ARG A 140 -8.69 45.68 -17.82
C ARG A 140 -9.64 44.52 -17.64
N ALA A 141 -9.14 43.46 -17.01
CA ALA A 141 -9.94 42.29 -16.71
C ALA A 141 -9.31 41.57 -15.52
N GLU A 142 -10.10 40.74 -14.87
CA GLU A 142 -9.66 39.99 -13.71
C GLU A 142 -10.03 38.52 -13.87
N TYR A 143 -9.33 37.67 -13.13
CA TYR A 143 -9.58 36.24 -13.17
C TYR A 143 -9.23 35.66 -11.80
N SER A 144 -10.23 35.08 -11.14
CA SER A 144 -10.07 34.48 -9.82
C SER A 144 -10.91 33.22 -9.75
N PRO A 145 -10.40 32.12 -10.31
CA PRO A 145 -11.24 30.91 -10.46
C PRO A 145 -11.55 30.19 -9.17
N CYS A 146 -10.85 30.48 -8.07
CA CYS A 146 -11.03 29.73 -6.84
C CYS A 146 -12.03 30.38 -5.88
N ARG A 147 -12.58 31.54 -6.23
CA ARG A 147 -13.63 32.13 -5.40
C ARG A 147 -14.84 31.22 -5.37
N GLY A 148 -15.47 31.13 -4.20
CA GLY A 148 -16.67 30.33 -4.05
C GLY A 148 -17.65 31.02 -3.11
N ASN A 149 -18.86 30.47 -3.06
CA ASN A 149 -19.92 30.98 -2.19
C ASN A 149 -20.45 29.91 -1.25
N THR A 150 -19.70 28.83 -1.06
CA THR A 150 -20.10 27.77 -0.16
C THR A 150 -19.69 28.11 1.28
N LEU A 151 -20.60 27.88 2.21
CA LEU A 151 -20.36 28.23 3.61
C LEU A 151 -19.45 27.20 4.28
N SER A 152 -18.81 27.65 5.37
CA SER A 152 -17.78 26.85 6.04
C SER A 152 -18.27 25.47 6.45
N ARG A 153 -19.54 25.39 6.88
CA ARG A 153 -20.07 24.14 7.41
C ARG A 153 -20.05 23.03 6.36
N ILE A 154 -20.29 23.37 5.10
CA ILE A 154 -20.39 22.35 4.06
C ILE A 154 -19.05 21.64 3.86
N TYR A 155 -17.95 22.41 3.86
CA TYR A 155 -16.63 21.80 3.70
C TYR A 155 -16.33 20.79 4.81
N VAL A 156 -16.75 21.11 6.04
CA VAL A 156 -16.53 20.19 7.15
C VAL A 156 -17.31 18.90 6.94
N GLU A 157 -18.53 19.00 6.40
CA GLU A 157 -19.32 17.81 6.14
C GLU A 157 -18.69 16.92 5.07
N ASN A 158 -17.98 17.52 4.11
CA ASN A 158 -17.34 16.78 3.03
C ASN A 158 -15.88 16.44 3.33
N ASP A 159 -15.45 16.61 4.57
CA ASP A 159 -14.04 16.42 4.95
C ASP A 159 -13.11 17.23 4.05
N PHE A 160 -13.55 18.45 3.73
CA PHE A 160 -12.73 19.45 3.05
C PHE A 160 -12.29 18.98 1.66
N SER A 161 -13.19 18.33 0.93
CA SER A 161 -12.93 17.95 -0.44
C SER A 161 -13.29 19.10 -1.39
N TRP A 162 -12.53 19.21 -2.47
CA TRP A 162 -12.74 20.26 -3.47
C TRP A 162 -12.73 21.65 -2.82
N ASP A 163 -11.82 21.83 -1.86
CA ASP A 163 -11.72 23.07 -1.09
C ASP A 163 -10.70 23.97 -1.76
N LYS A 164 -11.17 24.96 -2.52
CA LYS A 164 -10.31 25.88 -3.25
C LYS A 164 -10.11 27.20 -2.52
N ARG A 165 -10.45 27.26 -1.23
CA ARG A 165 -10.46 28.55 -0.53
C ARG A 165 -9.06 29.15 -0.39
N TYR A 166 -8.02 28.30 -0.35
CA TYR A 166 -6.65 28.76 -0.11
C TYR A 166 -5.77 28.55 -1.32
N CYS A 167 -6.33 28.69 -2.52
CA CYS A 167 -5.59 28.40 -3.76
C CYS A 167 -4.31 29.20 -3.85
N GLU A 168 -4.39 30.50 -3.59
CA GLU A 168 -3.36 31.45 -3.98
C GLU A 168 -3.09 31.36 -5.48
N ALA A 169 -4.18 31.42 -6.25
CA ALA A 169 -4.10 31.36 -7.70
C ALA A 169 -3.27 32.52 -8.23
N GLY A 170 -2.40 32.22 -9.18
CA GLY A 170 -1.44 33.21 -9.66
C GLY A 170 -0.11 33.18 -8.96
N PHE A 171 0.04 32.33 -7.93
CA PHE A 171 1.34 32.04 -7.35
C PHE A 171 2.39 31.81 -8.42
N SER A 172 2.05 30.99 -9.42
CA SER A 172 2.80 30.85 -10.65
C SER A 172 1.85 30.99 -11.82
N SER A 173 2.40 31.34 -12.98
CA SER A 173 1.56 31.56 -14.15
C SER A 173 2.36 31.34 -15.42
N VAL A 174 1.64 31.00 -16.49
CA VAL A 174 2.22 30.84 -17.81
C VAL A 174 1.09 30.93 -18.81
N VAL A 175 1.40 31.32 -20.04
CA VAL A 175 0.43 31.39 -21.13
C VAL A 175 0.92 30.52 -22.26
N THR A 176 0.02 29.69 -22.81
CA THR A 176 0.36 28.90 -23.98
C THR A 176 0.45 29.80 -25.22
N GLN A 177 1.09 29.27 -26.26
CA GLN A 177 1.19 30.02 -27.51
C GLN A 177 -0.18 30.34 -28.09
N ALA A 178 -1.17 29.49 -27.83
CA ALA A 178 -2.54 29.72 -28.28
C ALA A 178 -3.27 30.77 -27.46
N GLY A 179 -2.68 31.24 -26.36
CA GLY A 179 -3.29 32.29 -25.58
C GLY A 179 -4.13 31.83 -24.41
N GLU A 180 -3.85 30.66 -23.87
CA GLU A 180 -4.57 30.13 -22.72
C GLU A 180 -3.75 30.37 -21.46
N LEU A 181 -4.33 31.12 -20.53
CA LEU A 181 -3.65 31.43 -19.27
C LEU A 181 -3.75 30.25 -18.31
N VAL A 182 -2.61 29.81 -17.79
CA VAL A 182 -2.53 28.68 -16.87
C VAL A 182 -1.94 29.17 -15.56
N LEU A 183 -2.71 29.10 -14.49
CA LEU A 183 -2.32 29.60 -13.17
C LEU A 183 -1.99 28.43 -12.26
N GLY A 184 -0.88 28.54 -11.54
CA GLY A 184 -0.54 27.57 -10.51
C GLY A 184 -1.12 28.01 -9.18
N ALA A 185 -1.79 27.09 -8.50
CA ALA A 185 -2.42 27.35 -7.21
C ALA A 185 -1.95 26.29 -6.23
N PRO A 186 -0.84 26.53 -5.52
CA PRO A 186 -0.26 25.48 -4.67
C PRO A 186 -1.04 25.22 -3.40
N GLY A 187 -1.97 26.10 -3.01
CA GLY A 187 -2.80 25.84 -1.86
C GLY A 187 -4.16 25.26 -2.17
N GLY A 188 -4.46 25.04 -3.45
CA GLY A 188 -5.76 24.51 -3.82
C GLY A 188 -5.97 23.10 -3.29
N TYR A 189 -7.26 22.77 -3.11
CA TYR A 189 -7.68 21.47 -2.60
C TYR A 189 -7.01 21.17 -1.25
N TYR A 190 -7.07 22.15 -0.36
CA TYR A 190 -6.50 22.06 0.98
C TYR A 190 -5.00 21.72 0.90
N PHE A 191 -4.28 22.51 0.10
CA PHE A 191 -2.82 22.52 -0.02
C PHE A 191 -2.26 21.33 -0.80
N LEU A 192 -3.10 20.54 -1.46
CA LEU A 192 -2.58 19.62 -2.47
C LEU A 192 -2.05 20.38 -3.67
N GLY A 193 -2.78 21.38 -4.12
CA GLY A 193 -2.44 22.18 -5.27
C GLY A 193 -3.34 21.89 -6.46
N LEU A 194 -3.44 22.88 -7.35
CA LEU A 194 -4.26 22.72 -8.55
C LEU A 194 -3.77 23.69 -9.62
N LEU A 195 -4.23 23.44 -10.84
CA LEU A 195 -4.00 24.31 -11.98
C LEU A 195 -5.33 24.85 -12.49
N ALA A 196 -5.34 26.11 -12.89
CA ALA A 196 -6.52 26.76 -13.44
C ALA A 196 -6.17 27.31 -14.81
N GLN A 197 -6.93 26.90 -15.83
CA GLN A 197 -6.69 27.31 -17.21
C GLN A 197 -7.94 27.95 -17.78
N ALA A 198 -7.75 28.98 -18.60
CA ALA A 198 -8.84 29.67 -19.30
C ALA A 198 -8.25 30.55 -20.40
N PRO A 199 -8.92 30.67 -21.54
CA PRO A 199 -8.42 31.54 -22.60
C PRO A 199 -8.46 33.00 -22.18
N VAL A 200 -7.41 33.74 -22.54
CA VAL A 200 -7.33 35.16 -22.21
C VAL A 200 -8.50 35.92 -22.82
N ALA A 201 -8.87 35.57 -24.06
CA ALA A 201 -9.98 36.23 -24.72
C ALA A 201 -11.29 36.04 -23.95
N ASP A 202 -11.52 34.83 -23.44
CA ASP A 202 -12.75 34.57 -22.70
C ASP A 202 -12.72 35.22 -21.32
N ILE A 203 -11.55 35.35 -20.71
CA ILE A 203 -11.42 36.09 -19.46
C ILE A 203 -11.86 37.54 -19.67
N PHE A 204 -11.44 38.15 -20.78
CA PHE A 204 -11.80 39.54 -21.05
C PHE A 204 -13.28 39.68 -21.37
N SER A 205 -13.80 38.80 -22.24
CA SER A 205 -15.16 38.97 -22.72
C SER A 205 -16.20 38.64 -21.65
N SER A 206 -15.86 37.78 -20.69
CA SER A 206 -16.81 37.38 -19.65
C SER A 206 -16.70 38.22 -18.39
N TYR A 207 -15.73 39.12 -18.29
CA TYR A 207 -15.52 39.91 -17.09
C TYR A 207 -16.26 41.24 -17.17
N ARG A 208 -16.91 41.60 -16.07
CA ARG A 208 -17.45 42.93 -15.83
C ARG A 208 -17.08 43.34 -14.42
N PRO A 209 -16.72 44.61 -14.20
CA PRO A 209 -16.38 45.05 -12.84
C PRO A 209 -17.59 44.97 -11.92
N GLY A 210 -17.35 44.52 -10.69
CA GLY A 210 -18.36 44.47 -9.65
C GLY A 210 -19.02 43.11 -9.47
N ILE A 211 -18.92 42.22 -10.46
CA ILE A 211 -19.64 40.94 -10.37
C ILE A 211 -19.03 40.04 -9.31
N LEU A 212 -17.69 39.94 -9.31
CA LEU A 212 -16.90 39.19 -8.34
C LEU A 212 -17.02 37.67 -8.54
N LEU A 213 -18.24 37.18 -8.72
CA LEU A 213 -18.49 35.76 -9.01
C LEU A 213 -19.16 35.64 -10.36
N TRP A 214 -18.44 35.12 -11.35
CA TRP A 214 -19.00 34.96 -12.68
C TRP A 214 -18.46 33.69 -13.32
N HIS A 215 -19.21 33.18 -14.30
CA HIS A 215 -18.88 31.93 -14.97
C HIS A 215 -17.96 32.17 -16.16
N VAL A 216 -16.83 31.46 -16.18
CA VAL A 216 -15.98 31.38 -17.36
C VAL A 216 -16.08 29.96 -17.88
N SER A 217 -17.06 29.71 -18.75
CA SER A 217 -17.42 28.34 -19.12
C SER A 217 -16.26 27.60 -19.78
N SER A 218 -15.40 28.31 -20.50
CA SER A 218 -14.29 27.68 -21.19
C SER A 218 -13.12 27.37 -20.27
N GLN A 219 -13.24 27.65 -18.97
CA GLN A 219 -12.12 27.40 -18.08
C GLN A 219 -12.06 25.92 -17.70
N SER A 220 -10.92 25.53 -17.13
CA SER A 220 -10.65 24.11 -16.86
C SER A 220 -9.69 24.01 -15.69
N LEU A 221 -10.14 23.38 -14.61
CA LEU A 221 -9.34 23.22 -13.40
C LEU A 221 -8.95 21.76 -13.23
N SER A 222 -7.80 21.53 -12.60
CA SER A 222 -7.38 20.18 -12.27
C SER A 222 -8.28 19.62 -11.18
N PHE A 223 -8.00 18.38 -10.77
CA PHE A 223 -8.91 17.63 -9.92
C PHE A 223 -8.31 17.37 -8.55
N ASP A 224 -9.19 17.24 -7.56
CA ASP A 224 -8.78 16.82 -6.24
C ASP A 224 -8.36 15.35 -6.27
N SER A 225 -7.77 14.89 -5.17
CA SER A 225 -7.27 13.53 -5.10
C SER A 225 -7.26 13.07 -3.64
N SER A 226 -7.49 11.78 -3.43
CA SER A 226 -7.40 11.18 -2.12
C SER A 226 -6.08 10.46 -1.89
N ASN A 227 -5.17 10.53 -2.85
CA ASN A 227 -3.85 9.90 -2.72
C ASN A 227 -3.03 10.67 -1.69
N PRO A 228 -2.62 10.05 -0.58
CA PRO A 228 -1.85 10.80 0.43
C PRO A 228 -0.50 11.29 -0.08
N GLU A 229 0.00 10.73 -1.18
CA GLU A 229 1.26 11.22 -1.76
C GLU A 229 1.17 12.68 -2.16
N TYR A 230 -0.02 13.20 -2.41
CA TYR A 230 -0.18 14.59 -2.84
C TYR A 230 -0.48 15.54 -1.70
N PHE A 231 -0.74 15.03 -0.49
CA PHE A 231 -1.15 15.88 0.61
C PHE A 231 -0.04 16.87 0.97
N ASP A 232 -0.38 18.15 1.00
CA ASP A 232 0.57 19.22 1.34
C ASP A 232 1.74 19.26 0.36
N GLY A 233 1.49 18.91 -0.90
CA GLY A 233 2.52 18.84 -1.91
C GLY A 233 2.77 20.11 -2.69
N TYR A 234 1.88 21.09 -2.57
CA TYR A 234 2.05 22.40 -3.21
C TYR A 234 2.18 22.26 -4.73
N TRP A 235 1.42 21.33 -5.29
CA TRP A 235 1.28 21.13 -6.73
C TRP A 235 0.87 22.43 -7.40
N GLY A 236 1.79 23.05 -8.15
CA GLY A 236 1.53 24.35 -8.74
C GLY A 236 2.40 25.47 -8.21
N TYR A 237 3.35 25.17 -7.31
CA TYR A 237 4.35 26.13 -6.90
C TYR A 237 5.07 26.74 -8.09
N SER A 238 5.28 25.95 -9.15
CA SER A 238 5.88 26.39 -10.39
C SER A 238 5.18 25.69 -11.54
N VAL A 239 5.06 26.40 -12.68
CA VAL A 239 4.37 25.87 -13.85
CA VAL A 239 4.37 25.87 -13.85
C VAL A 239 5.12 26.30 -15.10
N ALA A 240 4.94 25.51 -16.17
CA ALA A 240 5.54 25.78 -17.48
C ALA A 240 4.81 24.92 -18.50
N VAL A 241 5.00 25.28 -19.78
CA VAL A 241 4.38 24.57 -20.89
C VAL A 241 5.45 24.13 -21.88
N GLY A 242 5.09 23.15 -22.69
CA GLY A 242 6.01 22.63 -23.69
C GLY A 242 5.32 21.59 -24.55
N GLU A 243 6.12 20.96 -25.41
CA GLU A 243 5.66 19.90 -26.32
C GLU A 243 6.37 18.61 -25.96
N PHE A 244 5.62 17.66 -25.39
CA PHE A 244 6.22 16.43 -24.87
C PHE A 244 5.55 15.15 -25.33
N ASP A 245 4.50 15.21 -26.16
CA ASP A 245 3.78 14.00 -26.56
C ASP A 245 3.82 13.74 -28.06
N GLY A 246 4.65 14.46 -28.81
CA GLY A 246 4.74 14.29 -30.25
C GLY A 246 3.53 14.75 -31.04
N ASP A 247 2.56 15.40 -30.40
CA ASP A 247 1.37 15.91 -31.07
C ASP A 247 1.41 17.43 -30.96
N LEU A 248 1.75 18.10 -32.08
CA LEU A 248 1.88 19.55 -32.08
C LEU A 248 0.54 20.27 -31.97
N ASN A 249 -0.59 19.54 -32.00
CA ASN A 249 -1.88 20.17 -31.75
C ASN A 249 -2.13 20.36 -30.27
N THR A 250 -1.61 19.47 -29.42
CA THR A 250 -1.84 19.54 -27.99
C THR A 250 -0.69 20.27 -27.30
N THR A 251 -1.03 21.05 -26.28
CA THR A 251 -0.04 21.70 -25.42
C THR A 251 0.01 20.93 -24.11
N GLU A 252 1.23 20.65 -23.65
CA GLU A 252 1.44 19.90 -22.41
C GLU A 252 1.91 20.84 -21.31
N TYR A 253 1.50 20.53 -20.09
CA TYR A 253 1.84 21.35 -18.92
C TYR A 253 2.93 20.67 -18.10
N VAL A 254 3.79 21.50 -17.50
CA VAL A 254 4.81 21.04 -16.56
C VAL A 254 4.54 21.72 -15.23
N VAL A 255 4.33 20.92 -14.19
CA VAL A 255 3.95 21.43 -12.88
C VAL A 255 5.00 21.02 -11.85
N GLY A 256 5.29 21.92 -10.92
CA GLY A 256 6.17 21.63 -9.81
C GLY A 256 5.38 21.41 -8.53
N ALA A 257 5.71 20.34 -7.82
CA ALA A 257 5.12 20.01 -6.53
C ALA A 257 6.26 19.77 -5.55
N PRO A 258 6.83 20.84 -4.99
CA PRO A 258 8.12 20.72 -4.30
C PRO A 258 8.05 20.02 -2.95
N THR A 259 6.87 19.79 -2.39
CA THR A 259 6.73 19.03 -1.16
C THR A 259 5.95 17.73 -1.37
N TRP A 260 5.86 17.28 -2.62
CA TRP A 260 5.09 16.09 -2.95
C TRP A 260 5.64 14.87 -2.23
N SER A 261 4.73 14.03 -1.72
CA SER A 261 5.05 12.80 -1.01
C SER A 261 6.01 13.04 0.15
N TRP A 262 5.46 13.72 1.17
CA TRP A 262 6.17 13.97 2.42
C TRP A 262 7.51 14.67 2.17
N THR A 263 7.42 15.80 1.45
CA THR A 263 8.55 16.67 1.14
C THR A 263 9.62 15.98 0.30
N LEU A 264 9.27 14.93 -0.44
CA LEU A 264 10.19 14.39 -1.43
C LEU A 264 10.26 15.27 -2.67
N GLY A 265 9.13 15.88 -3.04
CA GLY A 265 9.09 16.75 -4.19
C GLY A 265 8.91 15.98 -5.49
N ALA A 266 8.33 16.63 -6.49
CA ALA A 266 8.12 15.99 -7.78
C ALA A 266 7.86 17.06 -8.83
N VAL A 267 8.01 16.66 -10.09
CA VAL A 267 7.60 17.44 -11.25
C VAL A 267 6.81 16.52 -12.16
N GLU A 268 5.66 16.99 -12.62
CA GLU A 268 4.77 16.18 -13.45
C GLU A 268 4.52 16.88 -14.78
N ILE A 269 4.44 16.07 -15.84
CA ILE A 269 4.10 16.53 -17.18
C ILE A 269 2.73 16.00 -17.52
N LEU A 270 1.81 16.89 -17.88
CA LEU A 270 0.42 16.55 -18.11
C LEU A 270 -0.03 17.05 -19.48
N ASP A 271 -1.15 16.52 -19.95
CA ASP A 271 -1.79 17.06 -21.13
C ASP A 271 -2.74 18.18 -20.71
N SER A 272 -3.38 18.82 -21.69
CA SER A 272 -4.31 19.91 -21.39
C SER A 272 -5.54 19.45 -20.62
N TYR A 273 -5.73 18.14 -20.41
CA TYR A 273 -6.81 17.62 -19.60
C TYR A 273 -6.35 17.15 -18.23
N TYR A 274 -5.10 17.48 -17.87
CA TYR A 274 -4.52 17.17 -16.56
C TYR A 274 -4.35 15.68 -16.33
N GLN A 275 -4.16 14.91 -17.40
CA GLN A 275 -3.81 13.51 -17.30
C GLN A 275 -2.29 13.39 -17.30
N ARG A 276 -1.75 12.74 -16.28
CA ARG A 276 -0.30 12.73 -16.09
C ARG A 276 0.38 11.88 -17.14
N LEU A 277 1.38 12.46 -17.81
CA LEU A 277 2.20 11.76 -18.79
C LEU A 277 3.50 11.24 -18.19
N HIS A 278 4.14 12.02 -17.32
CA HIS A 278 5.34 11.56 -16.64
CA HIS A 278 5.39 11.64 -16.67
C HIS A 278 5.40 12.19 -15.25
N ARG A 279 6.18 11.55 -14.38
CA ARG A 279 6.45 12.09 -13.05
C ARG A 279 7.92 11.93 -12.76
N LEU A 280 8.58 13.05 -12.46
CA LEU A 280 9.97 13.07 -12.02
C LEU A 280 9.98 13.19 -10.51
N ARG A 281 10.60 12.23 -9.84
CA ARG A 281 10.61 12.21 -8.39
C ARG A 281 11.83 12.96 -7.85
N GLY A 282 11.67 13.52 -6.65
CA GLY A 282 12.78 14.18 -6.01
C GLY A 282 13.86 13.18 -5.61
N GLU A 283 15.08 13.68 -5.50
CA GLU A 283 16.21 12.86 -5.11
C GLU A 283 16.45 12.86 -3.60
N GLN A 284 16.14 13.96 -2.94
CA GLN A 284 16.42 14.13 -1.53
C GLN A 284 15.29 14.92 -0.89
N MET A 285 14.80 14.45 0.25
CA MET A 285 13.70 15.12 0.93
C MET A 285 14.11 16.51 1.40
N ALA A 286 13.16 17.44 1.32
CA ALA A 286 13.27 18.86 1.68
C ALA A 286 14.22 19.64 0.76
N SER A 287 14.73 19.05 -0.32
CA SER A 287 15.55 19.79 -1.27
C SER A 287 14.72 20.75 -2.11
N TYR A 288 13.40 20.67 -2.04
CA TYR A 288 12.47 21.49 -2.82
C TYR A 288 12.66 21.26 -4.32
N PHE A 289 12.72 19.98 -4.68
CA PHE A 289 12.69 19.57 -6.09
C PHE A 289 11.39 20.01 -6.72
N GLY A 290 11.48 20.91 -7.70
CA GLY A 290 10.31 21.47 -8.34
C GLY A 290 10.04 22.92 -7.98
N HIS A 291 10.93 23.54 -7.20
CA HIS A 291 10.80 24.97 -6.90
C HIS A 291 10.72 25.79 -8.18
N SER A 292 11.45 25.37 -9.21
CA SER A 292 11.41 26.02 -10.51
C SER A 292 11.50 24.96 -11.59
N VAL A 293 10.86 25.24 -12.74
CA VAL A 293 10.90 24.37 -13.90
C VAL A 293 11.13 25.24 -15.14
N ALA A 294 11.83 24.68 -16.12
CA ALA A 294 12.12 25.38 -17.36
C ALA A 294 12.02 24.41 -18.52
N VAL A 295 11.47 24.87 -19.63
CA VAL A 295 11.27 24.06 -20.83
C VAL A 295 12.01 24.72 -21.98
N THR A 296 12.96 24.00 -22.56
CA THR A 296 13.67 24.45 -23.75
C THR A 296 14.44 23.27 -24.34
N ASP A 297 14.57 23.27 -25.67
CA ASP A 297 15.37 22.25 -26.34
C ASP A 297 16.83 22.67 -26.32
N VAL A 298 17.67 21.90 -25.64
CA VAL A 298 19.06 22.30 -25.42
C VAL A 298 20.00 21.65 -26.41
N ASN A 299 19.70 20.42 -26.84
CA ASN A 299 20.60 19.65 -27.68
C ASN A 299 20.25 19.72 -29.17
N GLY A 300 19.44 20.69 -29.57
CA GLY A 300 19.24 20.97 -30.98
C GLY A 300 18.62 19.86 -31.78
N ASP A 301 17.75 19.05 -31.17
CA ASP A 301 17.03 18.01 -31.88
C ASP A 301 15.55 18.33 -32.07
N GLY A 302 15.15 19.58 -31.79
CA GLY A 302 13.78 19.99 -31.95
C GLY A 302 12.82 19.52 -30.88
N ARG A 303 13.26 18.67 -29.96
CA ARG A 303 12.41 18.14 -28.90
C ARG A 303 12.67 18.92 -27.61
N HIS A 304 11.60 19.46 -27.03
CA HIS A 304 11.70 20.22 -25.80
C HIS A 304 12.30 19.37 -24.68
N ASP A 305 13.21 19.96 -23.92
CA ASP A 305 13.85 19.31 -22.80
C ASP A 305 13.41 19.96 -21.49
N LEU A 306 13.60 19.23 -20.39
CA LEU A 306 13.09 19.64 -19.09
C LEU A 306 14.25 19.97 -18.16
N LEU A 307 14.05 21.01 -17.34
CA LEU A 307 15.01 21.41 -16.32
C LEU A 307 14.28 21.64 -15.02
N VAL A 308 14.75 21.00 -13.94
CA VAL A 308 14.15 21.10 -12.63
C VAL A 308 15.18 21.67 -11.66
N GLY A 309 14.77 22.63 -10.85
CA GLY A 309 15.61 23.18 -9.82
C GLY A 309 15.24 22.62 -8.45
N ALA A 310 16.28 22.30 -7.67
CA ALA A 310 16.12 21.86 -6.28
C ALA A 310 17.06 22.71 -5.44
N PRO A 311 16.64 23.92 -5.07
CA PRO A 311 17.59 24.89 -4.50
C PRO A 311 18.15 24.48 -3.15
N LEU A 312 17.50 23.59 -2.43
CA LEU A 312 17.95 23.20 -1.10
C LEU A 312 18.62 21.83 -1.08
N TYR A 313 19.03 21.32 -2.23
CA TYR A 313 19.69 20.03 -2.27
C TYR A 313 21.00 20.07 -1.49
N MET A 314 21.21 19.05 -0.66
CA MET A 314 22.40 18.95 0.18
C MET A 314 23.39 18.00 -0.45
N GLU A 315 24.50 18.55 -0.95
CA GLU A 315 25.55 17.74 -1.55
C GLU A 315 26.30 16.96 -0.48
N SER A 316 26.73 15.75 -0.85
CA SER A 316 27.48 14.89 0.05
CA SER A 316 27.48 14.89 0.05
C SER A 316 28.96 15.22 -0.07
N ARG A 317 29.61 15.43 1.09
CA ARG A 317 31.02 15.79 1.13
C ARG A 317 31.75 14.85 2.08
N ALA A 318 33.04 15.14 2.29
CA ALA A 318 33.90 14.25 3.05
C ALA A 318 33.42 14.12 4.49
N ASP A 319 33.78 12.99 5.11
CA ASP A 319 33.50 12.71 6.52
C ASP A 319 32.00 12.62 6.81
N ARG A 320 31.23 12.10 5.83
CA ARG A 320 29.80 11.83 6.01
C ARG A 320 29.01 13.09 6.37
N LYS A 321 29.34 14.20 5.70
CA LYS A 321 28.69 15.48 5.98
C LYS A 321 28.01 16.02 4.74
N LEU A 322 26.88 16.68 4.95
CA LEU A 322 26.07 17.26 3.89
C LEU A 322 26.26 18.77 3.84
N ALA A 323 25.99 19.34 2.66
CA ALA A 323 26.18 20.77 2.45
C ALA A 323 25.11 21.27 1.49
N GLU A 324 24.20 22.11 1.99
CA GLU A 324 23.15 22.66 1.16
C GLU A 324 23.72 23.65 0.14
N VAL A 325 23.54 23.36 -1.14
CA VAL A 325 24.12 24.17 -2.20
C VAL A 325 23.11 24.37 -3.32
N GLY A 326 22.24 23.38 -3.54
CA GLY A 326 21.29 23.42 -4.63
C GLY A 326 21.74 22.56 -5.80
N ARG A 327 20.78 22.19 -6.63
CA ARG A 327 21.05 21.30 -7.76
C ARG A 327 19.99 21.49 -8.84
N VAL A 328 20.42 21.40 -10.09
CA VAL A 328 19.53 21.49 -11.26
C VAL A 328 19.65 20.21 -12.05
N TYR A 329 18.51 19.69 -12.51
CA TYR A 329 18.43 18.41 -13.21
C TYR A 329 18.01 18.67 -14.66
N LEU A 330 18.68 18.02 -15.60
CA LEU A 330 18.35 18.11 -17.02
C LEU A 330 17.81 16.77 -17.51
N PHE A 331 16.62 16.80 -18.09
CA PHE A 331 15.99 15.62 -18.70
C PHE A 331 15.82 15.90 -20.19
N LEU A 332 16.53 15.14 -21.01
CA LEU A 332 16.37 15.23 -22.46
C LEU A 332 15.17 14.39 -22.89
N GLN A 333 14.34 14.95 -23.76
CA GLN A 333 13.17 14.24 -24.24
C GLN A 333 13.58 13.19 -25.26
N PRO A 334 13.25 11.93 -25.06
CA PRO A 334 13.66 10.89 -26.00
C PRO A 334 12.85 10.96 -27.29
N ARG A 335 13.38 10.27 -28.30
CA ARG A 335 12.72 10.21 -29.61
C ARG A 335 11.43 9.40 -29.49
N GLY A 336 10.36 9.92 -30.10
CA GLY A 336 9.08 9.26 -30.08
C GLY A 336 8.45 9.22 -28.70
N PRO A 337 7.33 8.49 -28.58
CA PRO A 337 6.64 8.43 -27.28
C PRO A 337 7.33 7.50 -26.29
N HIS A 338 8.21 8.05 -25.47
CA HIS A 338 8.92 7.26 -24.47
C HIS A 338 9.01 8.04 -23.17
N ALA A 339 9.26 7.30 -22.09
CA ALA A 339 9.35 7.91 -20.76
C ALA A 339 10.69 8.61 -20.61
N LEU A 340 10.65 9.82 -20.06
CA LEU A 340 11.87 10.52 -19.68
C LEU A 340 12.65 9.66 -18.69
N GLY A 341 13.90 9.37 -19.02
CA GLY A 341 14.72 8.50 -18.21
C GLY A 341 15.29 9.20 -17.00
N ALA A 342 16.44 8.71 -16.54
CA ALA A 342 17.18 9.34 -15.47
C ALA A 342 17.70 10.70 -15.93
N PRO A 343 18.14 11.55 -15.01
CA PRO A 343 18.69 12.85 -15.44
C PRO A 343 19.87 12.67 -16.38
N SER A 344 19.86 13.42 -17.49
CA SER A 344 20.96 13.40 -18.43
C SER A 344 22.19 14.13 -17.89
N LEU A 345 22.00 15.00 -16.90
CA LEU A 345 23.08 15.81 -16.36
C LEU A 345 22.64 16.41 -15.04
N LEU A 346 23.57 16.50 -14.09
CA LEU A 346 23.35 17.14 -12.81
C LEU A 346 24.29 18.33 -12.67
N LEU A 347 23.73 19.49 -12.35
CA LEU A 347 24.50 20.68 -12.02
C LEU A 347 24.28 20.99 -10.54
N THR A 348 25.36 21.09 -9.78
CA THR A 348 25.30 21.28 -8.34
C THR A 348 26.03 22.55 -7.95
N GLY A 349 25.39 23.35 -7.10
CA GLY A 349 26.00 24.58 -6.62
C GLY A 349 27.22 24.31 -5.76
N THR A 350 27.96 25.38 -5.50
CA THR A 350 29.19 25.31 -4.73
CA THR A 350 29.20 25.33 -4.74
C THR A 350 29.14 26.10 -3.43
N GLN A 351 28.51 27.28 -3.44
CA GLN A 351 28.44 28.11 -2.24
C GLN A 351 27.42 27.55 -1.27
N LEU A 352 27.81 27.38 -0.01
CA LEU A 352 26.89 26.94 1.02
C LEU A 352 25.76 27.94 1.18
N TYR A 353 24.53 27.44 1.13
CA TYR A 353 23.30 28.23 1.25
C TYR A 353 23.07 29.13 0.04
N GLY A 354 23.73 28.88 -1.08
CA GLY A 354 23.57 29.71 -2.26
C GLY A 354 22.23 29.56 -2.96
N ARG A 355 21.58 28.41 -2.80
CA ARG A 355 20.30 28.10 -3.45
C ARG A 355 20.42 28.08 -4.98
N PHE A 356 21.48 27.43 -5.46
CA PHE A 356 21.63 27.16 -6.88
C PHE A 356 20.42 26.39 -7.38
N GLY A 357 19.80 26.90 -8.43
CA GLY A 357 18.58 26.33 -8.95
C GLY A 357 17.30 26.98 -8.48
N SER A 358 17.38 28.11 -7.77
CA SER A 358 16.17 28.82 -7.38
C SER A 358 15.38 29.29 -8.59
N ALA A 359 16.07 29.61 -9.69
CA ALA A 359 15.40 30.02 -10.92
C ALA A 359 16.23 29.54 -12.11
N ILE A 360 15.54 29.08 -13.15
CA ILE A 360 16.16 28.58 -14.37
C ILE A 360 15.49 29.25 -15.56
N ALA A 361 16.27 29.99 -16.34
CA ALA A 361 15.74 30.79 -17.44
C ALA A 361 16.29 30.31 -18.77
N PRO A 362 15.44 29.92 -19.72
CA PRO A 362 15.92 29.71 -21.10
C PRO A 362 16.40 31.03 -21.69
N LEU A 363 17.55 30.97 -22.35
CA LEU A 363 18.18 32.14 -22.96
C LEU A 363 18.01 32.18 -24.46
N GLY A 364 17.42 31.14 -25.06
CA GLY A 364 17.57 31.03 -26.49
C GLY A 364 18.99 30.61 -26.81
N ASP A 365 19.39 30.87 -28.05
CA ASP A 365 20.77 30.59 -28.49
C ASP A 365 21.58 31.86 -28.27
N LEU A 366 22.26 31.92 -27.12
CA LEU A 366 22.96 33.13 -26.73
C LEU A 366 24.15 33.42 -27.65
N ASP A 367 24.98 32.42 -27.89
CA ASP A 367 26.20 32.60 -28.69
C ASP A 367 26.00 32.25 -30.16
N ARG A 368 24.76 31.99 -30.57
CA ARG A 368 24.40 31.79 -31.99
C ARG A 368 25.17 30.61 -32.60
N ASP A 369 25.24 29.49 -31.86
CA ASP A 369 25.93 28.30 -32.33
C ASP A 369 24.98 27.19 -32.76
N GLY A 370 23.68 27.43 -32.74
CA GLY A 370 22.69 26.43 -33.10
C GLY A 370 22.06 25.69 -31.94
N TYR A 371 22.53 25.93 -30.71
CA TYR A 371 22.02 25.24 -29.54
C TYR A 371 21.51 26.27 -28.53
N ASN A 372 20.36 25.98 -27.94
CA ASN A 372 19.78 26.87 -26.94
C ASN A 372 20.50 26.71 -25.61
N ASP A 373 20.54 27.79 -24.84
CA ASP A 373 21.30 27.88 -23.61
C ASP A 373 20.38 28.28 -22.46
N ILE A 374 20.88 28.17 -21.23
CA ILE A 374 20.11 28.46 -20.04
C ILE A 374 20.95 29.29 -19.07
N ALA A 375 20.26 29.93 -18.13
CA ALA A 375 20.88 30.63 -17.02
C ALA A 375 20.28 30.12 -15.72
N VAL A 376 21.13 29.82 -14.75
CA VAL A 376 20.71 29.32 -13.45
C VAL A 376 21.11 30.34 -12.39
N ALA A 377 20.20 30.60 -11.47
CA ALA A 377 20.42 31.59 -10.43
C ALA A 377 20.77 30.92 -9.11
N ALA A 378 21.72 31.52 -8.39
CA ALA A 378 22.03 31.20 -7.00
C ALA A 378 21.91 32.50 -6.22
N PRO A 379 20.69 32.86 -5.80
CA PRO A 379 20.47 34.22 -5.25
C PRO A 379 21.29 34.54 -4.01
N TYR A 380 21.92 33.55 -3.37
CA TYR A 380 22.78 33.80 -2.22
C TYR A 380 24.13 33.11 -2.40
N GLY A 381 24.53 32.93 -3.66
CA GLY A 381 25.77 32.28 -4.00
C GLY A 381 26.88 33.27 -4.28
N GLY A 382 27.95 32.77 -4.89
CA GLY A 382 29.15 33.55 -5.07
C GLY A 382 29.98 33.56 -3.79
N PRO A 383 31.28 33.82 -3.90
CA PRO A 383 32.12 33.83 -2.70
C PRO A 383 31.66 34.80 -1.64
N SER A 384 30.97 35.88 -2.03
CA SER A 384 30.46 36.86 -1.09
C SER A 384 29.06 36.54 -0.58
N GLY A 385 28.40 35.53 -1.14
CA GLY A 385 27.03 35.25 -0.78
C GLY A 385 26.04 36.30 -1.24
N ARG A 386 26.44 37.22 -2.11
CA ARG A 386 25.56 38.29 -2.58
C ARG A 386 24.66 37.87 -3.73
N GLY A 387 24.94 36.73 -4.37
CA GLY A 387 24.12 36.27 -5.46
C GLY A 387 24.88 36.09 -6.76
N GLN A 388 24.54 35.04 -7.51
CA GLN A 388 25.24 34.72 -8.75
C GLN A 388 24.26 34.13 -9.75
N VAL A 389 24.48 34.46 -11.03
CA VAL A 389 23.74 33.86 -12.14
C VAL A 389 24.77 33.24 -13.09
N LEU A 390 24.55 31.97 -13.43
CA LEU A 390 25.50 31.19 -14.20
C LEU A 390 24.87 30.75 -15.52
N VAL A 391 25.65 30.83 -16.59
CA VAL A 391 25.19 30.52 -17.94
C VAL A 391 25.76 29.17 -18.37
N PHE A 392 24.90 28.31 -18.89
CA PHE A 392 25.31 27.00 -19.41
C PHE A 392 24.90 26.91 -20.87
N LEU A 393 25.86 26.59 -21.73
CA LEU A 393 25.62 26.52 -23.17
C LEU A 393 25.15 25.13 -23.57
N GLY A 394 24.16 25.10 -24.45
CA GLY A 394 23.69 23.83 -24.96
C GLY A 394 24.70 23.19 -25.89
N GLN A 395 24.52 21.89 -26.10
CA GLN A 395 25.40 21.11 -26.96
C GLN A 395 24.63 19.89 -27.43
N SER A 396 25.19 19.21 -28.44
CA SER A 396 24.52 18.05 -29.04
C SER A 396 24.19 16.96 -28.03
N GLU A 397 24.94 16.87 -26.93
CA GLU A 397 24.69 15.87 -25.89
C GLU A 397 23.93 16.43 -24.69
N GLY A 398 23.43 17.66 -24.80
CA GLY A 398 22.67 18.27 -23.71
C GLY A 398 23.20 19.65 -23.34
N LEU A 399 23.74 19.76 -22.13
CA LEU A 399 24.33 21.00 -21.65
C LEU A 399 25.78 20.76 -21.25
N ARG A 400 26.58 21.82 -21.34
CA ARG A 400 27.93 21.78 -20.79
C ARG A 400 27.86 21.71 -19.27
N SER A 401 28.75 20.92 -18.68
CA SER A 401 28.75 20.76 -17.23
C SER A 401 29.41 21.93 -16.51
N ARG A 402 30.23 22.72 -17.20
CA ARG A 402 30.85 23.90 -16.63
C ARG A 402 30.26 25.16 -17.24
N PRO A 403 30.08 26.22 -16.44
CA PRO A 403 29.42 27.42 -16.96
C PRO A 403 30.33 28.24 -17.86
N SER A 404 29.75 28.75 -18.94
CA SER A 404 30.50 29.59 -19.87
C SER A 404 30.70 31.01 -19.35
N GLN A 405 29.91 31.42 -18.34
CA GLN A 405 29.95 32.79 -17.86
C GLN A 405 29.27 32.84 -16.50
N VAL A 406 29.77 33.69 -15.62
CA VAL A 406 29.22 33.86 -14.27
C VAL A 406 29.02 35.34 -14.04
N LEU A 407 27.79 35.73 -13.71
CA LEU A 407 27.43 37.11 -13.42
C LEU A 407 27.34 37.29 -11.92
N ASP A 408 28.23 38.10 -11.36
CA ASP A 408 28.20 38.41 -9.93
C ASP A 408 27.23 39.57 -9.67
N SER A 409 26.54 39.50 -8.55
CA SER A 409 25.53 40.49 -8.23
C SER A 409 26.16 41.87 -8.11
N PRO A 410 25.66 42.88 -8.83
CA PRO A 410 26.12 44.26 -8.63
C PRO A 410 25.42 44.99 -7.48
N PHE A 411 24.55 44.32 -6.75
CA PHE A 411 23.77 44.90 -5.68
C PHE A 411 24.36 44.48 -4.33
N PRO A 412 23.96 45.16 -3.23
CA PRO A 412 24.52 44.78 -1.92
C PRO A 412 23.96 43.46 -1.40
N THR A 413 24.38 43.09 -0.19
CA THR A 413 23.91 41.86 0.43
C THR A 413 22.41 41.91 0.66
N GLY A 414 21.75 40.77 0.47
CA GLY A 414 20.33 40.65 0.70
C GLY A 414 19.44 41.00 -0.48
N SER A 415 20.02 41.34 -1.64
CA SER A 415 19.23 41.77 -2.77
C SER A 415 18.44 40.64 -3.41
N ALA A 416 18.85 39.39 -3.14
CA ALA A 416 18.27 38.20 -3.76
C ALA A 416 18.41 38.22 -5.28
N PHE A 417 19.51 38.81 -5.76
CA PHE A 417 19.88 38.85 -7.16
C PHE A 417 19.75 37.48 -7.80
N GLY A 418 18.85 37.36 -8.79
CA GLY A 418 18.61 36.11 -9.47
C GLY A 418 17.33 35.42 -9.09
N PHE A 419 16.64 35.86 -8.02
CA PHE A 419 15.39 35.22 -7.63
C PHE A 419 14.41 35.15 -8.78
N SER A 420 14.46 36.11 -9.70
CA SER A 420 13.69 36.07 -10.93
C SER A 420 14.63 36.24 -12.12
N LEU A 421 14.28 35.58 -13.22
CA LEU A 421 15.11 35.59 -14.42
C LEU A 421 14.20 35.51 -15.64
N ARG A 422 14.63 36.15 -16.73
CA ARG A 422 13.94 36.04 -18.00
C ARG A 422 14.92 36.35 -19.12
N GLY A 423 14.91 35.49 -20.15
CA GLY A 423 15.80 35.67 -21.28
C GLY A 423 15.11 35.36 -22.59
N ALA A 424 15.92 35.10 -23.63
CA ALA A 424 15.47 34.69 -24.95
C ALA A 424 14.68 35.78 -25.69
N VAL A 425 14.95 37.04 -25.37
CA VAL A 425 14.33 38.17 -26.09
C VAL A 425 15.40 39.21 -26.37
N ASP A 426 15.46 39.67 -27.62
CA ASP A 426 16.44 40.67 -28.06
C ASP A 426 15.83 42.05 -27.80
N ILE A 427 16.21 42.66 -26.67
CA ILE A 427 15.56 43.91 -26.27
C ILE A 427 16.12 45.10 -27.05
N ASP A 428 17.39 45.06 -27.46
CA ASP A 428 18.00 46.16 -28.16
C ASP A 428 18.09 45.93 -29.67
N ASP A 429 17.48 44.84 -30.16
CA ASP A 429 17.38 44.57 -31.60
C ASP A 429 18.75 44.50 -32.26
N ASN A 430 19.70 43.83 -31.59
CA ASN A 430 21.04 43.66 -32.12
C ASN A 430 21.32 42.24 -32.60
N GLY A 431 20.30 41.38 -32.62
CA GLY A 431 20.45 40.03 -33.11
C GLY A 431 20.84 39.00 -32.08
N TYR A 432 20.96 39.38 -30.81
CA TYR A 432 21.38 38.46 -29.76
C TYR A 432 20.39 38.54 -28.60
N PRO A 433 19.88 37.41 -28.11
CA PRO A 433 18.93 37.44 -26.99
C PRO A 433 19.61 37.86 -25.70
N ASP A 434 18.86 38.57 -24.87
CA ASP A 434 19.39 39.24 -23.69
C ASP A 434 18.79 38.64 -22.42
N LEU A 435 19.21 39.17 -21.28
CA LEU A 435 18.85 38.62 -19.98
C LEU A 435 18.50 39.75 -19.01
N ILE A 436 17.34 39.65 -18.38
CA ILE A 436 16.92 40.55 -17.31
C ILE A 436 16.93 39.77 -16.00
N VAL A 437 17.47 40.39 -14.95
CA VAL A 437 17.65 39.75 -13.66
C VAL A 437 17.00 40.62 -12.59
N GLY A 438 16.13 40.01 -11.78
CA GLY A 438 15.50 40.72 -10.69
C GLY A 438 16.29 40.60 -9.40
N ALA A 439 16.22 41.64 -8.57
CA ALA A 439 16.85 41.69 -7.26
C ALA A 439 15.89 42.43 -6.34
N TYR A 440 14.82 41.73 -5.92
CA TYR A 440 13.74 42.39 -5.19
C TYR A 440 14.23 42.93 -3.84
N GLY A 441 15.27 42.34 -3.28
CA GLY A 441 15.83 42.86 -2.04
C GLY A 441 16.35 44.27 -2.16
N ALA A 442 16.92 44.61 -3.31
CA ALA A 442 17.36 45.97 -3.59
C ALA A 442 16.34 46.75 -4.42
N ASN A 443 15.18 46.17 -4.71
CA ASN A 443 14.11 46.84 -5.46
C ASN A 443 14.60 47.32 -6.82
N GLN A 444 15.33 46.46 -7.52
CA GLN A 444 15.93 46.84 -8.79
C GLN A 444 15.91 45.67 -9.76
N VAL A 445 16.08 45.99 -11.04
CA VAL A 445 16.20 45.02 -12.12
C VAL A 445 17.42 45.39 -12.96
N ALA A 446 18.24 44.38 -13.28
CA ALA A 446 19.44 44.57 -14.08
C ALA A 446 19.27 43.89 -15.43
N VAL A 447 19.67 44.57 -16.49
CA VAL A 447 19.56 44.08 -17.86
C VAL A 447 20.96 43.82 -18.39
N TYR A 448 21.18 42.60 -18.88
CA TYR A 448 22.45 42.20 -19.49
C TYR A 448 22.23 42.06 -20.99
N ARG A 449 22.93 42.86 -21.78
CA ARG A 449 22.82 42.82 -23.23
C ARG A 449 23.87 41.86 -23.80
N ALA A 450 23.43 40.92 -24.62
CA ALA A 450 24.35 40.02 -25.29
C ALA A 450 25.05 40.72 -26.43
N GLN A 451 26.32 40.42 -26.60
CA GLN A 451 27.17 41.04 -27.61
C GLN A 451 27.75 39.97 -28.52
N PRO A 452 28.26 40.35 -29.69
CA PRO A 452 28.96 39.38 -30.53
C PRO A 452 30.07 38.68 -29.76
N VAL A 453 30.20 37.38 -29.98
CA VAL A 453 31.13 36.53 -29.24
C VAL A 453 32.56 37.04 -29.33
N GLY B 1 77.90 -0.57 1.98
CA GLY B 1 77.50 -0.31 0.61
C GLY B 1 76.73 0.99 0.45
N PRO B 2 76.65 1.48 -0.79
CA PRO B 2 75.92 2.73 -1.04
C PRO B 2 74.42 2.53 -0.92
N ASN B 3 73.74 3.58 -0.46
CA ASN B 3 72.29 3.55 -0.32
C ASN B 3 71.66 4.81 -0.93
N ILE B 4 70.39 5.06 -0.61
CA ILE B 4 69.71 6.21 -1.20
C ILE B 4 70.23 7.53 -0.63
N CYS B 5 70.93 7.51 0.50
CA CYS B 5 71.48 8.74 1.05
C CYS B 5 72.70 9.22 0.29
N THR B 6 73.51 8.29 -0.23
CA THR B 6 74.72 8.65 -0.97
C THR B 6 74.48 8.75 -2.47
N THR B 7 73.69 7.84 -3.04
CA THR B 7 73.45 7.85 -4.47
C THR B 7 72.66 9.08 -4.93
N ARG B 8 71.95 9.73 -4.01
CA ARG B 8 71.23 10.95 -4.36
C ARG B 8 72.18 12.12 -4.62
N GLY B 9 73.37 12.10 -4.03
CA GLY B 9 74.32 13.18 -4.20
C GLY B 9 73.78 14.51 -3.72
N VAL B 10 73.60 14.66 -2.41
CA VAL B 10 73.01 15.86 -1.84
C VAL B 10 74.06 16.97 -1.76
N SER B 11 73.61 18.19 -1.48
CA SER B 11 74.49 19.35 -1.43
C SER B 11 74.59 19.98 -0.05
N SER B 12 73.68 19.68 0.87
CA SER B 12 73.70 20.30 2.19
C SER B 12 73.08 19.35 3.20
N CYS B 13 73.14 19.76 4.47
CA CYS B 13 72.57 18.94 5.54
C CYS B 13 71.05 18.88 5.46
N GLN B 14 70.42 19.98 5.06
CA GLN B 14 68.96 20.00 4.93
C GLN B 14 68.51 19.08 3.79
N GLN B 15 69.23 19.08 2.67
CA GLN B 15 68.86 18.22 1.55
C GLN B 15 69.06 16.75 1.88
N CYS B 16 70.01 16.44 2.77
CA CYS B 16 70.26 15.04 3.13
C CYS B 16 69.12 14.46 3.95
N LEU B 17 68.61 15.23 4.91
CA LEU B 17 67.52 14.73 5.76
C LEU B 17 66.24 14.53 4.97
N ALA B 18 66.04 15.29 3.89
CA ALA B 18 64.83 15.20 3.09
C ALA B 18 64.82 13.98 2.17
N VAL B 19 65.96 13.31 2.00
CA VAL B 19 66.00 12.10 1.17
C VAL B 19 65.15 11.00 1.78
N SER B 20 65.48 10.62 3.02
CA SER B 20 64.79 9.55 3.72
C SER B 20 64.91 9.80 5.21
N PRO B 21 63.93 9.36 6.01
CA PRO B 21 64.05 9.52 7.47
C PRO B 21 65.22 8.75 8.07
N MET B 22 65.87 7.86 7.32
CA MET B 22 66.99 7.09 7.81
C MET B 22 68.34 7.75 7.56
N CYS B 23 68.39 8.79 6.73
CA CYS B 23 69.67 9.42 6.40
C CYS B 23 70.13 10.31 7.55
N ALA B 24 71.44 10.46 7.66
CA ALA B 24 72.08 11.31 8.66
C ALA B 24 73.16 12.15 7.99
N TRP B 25 73.63 13.16 8.70
CA TRP B 25 74.61 14.09 8.18
C TRP B 25 75.74 14.28 9.20
N CYS B 26 76.95 14.45 8.69
CA CYS B 26 78.14 14.67 9.51
C CYS B 26 78.68 16.05 9.21
N SER B 27 78.73 16.92 10.22
CA SER B 27 79.24 18.28 10.10
C SER B 27 80.69 18.39 10.55
N ASP B 28 81.49 17.36 10.33
CA ASP B 28 82.86 17.31 10.83
C ASP B 28 83.84 17.85 9.80
N GLU B 29 84.84 18.59 10.27
CA GLU B 29 85.87 19.11 9.38
C GLU B 29 86.79 18.00 8.89
N ALA B 30 87.32 17.19 9.81
CA ALA B 30 88.27 16.14 9.48
C ALA B 30 87.51 14.93 8.93
N LEU B 31 87.07 15.06 7.68
CA LEU B 31 86.35 14.01 6.98
C LEU B 31 87.00 13.83 5.61
N PRO B 32 87.31 12.58 5.21
CA PRO B 32 88.02 12.38 3.94
C PRO B 32 87.26 12.96 2.76
N LEU B 33 88.02 13.37 1.74
CA LEU B 33 87.41 14.01 0.57
C LEU B 33 86.47 13.06 -0.16
N GLY B 34 86.88 11.81 -0.34
CA GLY B 34 86.06 10.84 -1.04
C GLY B 34 84.93 10.25 -0.23
N SER B 35 84.88 10.53 1.07
CA SER B 35 83.83 9.97 1.93
C SER B 35 82.60 10.84 1.90
N PRO B 36 81.42 10.29 1.62
CA PRO B 36 80.19 11.08 1.66
C PRO B 36 79.73 11.32 3.09
N ARG B 37 79.32 12.57 3.36
CA ARG B 37 78.84 12.96 4.67
C ARG B 37 77.32 12.87 4.79
N CYS B 38 76.68 12.05 3.95
CA CYS B 38 75.23 11.84 4.00
C CYS B 38 74.99 10.33 3.85
N ASP B 39 74.82 9.66 4.98
CA ASP B 39 74.68 8.20 5.00
C ASP B 39 73.95 7.82 6.28
N LEU B 40 73.84 6.52 6.53
CA LEU B 40 73.24 6.03 7.77
C LEU B 40 74.10 6.45 8.96
N LYS B 41 73.45 6.59 10.12
CA LYS B 41 74.17 6.99 11.32
C LYS B 41 75.19 5.93 11.72
N GLU B 42 74.91 4.65 11.44
CA GLU B 42 75.87 3.60 11.76
C GLU B 42 77.12 3.72 10.90
N ASN B 43 76.96 4.13 9.65
CA ASN B 43 78.12 4.27 8.76
C ASN B 43 78.93 5.51 9.08
N LEU B 44 78.28 6.57 9.56
CA LEU B 44 79.00 7.78 9.93
C LEU B 44 79.95 7.53 11.10
N LEU B 45 79.43 6.88 12.16
CA LEU B 45 80.28 6.51 13.29
C LEU B 45 81.37 5.52 12.88
N LYS B 46 81.16 4.77 11.80
CA LYS B 46 82.15 3.81 11.32
C LYS B 46 83.33 4.50 10.64
N ASP B 47 83.16 5.73 10.15
CA ASP B 47 84.23 6.46 9.49
C ASP B 47 84.82 7.56 10.37
N ASN B 48 84.72 7.41 11.69
CA ASN B 48 85.35 8.32 12.65
C ASN B 48 84.79 9.74 12.56
N CYS B 49 83.48 9.85 12.33
CA CYS B 49 82.79 11.13 12.42
C CYS B 49 82.48 11.43 13.89
N ALA B 50 82.75 12.65 14.32
CA ALA B 50 82.53 13.02 15.71
C ALA B 50 81.06 12.86 16.07
N PRO B 51 80.74 12.17 17.17
CA PRO B 51 79.33 11.97 17.52
C PRO B 51 78.58 13.26 17.79
N GLU B 52 79.28 14.34 18.13
CA GLU B 52 78.60 15.61 18.40
C GLU B 52 78.16 16.30 17.13
N SER B 53 78.88 16.11 16.03
CA SER B 53 78.56 16.74 14.74
C SER B 53 77.75 15.81 13.84
N ILE B 54 76.81 15.06 14.41
CA ILE B 54 75.95 14.16 13.64
C ILE B 54 74.53 14.70 13.74
N GLU B 55 74.00 15.17 12.61
CA GLU B 55 72.62 15.64 12.51
C GLU B 55 71.74 14.46 12.12
N PHE B 56 70.86 14.04 13.03
CA PHE B 56 70.02 12.87 12.81
C PHE B 56 68.78 12.99 13.68
N PRO B 57 67.77 13.73 13.22
CA PRO B 57 66.52 13.84 13.97
C PRO B 57 65.73 12.55 13.92
N VAL B 58 65.03 12.27 15.00
CA VAL B 58 64.21 11.06 15.14
C VAL B 58 62.80 11.50 15.51
N SER B 59 61.82 11.08 14.71
CA SER B 59 60.43 11.40 14.99
C SER B 59 59.99 10.76 16.30
N GLU B 60 59.32 11.54 17.15
CA GLU B 60 58.90 11.07 18.45
C GLU B 60 57.50 11.61 18.74
N ALA B 61 56.99 11.25 19.93
CA ALA B 61 55.66 11.68 20.36
C ALA B 61 55.61 11.54 21.88
N ARG B 62 55.76 12.66 22.59
CA ARG B 62 55.74 12.67 24.04
C ARG B 62 54.52 13.42 24.55
N VAL B 63 53.91 12.90 25.61
CA VAL B 63 52.71 13.50 26.18
C VAL B 63 53.09 14.75 26.97
N LEU B 64 52.21 15.74 26.94
CA LEU B 64 52.37 16.95 27.73
C LEU B 64 51.31 17.09 28.82
N GLU B 65 50.10 16.61 28.58
CA GLU B 65 49.03 16.58 29.57
C GLU B 65 48.46 15.17 29.60
N ASP B 66 48.42 14.56 30.77
CA ASP B 66 47.98 13.17 30.92
C ASP B 66 47.05 13.06 32.13
N ARG B 67 45.95 13.81 32.11
CA ARG B 67 44.98 13.72 33.19
C ARG B 67 44.29 12.35 33.15
N PRO B 68 44.11 11.71 34.30
CA PRO B 68 43.42 10.42 34.32
C PRO B 68 41.95 10.58 33.98
N LEU B 69 41.41 9.58 33.30
CA LEU B 69 40.00 9.58 32.97
C LEU B 69 39.17 9.56 34.25
N SER B 70 38.14 10.41 34.29
CA SER B 70 37.32 10.53 35.48
C SER B 70 36.51 9.27 35.72
N ASP B 71 36.32 8.94 37.00
CA ASP B 71 35.42 7.85 37.36
C ASP B 71 33.98 8.33 37.43
N LYS B 72 33.75 9.49 38.05
CA LYS B 72 32.43 10.07 38.18
C LYS B 72 32.41 11.46 37.59
N GLY B 73 31.41 11.75 36.79
CA GLY B 73 31.21 13.08 36.23
C GLY B 73 30.42 14.01 37.12
N SER B 74 29.92 13.50 38.24
CA SER B 74 29.24 14.32 39.23
C SER B 74 30.25 15.17 39.99
N GLY B 75 29.72 16.13 40.76
CA GLY B 75 30.56 17.01 41.53
C GLY B 75 31.51 17.81 40.64
N ASP B 76 32.41 18.53 41.31
CA ASP B 76 33.44 19.36 40.67
C ASP B 76 32.83 20.51 39.87
N SER B 77 33.59 21.58 39.67
CA SER B 77 33.18 22.63 38.77
C SER B 77 33.56 22.27 37.34
N SER B 78 33.13 21.08 36.92
CA SER B 78 33.44 20.53 35.59
C SER B 78 34.94 20.34 35.40
N GLN B 79 35.58 19.73 36.41
CA GLN B 79 36.95 19.25 36.28
C GLN B 79 37.00 17.82 35.74
N VAL B 80 36.02 17.45 34.91
CA VAL B 80 35.88 16.08 34.43
C VAL B 80 36.75 15.90 33.20
N THR B 81 37.51 14.80 33.18
CA THR B 81 38.36 14.44 32.05
C THR B 81 37.81 13.16 31.42
N GLN B 82 37.33 13.27 30.19
CA GLN B 82 36.83 12.12 29.45
C GLN B 82 37.65 11.82 28.20
N VAL B 83 38.77 12.51 28.01
CA VAL B 83 39.66 12.29 26.87
C VAL B 83 41.09 12.32 27.39
N SER B 84 41.80 11.20 27.28
CA SER B 84 43.17 11.09 27.74
C SER B 84 44.03 10.48 26.64
N PRO B 85 45.19 11.07 26.33
CA PRO B 85 45.68 12.31 26.95
C PRO B 85 44.99 13.55 26.39
N GLN B 86 45.33 14.72 26.90
CA GLN B 86 44.71 15.96 26.45
C GLN B 86 45.62 16.81 25.57
N ARG B 87 46.93 16.54 25.57
CA ARG B 87 47.86 17.31 24.77
C ARG B 87 49.15 16.51 24.61
N ILE B 88 49.62 16.35 23.38
CA ILE B 88 50.88 15.69 23.10
C ILE B 88 51.67 16.52 22.10
N ALA B 89 52.99 16.43 22.21
CA ALA B 89 53.90 17.07 21.26
C ALA B 89 54.33 16.03 20.23
N LEU B 90 54.26 16.38 18.96
CA LEU B 90 54.55 15.47 17.87
C LEU B 90 55.66 16.06 17.01
N ARG B 91 56.82 15.40 16.98
CA ARG B 91 57.94 15.83 16.17
C ARG B 91 58.08 14.90 14.96
N LEU B 92 58.16 15.48 13.77
CA LEU B 92 58.23 14.72 12.54
C LEU B 92 59.30 15.31 11.63
N ARG B 93 60.00 14.45 10.92
CA ARG B 93 60.96 14.85 9.90
C ARG B 93 60.36 14.59 8.51
N PRO B 94 60.98 15.10 7.44
CA PRO B 94 60.34 14.99 6.12
C PRO B 94 60.03 13.55 5.73
N ASP B 95 58.81 13.35 5.21
CA ASP B 95 58.35 12.05 4.71
C ASP B 95 58.38 10.98 5.80
N ASP B 96 58.08 11.36 7.04
CA ASP B 96 58.14 10.47 8.18
C ASP B 96 56.76 10.36 8.83
N SER B 97 56.63 9.37 9.72
CA SER B 97 55.38 9.12 10.40
C SER B 97 55.65 8.71 11.84
N LYS B 98 54.70 9.03 12.72
CA LYS B 98 54.77 8.64 14.13
C LYS B 98 53.36 8.33 14.61
N ASN B 99 53.26 7.43 15.57
CA ASN B 99 51.97 6.98 16.08
C ASN B 99 51.76 7.42 17.52
N PHE B 100 50.48 7.52 17.89
CA PHE B 100 50.07 7.84 19.25
C PHE B 100 48.65 7.30 19.44
N SER B 101 48.17 7.39 20.67
CA SER B 101 46.86 6.85 21.02
C SER B 101 46.07 7.86 21.84
N ILE B 102 44.77 7.63 21.90
CA ILE B 102 43.84 8.46 22.65
C ILE B 102 42.77 7.56 23.25
N GLN B 103 42.41 7.83 24.50
CA GLN B 103 41.33 7.13 25.17
C GLN B 103 40.12 8.04 25.31
N VAL B 104 38.93 7.48 25.10
CA VAL B 104 37.68 8.20 25.27
C VAL B 104 36.79 7.40 26.19
N ARG B 105 36.16 8.08 27.16
CA ARG B 105 35.31 7.44 28.13
C ARG B 105 33.97 8.15 28.20
N GLN B 106 32.89 7.37 28.26
CA GLN B 106 31.56 7.90 28.54
C GLN B 106 31.42 7.94 30.05
N VAL B 107 31.73 9.10 30.63
CA VAL B 107 31.81 9.22 32.08
C VAL B 107 30.43 8.98 32.70
N GLU B 108 30.42 8.31 33.85
CA GLU B 108 29.20 8.01 34.58
C GLU B 108 28.78 9.18 35.44
N ASP B 109 27.46 9.35 35.58
CA ASP B 109 26.86 10.43 36.37
C ASP B 109 27.28 11.80 35.81
N TYR B 110 26.97 12.01 34.55
CA TYR B 110 27.21 13.27 33.86
C TYR B 110 25.94 14.11 33.84
N PRO B 111 26.06 15.43 34.05
CA PRO B 111 24.86 16.28 34.06
C PRO B 111 24.12 16.24 32.73
N VAL B 112 22.81 16.48 32.80
CA VAL B 112 21.92 16.36 31.65
C VAL B 112 20.93 17.52 31.66
N ASP B 113 20.74 18.15 30.49
CA ASP B 113 19.69 19.13 30.27
C ASP B 113 18.64 18.52 29.34
N ILE B 114 17.37 18.67 29.71
CA ILE B 114 16.26 18.14 28.91
C ILE B 114 15.27 19.27 28.72
N TYR B 115 15.25 19.85 27.52
CA TYR B 115 14.27 20.88 27.17
C TYR B 115 13.14 20.23 26.37
N TYR B 116 11.92 20.30 26.91
CA TYR B 116 10.77 19.63 26.34
C TYR B 116 10.06 20.60 25.39
N LEU B 117 10.28 20.43 24.09
CA LEU B 117 9.68 21.27 23.07
C LEU B 117 8.45 20.54 22.50
N MET B 118 7.28 21.09 22.75
CA MET B 118 6.02 20.36 22.57
C MET B 118 5.13 21.05 21.56
N ASP B 119 4.72 20.30 20.53
CA ASP B 119 3.60 20.68 19.70
C ASP B 119 2.37 20.88 20.58
N LEU B 120 1.78 22.08 20.50
CA LEU B 120 0.58 22.39 21.26
C LEU B 120 -0.55 22.84 20.35
N SER B 121 -0.64 22.22 19.18
CA SER B 121 -1.84 22.37 18.36
C SER B 121 -2.95 21.51 18.94
N TYR B 122 -4.11 21.50 18.28
CA TYR B 122 -5.32 20.99 18.92
C TYR B 122 -5.22 19.50 19.23
N SER B 123 -4.60 18.72 18.33
CA SER B 123 -4.54 17.28 18.53
C SER B 123 -3.64 16.88 19.69
N MET B 124 -2.94 17.82 20.32
CA MET B 124 -2.06 17.54 21.44
C MET B 124 -2.71 17.87 22.78
N LYS B 125 -4.01 18.15 22.79
CA LYS B 125 -4.71 18.48 24.02
C LYS B 125 -4.61 17.33 25.03
N ASP B 126 -4.89 16.11 24.57
CA ASP B 126 -4.78 14.95 25.45
C ASP B 126 -3.34 14.74 25.91
N ASP B 127 -2.37 15.01 25.03
CA ASP B 127 -0.96 14.86 25.42
C ASP B 127 -0.61 15.78 26.58
N LEU B 128 -1.13 17.01 26.57
CA LEU B 128 -0.88 17.95 27.66
C LEU B 128 -1.36 17.39 28.99
N TRP B 129 -2.50 16.71 28.99
CA TRP B 129 -3.09 16.23 30.24
C TRP B 129 -2.27 15.12 30.87
N SER B 130 -1.66 14.25 30.07
CA SER B 130 -0.97 13.08 30.58
C SER B 130 0.49 13.33 30.92
N ILE B 131 0.98 14.56 30.76
CA ILE B 131 2.35 14.90 31.14
C ILE B 131 2.39 15.87 32.31
N GLN B 132 1.25 16.09 32.98
CA GLN B 132 1.21 17.02 34.10
C GLN B 132 2.15 16.60 35.23
N ASN B 133 2.47 15.31 35.34
CA ASN B 133 3.41 14.82 36.34
C ASN B 133 4.71 14.34 35.72
N LEU B 134 4.95 14.65 34.44
CA LEU B 134 6.17 14.18 33.78
C LEU B 134 7.43 14.70 34.45
N GLY B 135 7.36 15.93 35.00
CA GLY B 135 8.56 16.50 35.61
C GLY B 135 9.08 15.69 36.78
N THR B 136 8.20 15.36 37.73
CA THR B 136 8.62 14.56 38.87
C THR B 136 8.91 13.12 38.46
N LYS B 137 8.12 12.57 37.53
N LYS B 137 8.12 12.57 37.54
CA LYS B 137 8.37 11.22 37.06
CA LYS B 137 8.37 11.22 37.05
C LYS B 137 9.70 11.12 36.33
C LYS B 137 9.71 11.12 36.34
N LEU B 138 10.02 12.12 35.49
CA LEU B 138 11.30 12.10 34.78
C LEU B 138 12.46 12.25 35.76
N ALA B 139 12.28 13.04 36.82
CA ALA B 139 13.34 13.20 37.81
C ALA B 139 13.61 11.88 38.54
N THR B 140 12.56 11.11 38.83
CA THR B 140 12.72 9.82 39.49
C THR B 140 13.57 8.87 38.64
N GLN B 141 13.22 8.76 37.36
CA GLN B 141 13.94 7.82 36.50
C GLN B 141 15.33 8.32 36.14
N MET B 142 15.46 9.62 35.84
CA MET B 142 16.77 10.16 35.51
C MET B 142 17.70 10.22 36.72
N ARG B 143 17.15 10.21 37.93
CA ARG B 143 17.99 10.19 39.13
C ARG B 143 18.90 8.95 39.15
N LYS B 144 18.48 7.88 38.49
CA LYS B 144 19.29 6.67 38.43
C LYS B 144 20.50 6.85 37.54
N LEU B 145 20.44 7.76 36.56
CA LEU B 145 21.51 7.95 35.60
C LEU B 145 22.37 9.18 35.87
N THR B 146 21.81 10.21 36.51
CA THR B 146 22.56 11.43 36.74
C THR B 146 22.08 12.08 38.04
N SER B 147 22.95 12.90 38.62
CA SER B 147 22.64 13.67 39.81
C SER B 147 22.58 15.17 39.56
N ASN B 148 22.66 15.59 38.30
CA ASN B 148 22.56 17.00 37.90
C ASN B 148 21.58 17.09 36.73
N LEU B 149 20.29 17.01 37.04
CA LEU B 149 19.24 17.09 36.03
C LEU B 149 18.65 18.50 36.02
N ARG B 150 18.52 19.06 34.82
CA ARG B 150 17.79 20.31 34.61
C ARG B 150 16.80 20.11 33.48
N ILE B 151 15.58 20.60 33.68
CA ILE B 151 14.53 20.46 32.69
C ILE B 151 13.87 21.82 32.45
N GLY B 152 13.28 21.96 31.26
CA GLY B 152 12.61 23.17 30.84
C GLY B 152 11.52 22.83 29.86
N PHE B 153 10.78 23.86 29.43
CA PHE B 153 9.61 23.63 28.60
C PHE B 153 9.45 24.76 27.59
N GLY B 154 9.09 24.38 26.36
CA GLY B 154 8.73 25.33 25.34
C GLY B 154 7.69 24.72 24.43
N ALA B 155 6.89 25.58 23.79
CA ALA B 155 5.76 25.12 23.00
C ALA B 155 5.76 25.82 21.64
N PHE B 156 5.18 25.14 20.65
CA PHE B 156 5.04 25.69 19.31
C PHE B 156 3.72 25.23 18.71
N VAL B 157 3.26 26.00 17.72
CA VAL B 157 2.17 25.57 16.85
C VAL B 157 2.61 25.76 15.41
N ASP B 158 2.51 26.99 14.91
CA ASP B 158 2.91 27.33 13.55
C ASP B 158 2.95 28.85 13.45
N LYS B 159 3.36 29.34 12.29
CA LYS B 159 3.44 30.78 12.06
C LYS B 159 2.05 31.41 12.13
N PRO B 160 1.82 32.37 13.03
CA PRO B 160 0.48 32.98 13.16
C PRO B 160 0.15 33.96 12.03
N VAL B 161 -0.14 33.40 10.86
CA VAL B 161 -0.44 34.20 9.68
C VAL B 161 -1.24 33.33 8.71
N SER B 162 -2.20 33.95 8.03
CA SER B 162 -2.96 33.26 6.99
C SER B 162 -2.00 32.74 5.92
N PRO B 163 -2.24 31.55 5.35
CA PRO B 163 -3.42 30.70 5.58
C PRO B 163 -3.25 29.70 6.73
N TYR B 164 -2.07 29.65 7.36
CA TYR B 164 -1.88 28.76 8.50
C TYR B 164 -2.86 29.08 9.62
N MET B 165 -3.19 30.35 9.80
CA MET B 165 -4.02 30.82 10.90
C MET B 165 -5.42 31.16 10.42
N TYR B 166 -6.42 30.81 11.23
CA TYR B 166 -7.79 31.25 10.97
C TYR B 166 -7.90 32.74 11.29
N ILE B 167 -8.27 33.54 10.30
CA ILE B 167 -8.37 34.99 10.46
C ILE B 167 -9.82 35.47 10.40
N SER B 168 -10.78 34.56 10.45
CA SER B 168 -12.19 34.96 10.43
C SER B 168 -12.96 33.94 11.24
N PRO B 169 -13.99 34.38 11.99
CA PRO B 169 -14.48 35.75 12.19
C PRO B 169 -13.56 36.52 13.15
N PRO B 170 -13.85 37.79 13.45
CA PRO B 170 -12.98 38.53 14.39
C PRO B 170 -12.76 37.82 15.69
N GLU B 171 -13.74 37.04 16.17
CA GLU B 171 -13.57 36.33 17.43
C GLU B 171 -12.57 35.20 17.30
N ALA B 172 -12.30 34.73 16.08
CA ALA B 172 -11.39 33.60 15.91
C ALA B 172 -9.96 33.98 16.20
N LEU B 173 -9.64 35.28 16.11
CA LEU B 173 -8.28 35.72 16.42
C LEU B 173 -7.97 35.55 17.89
N GLU B 174 -8.89 35.98 18.76
CA GLU B 174 -8.68 35.80 20.20
C GLU B 174 -8.98 34.38 20.63
N ASN B 175 -9.95 33.73 19.99
CA ASN B 175 -10.32 32.35 20.32
C ASN B 175 -10.38 31.55 19.02
N PRO B 176 -9.29 30.87 18.65
CA PRO B 176 -9.31 30.07 17.41
C PRO B 176 -10.33 28.95 17.46
N CYS B 177 -10.67 28.45 18.64
CA CYS B 177 -11.72 27.44 18.79
C CYS B 177 -13.12 28.05 18.84
N TYR B 178 -13.31 29.22 18.24
CA TYR B 178 -14.58 29.93 18.35
C TYR B 178 -15.71 29.16 17.67
N ASP B 179 -15.51 28.77 16.41
CA ASP B 179 -16.57 28.07 15.69
C ASP B 179 -16.82 26.66 16.20
N MET B 180 -16.10 26.24 17.24
CA MET B 180 -16.42 25.04 17.99
C MET B 180 -17.13 25.44 19.28
N LYS B 181 -17.30 24.49 20.20
CA LYS B 181 -17.94 24.79 21.48
C LYS B 181 -16.93 24.93 22.61
N THR B 182 -15.67 25.22 22.29
CA THR B 182 -14.61 25.28 23.29
C THR B 182 -13.83 26.58 23.14
N THR B 183 -12.85 26.76 24.03
CA THR B 183 -11.94 27.90 24.00
C THR B 183 -10.50 27.38 23.97
N CYS B 184 -9.66 28.04 23.17
CA CYS B 184 -8.24 27.73 23.15
C CYS B 184 -7.45 29.01 22.96
N LEU B 185 -6.13 28.91 23.16
CA LEU B 185 -5.27 30.07 23.13
C LEU B 185 -5.20 30.67 21.72
N PRO B 186 -4.95 31.98 21.61
CA PRO B 186 -4.59 32.55 20.32
C PRO B 186 -3.37 31.84 19.75
N MET B 187 -3.27 31.82 18.43
N MET B 187 -3.29 31.83 18.42
CA MET B 187 -2.19 31.10 17.78
CA MET B 187 -2.17 31.18 17.74
C MET B 187 -0.85 31.76 18.04
C MET B 187 -0.84 31.78 18.16
N PHE B 188 0.19 30.94 18.18
CA PHE B 188 1.53 31.39 18.47
C PHE B 188 2.54 30.50 17.73
N GLY B 189 3.62 31.12 17.27
CA GLY B 189 4.67 30.40 16.59
C GLY B 189 5.47 29.51 17.52
N TYR B 190 6.34 30.11 18.32
CA TYR B 190 7.09 29.40 19.34
C TYR B 190 7.20 30.30 20.57
N LYS B 191 6.88 29.75 21.74
CA LYS B 191 7.02 30.50 22.98
C LYS B 191 7.85 29.68 23.96
N HIS B 192 8.85 30.34 24.55
CA HIS B 192 9.60 29.76 25.65
C HIS B 192 8.80 29.88 26.94
N VAL B 193 8.80 28.82 27.74
CA VAL B 193 7.95 28.76 28.92
C VAL B 193 8.78 28.68 30.18
N LEU B 194 9.64 27.66 30.29
CA LEU B 194 10.42 27.42 31.50
C LEU B 194 11.88 27.26 31.14
N THR B 195 12.72 28.14 31.69
CA THR B 195 14.16 27.99 31.55
C THR B 195 14.64 26.74 32.28
N LEU B 196 15.63 26.07 31.71
CA LEU B 196 16.21 24.86 32.29
C LEU B 196 16.52 25.05 33.77
N THR B 197 15.89 24.23 34.61
CA THR B 197 16.04 24.33 36.05
C THR B 197 16.05 22.93 36.66
N ASP B 198 16.63 22.83 37.85
CA ASP B 198 16.62 21.60 38.61
C ASP B 198 15.41 21.48 39.53
N GLN B 199 14.61 22.53 39.65
CA GLN B 199 13.38 22.51 40.45
C GLN B 199 12.28 21.90 39.58
N VAL B 200 12.13 20.58 39.67
CA VAL B 200 11.26 19.86 38.74
C VAL B 200 9.80 20.22 38.96
N THR B 201 9.42 20.59 40.18
CA THR B 201 8.03 21.00 40.42
C THR B 201 7.67 22.26 39.63
N ARG B 202 8.66 23.05 39.22
CA ARG B 202 8.39 24.16 38.32
C ARG B 202 7.91 23.66 36.96
N PHE B 203 8.45 22.52 36.50
CA PHE B 203 8.00 21.93 35.24
C PHE B 203 6.55 21.51 35.33
N ASN B 204 6.18 20.83 36.42
CA ASN B 204 4.80 20.39 36.60
C ASN B 204 3.83 21.56 36.56
N GLU B 205 4.08 22.58 37.40
CA GLU B 205 3.13 23.67 37.55
C GLU B 205 3.02 24.52 36.28
N GLU B 206 4.12 24.67 35.54
CA GLU B 206 4.06 25.37 34.26
C GLU B 206 3.25 24.59 33.24
N VAL B 207 3.51 23.27 33.14
CA VAL B 207 2.77 22.43 32.20
C VAL B 207 1.29 22.43 32.55
N LYS B 208 0.95 22.46 33.84
CA LYS B 208 -0.44 22.48 34.25
C LYS B 208 -1.16 23.75 33.82
N LYS B 209 -0.44 24.85 33.60
CA LYS B 209 -1.05 26.10 33.15
C LYS B 209 -1.07 26.24 31.63
N GLN B 210 -0.43 25.34 30.90
CA GLN B 210 -0.39 25.42 29.45
C GLN B 210 -1.70 24.92 28.85
N SER B 211 -1.97 25.36 27.63
CA SER B 211 -3.12 24.89 26.87
C SER B 211 -2.80 24.98 25.39
N VAL B 212 -3.61 24.28 24.59
CA VAL B 212 -3.35 24.16 23.16
C VAL B 212 -3.92 25.35 22.39
N SER B 213 -3.53 25.48 21.13
CA SER B 213 -4.17 26.40 20.21
C SER B 213 -4.73 25.61 19.04
N ARG B 214 -4.98 26.28 17.91
CA ARG B 214 -5.58 25.61 16.76
C ARG B 214 -5.21 26.35 15.49
N ASN B 215 -4.69 25.62 14.50
CA ASN B 215 -4.38 26.18 13.20
C ASN B 215 -4.94 25.26 12.11
N ARG B 216 -4.71 25.63 10.85
CA ARG B 216 -5.49 25.07 9.76
C ARG B 216 -4.83 23.88 9.07
N ASP B 217 -3.55 23.97 8.74
CA ASP B 217 -2.90 22.99 7.89
C ASP B 217 -2.07 22.01 8.72
N ALA B 218 -2.06 20.75 8.26
CA ALA B 218 -1.42 19.66 9.00
C ALA B 218 0.06 19.91 9.32
N PRO B 219 0.92 20.33 8.38
CA PRO B 219 2.32 20.58 8.77
C PRO B 219 2.41 21.74 9.73
N GLU B 220 3.34 21.64 10.68
CA GLU B 220 3.46 22.63 11.74
C GLU B 220 4.84 23.29 11.70
N GLY B 221 4.97 24.33 12.51
CA GLY B 221 6.18 25.14 12.50
C GLY B 221 7.14 24.84 13.64
N GLY B 222 7.33 23.55 13.93
CA GLY B 222 8.25 23.17 14.99
C GLY B 222 9.70 23.41 14.66
N PHE B 223 10.04 23.40 13.37
CA PHE B 223 11.42 23.67 12.98
C PHE B 223 11.82 25.10 13.32
N ASP B 224 10.87 26.05 13.29
CA ASP B 224 11.12 27.37 13.84
C ASP B 224 11.50 27.27 15.32
N ALA B 225 10.79 26.41 16.06
CA ALA B 225 11.04 26.28 17.49
C ALA B 225 12.36 25.58 17.77
N ILE B 226 12.70 24.54 16.99
CA ILE B 226 13.98 23.87 17.14
C ILE B 226 15.13 24.85 16.97
N MET B 227 15.03 25.71 15.96
CA MET B 227 16.07 26.72 15.73
C MET B 227 16.22 27.64 16.92
N GLN B 228 15.10 28.20 17.40
CA GLN B 228 15.17 29.19 18.47
C GLN B 228 15.58 28.55 19.79
N ALA B 229 15.03 27.39 20.12
CA ALA B 229 15.44 26.69 21.33
C ALA B 229 16.90 26.28 21.31
N THR B 230 17.55 26.34 20.14
CA THR B 230 18.96 25.98 20.00
C THR B 230 19.87 27.20 20.07
N VAL B 231 19.53 28.27 19.36
CA VAL B 231 20.41 29.43 19.27
C VAL B 231 20.17 30.48 20.36
N CYS B 232 19.12 30.32 21.16
CA CYS B 232 18.89 31.22 22.29
C CYS B 232 19.51 30.59 23.53
N ASP B 233 20.83 30.68 23.60
CA ASP B 233 21.59 30.07 24.70
C ASP B 233 21.03 30.51 26.05
N GLU B 234 21.08 31.81 26.32
CA GLU B 234 20.86 32.31 27.67
C GLU B 234 19.41 32.09 28.11
N LYS B 235 18.48 32.22 27.17
CA LYS B 235 17.06 32.13 27.52
C LYS B 235 16.66 30.70 27.88
N ILE B 236 17.04 29.73 27.05
CA ILE B 236 16.71 28.35 27.35
C ILE B 236 17.53 27.86 28.53
N GLY B 237 18.81 28.18 28.57
CA GLY B 237 19.65 27.91 29.72
C GLY B 237 20.57 26.71 29.61
N TRP B 238 21.00 26.35 28.40
CA TRP B 238 21.88 25.21 28.25
C TRP B 238 23.19 25.41 29.02
N ARG B 239 23.65 24.35 29.68
CA ARG B 239 24.85 24.41 30.48
C ARG B 239 26.07 23.99 29.67
N ASN B 240 27.21 24.62 29.98
CA ASN B 240 28.43 24.37 29.22
C ASN B 240 28.86 22.92 29.30
N ASP B 241 28.76 22.32 30.47
CA ASP B 241 29.28 20.98 30.74
C ASP B 241 28.12 20.06 31.11
N ALA B 242 27.33 19.69 30.11
CA ALA B 242 26.20 18.79 30.31
C ALA B 242 25.74 18.27 28.97
N SER B 243 25.01 17.16 28.99
CA SER B 243 24.36 16.66 27.80
C SER B 243 23.11 17.48 27.53
N HIS B 244 22.92 17.86 26.27
CA HIS B 244 21.80 18.71 25.85
C HIS B 244 20.82 17.86 25.07
N LEU B 245 19.66 17.60 25.67
CA LEU B 245 18.60 16.81 25.05
C LEU B 245 17.43 17.73 24.73
N LEU B 246 17.10 17.83 23.45
CA LEU B 246 15.96 18.61 22.97
C LEU B 246 14.89 17.63 22.51
N VAL B 247 13.82 17.52 23.30
CA VAL B 247 12.76 16.55 23.04
C VAL B 247 11.68 17.25 22.22
N PHE B 248 11.56 16.85 20.95
CA PHE B 248 10.65 17.47 19.99
C PHE B 248 9.47 16.52 19.79
N THR B 249 8.34 16.83 20.41
CA THR B 249 7.15 15.99 20.34
C THR B 249 6.15 16.60 19.38
N THR B 250 5.73 15.81 18.39
CA THR B 250 4.67 16.22 17.47
C THR B 250 4.00 14.97 16.91
N ASP B 251 2.82 15.16 16.33
CA ASP B 251 2.08 14.06 15.71
C ASP B 251 1.77 14.34 14.25
N ALA B 252 2.45 15.31 13.64
CA ALA B 252 2.10 15.77 12.31
C ALA B 252 3.37 16.03 11.50
N LYS B 253 3.17 16.29 10.22
CA LYS B 253 4.26 16.72 9.35
C LYS B 253 4.80 18.07 9.83
N THR B 254 5.92 18.48 9.25
CA THR B 254 6.56 19.73 9.62
C THR B 254 6.74 20.59 8.39
N HIS B 255 6.57 21.91 8.56
CA HIS B 255 6.94 22.83 7.50
C HIS B 255 8.45 22.90 7.38
N ILE B 256 8.92 23.19 6.17
CA ILE B 256 10.34 23.26 5.87
C ILE B 256 10.61 24.58 5.15
N ALA B 257 11.90 24.89 4.99
CA ALA B 257 12.28 26.11 4.31
C ALA B 257 11.68 26.16 2.91
N LEU B 258 11.26 27.36 2.52
CA LEU B 258 10.57 27.74 1.29
C LEU B 258 9.07 27.46 1.36
N ASP B 259 8.56 26.83 2.43
CA ASP B 259 7.12 26.77 2.62
C ASP B 259 6.54 28.14 2.95
N GLY B 260 7.34 29.01 3.57
CA GLY B 260 6.83 30.30 4.04
C GLY B 260 6.24 31.17 2.94
N ARG B 261 6.56 30.88 1.68
CA ARG B 261 6.08 31.71 0.60
C ARG B 261 4.56 31.66 0.47
N LEU B 262 3.93 30.60 0.97
CA LEU B 262 2.47 30.55 0.97
C LEU B 262 1.86 31.54 1.95
N ALA B 263 2.65 32.09 2.88
CA ALA B 263 2.21 33.19 3.71
C ALA B 263 2.87 34.51 3.32
N GLY B 264 3.40 34.58 2.09
CA GLY B 264 4.09 35.77 1.64
C GLY B 264 5.44 35.99 2.27
N ILE B 265 5.99 34.99 2.97
CA ILE B 265 7.27 35.12 3.66
C ILE B 265 8.36 34.54 2.78
N VAL B 266 9.30 35.39 2.38
CA VAL B 266 10.38 34.98 1.49
C VAL B 266 11.76 35.19 2.10
N GLN B 267 11.89 35.95 3.17
CA GLN B 267 13.20 36.19 3.75
C GLN B 267 13.78 34.90 4.32
N PRO B 268 14.98 34.49 3.93
CA PRO B 268 15.56 33.27 4.48
C PRO B 268 15.79 33.38 5.98
N ASN B 269 15.76 32.23 6.65
CA ASN B 269 16.03 32.17 8.08
C ASN B 269 17.48 32.57 8.35
N ASP B 270 17.69 33.48 9.29
CA ASP B 270 19.01 34.03 9.56
C ASP B 270 19.77 33.30 10.65
N GLY B 271 19.19 32.26 11.25
CA GLY B 271 19.88 31.46 12.23
C GLY B 271 20.13 32.14 13.57
N GLN B 272 19.61 33.34 13.77
CA GLN B 272 19.82 34.09 15.01
C GLN B 272 18.67 33.87 15.98
N CYS B 273 18.87 34.34 17.20
CA CYS B 273 17.84 34.28 18.25
C CYS B 273 16.93 35.49 18.12
N HIS B 274 15.62 35.25 18.15
CA HIS B 274 14.63 36.31 18.02
C HIS B 274 13.57 36.19 19.10
N VAL B 275 13.93 35.69 20.28
CA VAL B 275 13.02 35.56 21.40
C VAL B 275 13.48 36.54 22.48
N GLY B 276 12.69 37.59 22.69
CA GLY B 276 13.01 38.65 23.62
C GLY B 276 12.39 38.44 24.99
N SER B 277 12.05 39.55 25.65
CA SER B 277 11.54 39.49 27.02
C SER B 277 10.13 38.90 27.10
N ASP B 278 9.36 38.94 26.02
CA ASP B 278 8.02 38.37 26.04
C ASP B 278 8.01 36.86 25.83
N ASN B 279 9.17 36.26 25.57
CA ASN B 279 9.36 34.82 25.42
C ASN B 279 8.67 34.25 24.19
N HIS B 280 8.37 35.07 23.20
CA HIS B 280 7.80 34.60 21.94
C HIS B 280 8.78 34.87 20.80
N TYR B 281 8.67 34.05 19.76
CA TYR B 281 9.52 34.16 18.57
C TYR B 281 8.99 35.28 17.69
N SER B 282 9.65 36.44 17.75
CA SER B 282 9.16 37.64 17.10
C SER B 282 9.35 37.64 15.58
N ALA B 283 10.17 36.73 15.04
CA ALA B 283 10.39 36.64 13.61
C ALA B 283 9.53 35.57 12.96
N SER B 284 8.49 35.11 13.65
CA SER B 284 7.66 34.02 13.13
C SER B 284 6.94 34.44 11.86
N THR B 285 6.50 35.68 11.78
CA THR B 285 5.69 36.15 10.65
C THR B 285 6.48 36.92 9.61
N THR B 286 7.79 37.10 9.81
CA THR B 286 8.62 37.85 8.87
C THR B 286 9.79 37.05 8.32
N MET B 287 9.98 35.81 8.76
CA MET B 287 11.17 35.03 8.42
C MET B 287 10.77 33.59 8.12
N ASP B 288 11.32 33.05 7.04
CA ASP B 288 10.95 31.73 6.57
C ASP B 288 11.43 30.64 7.54
N TYR B 289 10.88 29.45 7.39
CA TYR B 289 11.30 28.31 8.18
C TYR B 289 12.76 27.98 7.88
N PRO B 290 13.48 27.40 8.84
CA PRO B 290 14.87 27.03 8.58
C PRO B 290 14.99 25.77 7.74
N SER B 291 16.10 25.68 7.03
CA SER B 291 16.42 24.49 6.25
C SER B 291 17.14 23.47 7.12
N LEU B 292 17.17 22.23 6.63
CA LEU B 292 17.81 21.16 7.39
C LEU B 292 19.29 21.42 7.60
N GLY B 293 19.96 21.98 6.59
CA GLY B 293 21.37 22.29 6.73
C GLY B 293 21.63 23.36 7.77
N LEU B 294 20.73 24.36 7.86
CA LEU B 294 20.91 25.42 8.85
C LEU B 294 20.63 24.91 10.26
N MET B 295 19.62 24.06 10.41
CA MET B 295 19.37 23.42 11.70
C MET B 295 20.57 22.58 12.13
N THR B 296 21.12 21.78 11.20
CA THR B 296 22.28 20.96 11.50
C THR B 296 23.46 21.80 11.96
N GLU B 297 23.74 22.91 11.28
CA GLU B 297 24.85 23.77 11.66
C GLU B 297 24.68 24.31 13.08
N LYS B 298 23.46 24.70 13.44
CA LYS B 298 23.23 25.26 14.77
C LYS B 298 23.22 24.17 15.83
N LEU B 299 22.57 23.03 15.53
CA LEU B 299 22.56 21.92 16.46
C LEU B 299 23.97 21.43 16.76
N SER B 300 24.83 21.39 15.74
CA SER B 300 26.22 20.97 15.95
C SER B 300 27.00 22.04 16.71
N GLN B 301 26.77 23.31 16.39
CA GLN B 301 27.50 24.40 17.05
C GLN B 301 27.14 24.51 18.53
N LYS B 302 25.90 24.20 18.89
CA LYS B 302 25.45 24.28 20.27
C LYS B 302 25.51 22.94 20.99
N ASN B 303 25.93 21.86 20.31
CA ASN B 303 26.02 20.52 20.87
C ASN B 303 24.67 20.08 21.44
N ILE B 304 23.63 20.20 20.62
CA ILE B 304 22.28 19.80 20.99
C ILE B 304 22.00 18.43 20.38
N ASN B 305 21.50 17.51 21.21
CA ASN B 305 21.07 16.19 20.76
C ASN B 305 19.57 16.26 20.52
N LEU B 306 19.18 16.44 19.26
CA LEU B 306 17.78 16.54 18.90
C LEU B 306 17.13 15.16 18.93
N ILE B 307 15.91 15.10 19.47
CA ILE B 307 15.16 13.86 19.60
C ILE B 307 13.80 14.06 18.95
N PHE B 308 13.54 13.30 17.88
CA PHE B 308 12.23 13.31 17.22
C PHE B 308 11.34 12.28 17.92
N ALA B 309 10.52 12.75 18.85
CA ALA B 309 9.53 11.91 19.52
C ALA B 309 8.19 12.15 18.84
N VAL B 310 7.86 11.29 17.86
CA VAL B 310 6.71 11.52 17.00
C VAL B 310 5.84 10.27 16.94
N THR B 311 4.59 10.46 16.54
CA THR B 311 3.62 9.38 16.52
C THR B 311 3.86 8.45 15.32
N GLU B 312 3.14 7.32 15.35
CA GLU B 312 3.41 6.24 14.41
C GLU B 312 3.25 6.67 12.96
N ASN B 313 2.33 7.59 12.68
CA ASN B 313 2.03 7.95 11.30
C ASN B 313 3.19 8.69 10.64
N VAL B 314 4.02 9.37 11.41
CA VAL B 314 5.10 10.17 10.86
C VAL B 314 6.48 9.69 11.29
N VAL B 315 6.59 8.46 11.82
N VAL B 315 6.57 8.49 11.86
CA VAL B 315 7.89 7.98 12.27
CA VAL B 315 7.87 7.95 12.27
C VAL B 315 8.82 7.75 11.09
C VAL B 315 8.79 7.84 11.06
N ASN B 316 8.27 7.26 9.97
CA ASN B 316 9.09 7.10 8.76
C ASN B 316 9.53 8.45 8.20
N LEU B 317 8.64 9.45 8.26
CA LEU B 317 9.01 10.79 7.83
C LEU B 317 10.19 11.32 8.64
N TYR B 318 10.07 11.30 9.96
CA TYR B 318 11.12 11.87 10.81
C TYR B 318 12.35 10.98 10.87
N GLN B 319 12.20 9.67 10.69
CA GLN B 319 13.37 8.80 10.55
CA GLN B 319 13.37 8.80 10.55
C GLN B 319 14.18 9.17 9.32
N ASN B 320 13.50 9.64 8.26
CA ASN B 320 14.19 10.05 7.04
C ASN B 320 14.86 11.41 7.21
N TYR B 321 14.21 12.34 7.91
CA TYR B 321 14.86 13.60 8.26
C TYR B 321 16.09 13.35 9.12
N SER B 322 15.96 12.46 10.10
CA SER B 322 17.08 12.17 11.01
C SER B 322 18.32 11.70 10.25
N GLU B 323 18.13 10.95 9.16
CA GLU B 323 19.27 10.53 8.35
C GLU B 323 19.96 11.71 7.67
N LEU B 324 19.24 12.81 7.43
CA LEU B 324 19.84 14.03 6.89
C LEU B 324 20.38 14.96 7.97
N ILE B 325 20.10 14.67 9.24
CA ILE B 325 20.64 15.44 10.36
C ILE B 325 21.40 14.48 11.26
N PRO B 326 22.68 14.21 10.98
CA PRO B 326 23.43 13.25 11.79
C PRO B 326 23.43 13.61 13.27
N GLY B 327 23.32 12.58 14.11
CA GLY B 327 23.23 12.76 15.55
C GLY B 327 21.84 12.81 16.11
N THR B 328 20.81 12.85 15.25
CA THR B 328 19.43 12.94 15.71
C THR B 328 18.87 11.55 16.00
N THR B 329 18.04 11.47 17.03
CA THR B 329 17.40 10.22 17.45
C THR B 329 15.91 10.31 17.18
N VAL B 330 15.31 9.16 16.86
CA VAL B 330 13.88 9.05 16.60
C VAL B 330 13.28 8.05 17.59
N GLY B 331 12.15 8.42 18.19
CA GLY B 331 11.42 7.54 19.07
C GLY B 331 9.93 7.59 18.81
N VAL B 332 9.27 6.42 18.81
CA VAL B 332 7.85 6.34 18.49
C VAL B 332 7.04 6.84 19.69
N LEU B 333 6.22 7.86 19.46
CA LEU B 333 5.42 8.48 20.51
C LEU B 333 3.97 8.03 20.38
N SER B 334 3.34 7.76 21.52
CA SER B 334 1.93 7.38 21.50
C SER B 334 1.05 8.62 21.36
N MET B 335 -0.23 8.38 21.08
CA MET B 335 -1.13 9.47 20.70
C MET B 335 -1.38 10.45 21.84
N ASP B 336 -1.05 10.10 23.08
CA ASP B 336 -1.26 10.98 24.22
C ASP B 336 0.03 11.23 25.00
N SER B 337 1.18 10.90 24.41
CA SER B 337 2.49 11.11 25.01
C SER B 337 2.65 10.36 26.32
N SER B 338 1.84 9.33 26.56
CA SER B 338 1.92 8.59 27.82
C SER B 338 3.20 7.78 27.93
N ASN B 339 3.92 7.57 26.83
CA ASN B 339 5.13 6.75 26.80
C ASN B 339 6.39 7.57 26.62
N VAL B 340 6.31 8.91 26.73
CA VAL B 340 7.45 9.74 26.41
C VAL B 340 8.54 9.61 27.47
N LEU B 341 8.17 9.24 28.70
CA LEU B 341 9.18 9.08 29.76
C LEU B 341 10.19 8.00 29.38
N GLN B 342 9.71 6.83 28.99
CA GLN B 342 10.63 5.78 28.55
C GLN B 342 11.29 6.15 27.23
N LEU B 343 10.59 6.91 26.38
CA LEU B 343 11.17 7.36 25.12
C LEU B 343 12.41 8.22 25.36
N ILE B 344 12.34 9.11 26.35
CA ILE B 344 13.49 9.97 26.66
C ILE B 344 14.63 9.15 27.23
N VAL B 345 14.34 8.29 28.21
CA VAL B 345 15.38 7.46 28.83
C VAL B 345 16.03 6.57 27.79
N ASP B 346 15.22 5.93 26.93
CA ASP B 346 15.79 5.12 25.85
C ASP B 346 16.61 5.97 24.89
N ALA B 347 16.14 7.18 24.59
CA ALA B 347 16.88 8.05 23.68
C ALA B 347 18.19 8.52 24.31
N TYR B 348 18.18 8.79 25.62
CA TYR B 348 19.39 9.26 26.29
C TYR B 348 20.47 8.18 26.28
N GLY B 349 20.11 6.95 26.62
CA GLY B 349 21.08 5.87 26.58
C GLY B 349 21.63 5.65 25.19
N LYS B 350 20.76 5.71 24.18
CA LYS B 350 21.20 5.59 22.80
C LYS B 350 22.12 6.73 22.38
N ILE B 351 22.04 7.87 23.06
CA ILE B 351 22.87 9.03 22.71
C ILE B 351 24.30 8.83 23.22
N ARG B 352 24.45 8.31 24.43
CA ARG B 352 25.76 8.11 25.02
C ARG B 352 26.36 6.75 24.70
N SER B 353 25.82 6.03 23.73
CA SER B 353 26.33 4.73 23.33
C SER B 353 27.30 4.79 22.17
N LYS B 354 27.56 5.98 21.62
CA LYS B 354 28.45 6.15 20.48
C LYS B 354 29.63 7.02 20.86
N VAL B 355 30.78 6.73 20.24
CA VAL B 355 31.99 7.52 20.40
C VAL B 355 32.65 7.67 19.04
N GLU B 356 32.52 8.84 18.42
CA GLU B 356 33.08 9.09 17.10
C GLU B 356 34.06 10.25 17.17
N LEU B 357 35.27 10.04 16.67
CA LEU B 357 36.30 11.05 16.71
C LEU B 357 36.15 12.01 15.54
N GLU B 358 36.55 13.26 15.77
CA GLU B 358 36.52 14.32 14.77
C GLU B 358 37.87 15.04 14.77
N VAL B 359 38.36 15.34 13.56
CA VAL B 359 39.67 15.99 13.38
C VAL B 359 39.42 17.42 12.96
N ARG B 360 40.03 18.37 13.67
CA ARG B 360 39.87 19.79 13.41
C ARG B 360 41.23 20.42 13.15
N ASP B 361 41.32 21.21 12.08
CA ASP B 361 42.51 21.99 11.73
C ASP B 361 43.69 21.10 11.35
N LEU B 362 43.42 20.02 10.64
CA LEU B 362 44.47 19.12 10.18
C LEU B 362 45.24 19.75 9.04
N PRO B 363 46.56 19.91 9.15
CA PRO B 363 47.33 20.48 8.04
C PRO B 363 47.18 19.67 6.76
N GLU B 364 47.21 20.37 5.62
CA GLU B 364 47.02 19.72 4.33
C GLU B 364 48.06 18.62 4.10
N GLU B 365 49.31 18.87 4.49
CA GLU B 365 50.38 17.90 4.29
C GLU B 365 50.28 16.71 5.23
N LEU B 366 49.39 16.74 6.22
CA LEU B 366 49.25 15.66 7.19
C LEU B 366 48.04 14.79 6.85
N SER B 367 48.23 13.47 7.00
CA SER B 367 47.16 12.50 6.88
C SER B 367 47.16 11.62 8.12
N LEU B 368 45.98 11.12 8.48
CA LEU B 368 45.81 10.35 9.70
C LEU B 368 45.16 9.01 9.39
N SER B 369 45.48 8.02 10.23
CA SER B 369 44.90 6.69 10.16
C SER B 369 44.49 6.26 11.56
N PHE B 370 43.43 5.45 11.64
CA PHE B 370 42.82 5.11 12.92
C PHE B 370 42.58 3.61 13.03
N ASN B 371 42.90 3.06 14.19
CA ASN B 371 42.57 1.68 14.55
C ASN B 371 41.78 1.71 15.85
N ALA B 372 40.48 1.44 15.78
CA ALA B 372 39.63 1.52 16.95
C ALA B 372 39.71 0.23 17.77
N THR B 373 39.48 0.38 19.08
CA THR B 373 39.44 -0.75 20.00
C THR B 373 38.17 -0.61 20.84
N CYS B 374 37.13 -1.31 20.44
CA CYS B 374 35.83 -1.25 21.08
C CYS B 374 35.52 -2.57 21.78
N LEU B 375 34.39 -2.59 22.48
CA LEU B 375 33.87 -3.79 23.15
C LEU B 375 34.88 -4.39 24.13
N ASN B 376 35.72 -5.32 23.64
CA ASN B 376 36.65 -6.05 24.51
C ASN B 376 37.96 -6.29 23.75
N ASN B 377 38.80 -5.26 23.71
CA ASN B 377 40.17 -5.35 23.19
C ASN B 377 40.21 -5.90 21.77
N GLU B 378 39.17 -5.62 20.98
CA GLU B 378 39.12 -6.04 19.59
C GLU B 378 39.49 -4.85 18.71
N VAL B 379 40.62 -4.96 18.03
CA VAL B 379 41.10 -3.87 17.18
C VAL B 379 40.40 -3.93 15.83
N ILE B 380 39.83 -2.80 15.43
CA ILE B 380 39.16 -2.67 14.13
C ILE B 380 39.91 -1.62 13.32
N PRO B 381 40.71 -2.05 12.34
CA PRO B 381 41.52 -1.08 11.59
C PRO B 381 40.66 -0.19 10.71
N GLY B 382 41.21 0.97 10.37
CA GLY B 382 40.52 1.93 9.53
C GLY B 382 39.19 2.38 10.07
N LEU B 383 39.08 2.54 11.40
CA LEU B 383 37.84 2.92 12.04
C LEU B 383 38.15 3.92 13.15
N LYS B 384 37.35 4.97 13.23
CA LYS B 384 37.51 6.02 14.23
C LYS B 384 36.21 6.28 14.96
N SER B 385 35.42 5.23 15.20
CA SER B 385 34.19 5.37 15.95
C SER B 385 33.75 4.00 16.47
N CYS B 386 33.22 3.99 17.69
CA CYS B 386 32.67 2.78 18.31
C CYS B 386 31.18 2.97 18.54
N MET B 387 30.44 1.86 18.58
CA MET B 387 29.00 1.89 18.79
C MET B 387 28.60 0.78 19.74
N GLY B 388 27.39 0.90 20.28
CA GLY B 388 26.87 -0.07 21.21
C GLY B 388 27.43 0.02 22.61
N LEU B 389 27.97 1.17 22.99
CA LEU B 389 28.62 1.33 24.28
C LEU B 389 27.58 1.56 25.39
N LYS B 390 28.07 1.56 26.63
CA LYS B 390 27.23 1.81 27.79
C LYS B 390 27.86 2.90 28.64
N ILE B 391 27.06 3.47 29.54
CA ILE B 391 27.56 4.50 30.46
C ILE B 391 28.68 3.89 31.31
N GLY B 392 29.88 4.43 31.15
CA GLY B 392 31.04 3.98 31.91
C GLY B 392 32.07 3.23 31.10
N ASP B 393 31.75 2.85 29.85
CA ASP B 393 32.72 2.13 29.04
C ASP B 393 33.84 3.04 28.59
N THR B 394 34.92 2.43 28.11
CA THR B 394 36.11 3.16 27.68
C THR B 394 36.66 2.51 26.41
N VAL B 395 36.97 3.34 25.41
CA VAL B 395 37.53 2.87 24.16
C VAL B 395 38.82 3.64 23.89
N SER B 396 39.66 3.07 23.01
CA SER B 396 40.93 3.66 22.67
C SER B 396 41.14 3.57 21.17
N PHE B 397 41.87 4.54 20.63
CA PHE B 397 42.13 4.64 19.20
C PHE B 397 43.63 4.81 18.96
N SER B 398 44.18 3.96 18.11
CA SER B 398 45.56 4.10 17.67
C SER B 398 45.60 4.99 16.44
N ILE B 399 46.46 6.01 16.46
CA ILE B 399 46.51 7.04 15.44
C ILE B 399 47.92 7.17 14.91
N GLU B 400 48.07 7.23 13.59
CA GLU B 400 49.35 7.48 12.95
C GLU B 400 49.25 8.73 12.08
N ALA B 401 50.26 9.59 12.17
CA ALA B 401 50.33 10.82 11.39
C ALA B 401 51.45 10.69 10.36
N LYS B 402 51.13 10.99 9.11
CA LYS B 402 52.10 10.93 8.02
C LYS B 402 52.17 12.29 7.34
N VAL B 403 53.39 12.82 7.21
CA VAL B 403 53.62 14.13 6.62
C VAL B 403 54.21 13.96 5.23
N ARG B 404 53.72 14.75 4.27
CA ARG B 404 54.21 14.72 2.90
C ARG B 404 55.28 15.79 2.76
N GLY B 405 56.54 15.36 2.77
CA GLY B 405 57.63 16.31 2.61
C GLY B 405 57.81 17.19 3.83
N CYS B 406 58.19 18.43 3.60
CA CYS B 406 58.40 19.41 4.67
C CYS B 406 57.62 20.68 4.34
N PRO B 407 56.67 21.08 5.16
CA PRO B 407 55.91 22.31 4.87
C PRO B 407 56.71 23.56 5.14
N GLN B 408 56.12 24.72 4.84
CA GLN B 408 56.80 26.00 5.06
C GLN B 408 56.85 26.33 6.55
N GLU B 409 55.70 26.36 7.20
CA GLU B 409 55.63 26.61 8.64
C GLU B 409 56.06 25.35 9.38
N LYS B 410 56.95 25.50 10.35
CA LYS B 410 57.50 24.36 11.07
C LYS B 410 56.70 23.95 12.29
N GLU B 411 55.79 24.80 12.77
CA GLU B 411 55.01 24.51 13.97
C GLU B 411 53.53 24.74 13.68
N LYS B 412 52.75 23.66 13.75
CA LYS B 412 51.30 23.72 13.62
C LYS B 412 50.69 22.82 14.68
N SER B 413 49.38 22.95 14.88
CA SER B 413 48.69 22.14 15.86
C SER B 413 47.24 21.95 15.44
N PHE B 414 46.72 20.74 15.69
CA PHE B 414 45.35 20.38 15.36
C PHE B 414 44.70 19.69 16.56
N THR B 415 43.44 19.29 16.39
CA THR B 415 42.63 18.77 17.49
C THR B 415 41.95 17.48 17.09
N ILE B 416 41.89 16.54 18.02
CA ILE B 416 41.13 15.30 17.86
C ILE B 416 40.07 15.30 18.97
N LYS B 417 38.81 15.47 18.58
CA LYS B 417 37.74 15.56 19.57
C LYS B 417 36.63 14.58 19.25
N PRO B 418 36.12 13.88 20.26
CA PRO B 418 34.91 13.08 20.06
C PRO B 418 33.69 13.97 19.85
N VAL B 419 32.77 13.50 19.02
CA VAL B 419 31.59 14.30 18.68
C VAL B 419 30.71 14.44 19.90
N GLY B 420 30.36 15.70 20.24
CA GLY B 420 29.50 15.99 21.36
C GLY B 420 30.21 16.08 22.70
N PHE B 421 31.52 15.91 22.74
CA PHE B 421 32.29 15.91 23.98
C PHE B 421 32.89 17.29 24.22
N LYS B 422 33.06 17.62 25.51
CA LYS B 422 33.70 18.87 25.88
C LYS B 422 35.22 18.78 25.74
N ASP B 423 35.80 17.65 26.16
CA ASP B 423 37.24 17.48 26.15
C ASP B 423 37.73 17.04 24.77
N SER B 424 39.03 17.19 24.55
CA SER B 424 39.65 16.84 23.28
C SER B 424 41.14 16.66 23.49
N LEU B 425 41.81 16.18 22.44
CA LEU B 425 43.25 16.03 22.42
C LEU B 425 43.85 17.05 21.46
N ILE B 426 44.84 17.80 21.93
CA ILE B 426 45.56 18.77 21.11
C ILE B 426 46.91 18.19 20.75
N VAL B 427 47.23 18.16 19.46
CA VAL B 427 48.48 17.63 18.96
C VAL B 427 49.30 18.80 18.45
N GLN B 428 50.38 19.13 19.16
CA GLN B 428 51.29 20.19 18.75
C GLN B 428 52.38 19.57 17.87
N VAL B 429 52.34 19.89 16.58
CA VAL B 429 53.22 19.28 15.59
C VAL B 429 54.40 20.19 15.33
N THR B 430 55.61 19.63 15.37
CA THR B 430 56.84 20.34 15.02
C THR B 430 57.52 19.59 13.88
N PHE B 431 57.83 20.30 12.81
CA PHE B 431 58.45 19.70 11.63
C PHE B 431 59.95 19.93 11.71
N ASP B 432 60.71 18.85 11.93
CA ASP B 432 62.16 18.91 12.09
C ASP B 432 62.80 18.63 10.73
N CYS B 433 62.91 19.70 9.93
CA CYS B 433 63.51 19.61 8.61
C CYS B 433 64.91 20.18 8.54
N ASP B 434 65.32 20.98 9.50
CA ASP B 434 66.59 21.68 9.45
C ASP B 434 67.61 21.01 10.38
N CYS B 435 68.86 21.44 10.24
CA CYS B 435 69.97 20.95 11.05
C CYS B 435 70.41 22.03 12.03
N ALA B 436 70.90 21.58 13.19
CA ALA B 436 71.35 22.53 14.21
C ALA B 436 72.56 23.33 13.77
N CYS B 437 73.32 22.83 12.79
CA CYS B 437 74.51 23.54 12.33
C CYS B 437 74.18 24.75 11.47
N GLN B 438 72.96 24.81 10.92
CA GLN B 438 72.59 25.96 10.10
C GLN B 438 72.46 27.23 10.94
N ALA B 439 72.02 27.11 12.19
CA ALA B 439 71.92 28.26 13.09
C ALA B 439 73.27 28.85 13.44
N GLN B 440 74.37 28.16 13.11
CA GLN B 440 75.73 28.63 13.35
C GLN B 440 76.52 28.61 12.05
N ALA B 441 75.93 29.14 10.99
CA ALA B 441 76.57 29.20 9.68
C ALA B 441 77.47 30.42 9.58
N GLU B 442 78.22 30.49 8.48
CA GLU B 442 79.18 31.57 8.25
C GLU B 442 78.95 32.16 6.87
N PRO B 443 78.21 33.26 6.77
CA PRO B 443 78.00 33.90 5.46
C PRO B 443 79.26 34.61 4.99
N ASN B 444 79.42 34.64 3.67
CA ASN B 444 80.60 35.25 3.02
C ASN B 444 81.89 34.63 3.55
N SER B 445 81.90 33.30 3.64
CA SER B 445 83.00 32.61 4.28
C SER B 445 84.28 32.69 3.45
N HIS B 446 85.41 32.87 4.14
CA HIS B 446 86.70 32.85 3.47
C HIS B 446 87.00 31.48 2.89
N ARG B 447 86.47 30.41 3.50
CA ARG B 447 86.69 29.07 2.99
C ARG B 447 85.94 28.81 1.69
N CYS B 448 84.96 29.63 1.35
CA CYS B 448 84.02 29.34 0.27
C CYS B 448 84.20 30.35 -0.86
N ASN B 449 85.11 30.03 -1.78
CA ASN B 449 85.24 30.74 -3.06
C ASN B 449 85.49 32.23 -2.85
N ASN B 450 86.42 32.55 -1.93
CA ASN B 450 86.83 33.93 -1.65
C ASN B 450 85.65 34.79 -1.21
N GLY B 451 84.92 34.31 -0.21
CA GLY B 451 83.82 35.07 0.32
C GLY B 451 82.60 35.18 -0.58
N ASN B 452 82.51 34.33 -1.60
CA ASN B 452 81.35 34.32 -2.48
C ASN B 452 80.26 33.37 -2.03
N GLY B 453 80.56 32.47 -1.09
CA GLY B 453 79.59 31.49 -0.63
C GLY B 453 79.52 31.46 0.88
N THR B 454 78.62 30.60 1.38
CA THR B 454 78.37 30.44 2.80
C THR B 454 78.88 29.08 3.26
N PHE B 455 79.45 29.05 4.47
CA PHE B 455 79.98 27.84 5.08
C PHE B 455 79.03 27.40 6.18
N GLU B 456 78.21 26.38 5.89
CA GLU B 456 77.30 25.83 6.88
C GLU B 456 77.43 24.30 6.89
N CYS B 457 77.48 23.74 8.08
CA CYS B 457 77.49 22.28 8.29
C CYS B 457 78.67 21.61 7.60
N GLY B 458 79.78 22.32 7.45
CA GLY B 458 81.00 21.74 6.93
C GLY B 458 81.14 21.75 5.42
N VAL B 459 80.23 22.41 4.70
CA VAL B 459 80.29 22.48 3.25
C VAL B 459 80.03 23.93 2.83
N CYS B 460 80.31 24.20 1.55
CA CYS B 460 80.10 25.51 0.97
C CYS B 460 78.80 25.55 0.19
N ARG B 461 78.06 26.64 0.36
CA ARG B 461 76.78 26.84 -0.31
C ARG B 461 76.80 28.19 -1.01
N CYS B 462 76.04 28.27 -2.12
CA CYS B 462 75.93 29.53 -2.84
C CYS B 462 75.17 30.55 -2.01
N GLY B 463 75.71 31.76 -1.94
CA GLY B 463 75.12 32.81 -1.16
C GLY B 463 73.88 33.40 -1.82
N PRO B 464 73.19 34.29 -1.11
CA PRO B 464 71.99 34.92 -1.67
C PRO B 464 72.32 35.78 -2.88
N GLY B 465 71.65 35.50 -3.99
CA GLY B 465 71.89 36.20 -5.22
C GLY B 465 72.67 35.43 -6.26
N TRP B 466 73.04 34.19 -5.97
CA TRP B 466 73.78 33.36 -6.93
C TRP B 466 72.89 32.24 -7.46
N LEU C 1 -19.25 -51.68 -9.61
CA LEU C 1 -20.16 -52.57 -10.32
C LEU C 1 -20.48 -53.81 -9.49
N ASN C 2 -19.44 -54.41 -8.91
CA ASN C 2 -19.57 -55.69 -8.21
C ASN C 2 -19.11 -55.60 -6.75
N LEU C 3 -19.17 -54.42 -6.16
CA LEU C 3 -18.97 -54.29 -4.72
C LEU C 3 -20.27 -54.64 -4.00
N ASP C 4 -20.18 -55.48 -2.99
CA ASP C 4 -21.35 -55.93 -2.24
C ASP C 4 -21.85 -54.84 -1.30
N PRO C 5 -23.03 -54.28 -1.52
CA PRO C 5 -23.59 -53.29 -0.60
C PRO C 5 -24.55 -53.85 0.44
N VAL C 6 -24.67 -55.18 0.53
CA VAL C 6 -25.63 -55.81 1.42
C VAL C 6 -24.97 -56.31 2.69
N GLN C 7 -23.82 -56.96 2.57
N GLN C 7 -23.80 -56.94 2.57
CA GLN C 7 -23.08 -57.50 3.72
CA GLN C 7 -23.07 -57.49 3.71
C GLN C 7 -21.75 -56.76 3.84
C GLN C 7 -21.75 -56.75 3.82
N LEU C 8 -21.71 -55.75 4.71
CA LEU C 8 -20.52 -54.94 4.92
C LEU C 8 -19.76 -55.42 6.15
N THR C 9 -18.59 -54.83 6.34
CA THR C 9 -17.77 -55.05 7.52
C THR C 9 -17.46 -53.69 8.15
N PHE C 10 -17.70 -53.57 9.45
CA PHE C 10 -17.56 -52.30 10.16
C PHE C 10 -16.50 -52.42 11.25
N TYR C 11 -15.57 -51.47 11.26
CA TYR C 11 -14.63 -51.29 12.36
C TYR C 11 -14.94 -49.96 13.04
N ALA C 12 -14.73 -49.90 14.35
CA ALA C 12 -15.12 -48.72 15.13
C ALA C 12 -14.00 -48.33 16.07
N GLY C 13 -13.92 -47.03 16.35
CA GLY C 13 -13.00 -46.49 17.31
C GLY C 13 -13.71 -45.73 18.41
N PRO C 14 -12.94 -45.11 19.30
CA PRO C 14 -13.56 -44.37 20.41
C PRO C 14 -14.33 -43.16 19.92
N ASN C 15 -15.32 -42.75 20.71
CA ASN C 15 -16.09 -41.55 20.40
C ASN C 15 -15.19 -40.32 20.37
N GLY C 16 -15.43 -39.45 19.41
CA GLY C 16 -14.67 -38.22 19.27
C GLY C 16 -13.25 -38.38 18.78
N SER C 17 -12.79 -39.62 18.55
CA SER C 17 -11.42 -39.84 18.10
C SER C 17 -11.23 -39.55 16.62
N GLN C 18 -12.31 -39.35 15.86
CA GLN C 18 -12.26 -39.24 14.40
C GLN C 18 -11.59 -40.46 13.78
N PHE C 19 -11.84 -41.63 14.36
CA PHE C 19 -11.44 -42.91 13.81
C PHE C 19 -11.92 -43.01 12.37
N GLY C 20 -11.00 -43.26 11.45
CA GLY C 20 -11.31 -43.32 10.04
C GLY C 20 -11.05 -42.05 9.28
N PHE C 21 -10.48 -41.02 9.92
CA PHE C 21 -10.08 -39.82 9.19
C PHE C 21 -9.08 -40.14 8.10
N SER C 22 -8.21 -41.13 8.33
CA SER C 22 -7.30 -41.65 7.32
C SER C 22 -7.20 -43.15 7.48
N LEU C 23 -6.94 -43.83 6.36
CA LEU C 23 -6.81 -45.29 6.39
C LEU C 23 -5.95 -45.72 5.21
N ASP C 24 -5.54 -46.98 5.26
CA ASP C 24 -4.77 -47.61 4.19
C ASP C 24 -4.69 -49.10 4.49
N PHE C 25 -4.49 -49.89 3.43
CA PHE C 25 -4.20 -51.30 3.62
C PHE C 25 -2.77 -51.47 4.11
N HIS C 26 -2.52 -52.59 4.79
CA HIS C 26 -1.19 -52.90 5.30
C HIS C 26 -0.94 -54.39 5.17
N LYS C 27 0.14 -54.75 4.49
CA LYS C 27 0.60 -56.13 4.41
C LYS C 27 1.75 -56.33 5.39
N ASP C 28 1.63 -57.34 6.26
CA ASP C 28 2.76 -57.71 7.08
C ASP C 28 3.77 -58.49 6.24
N SER C 29 4.86 -58.93 6.88
CA SER C 29 5.91 -59.63 6.15
C SER C 29 5.39 -60.89 5.47
N HIS C 30 4.34 -61.50 6.03
CA HIS C 30 3.74 -62.69 5.45
C HIS C 30 2.66 -62.39 4.44
N GLY C 31 2.54 -61.14 3.98
CA GLY C 31 1.58 -60.78 2.98
C GLY C 31 0.13 -60.73 3.44
N ARG C 32 -0.11 -60.77 4.74
CA ARG C 32 -1.47 -60.75 5.27
C ARG C 32 -1.96 -59.31 5.35
N VAL C 33 -3.09 -59.02 4.71
CA VAL C 33 -3.59 -57.66 4.57
C VAL C 33 -4.41 -57.29 5.81
N ALA C 34 -4.06 -56.17 6.43
CA ALA C 34 -4.82 -55.57 7.51
C ALA C 34 -5.16 -54.13 7.12
N ILE C 35 -5.88 -53.44 8.01
CA ILE C 35 -6.29 -52.06 7.78
C ILE C 35 -5.72 -51.21 8.92
N VAL C 36 -4.88 -50.24 8.56
CA VAL C 36 -4.36 -49.26 9.52
C VAL C 36 -5.24 -48.02 9.43
N VAL C 37 -5.69 -47.54 10.59
CA VAL C 37 -6.70 -46.48 10.66
C VAL C 37 -6.14 -45.32 11.47
N GLY C 38 -6.37 -44.11 10.99
CA GLY C 38 -5.96 -42.90 11.69
C GLY C 38 -7.12 -42.32 12.47
N ALA C 39 -6.83 -41.90 13.70
CA ALA C 39 -7.83 -41.30 14.59
C ALA C 39 -7.20 -40.06 15.22
N PRO C 40 -7.21 -38.94 14.49
CA PRO C 40 -6.40 -37.77 14.89
C PRO C 40 -6.85 -37.08 16.16
N ARG C 41 -7.98 -37.44 16.75
CA ARG C 41 -8.41 -36.81 18.00
C ARG C 41 -8.57 -37.81 19.13
N THR C 42 -7.88 -38.95 19.06
CA THR C 42 -7.85 -39.89 20.17
C THR C 42 -7.20 -39.24 21.38
N LEU C 43 -7.71 -39.56 22.56
CA LEU C 43 -7.14 -39.02 23.79
C LEU C 43 -5.77 -39.62 24.06
N GLY C 44 -4.84 -38.78 24.48
CA GLY C 44 -3.53 -39.23 24.90
C GLY C 44 -3.52 -39.56 26.38
N PRO C 45 -2.33 -39.80 26.93
CA PRO C 45 -2.26 -40.17 28.36
C PRO C 45 -2.64 -39.03 29.28
N SER C 46 -2.28 -37.79 28.94
CA SER C 46 -2.58 -36.61 29.72
C SER C 46 -4.06 -36.21 29.65
N GLN C 47 -4.92 -37.09 29.13
CA GLN C 47 -6.34 -36.81 28.98
C GLN C 47 -6.60 -35.60 28.09
N GLU C 48 -5.72 -35.39 27.10
CA GLU C 48 -5.89 -34.39 26.07
C GLU C 48 -5.80 -35.03 24.71
N GLU C 49 -6.45 -34.41 23.73
CA GLU C 49 -6.42 -34.94 22.37
C GLU C 49 -5.00 -34.92 21.83
N THR C 50 -4.53 -36.07 21.37
CA THR C 50 -3.26 -36.18 20.66
C THR C 50 -3.36 -36.97 19.37
N GLY C 51 -4.40 -37.76 19.17
CA GLY C 51 -4.47 -38.65 18.04
C GLY C 51 -3.94 -40.03 18.35
N GLY C 52 -4.18 -40.95 17.43
CA GLY C 52 -3.76 -42.32 17.62
C GLY C 52 -3.93 -43.10 16.33
N VAL C 53 -3.38 -44.32 16.34
CA VAL C 53 -3.40 -45.19 15.17
C VAL C 53 -3.84 -46.58 15.62
N PHE C 54 -4.64 -47.24 14.79
CA PHE C 54 -5.14 -48.58 15.07
C PHE C 54 -4.84 -49.49 13.89
N LEU C 55 -4.41 -50.71 14.18
CA LEU C 55 -4.08 -51.71 13.17
C LEU C 55 -5.16 -52.78 13.24
N CYS C 56 -6.10 -52.74 12.29
CA CYS C 56 -7.26 -53.61 12.32
C CYS C 56 -6.98 -54.90 11.55
N PRO C 57 -6.92 -56.05 12.21
CA PRO C 57 -6.85 -57.31 11.46
C PRO C 57 -8.14 -57.56 10.70
N TRP C 58 -8.01 -58.26 9.58
CA TRP C 58 -9.17 -58.50 8.73
C TRP C 58 -10.08 -59.54 9.37
N ARG C 59 -11.28 -59.13 9.75
CA ARG C 59 -12.31 -60.02 10.25
C ARG C 59 -13.61 -59.63 9.56
N ALA C 60 -14.31 -60.62 8.99
CA ALA C 60 -15.55 -60.35 8.28
C ALA C 60 -16.57 -59.67 9.17
N GLU C 61 -16.51 -59.93 10.48
CA GLU C 61 -17.41 -59.30 11.43
C GLU C 61 -16.88 -57.96 11.94
N GLY C 62 -15.66 -57.59 11.61
CA GLY C 62 -15.12 -56.30 12.03
C GLY C 62 -14.97 -56.22 13.54
N GLY C 63 -15.39 -55.10 14.10
CA GLY C 63 -15.32 -54.89 15.54
C GLY C 63 -14.29 -53.86 15.94
N GLN C 64 -13.65 -54.07 17.08
CA GLN C 64 -12.64 -53.18 17.61
C GLN C 64 -11.26 -53.55 17.06
N CYS C 65 -10.31 -52.63 17.21
CA CYS C 65 -8.96 -52.84 16.72
C CYS C 65 -7.96 -52.52 17.81
N PRO C 66 -6.82 -53.21 17.84
CA PRO C 66 -5.77 -52.87 18.80
C PRO C 66 -5.06 -51.59 18.40
N SER C 67 -4.44 -50.96 19.41
CA SER C 67 -3.70 -49.73 19.18
C SER C 67 -2.28 -50.03 18.72
N LEU C 68 -1.78 -49.20 17.80
CA LEU C 68 -0.37 -49.20 17.42
C LEU C 68 0.27 -48.06 18.19
N LEU C 69 1.02 -48.41 19.25
CA LEU C 69 1.44 -47.44 20.24
C LEU C 69 2.60 -46.58 19.74
N PHE C 70 2.54 -45.29 20.08
CA PHE C 70 3.60 -44.34 19.79
C PHE C 70 3.85 -43.49 21.02
N ASP C 71 5.08 -42.99 21.13
CA ASP C 71 5.45 -42.13 22.25
C ASP C 71 4.72 -40.80 22.14
N LEU C 72 3.90 -40.49 23.15
CA LEU C 72 3.12 -39.26 23.19
C LEU C 72 3.66 -38.26 24.20
N ARG C 73 4.82 -38.52 24.79
CA ARG C 73 5.40 -37.61 25.76
C ARG C 73 5.98 -36.38 25.08
N ASP C 74 5.59 -35.20 25.55
CA ASP C 74 6.28 -33.97 25.14
C ASP C 74 7.75 -34.06 25.55
N GLU C 75 8.62 -33.61 24.66
CA GLU C 75 10.06 -33.75 24.85
C GLU C 75 10.72 -32.40 25.09
N THR C 76 11.81 -32.42 25.84
CA THR C 76 12.58 -31.22 26.14
C THR C 76 14.06 -31.60 26.18
N ARG C 77 14.87 -30.91 25.37
CA ARG C 77 16.30 -31.16 25.34
C ARG C 77 17.04 -29.83 25.50
N ASN C 78 17.93 -29.76 26.48
CA ASN C 78 18.79 -28.61 26.69
C ASN C 78 20.17 -28.95 26.13
N VAL C 79 20.49 -28.38 24.97
CA VAL C 79 21.75 -28.66 24.29
C VAL C 79 22.18 -27.42 23.52
N GLY C 80 23.48 -27.16 23.52
CA GLY C 80 24.01 -26.02 22.80
C GLY C 80 23.48 -24.70 23.31
N SER C 81 23.24 -24.59 24.61
CA SER C 81 22.68 -23.41 25.25
C SER C 81 21.30 -23.04 24.72
N GLN C 82 20.62 -24.01 24.11
CA GLN C 82 19.25 -23.84 23.63
C GLN C 82 18.36 -24.88 24.28
N THR C 83 17.06 -24.62 24.27
CA THR C 83 16.06 -25.54 24.81
C THR C 83 15.17 -25.99 23.66
N LEU C 84 15.31 -27.24 23.25
CA LEU C 84 14.46 -27.82 22.22
C LEU C 84 13.21 -28.38 22.88
N GLN C 85 12.05 -28.04 22.31
CA GLN C 85 10.76 -28.43 22.87
C GLN C 85 9.86 -29.00 21.79
N THR C 86 9.17 -30.10 22.11
CA THR C 86 8.12 -30.64 21.27
C THR C 86 6.80 -30.57 22.02
N PHE C 87 5.70 -30.45 21.27
CA PHE C 87 4.37 -30.34 21.84
C PHE C 87 3.42 -31.22 21.04
N LYS C 88 2.84 -32.22 21.70
CA LYS C 88 1.98 -33.19 21.04
C LYS C 88 0.52 -33.03 21.39
N ALA C 89 0.16 -32.05 22.22
CA ALA C 89 -1.24 -31.77 22.48
C ALA C 89 -1.91 -31.28 21.20
N ARG C 90 -2.98 -31.97 20.80
CA ARG C 90 -3.73 -31.66 19.58
C ARG C 90 -2.84 -31.75 18.34
N GLN C 91 -1.86 -32.66 18.36
CA GLN C 91 -0.97 -32.81 17.22
C GLN C 91 -1.66 -33.49 16.04
N GLY C 92 -2.79 -34.15 16.28
CA GLY C 92 -3.48 -34.84 15.21
C GLY C 92 -2.76 -36.06 14.68
N LEU C 93 -2.18 -36.86 15.57
CA LEU C 93 -1.56 -38.12 15.16
C LEU C 93 -2.60 -39.03 14.51
N GLY C 94 -2.29 -39.48 13.30
CA GLY C 94 -3.25 -40.24 12.53
C GLY C 94 -4.05 -39.42 11.55
N ALA C 95 -3.78 -38.12 11.44
CA ALA C 95 -4.44 -37.31 10.40
C ALA C 95 -4.09 -37.80 9.00
N SER C 96 -3.03 -38.58 8.87
CA SER C 96 -2.71 -39.25 7.62
C SER C 96 -1.88 -40.49 7.93
N VAL C 97 -2.22 -41.60 7.31
CA VAL C 97 -1.46 -42.84 7.45
C VAL C 97 -1.20 -43.40 6.06
N VAL C 98 -0.07 -44.09 5.92
CA VAL C 98 0.30 -44.75 4.67
C VAL C 98 1.19 -45.92 5.01
N SER C 99 1.00 -47.03 4.29
CA SER C 99 1.76 -48.25 4.51
C SER C 99 2.63 -48.55 3.31
N TRP C 100 3.84 -49.04 3.58
CA TRP C 100 4.75 -49.47 2.52
C TRP C 100 5.60 -50.59 3.09
N SER C 101 5.61 -51.72 2.39
CA SER C 101 6.28 -52.96 2.86
C SER C 101 5.66 -53.29 4.22
N ASP C 102 6.47 -53.65 5.23
CA ASP C 102 5.97 -53.90 6.57
C ASP C 102 6.14 -52.68 7.48
N VAL C 103 6.04 -51.48 6.92
CA VAL C 103 6.24 -50.24 7.66
C VAL C 103 4.97 -49.40 7.56
N ILE C 104 4.63 -48.71 8.64
CA ILE C 104 3.50 -47.80 8.70
C ILE C 104 4.02 -46.41 9.04
N VAL C 105 3.48 -45.40 8.35
CA VAL C 105 3.88 -44.01 8.55
C VAL C 105 2.63 -43.23 8.97
N ALA C 106 2.55 -42.86 10.24
CA ALA C 106 1.46 -42.06 10.78
C ALA C 106 1.99 -40.68 11.14
N CYS C 107 1.29 -39.64 10.69
CA CYS C 107 1.78 -38.28 10.80
C CYS C 107 0.89 -37.45 11.72
N ALA C 108 1.52 -36.50 12.41
CA ALA C 108 0.84 -35.54 13.28
C ALA C 108 1.13 -34.15 12.72
N PRO C 109 0.40 -33.73 11.69
CA PRO C 109 0.75 -32.47 11.01
C PRO C 109 0.67 -31.24 11.89
N TRP C 110 -0.01 -31.30 13.03
CA TRP C 110 -0.14 -30.14 13.90
C TRP C 110 0.69 -30.27 15.18
N GLN C 111 1.72 -31.12 15.17
CA GLN C 111 2.66 -31.15 16.28
C GLN C 111 3.46 -29.86 16.29
N HIS C 112 3.51 -29.21 17.45
CA HIS C 112 4.18 -27.93 17.57
C HIS C 112 5.63 -28.11 18.00
N TRP C 113 6.41 -27.05 17.82
CA TRP C 113 7.84 -27.07 18.08
C TRP C 113 8.29 -25.66 18.41
N ASN C 114 9.25 -25.56 19.33
CA ASN C 114 9.78 -24.26 19.74
C ASN C 114 11.20 -24.46 20.25
N VAL C 115 12.00 -23.40 20.14
CA VAL C 115 13.37 -23.40 20.61
C VAL C 115 13.57 -22.15 21.46
N LEU C 116 14.06 -22.33 22.68
CA LEU C 116 14.28 -21.23 23.61
C LEU C 116 15.78 -20.93 23.71
N GLU C 117 16.11 -19.65 23.83
CA GLU C 117 17.51 -19.22 23.98
C GLU C 117 17.48 -17.88 24.71
N LYS C 118 17.81 -17.90 26.01
CA LYS C 118 17.71 -16.74 26.87
C LYS C 118 16.31 -16.14 26.80
N THR C 119 16.19 -14.88 26.38
CA THR C 119 14.89 -14.25 26.26
C THR C 119 14.31 -14.33 24.85
N GLU C 120 15.00 -14.98 23.92
CA GLU C 120 14.53 -15.13 22.56
C GLU C 120 13.94 -16.51 22.34
N GLU C 121 13.31 -16.70 21.18
CA GLU C 121 12.69 -17.97 20.86
C GLU C 121 12.56 -18.08 19.35
N ALA C 122 12.21 -19.29 18.89
CA ALA C 122 11.89 -19.52 17.49
C ALA C 122 10.41 -19.35 17.17
N GLU C 123 9.59 -19.12 18.21
CA GLU C 123 8.12 -19.13 18.18
C GLU C 123 7.58 -20.56 18.13
N LYS C 124 6.53 -20.81 18.89
CA LYS C 124 5.94 -22.14 19.04
C LYS C 124 4.98 -22.39 17.89
N THR C 125 5.42 -23.17 16.91
CA THR C 125 4.73 -23.29 15.63
C THR C 125 4.52 -24.75 15.25
N PRO C 126 3.47 -25.05 14.49
CA PRO C 126 3.21 -26.45 14.12
C PRO C 126 4.08 -26.93 12.96
N VAL C 127 5.29 -27.42 13.26
CA VAL C 127 6.17 -27.89 12.20
C VAL C 127 5.66 -29.18 11.59
N GLY C 128 4.87 -29.95 12.33
CA GLY C 128 4.45 -31.27 11.90
C GLY C 128 5.53 -32.30 12.12
N SER C 129 5.09 -33.56 12.24
CA SER C 129 6.00 -34.67 12.49
C SER C 129 5.29 -35.96 12.13
N CYS C 130 6.05 -36.92 11.59
CA CYS C 130 5.53 -38.22 11.21
C CYS C 130 6.21 -39.31 12.03
N PHE C 131 5.42 -40.27 12.49
CA PHE C 131 5.91 -41.42 13.23
C PHE C 131 5.94 -42.63 12.31
N LEU C 132 7.03 -43.40 12.39
CA LEU C 132 7.21 -44.59 11.59
C LEU C 132 7.23 -45.80 12.51
N ALA C 133 6.56 -46.88 12.09
CA ALA C 133 6.46 -48.08 12.91
C ALA C 133 6.58 -49.31 12.03
N GLN C 134 7.35 -50.29 12.53
CA GLN C 134 7.40 -51.63 11.96
C GLN C 134 6.70 -52.55 12.95
N PRO C 135 5.40 -52.78 12.81
CA PRO C 135 4.63 -53.44 13.88
C PRO C 135 5.17 -54.80 14.29
N GLU C 136 5.61 -55.62 13.34
CA GLU C 136 6.07 -56.96 13.67
C GLU C 136 7.30 -56.93 14.56
N SER C 137 8.22 -56.00 14.29
CA SER C 137 9.45 -55.91 15.07
C SER C 137 9.36 -54.91 16.22
N GLY C 138 8.37 -54.01 16.20
CA GLY C 138 8.23 -53.02 17.23
C GLY C 138 9.15 -51.83 17.09
N ARG C 139 9.95 -51.75 16.04
CA ARG C 139 10.85 -50.62 15.86
C ARG C 139 10.06 -49.33 15.62
N ARG C 140 10.63 -48.22 16.06
CA ARG C 140 10.00 -46.92 15.94
C ARG C 140 11.03 -45.91 15.44
N ALA C 141 10.57 -44.98 14.62
CA ALA C 141 11.40 -43.90 14.13
C ALA C 141 10.51 -42.71 13.82
N GLU C 142 11.08 -41.51 13.95
CA GLU C 142 10.36 -40.28 13.71
C GLU C 142 11.02 -39.51 12.58
N TYR C 143 10.26 -38.58 12.00
CA TYR C 143 10.77 -37.71 10.93
C TYR C 143 10.03 -36.39 11.02
N SER C 144 10.78 -35.32 11.25
CA SER C 144 10.22 -33.97 11.38
C SER C 144 11.13 -33.01 10.64
N PRO C 145 11.03 -32.97 9.31
CA PRO C 145 12.05 -32.28 8.50
C PRO C 145 12.05 -30.77 8.62
N CYS C 146 11.05 -30.17 9.27
CA CYS C 146 10.94 -28.71 9.30
C CYS C 146 11.33 -28.11 10.64
N ARG C 147 11.85 -28.91 11.57
CA ARG C 147 12.35 -28.36 12.82
C ARG C 147 13.61 -27.54 12.56
N GLY C 148 13.75 -26.45 13.31
CA GLY C 148 14.90 -25.58 13.17
C GLY C 148 15.35 -25.06 14.53
N ASN C 149 16.54 -24.45 14.52
CA ASN C 149 17.09 -23.81 15.71
C ASN C 149 17.33 -22.32 15.50
N THR C 150 16.68 -21.73 14.49
CA THR C 150 16.85 -20.32 14.19
C THR C 150 15.83 -19.51 14.98
N LEU C 151 16.30 -18.42 15.60
CA LEU C 151 15.44 -17.59 16.43
C LEU C 151 14.56 -16.69 15.58
N SER C 152 13.46 -16.23 16.19
CA SER C 152 12.45 -15.46 15.48
C SER C 152 13.03 -14.17 14.88
N ARG C 153 14.04 -13.60 15.53
CA ARG C 153 14.63 -12.35 15.05
C ARG C 153 15.20 -12.50 13.66
N ILE C 154 15.84 -13.63 13.37
CA ILE C 154 16.50 -13.82 12.08
C ILE C 154 15.48 -13.83 10.94
N TYR C 155 14.38 -14.55 11.12
CA TYR C 155 13.35 -14.60 10.08
C TYR C 155 12.85 -13.22 9.71
N VAL C 156 12.61 -12.38 10.72
CA VAL C 156 12.12 -11.02 10.47
C VAL C 156 13.13 -10.24 9.61
N GLU C 157 14.42 -10.46 9.84
CA GLU C 157 15.44 -9.74 9.07
C GLU C 157 15.49 -10.21 7.62
N ASN C 158 15.11 -11.46 7.35
CA ASN C 158 15.16 -12.01 6.00
C ASN C 158 13.81 -11.92 5.28
N ASP C 159 12.90 -11.10 5.78
CA ASP C 159 11.55 -10.95 5.22
C ASP C 159 10.79 -12.28 5.24
N PHE C 160 11.03 -13.09 6.27
CA PHE C 160 10.37 -14.38 6.46
C PHE C 160 10.57 -15.30 5.26
N SER C 161 11.80 -15.31 4.73
CA SER C 161 12.17 -16.23 3.66
C SER C 161 12.68 -17.53 4.27
N TRP C 162 12.40 -18.63 3.57
CA TRP C 162 12.85 -19.97 3.97
C TRP C 162 12.33 -20.33 5.36
N ASP C 163 11.09 -19.93 5.65
CA ASP C 163 10.48 -20.09 6.97
C ASP C 163 9.68 -21.39 6.98
N LYS C 164 10.26 -22.43 7.58
CA LYS C 164 9.62 -23.74 7.64
C LYS C 164 8.91 -23.99 8.97
N ARG C 165 8.68 -22.94 9.76
CA ARG C 165 8.14 -23.13 11.11
C ARG C 165 6.70 -23.66 11.09
N TYR C 166 5.95 -23.39 10.04
CA TYR C 166 4.54 -23.75 9.98
C TYR C 166 4.26 -24.82 8.92
N CYS C 167 5.23 -25.70 8.67
CA CYS C 167 5.12 -26.69 7.61
C CYS C 167 3.83 -27.47 7.70
N GLU C 168 3.53 -28.02 8.87
CA GLU C 168 2.53 -29.06 9.04
C GLU C 168 2.87 -30.27 8.17
N ALA C 169 4.12 -30.70 8.26
CA ALA C 169 4.60 -31.84 7.49
C ALA C 169 3.80 -33.08 7.86
N GLY C 170 3.54 -33.92 6.86
CA GLY C 170 2.67 -35.06 7.03
C GLY C 170 1.20 -34.79 6.81
N PHE C 171 0.83 -33.52 6.57
CA PHE C 171 -0.52 -33.16 6.16
C PHE C 171 -1.04 -34.12 5.09
N SER C 172 -0.24 -34.32 4.04
CA SER C 172 -0.43 -35.40 3.08
C SER C 172 0.86 -36.21 3.01
N SER C 173 0.75 -37.44 2.52
CA SER C 173 1.90 -38.33 2.50
C SER C 173 1.72 -39.42 1.46
N VAL C 174 2.84 -39.87 0.89
CA VAL C 174 2.87 -40.95 -0.07
C VAL C 174 4.28 -41.53 -0.05
N VAL C 175 4.38 -42.83 -0.35
CA VAL C 175 5.66 -43.52 -0.41
C VAL C 175 5.85 -44.07 -1.82
N THR C 176 6.97 -43.73 -2.44
CA THR C 176 7.31 -44.28 -3.74
C THR C 176 7.54 -45.78 -3.62
N GLN C 177 7.48 -46.46 -4.77
CA GLN C 177 7.76 -47.90 -4.80
C GLN C 177 9.16 -48.20 -4.30
N ALA C 178 10.08 -47.25 -4.48
CA ALA C 178 11.47 -47.43 -4.04
C ALA C 178 11.65 -47.23 -2.54
N GLY C 179 10.62 -46.79 -1.81
CA GLY C 179 10.75 -46.62 -0.38
C GLY C 179 11.06 -45.21 0.07
N GLU C 180 10.70 -44.22 -0.72
CA GLU C 180 11.00 -42.82 -0.43
C GLU C 180 9.74 -42.14 0.10
N LEU C 181 9.77 -41.79 1.38
CA LEU C 181 8.65 -41.08 1.98
C LEU C 181 8.59 -39.64 1.46
N VAL C 182 7.42 -39.23 1.00
CA VAL C 182 7.21 -37.88 0.46
C VAL C 182 6.11 -37.23 1.27
N LEU C 183 6.42 -36.12 1.93
CA LEU C 183 5.51 -35.44 2.85
C LEU C 183 5.08 -34.10 2.26
N GLY C 184 3.78 -33.83 2.33
CA GLY C 184 3.26 -32.52 1.94
C GLY C 184 3.15 -31.63 3.16
N ALA C 185 3.64 -30.40 3.01
CA ALA C 185 3.63 -29.40 4.07
C ALA C 185 3.01 -28.12 3.51
N PRO C 186 1.68 -28.03 3.51
CA PRO C 186 1.02 -26.88 2.86
C PRO C 186 1.33 -25.54 3.50
N GLY C 187 1.78 -25.52 4.74
CA GLY C 187 2.15 -24.28 5.38
C GLY C 187 3.61 -23.93 5.32
N GLY C 188 4.42 -24.77 4.66
CA GLY C 188 5.84 -24.48 4.57
C GLY C 188 6.11 -23.21 3.79
N TYR C 189 7.24 -22.58 4.10
CA TYR C 189 7.68 -21.33 3.49
C TYR C 189 6.59 -20.26 3.62
N TYR C 190 6.18 -20.03 4.87
CA TYR C 190 5.15 -19.06 5.23
C TYR C 190 3.89 -19.26 4.39
N PHE C 191 3.37 -20.48 4.44
CA PHE C 191 2.10 -20.90 3.84
C PHE C 191 2.11 -20.92 2.32
N LEU C 192 3.29 -20.83 1.70
CA LEU C 192 3.38 -21.17 0.28
C LEU C 192 3.18 -22.66 0.08
N GLY C 193 3.77 -23.47 0.94
CA GLY C 193 3.72 -24.91 0.84
C GLY C 193 5.02 -25.48 0.30
N LEU C 194 5.38 -26.66 0.79
CA LEU C 194 6.60 -27.31 0.36
C LEU C 194 6.44 -28.82 0.45
N LEU C 195 7.36 -29.52 -0.21
CA LEU C 195 7.47 -30.97 -0.12
C LEU C 195 8.79 -31.34 0.56
N ALA C 196 8.81 -32.50 1.20
CA ALA C 196 9.99 -33.02 1.84
C ALA C 196 10.05 -34.52 1.64
N GLN C 197 11.19 -35.04 1.20
CA GLN C 197 11.34 -36.44 0.86
C GLN C 197 12.59 -37.00 1.54
N ALA C 198 12.50 -38.26 1.97
CA ALA C 198 13.65 -38.99 2.52
C ALA C 198 13.35 -40.47 2.45
N PRO C 199 14.36 -41.31 2.20
CA PRO C 199 14.12 -42.75 2.21
C PRO C 199 13.75 -43.25 3.60
N VAL C 200 12.86 -44.25 3.63
CA VAL C 200 12.40 -44.81 4.91
C VAL C 200 13.56 -45.42 5.68
N ALA C 201 14.37 -46.23 5.00
CA ALA C 201 15.48 -46.90 5.67
C ALA C 201 16.44 -45.89 6.29
N ASP C 202 16.67 -44.76 5.62
CA ASP C 202 17.51 -43.72 6.18
C ASP C 202 16.84 -43.00 7.35
N ILE C 203 15.51 -43.02 7.43
CA ILE C 203 14.83 -42.42 8.57
C ILE C 203 15.02 -43.28 9.82
N PHE C 204 14.94 -44.60 9.67
CA PHE C 204 15.14 -45.50 10.80
C PHE C 204 16.59 -45.50 11.27
N SER C 205 17.53 -45.59 10.32
CA SER C 205 18.94 -45.76 10.68
C SER C 205 19.53 -44.49 11.29
N SER C 206 18.98 -43.31 10.97
CA SER C 206 19.52 -42.06 11.47
C SER C 206 18.76 -41.50 12.67
N TYR C 207 17.64 -42.10 13.05
CA TYR C 207 16.85 -41.62 14.17
C TYR C 207 17.31 -42.28 15.46
N ARG C 208 17.44 -41.46 16.51
CA ARG C 208 17.60 -41.92 17.89
C ARG C 208 16.67 -41.10 18.77
N PRO C 209 16.05 -41.72 19.77
CA PRO C 209 15.14 -40.95 20.64
C PRO C 209 15.90 -39.95 21.49
N GLY C 210 15.30 -38.77 21.66
CA GLY C 210 15.87 -37.73 22.48
C GLY C 210 16.75 -36.73 21.75
N ILE C 211 17.03 -36.95 20.47
CA ILE C 211 17.89 -36.03 19.73
C ILE C 211 17.10 -34.80 19.29
N LEU C 212 15.88 -35.01 18.79
CA LEU C 212 14.95 -33.97 18.35
C LEU C 212 15.44 -33.25 17.09
N LEU C 213 16.72 -32.88 17.05
CA LEU C 213 17.32 -32.23 15.89
C LEU C 213 18.47 -33.12 15.39
N TRP C 214 18.23 -33.85 14.30
CA TRP C 214 19.25 -34.69 13.71
C TRP C 214 19.23 -34.53 12.20
N HIS C 215 20.30 -34.99 11.55
CA HIS C 215 20.48 -34.83 10.12
C HIS C 215 20.03 -36.07 9.38
N VAL C 216 19.33 -35.87 8.27
CA VAL C 216 18.99 -36.92 7.33
C VAL C 216 19.58 -36.50 5.99
N SER C 217 20.84 -36.89 5.74
CA SER C 217 21.60 -36.34 4.63
C SER C 217 21.01 -36.69 3.27
N SER C 218 20.19 -37.73 3.18
CA SER C 218 19.57 -38.13 1.93
C SER C 218 18.18 -37.52 1.75
N GLN C 219 17.81 -36.52 2.55
CA GLN C 219 16.52 -35.89 2.40
C GLN C 219 16.56 -34.80 1.34
N SER C 220 15.41 -34.52 0.75
CA SER C 220 15.29 -33.54 -0.33
C SER C 220 14.03 -32.72 -0.12
N LEU C 221 14.18 -31.40 -0.11
CA LEU C 221 13.07 -30.49 0.14
C LEU C 221 12.90 -29.53 -1.03
N SER C 222 11.65 -29.14 -1.28
CA SER C 222 11.39 -28.16 -2.32
C SER C 222 11.87 -26.78 -1.89
N PHE C 223 11.77 -25.82 -2.80
CA PHE C 223 12.40 -24.53 -2.64
C PHE C 223 11.38 -23.43 -2.43
N ASP C 224 11.83 -22.34 -1.82
CA ASP C 224 11.00 -21.17 -1.65
C ASP C 224 10.83 -20.45 -2.99
N SER C 225 9.98 -19.43 -2.99
CA SER C 225 9.68 -18.70 -4.21
C SER C 225 9.22 -17.29 -3.86
N SER C 226 9.69 -16.31 -4.63
CA SER C 226 9.25 -14.93 -4.51
C SER C 226 8.08 -14.60 -5.42
N ASN C 227 7.42 -15.62 -5.96
CA ASN C 227 6.33 -15.43 -6.92
C ASN C 227 5.01 -15.26 -6.16
N PRO C 228 4.36 -14.10 -6.26
CA PRO C 228 3.08 -13.90 -5.54
C PRO C 228 2.00 -14.90 -5.90
N GLU C 229 2.13 -15.60 -7.04
CA GLU C 229 1.14 -16.61 -7.41
C GLU C 229 1.06 -17.72 -6.37
N TYR C 230 2.18 -18.06 -5.72
CA TYR C 230 2.22 -19.16 -4.77
C TYR C 230 1.87 -18.76 -3.35
N PHE C 231 1.76 -17.46 -3.07
CA PHE C 231 1.53 -17.01 -1.69
C PHE C 231 0.20 -17.53 -1.18
N ASP C 232 0.21 -18.13 0.00
CA ASP C 232 -0.97 -18.74 0.62
C ASP C 232 -1.60 -19.77 -0.31
N GLY C 233 -0.75 -20.51 -1.03
CA GLY C 233 -1.23 -21.47 -2.00
C GLY C 233 -1.51 -22.86 -1.44
N TYR C 234 -0.93 -23.16 -0.28
CA TYR C 234 -1.11 -24.47 0.36
C TYR C 234 -0.60 -25.60 -0.53
N TRP C 235 0.49 -25.33 -1.24
CA TRP C 235 1.20 -26.31 -2.06
C TRP C 235 1.61 -27.51 -1.20
N GLY C 236 0.98 -28.66 -1.42
CA GLY C 236 1.22 -29.83 -0.60
C GLY C 236 0.01 -30.29 0.18
N TYR C 237 -1.13 -29.61 0.02
CA TYR C 237 -2.40 -30.06 0.59
C TYR C 237 -2.64 -31.54 0.29
N SER C 238 -2.38 -31.95 -0.95
CA SER C 238 -2.46 -33.35 -1.35
C SER C 238 -1.22 -33.68 -2.16
N VAL C 239 -0.89 -34.97 -2.23
CA VAL C 239 0.31 -35.40 -2.95
C VAL C 239 0.09 -36.84 -3.42
N ALA C 240 0.70 -37.18 -4.56
CA ALA C 240 0.70 -38.53 -5.10
C ALA C 240 1.93 -38.67 -5.99
N VAL C 241 2.13 -39.88 -6.50
CA VAL C 241 3.28 -40.18 -7.35
C VAL C 241 2.80 -40.92 -8.60
N GLY C 242 3.66 -40.94 -9.61
CA GLY C 242 3.33 -41.62 -10.85
C GLY C 242 4.45 -41.47 -11.85
N GLU C 243 4.19 -41.95 -13.06
CA GLU C 243 5.15 -41.88 -14.17
C GLU C 243 4.59 -40.94 -15.23
N PHE C 244 5.28 -39.82 -15.45
CA PHE C 244 4.77 -38.82 -16.38
C PHE C 244 5.83 -38.26 -17.33
N ASP C 245 7.02 -38.86 -17.39
CA ASP C 245 8.07 -38.36 -18.30
C ASP C 245 8.71 -39.46 -19.12
N GLY C 246 8.13 -40.67 -19.14
CA GLY C 246 8.65 -41.76 -19.94
C GLY C 246 9.83 -42.50 -19.35
N ASP C 247 10.58 -41.88 -18.42
CA ASP C 247 11.72 -42.52 -17.79
C ASP C 247 11.22 -43.32 -16.59
N LEU C 248 11.36 -44.65 -16.67
CA LEU C 248 10.91 -45.51 -15.58
C LEU C 248 11.84 -45.40 -14.37
N ASN C 249 13.11 -45.08 -14.59
CA ASN C 249 14.03 -44.91 -13.47
C ASN C 249 13.59 -43.80 -12.54
N THR C 250 13.14 -42.68 -13.10
CA THR C 250 12.69 -41.56 -12.30
C THR C 250 11.24 -41.73 -11.88
N THR C 251 10.91 -41.20 -10.71
CA THR C 251 9.55 -41.17 -10.19
C THR C 251 9.10 -39.71 -10.07
N GLU C 252 7.92 -39.41 -10.59
CA GLU C 252 7.40 -38.06 -10.62
C GLU C 252 6.41 -37.83 -9.49
N TYR C 253 6.38 -36.59 -8.99
CA TYR C 253 5.50 -36.20 -7.91
C TYR C 253 4.32 -35.40 -8.45
N VAL C 254 3.18 -35.53 -7.78
CA VAL C 254 1.98 -34.77 -8.10
C VAL C 254 1.56 -34.04 -6.84
N VAL C 255 1.48 -32.71 -6.92
CA VAL C 255 1.17 -31.87 -5.77
C VAL C 255 -0.08 -31.05 -6.07
N GLY C 256 -0.89 -30.84 -5.04
CA GLY C 256 -2.08 -30.01 -5.13
C GLY C 256 -1.90 -28.73 -4.32
N ALA C 257 -2.13 -27.59 -4.99
CA ALA C 257 -2.09 -26.27 -4.38
C ALA C 257 -3.48 -25.66 -4.54
N PRO C 258 -4.43 -26.04 -3.68
CA PRO C 258 -5.83 -25.68 -3.92
C PRO C 258 -6.15 -24.20 -3.80
N THR C 259 -5.32 -23.42 -3.10
CA THR C 259 -5.49 -21.97 -3.04
C THR C 259 -4.43 -21.23 -3.85
N TRP C 260 -3.85 -21.89 -4.84
CA TRP C 260 -2.81 -21.27 -5.65
C TRP C 260 -3.37 -20.09 -6.45
N SER C 261 -2.58 -19.03 -6.56
CA SER C 261 -2.89 -17.83 -7.34
C SER C 261 -4.26 -17.26 -6.93
N TRP C 262 -4.26 -16.69 -5.73
CA TRP C 262 -5.42 -15.97 -5.20
C TRP C 262 -6.66 -16.85 -5.23
N THR C 263 -6.50 -18.06 -4.68
CA THR C 263 -7.53 -19.08 -4.53
C THR C 263 -8.02 -19.65 -5.86
N LEU C 264 -7.27 -19.44 -6.95
CA LEU C 264 -7.63 -20.09 -8.21
C LEU C 264 -7.44 -21.60 -8.14
N GLY C 265 -6.37 -22.05 -7.50
CA GLY C 265 -6.10 -23.47 -7.40
C GLY C 265 -5.27 -24.00 -8.55
N ALA C 266 -4.45 -25.00 -8.24
CA ALA C 266 -3.58 -25.59 -9.25
C ALA C 266 -3.09 -26.95 -8.79
N VAL C 267 -2.67 -27.76 -9.76
CA VAL C 267 -2.01 -29.04 -9.53
C VAL C 267 -0.79 -29.13 -10.43
N GLU C 268 0.35 -29.49 -9.87
CA GLU C 268 1.60 -29.54 -10.60
C GLU C 268 2.18 -30.96 -10.55
N ILE C 269 2.89 -31.32 -11.62
CA ILE C 269 3.64 -32.57 -11.69
C ILE C 269 5.12 -32.22 -11.77
N LEU C 270 5.91 -32.82 -10.90
CA LEU C 270 7.33 -32.51 -10.77
C LEU C 270 8.16 -33.76 -11.01
N ASP C 271 9.45 -33.55 -11.28
CA ASP C 271 10.40 -34.63 -11.23
C ASP C 271 10.90 -34.78 -9.80
N SER C 272 11.74 -35.80 -9.56
CA SER C 272 12.24 -36.06 -8.21
C SER C 272 12.98 -34.86 -7.61
N TYR C 273 13.49 -33.95 -8.45
CA TYR C 273 14.22 -32.79 -7.99
C TYR C 273 13.37 -31.53 -7.90
N TYR C 274 12.04 -31.68 -7.92
CA TYR C 274 11.07 -30.61 -7.73
C TYR C 274 11.03 -29.60 -8.87
N GLN C 275 11.46 -29.99 -10.07
CA GLN C 275 11.32 -29.15 -11.26
C GLN C 275 9.98 -29.41 -11.90
N ARG C 276 9.24 -28.35 -12.22
CA ARG C 276 7.86 -28.46 -12.66
C ARG C 276 7.81 -28.92 -14.11
N LEU C 277 7.06 -30.01 -14.36
CA LEU C 277 6.87 -30.52 -15.71
C LEU C 277 5.57 -30.01 -16.32
N HIS C 278 4.48 -30.08 -15.57
CA HIS C 278 3.21 -29.53 -16.01
CA HIS C 278 3.18 -29.58 -15.99
C HIS C 278 2.55 -28.79 -14.86
N ARG C 279 1.72 -27.81 -15.21
CA ARG C 279 0.88 -27.12 -14.25
C ARG C 279 -0.55 -27.13 -14.76
N LEU C 280 -1.46 -27.57 -13.90
CA LEU C 280 -2.88 -27.65 -14.23
C LEU C 280 -3.62 -26.62 -13.39
N ARG C 281 -4.26 -25.68 -14.05
CA ARG C 281 -4.90 -24.55 -13.37
C ARG C 281 -6.34 -24.88 -13.02
N GLY C 282 -6.79 -24.35 -11.89
CA GLY C 282 -8.18 -24.53 -11.49
C GLY C 282 -9.12 -23.81 -12.43
N GLU C 283 -10.35 -24.32 -12.50
CA GLU C 283 -11.32 -23.76 -13.42
C GLU C 283 -12.09 -22.60 -12.81
N GLN C 284 -12.19 -22.55 -11.49
CA GLN C 284 -13.04 -21.58 -10.81
C GLN C 284 -12.44 -21.25 -9.46
N MET C 285 -12.42 -19.97 -9.12
CA MET C 285 -11.84 -19.53 -7.85
C MET C 285 -12.63 -20.10 -6.68
N ALA C 286 -11.90 -20.49 -5.64
CA ALA C 286 -12.40 -21.04 -4.39
C ALA C 286 -13.03 -22.43 -4.54
N SER C 287 -12.90 -23.06 -5.70
CA SER C 287 -13.37 -24.42 -5.86
C SER C 287 -12.45 -25.45 -5.23
N TYR C 288 -11.30 -25.02 -4.71
CA TYR C 288 -10.30 -25.90 -4.11
C TYR C 288 -9.85 -26.98 -5.09
N PHE C 289 -9.60 -26.57 -6.33
CA PHE C 289 -8.99 -27.45 -7.32
C PHE C 289 -7.64 -27.94 -6.82
N GLY C 290 -7.50 -29.26 -6.73
CA GLY C 290 -6.30 -29.86 -6.16
C GLY C 290 -6.47 -30.32 -4.73
N HIS C 291 -7.66 -30.22 -4.17
CA HIS C 291 -7.91 -30.75 -2.83
C HIS C 291 -7.56 -32.23 -2.73
N SER C 292 -7.68 -32.97 -3.85
CA SER C 292 -7.31 -34.37 -3.89
C SER C 292 -6.77 -34.69 -5.28
N VAL C 293 -5.74 -35.54 -5.33
CA VAL C 293 -5.14 -35.97 -6.58
C VAL C 293 -5.01 -37.49 -6.55
N ALA C 294 -5.14 -38.10 -7.72
CA ALA C 294 -5.05 -39.55 -7.84
C ALA C 294 -4.39 -39.89 -9.18
N VAL C 295 -3.62 -40.97 -9.19
CA VAL C 295 -2.84 -41.38 -10.35
C VAL C 295 -3.09 -42.85 -10.62
N THR C 296 -3.48 -43.16 -11.86
CA THR C 296 -3.73 -44.52 -12.33
C THR C 296 -4.01 -44.45 -13.82
N ASP C 297 -3.85 -45.60 -14.49
CA ASP C 297 -4.12 -45.71 -15.92
C ASP C 297 -5.51 -46.29 -16.11
N VAL C 298 -6.46 -45.46 -16.55
CA VAL C 298 -7.85 -45.87 -16.66
C VAL C 298 -8.23 -46.31 -18.07
N ASN C 299 -7.41 -46.03 -19.08
CA ASN C 299 -7.72 -46.38 -20.46
C ASN C 299 -6.82 -47.48 -21.01
N GLY C 300 -6.06 -48.15 -20.15
CA GLY C 300 -5.35 -49.35 -20.56
C GLY C 300 -4.23 -49.13 -21.57
N ASP C 301 -3.69 -47.92 -21.65
CA ASP C 301 -2.57 -47.65 -22.53
C ASP C 301 -1.22 -47.70 -21.83
N GLY C 302 -1.20 -48.12 -20.56
CA GLY C 302 0.03 -48.22 -19.81
C GLY C 302 0.54 -46.92 -19.23
N ARG C 303 0.01 -45.78 -19.64
CA ARG C 303 0.47 -44.48 -19.15
C ARG C 303 -0.45 -44.01 -18.04
N HIS C 304 0.15 -43.64 -16.91
CA HIS C 304 -0.61 -43.14 -15.77
C HIS C 304 -1.40 -41.89 -16.14
N ASP C 305 -2.66 -41.86 -15.75
CA ASP C 305 -3.53 -40.71 -15.96
C ASP C 305 -3.78 -40.02 -14.63
N LEU C 306 -4.14 -38.74 -14.71
CA LEU C 306 -4.26 -37.90 -13.52
C LEU C 306 -5.71 -37.50 -13.28
N LEU C 307 -6.12 -37.58 -12.02
CA LEU C 307 -7.45 -37.16 -11.59
C LEU C 307 -7.32 -36.10 -10.51
N VAL C 308 -8.01 -34.98 -10.70
CA VAL C 308 -7.98 -33.86 -9.77
C VAL C 308 -9.39 -33.58 -9.28
N GLY C 309 -9.53 -33.33 -7.99
CA GLY C 309 -10.82 -33.05 -7.37
C GLY C 309 -10.92 -31.58 -6.98
N ALA C 310 -12.07 -30.99 -7.33
CA ALA C 310 -12.44 -29.64 -6.93
C ALA C 310 -13.77 -29.74 -6.20
N PRO C 311 -13.75 -30.13 -4.92
CA PRO C 311 -15.01 -30.47 -4.22
C PRO C 311 -15.94 -29.29 -4.02
N LEU C 312 -15.47 -28.06 -4.15
CA LEU C 312 -16.32 -26.88 -3.96
C LEU C 312 -16.67 -26.20 -5.28
N TYR C 313 -16.47 -26.86 -6.41
CA TYR C 313 -16.80 -26.26 -7.69
C TYR C 313 -18.28 -25.97 -7.79
N MET C 314 -18.61 -24.79 -8.31
CA MET C 314 -19.99 -24.35 -8.44
C MET C 314 -20.44 -24.49 -9.90
N GLU C 315 -21.45 -25.32 -10.12
CA GLU C 315 -21.96 -25.60 -11.46
C GLU C 315 -22.93 -24.52 -11.90
N SER C 316 -23.00 -24.31 -13.21
CA SER C 316 -23.92 -23.33 -13.78
C SER C 316 -25.32 -23.90 -13.88
N ARG C 317 -26.30 -23.14 -13.39
CA ARG C 317 -27.71 -23.51 -13.47
C ARG C 317 -28.44 -22.43 -14.27
N ALA C 318 -29.71 -22.71 -14.58
CA ALA C 318 -30.52 -21.77 -15.33
C ALA C 318 -30.71 -20.48 -14.55
N ASP C 319 -30.96 -19.39 -15.29
CA ASP C 319 -31.13 -18.05 -14.72
C ASP C 319 -29.85 -17.55 -14.04
N ARG C 320 -28.70 -17.87 -14.66
CA ARG C 320 -27.39 -17.42 -14.19
C ARG C 320 -27.13 -17.79 -12.72
N LYS C 321 -27.71 -18.90 -12.28
CA LYS C 321 -27.52 -19.36 -10.91
C LYS C 321 -26.33 -20.30 -10.83
N LEU C 322 -25.73 -20.36 -9.64
CA LEU C 322 -24.60 -21.23 -9.37
C LEU C 322 -24.97 -22.19 -8.24
N ALA C 323 -24.42 -23.41 -8.32
CA ALA C 323 -24.71 -24.45 -7.34
C ALA C 323 -23.43 -25.22 -7.04
N GLU C 324 -23.00 -25.17 -5.79
CA GLU C 324 -21.80 -25.88 -5.35
C GLU C 324 -22.11 -27.38 -5.28
N VAL C 325 -21.38 -28.17 -6.07
CA VAL C 325 -21.62 -29.61 -6.14
C VAL C 325 -20.31 -30.37 -6.10
N GLY C 326 -19.24 -29.76 -6.58
CA GLY C 326 -17.97 -30.43 -6.72
C GLY C 326 -17.76 -30.98 -8.13
N ARG C 327 -16.50 -31.27 -8.44
CA ARG C 327 -16.15 -31.68 -9.79
C ARG C 327 -14.80 -32.39 -9.78
N VAL C 328 -14.68 -33.41 -10.63
CA VAL C 328 -13.43 -34.16 -10.82
C VAL C 328 -12.97 -33.98 -12.26
N TYR C 329 -11.67 -33.82 -12.45
CA TYR C 329 -11.07 -33.61 -13.76
C TYR C 329 -10.19 -34.81 -14.09
N LEU C 330 -10.35 -35.34 -15.30
CA LEU C 330 -9.55 -36.47 -15.79
C LEU C 330 -8.60 -35.98 -16.86
N PHE C 331 -7.32 -36.24 -16.67
CA PHE C 331 -6.28 -35.90 -17.64
C PHE C 331 -5.59 -37.18 -18.08
N LEU C 332 -5.73 -37.51 -19.36
CA LEU C 332 -5.07 -38.68 -19.94
C LEU C 332 -3.68 -38.30 -20.43
N GLN C 333 -2.67 -39.02 -19.97
CA GLN C 333 -1.30 -38.72 -20.35
C GLN C 333 -1.09 -39.00 -21.83
N PRO C 334 -0.65 -38.03 -22.62
CA PRO C 334 -0.51 -38.25 -24.07
C PRO C 334 0.68 -39.14 -24.39
N ARG C 335 0.73 -39.57 -25.64
CA ARG C 335 1.87 -40.31 -26.15
C ARG C 335 3.11 -39.43 -26.11
N GLY C 336 4.28 -40.07 -25.98
CA GLY C 336 5.54 -39.39 -26.03
C GLY C 336 5.70 -38.31 -24.98
N PRO C 337 6.51 -37.29 -25.28
CA PRO C 337 6.83 -36.27 -24.27
C PRO C 337 5.86 -35.10 -24.29
N HIS C 338 4.68 -35.28 -24.85
CA HIS C 338 3.74 -34.17 -24.99
C HIS C 338 3.16 -33.77 -23.64
N ALA C 339 2.58 -32.58 -23.60
CA ALA C 339 2.06 -32.01 -22.37
C ALA C 339 0.58 -32.33 -22.20
N LEU C 340 0.17 -32.57 -20.96
CA LEU C 340 -1.22 -32.85 -20.63
C LEU C 340 -2.10 -31.67 -21.02
N GLY C 341 -2.93 -31.86 -22.02
CA GLY C 341 -3.76 -30.77 -22.52
C GLY C 341 -4.96 -30.46 -21.66
N ALA C 342 -6.10 -30.22 -22.30
CA ALA C 342 -7.34 -29.95 -21.60
C ALA C 342 -7.83 -31.23 -20.93
N PRO C 343 -8.79 -31.13 -19.99
CA PRO C 343 -9.34 -32.35 -19.38
C PRO C 343 -10.01 -33.23 -20.42
N SER C 344 -9.78 -34.54 -20.29
CA SER C 344 -10.43 -35.51 -21.17
C SER C 344 -11.89 -35.72 -20.78
N LEU C 345 -12.22 -35.49 -19.51
CA LEU C 345 -13.56 -35.74 -19.01
C LEU C 345 -13.79 -34.88 -17.78
N LEU C 346 -15.03 -34.43 -17.62
CA LEU C 346 -15.45 -33.67 -16.44
C LEU C 346 -16.57 -34.45 -15.75
N LEU C 347 -16.36 -34.79 -14.49
CA LEU C 347 -17.37 -35.44 -13.66
C LEU C 347 -17.85 -34.43 -12.63
N THR C 348 -19.15 -34.16 -12.62
CA THR C 348 -19.74 -33.12 -11.79
C THR C 348 -20.75 -33.72 -10.84
N GLY C 349 -20.63 -33.38 -9.56
CA GLY C 349 -21.61 -33.82 -8.59
C GLY C 349 -22.99 -33.23 -8.88
N THR C 350 -24.01 -33.87 -8.31
CA THR C 350 -25.39 -33.43 -8.49
C THR C 350 -26.04 -32.90 -7.23
N GLN C 351 -25.54 -33.28 -6.06
CA GLN C 351 -26.13 -32.86 -4.79
C GLN C 351 -25.48 -31.57 -4.31
N LEU C 352 -26.31 -30.59 -3.96
CA LEU C 352 -25.82 -29.32 -3.45
C LEU C 352 -24.99 -29.54 -2.19
N TYR C 353 -23.82 -28.92 -2.14
CA TYR C 353 -22.88 -29.03 -1.02
C TYR C 353 -22.37 -30.45 -0.82
N GLY C 354 -22.56 -31.33 -1.80
CA GLY C 354 -22.13 -32.71 -1.67
C GLY C 354 -20.62 -32.89 -1.62
N ARG C 355 -19.87 -31.90 -2.12
CA ARG C 355 -18.40 -31.94 -2.14
C ARG C 355 -17.89 -33.16 -2.91
N PHE C 356 -18.55 -33.45 -4.03
CA PHE C 356 -18.08 -34.45 -4.97
C PHE C 356 -16.65 -34.14 -5.40
N GLY C 357 -15.77 -35.11 -5.22
CA GLY C 357 -14.37 -34.91 -5.52
C GLY C 357 -13.47 -34.67 -4.33
N SER C 358 -13.99 -34.85 -3.10
CA SER C 358 -13.16 -34.67 -1.92
CA SER C 358 -13.16 -34.67 -1.92
C SER C 358 -12.05 -35.71 -1.87
N ALA C 359 -12.37 -36.94 -2.24
CA ALA C 359 -11.40 -38.03 -2.28
C ALA C 359 -11.59 -38.82 -3.56
N ILE C 360 -10.47 -39.26 -4.15
CA ILE C 360 -10.47 -40.03 -5.38
C ILE C 360 -9.56 -41.23 -5.18
N ALA C 361 -10.14 -42.42 -5.10
CA ALA C 361 -9.36 -43.62 -4.82
C ALA C 361 -9.26 -44.50 -6.05
N PRO C 362 -8.06 -44.84 -6.51
CA PRO C 362 -7.93 -45.89 -7.52
C PRO C 362 -8.35 -47.22 -6.94
N LEU C 363 -9.03 -48.01 -7.78
CA LEU C 363 -9.57 -49.30 -7.36
C LEU C 363 -8.87 -50.48 -8.01
N GLY C 364 -7.92 -50.24 -8.92
CA GLY C 364 -7.48 -51.33 -9.77
C GLY C 364 -8.58 -51.67 -10.77
N ASP C 365 -8.58 -52.93 -11.21
CA ASP C 365 -9.62 -53.42 -12.11
C ASP C 365 -10.65 -54.15 -11.26
N LEU C 366 -11.75 -53.45 -10.96
CA LEU C 366 -12.77 -54.01 -10.07
C LEU C 366 -13.48 -55.20 -10.71
N ASP C 367 -13.92 -55.04 -11.95
CA ASP C 367 -14.62 -56.10 -12.66
C ASP C 367 -13.70 -57.00 -13.48
N ARG C 368 -12.39 -56.72 -13.47
CA ARG C 368 -11.40 -57.51 -14.19
C ARG C 368 -11.72 -57.60 -15.69
N ASP C 369 -11.94 -56.42 -16.29
CA ASP C 369 -12.28 -56.33 -17.70
C ASP C 369 -11.13 -55.80 -18.56
N GLY C 370 -10.07 -55.28 -17.95
CA GLY C 370 -8.92 -54.78 -18.67
C GLY C 370 -8.66 -53.30 -18.50
N TYR C 371 -9.52 -52.56 -17.81
CA TYR C 371 -9.33 -51.14 -17.56
C TYR C 371 -9.48 -50.86 -16.08
N ASN C 372 -8.54 -50.10 -15.53
CA ASN C 372 -8.59 -49.74 -14.12
C ASN C 372 -9.76 -48.81 -13.85
N ASP C 373 -10.17 -48.77 -12.59
CA ASP C 373 -11.39 -48.09 -12.18
C ASP C 373 -11.10 -47.16 -11.01
N ILE C 374 -12.04 -46.27 -10.71
CA ILE C 374 -11.87 -45.28 -9.64
C ILE C 374 -13.15 -45.20 -8.82
N ALA C 375 -13.01 -44.72 -7.59
CA ALA C 375 -14.12 -44.36 -6.73
C ALA C 375 -13.99 -42.90 -6.34
N VAL C 376 -15.06 -42.14 -6.51
CA VAL C 376 -15.12 -40.74 -6.14
C VAL C 376 -16.09 -40.58 -4.98
N ALA C 377 -15.70 -39.80 -3.98
CA ALA C 377 -16.48 -39.62 -2.78
C ALA C 377 -17.13 -38.25 -2.77
N ALA C 378 -18.42 -38.23 -2.39
CA ALA C 378 -19.15 -37.00 -2.06
C ALA C 378 -19.54 -37.13 -0.60
N PRO C 379 -18.67 -36.74 0.33
CA PRO C 379 -18.92 -37.02 1.76
C PRO C 379 -20.21 -36.45 2.29
N TYR C 380 -20.82 -35.49 1.60
CA TYR C 380 -22.12 -34.96 1.99
C TYR C 380 -23.12 -35.05 0.84
N GLY C 381 -22.85 -35.93 -0.13
CA GLY C 381 -23.72 -36.12 -1.28
C GLY C 381 -24.81 -37.14 -1.01
N GLY C 382 -25.34 -37.71 -2.09
CA GLY C 382 -26.50 -38.56 -2.01
C GLY C 382 -27.74 -37.72 -1.79
N PRO C 383 -28.91 -38.27 -2.16
CA PRO C 383 -30.15 -37.52 -1.97
C PRO C 383 -30.46 -37.19 -0.53
N SER C 384 -29.93 -37.96 0.42
CA SER C 384 -30.13 -37.70 1.83
C SER C 384 -29.08 -36.77 2.43
N GLY C 385 -28.00 -36.48 1.69
CA GLY C 385 -26.94 -35.66 2.24
C GLY C 385 -26.02 -36.37 3.20
N ARG C 386 -26.20 -37.67 3.40
CA ARG C 386 -25.41 -38.41 4.38
C ARG C 386 -24.06 -38.88 3.86
N GLY C 387 -23.76 -38.66 2.60
CA GLY C 387 -22.50 -39.15 2.04
C GLY C 387 -22.72 -40.25 1.04
N GLN C 388 -21.86 -40.29 0.03
CA GLN C 388 -22.06 -41.19 -1.10
C GLN C 388 -20.74 -41.39 -1.83
N VAL C 389 -20.49 -42.62 -2.27
CA VAL C 389 -19.32 -42.99 -3.04
C VAL C 389 -19.78 -43.53 -4.38
N LEU C 390 -19.13 -43.10 -5.46
CA LEU C 390 -19.50 -43.47 -6.82
C LEU C 390 -18.34 -44.17 -7.50
N VAL C 391 -18.61 -45.30 -8.13
CA VAL C 391 -17.61 -46.09 -8.83
C VAL C 391 -17.74 -45.82 -10.33
N PHE C 392 -16.66 -45.35 -10.95
CA PHE C 392 -16.60 -45.13 -12.38
C PHE C 392 -15.62 -46.13 -12.99
N LEU C 393 -16.07 -46.85 -14.01
CA LEU C 393 -15.26 -47.87 -14.66
C LEU C 393 -14.42 -47.27 -15.78
N GLY C 394 -13.23 -47.83 -15.96
CA GLY C 394 -12.36 -47.39 -17.04
C GLY C 394 -12.80 -47.95 -18.38
N GLN C 395 -12.49 -47.19 -19.43
CA GLN C 395 -12.79 -47.59 -20.80
C GLN C 395 -11.61 -47.18 -21.68
N SER C 396 -11.62 -47.70 -22.92
CA SER C 396 -10.54 -47.40 -23.85
C SER C 396 -10.43 -45.90 -24.11
N GLU C 397 -11.52 -45.17 -23.95
CA GLU C 397 -11.54 -43.73 -24.19
C GLU C 397 -11.31 -42.92 -22.92
N GLY C 398 -11.21 -43.57 -21.77
CA GLY C 398 -11.04 -42.88 -20.51
C GLY C 398 -11.90 -43.48 -19.41
N LEU C 399 -12.92 -42.73 -18.98
CA LEU C 399 -13.84 -43.20 -17.96
C LEU C 399 -15.27 -43.08 -18.45
N ARG C 400 -16.17 -43.81 -17.81
CA ARG C 400 -17.58 -43.70 -18.08
C ARG C 400 -18.14 -42.42 -17.46
N SER C 401 -18.98 -41.72 -18.22
CA SER C 401 -19.58 -40.49 -17.71
C SER C 401 -20.58 -40.78 -16.60
N ARG C 402 -21.17 -41.98 -16.60
CA ARG C 402 -22.13 -42.37 -15.58
C ARG C 402 -21.53 -43.47 -14.69
N PRO C 403 -21.75 -43.41 -13.38
CA PRO C 403 -21.17 -44.40 -12.49
C PRO C 403 -21.82 -45.77 -12.68
N SER C 404 -21.01 -46.82 -12.56
CA SER C 404 -21.56 -48.17 -12.59
C SER C 404 -22.26 -48.50 -11.29
N GLN C 405 -21.81 -47.94 -10.17
CA GLN C 405 -22.34 -48.28 -8.87
C GLN C 405 -22.31 -47.06 -7.97
N VAL C 406 -23.21 -47.04 -6.99
CA VAL C 406 -23.29 -45.98 -5.99
C VAL C 406 -23.35 -46.64 -4.62
N LEU C 407 -22.54 -46.12 -3.69
CA LEU C 407 -22.51 -46.61 -2.32
C LEU C 407 -23.01 -45.51 -1.40
N ASP C 408 -24.26 -45.63 -0.93
CA ASP C 408 -24.81 -44.67 0.02
C ASP C 408 -24.29 -44.97 1.42
N SER C 409 -24.07 -43.91 2.18
CA SER C 409 -23.51 -44.05 3.52
C SER C 409 -24.44 -44.88 4.39
N PRO C 410 -23.93 -45.95 5.02
CA PRO C 410 -24.73 -46.69 6.00
C PRO C 410 -24.83 -46.00 7.37
N PHE C 411 -24.20 -44.84 7.53
CA PHE C 411 -24.06 -44.16 8.81
C PHE C 411 -25.06 -43.02 8.91
N PRO C 412 -25.23 -42.45 10.11
CA PRO C 412 -26.10 -41.28 10.24
C PRO C 412 -25.49 -40.04 9.62
N THR C 413 -26.30 -38.98 9.60
CA THR C 413 -25.87 -37.69 9.07
C THR C 413 -24.63 -37.19 9.82
N GLY C 414 -23.72 -36.56 9.09
CA GLY C 414 -22.54 -35.96 9.67
C GLY C 414 -21.33 -36.88 9.80
N SER C 415 -21.42 -38.11 9.32
CA SER C 415 -20.30 -39.04 9.44
C SER C 415 -19.16 -38.72 8.49
N ALA C 416 -19.39 -37.89 7.48
CA ALA C 416 -18.41 -37.59 6.44
C ALA C 416 -17.94 -38.86 5.72
N PHE C 417 -18.85 -39.81 5.58
CA PHE C 417 -18.60 -41.05 4.85
C PHE C 417 -18.05 -40.75 3.46
N GLY C 418 -16.85 -41.25 3.18
CA GLY C 418 -16.17 -40.97 1.93
C GLY C 418 -15.01 -40.01 2.05
N PHE C 419 -14.91 -39.27 3.16
CA PHE C 419 -13.81 -38.31 3.32
C PHE C 419 -12.45 -38.96 3.11
N SER C 420 -12.34 -40.25 3.38
CA SER C 420 -11.13 -41.02 3.09
C SER C 420 -11.51 -42.32 2.40
N LEU C 421 -10.77 -42.65 1.34
CA LEU C 421 -11.02 -43.85 0.56
C LEU C 421 -9.70 -44.58 0.33
N ARG C 422 -9.81 -45.88 0.05
CA ARG C 422 -8.65 -46.67 -0.33
C ARG C 422 -9.14 -47.97 -0.96
N GLY C 423 -8.58 -48.30 -2.13
CA GLY C 423 -8.94 -49.53 -2.82
C GLY C 423 -7.76 -50.20 -3.46
N ALA C 424 -8.03 -51.04 -4.47
CA ALA C 424 -7.03 -51.74 -5.26
C ALA C 424 -6.25 -52.77 -4.46
N VAL C 425 -6.87 -53.35 -3.43
CA VAL C 425 -6.27 -54.40 -2.62
C VAL C 425 -7.32 -55.46 -2.33
N ASP C 426 -6.95 -56.73 -2.50
CA ASP C 426 -7.82 -57.86 -2.20
C ASP C 426 -7.58 -58.27 -0.75
N ILE C 427 -8.49 -57.91 0.14
CA ILE C 427 -8.32 -58.17 1.56
C ILE C 427 -8.84 -59.55 1.98
N ASP C 428 -9.79 -60.12 1.25
CA ASP C 428 -10.32 -61.44 1.58
C ASP C 428 -9.77 -62.54 0.68
N ASP C 429 -8.83 -62.21 -0.23
CA ASP C 429 -8.16 -63.19 -1.08
C ASP C 429 -9.16 -63.98 -1.92
N ASN C 430 -10.04 -63.25 -2.61
CA ASN C 430 -11.00 -63.85 -3.52
C ASN C 430 -10.76 -63.42 -4.97
N GLY C 431 -9.61 -62.81 -5.26
CA GLY C 431 -9.25 -62.45 -6.60
C GLY C 431 -9.74 -61.10 -7.07
N TYR C 432 -10.48 -60.36 -6.23
CA TYR C 432 -11.06 -59.08 -6.63
C TYR C 432 -10.63 -57.99 -5.66
N PRO C 433 -10.20 -56.83 -6.16
CA PRO C 433 -9.81 -55.75 -5.25
C PRO C 433 -11.00 -55.16 -4.53
N ASP C 434 -10.77 -54.73 -3.30
CA ASP C 434 -11.83 -54.30 -2.39
C ASP C 434 -11.65 -52.83 -2.05
N LEU C 435 -12.64 -52.27 -1.35
CA LEU C 435 -12.69 -50.85 -1.04
C LEU C 435 -12.99 -50.64 0.44
N ILE C 436 -12.25 -49.74 1.07
CA ILE C 436 -12.47 -49.33 2.45
C ILE C 436 -12.80 -47.85 2.47
N VAL C 437 -13.79 -47.47 3.27
CA VAL C 437 -14.31 -46.11 3.31
C VAL C 437 -14.32 -45.65 4.75
N GLY C 438 -13.52 -44.62 5.06
CA GLY C 438 -13.57 -44.03 6.37
C GLY C 438 -14.75 -43.08 6.52
N ALA C 439 -15.27 -43.02 7.75
CA ALA C 439 -16.37 -42.11 8.10
C ALA C 439 -16.03 -41.53 9.48
N TYR C 440 -15.11 -40.56 9.49
CA TYR C 440 -14.53 -40.09 10.75
C TYR C 440 -15.58 -39.45 11.65
N GLY C 441 -16.61 -38.84 11.07
CA GLY C 441 -17.66 -38.26 11.89
C GLY C 441 -18.39 -39.27 12.75
N ALA C 442 -18.46 -40.52 12.29
CA ALA C 442 -19.06 -41.61 13.04
C ALA C 442 -18.03 -42.51 13.70
N ASN C 443 -16.73 -42.20 13.56
CA ASN C 443 -15.65 -42.97 14.17
C ASN C 443 -15.67 -44.43 13.73
N GLN C 444 -15.93 -44.65 12.44
CA GLN C 444 -16.03 -46.00 11.92
C GLN C 444 -15.42 -46.08 10.53
N VAL C 445 -15.14 -47.32 10.12
CA VAL C 445 -14.65 -47.63 8.79
C VAL C 445 -15.51 -48.75 8.22
N ALA C 446 -15.99 -48.57 6.99
CA ALA C 446 -16.77 -49.58 6.29
C ALA C 446 -15.90 -50.24 5.22
N VAL C 447 -16.04 -51.56 5.08
CA VAL C 447 -15.27 -52.34 4.13
C VAL C 447 -16.24 -52.99 3.15
N TYR C 448 -16.06 -52.70 1.86
CA TYR C 448 -16.89 -53.27 0.81
C TYR C 448 -16.06 -54.32 0.06
N ARG C 449 -16.57 -55.54 0.00
CA ARG C 449 -15.91 -56.64 -0.69
C ARG C 449 -16.46 -56.77 -2.10
N ALA C 450 -15.57 -56.81 -3.08
CA ALA C 450 -15.98 -57.01 -4.46
C ALA C 450 -16.27 -58.49 -4.71
N GLN C 451 -17.33 -58.75 -5.45
CA GLN C 451 -17.81 -60.11 -5.68
C GLN C 451 -17.55 -60.55 -7.11
N PRO C 452 -17.49 -61.85 -7.36
CA PRO C 452 -17.22 -62.34 -8.72
C PRO C 452 -18.24 -61.83 -9.73
N VAL C 453 -17.76 -61.50 -10.92
CA VAL C 453 -18.61 -61.02 -11.99
C VAL C 453 -19.10 -62.18 -12.84
N GLY D 1 -65.54 -23.61 -44.62
CA GLY D 1 -65.85 -25.01 -44.76
C GLY D 1 -65.06 -25.91 -43.84
N PRO D 2 -64.09 -26.64 -44.40
CA PRO D 2 -63.26 -27.54 -43.58
C PRO D 2 -62.10 -26.80 -42.92
N ASN D 3 -61.68 -27.35 -41.78
CA ASN D 3 -60.55 -26.83 -41.03
C ASN D 3 -60.14 -27.89 -40.00
N ILE D 4 -59.17 -27.54 -39.15
CA ILE D 4 -58.65 -28.49 -38.17
C ILE D 4 -59.67 -28.81 -37.09
N CYS D 5 -60.69 -27.97 -36.90
CA CYS D 5 -61.70 -28.25 -35.89
C CYS D 5 -62.67 -29.33 -36.35
N THR D 6 -62.93 -29.44 -37.65
CA THR D 6 -63.87 -30.41 -38.18
C THR D 6 -63.18 -31.71 -38.60
N THR D 7 -62.02 -31.60 -39.26
CA THR D 7 -61.33 -32.79 -39.78
C THR D 7 -60.82 -33.70 -38.67
N ARG D 8 -60.71 -33.19 -37.44
CA ARG D 8 -60.21 -34.02 -36.34
C ARG D 8 -61.16 -35.16 -36.01
N GLY D 9 -62.47 -34.92 -36.10
CA GLY D 9 -63.44 -35.91 -35.68
C GLY D 9 -63.41 -36.12 -34.19
N VAL D 10 -63.73 -35.07 -33.44
CA VAL D 10 -63.62 -35.10 -31.98
C VAL D 10 -64.83 -35.78 -31.39
N SER D 11 -64.64 -36.37 -30.20
CA SER D 11 -65.68 -37.13 -29.53
C SER D 11 -66.35 -36.37 -28.40
N SER D 12 -65.83 -35.22 -28.00
CA SER D 12 -66.36 -34.51 -26.85
C SER D 12 -66.08 -33.02 -26.97
N CYS D 13 -66.83 -32.24 -26.19
CA CYS D 13 -66.61 -30.80 -26.14
C CYS D 13 -65.23 -30.47 -25.61
N GLN D 14 -64.79 -31.19 -24.58
CA GLN D 14 -63.43 -31.03 -24.08
C GLN D 14 -62.39 -31.32 -25.16
N GLN D 15 -62.61 -32.39 -25.91
CA GLN D 15 -61.67 -32.76 -26.98
C GLN D 15 -61.62 -31.68 -28.05
N CYS D 16 -62.75 -31.04 -28.33
CA CYS D 16 -62.78 -30.00 -29.37
C CYS D 16 -61.97 -28.77 -28.94
N LEU D 17 -62.05 -28.41 -27.66
CA LEU D 17 -61.30 -27.23 -27.20
C LEU D 17 -59.80 -27.47 -27.20
N ALA D 18 -59.37 -28.74 -27.08
CA ALA D 18 -57.95 -29.06 -27.10
C ALA D 18 -57.36 -29.09 -28.49
N VAL D 19 -58.19 -29.06 -29.54
CA VAL D 19 -57.68 -29.06 -30.90
C VAL D 19 -56.89 -27.80 -31.19
N SER D 20 -57.46 -26.65 -30.85
CA SER D 20 -56.86 -25.35 -31.14
C SER D 20 -57.59 -24.27 -30.34
N PRO D 21 -56.91 -23.20 -29.93
CA PRO D 21 -57.62 -22.08 -29.29
C PRO D 21 -58.66 -21.43 -30.21
N MET D 22 -58.69 -21.82 -31.48
CA MET D 22 -59.60 -21.28 -32.47
C MET D 22 -60.92 -22.03 -32.52
N CYS D 23 -60.98 -23.27 -32.05
CA CYS D 23 -62.16 -24.10 -32.19
C CYS D 23 -63.21 -23.76 -31.14
N ALA D 24 -64.46 -24.09 -31.47
CA ALA D 24 -65.60 -23.91 -30.57
C ALA D 24 -66.50 -25.13 -30.68
N TRP D 25 -67.40 -25.27 -29.72
CA TRP D 25 -68.29 -26.42 -29.64
C TRP D 25 -69.74 -25.96 -29.55
N CYS D 26 -70.61 -26.61 -30.32
CA CYS D 26 -72.04 -26.34 -30.31
C CYS D 26 -72.74 -27.52 -29.64
N SER D 27 -73.12 -27.34 -28.38
CA SER D 27 -73.81 -28.37 -27.63
C SER D 27 -75.32 -28.36 -27.83
N ASP D 28 -75.80 -27.58 -28.81
CA ASP D 28 -77.24 -27.52 -29.08
C ASP D 28 -77.75 -28.89 -29.53
N GLU D 29 -78.81 -29.36 -28.87
CA GLU D 29 -79.37 -30.66 -29.18
C GLU D 29 -80.13 -30.66 -30.51
N ALA D 30 -80.62 -29.50 -30.95
CA ALA D 30 -81.37 -29.39 -32.20
C ALA D 30 -80.50 -29.02 -33.39
N LEU D 31 -79.25 -29.46 -33.40
CA LEU D 31 -78.35 -29.19 -34.50
C LEU D 31 -78.57 -30.20 -35.63
N PRO D 32 -78.43 -29.78 -36.89
CA PRO D 32 -78.56 -30.73 -38.00
C PRO D 32 -77.58 -31.90 -37.85
N LEU D 33 -78.05 -33.09 -38.20
CA LEU D 33 -77.20 -34.28 -38.12
C LEU D 33 -75.98 -34.16 -39.01
N GLY D 34 -76.20 -33.80 -40.28
CA GLY D 34 -75.09 -33.56 -41.18
C GLY D 34 -74.42 -32.22 -40.91
N SER D 35 -73.79 -32.09 -39.75
CA SER D 35 -73.16 -30.85 -39.32
C SER D 35 -72.20 -31.11 -38.18
N PRO D 36 -70.98 -30.58 -38.23
CA PRO D 36 -70.02 -30.82 -37.16
C PRO D 36 -70.28 -29.93 -35.95
N ARG D 37 -70.06 -30.49 -34.77
CA ARG D 37 -70.20 -29.75 -33.53
C ARG D 37 -68.93 -29.01 -33.14
N CYS D 38 -67.83 -29.20 -33.87
CA CYS D 38 -66.56 -28.56 -33.59
C CYS D 38 -66.12 -27.78 -34.83
N ASP D 39 -66.24 -26.46 -34.78
CA ASP D 39 -65.89 -25.61 -35.91
C ASP D 39 -65.60 -24.21 -35.36
N LEU D 40 -65.23 -23.31 -36.26
CA LEU D 40 -65.06 -21.92 -35.86
C LEU D 40 -66.38 -21.36 -35.34
N LYS D 41 -66.29 -20.43 -34.40
CA LYS D 41 -67.51 -19.84 -33.83
C LYS D 41 -68.35 -19.19 -34.92
N GLU D 42 -67.72 -18.72 -35.99
CA GLU D 42 -68.47 -18.12 -37.10
C GLU D 42 -69.21 -19.17 -37.91
N ASN D 43 -68.58 -20.32 -38.14
CA ASN D 43 -69.25 -21.40 -38.86
C ASN D 43 -70.41 -21.97 -38.06
N LEU D 44 -70.25 -22.07 -36.73
CA LEU D 44 -71.31 -22.62 -35.89
C LEU D 44 -72.53 -21.73 -35.89
N LEU D 45 -72.34 -20.41 -35.96
CA LEU D 45 -73.49 -19.50 -35.98
C LEU D 45 -74.25 -19.53 -37.30
N LYS D 46 -73.61 -19.99 -38.38
CA LYS D 46 -74.31 -20.10 -39.65
C LYS D 46 -75.37 -21.20 -39.62
N ASP D 47 -75.13 -22.27 -38.85
CA ASP D 47 -76.05 -23.39 -38.76
C ASP D 47 -77.13 -23.18 -37.72
N ASN D 48 -77.46 -21.93 -37.39
CA ASN D 48 -78.48 -21.57 -36.41
C ASN D 48 -78.22 -22.19 -35.04
N CYS D 49 -76.97 -22.51 -34.71
CA CYS D 49 -76.65 -22.99 -33.38
C CYS D 49 -76.97 -21.91 -32.35
N ALA D 50 -77.68 -22.30 -31.30
CA ALA D 50 -78.10 -21.37 -30.26
C ALA D 50 -76.89 -20.64 -29.69
N PRO D 51 -76.86 -19.30 -29.73
CA PRO D 51 -75.69 -18.58 -29.20
C PRO D 51 -75.39 -18.89 -27.74
N GLU D 52 -76.40 -19.30 -26.97
CA GLU D 52 -76.18 -19.73 -25.59
C GLU D 52 -75.74 -21.18 -25.49
N SER D 53 -75.70 -21.92 -26.61
CA SER D 53 -75.26 -23.30 -26.63
C SER D 53 -73.85 -23.46 -27.18
N ILE D 54 -73.15 -22.36 -27.42
CA ILE D 54 -71.81 -22.40 -28.01
C ILE D 54 -70.79 -22.32 -26.89
N GLU D 55 -69.89 -23.31 -26.85
CA GLU D 55 -68.78 -23.32 -25.90
C GLU D 55 -67.55 -22.80 -26.62
N PHE D 56 -67.08 -21.62 -26.21
CA PHE D 56 -65.88 -21.02 -26.80
C PHE D 56 -65.23 -20.11 -25.77
N PRO D 57 -64.46 -20.68 -24.83
CA PRO D 57 -63.77 -19.84 -23.85
C PRO D 57 -62.65 -19.04 -24.50
N VAL D 58 -62.37 -17.88 -23.92
CA VAL D 58 -61.36 -16.96 -24.43
C VAL D 58 -60.39 -16.64 -23.30
N SER D 59 -59.09 -16.68 -23.60
CA SER D 59 -58.08 -16.36 -22.61
C SER D 59 -58.15 -14.88 -22.24
N GLU D 60 -57.98 -14.60 -20.95
CA GLU D 60 -58.12 -13.24 -20.45
C GLU D 60 -57.18 -13.02 -19.28
N ALA D 61 -56.86 -11.75 -19.04
CA ALA D 61 -56.11 -11.33 -17.87
C ALA D 61 -56.93 -10.28 -17.13
N ARG D 62 -57.04 -10.43 -15.81
CA ARG D 62 -57.89 -9.56 -15.01
C ARG D 62 -57.14 -9.15 -13.74
N VAL D 63 -57.05 -7.85 -13.50
CA VAL D 63 -56.35 -7.32 -12.34
C VAL D 63 -57.23 -7.48 -11.11
N LEU D 64 -56.63 -7.94 -10.01
CA LEU D 64 -57.34 -8.13 -8.75
C LEU D 64 -56.97 -7.09 -7.70
N GLU D 65 -55.67 -6.87 -7.49
CA GLU D 65 -55.18 -5.84 -6.58
C GLU D 65 -54.35 -4.86 -7.38
N ASP D 66 -54.76 -3.59 -7.39
CA ASP D 66 -54.13 -2.57 -8.23
C ASP D 66 -53.84 -1.32 -7.39
N ARG D 67 -53.06 -1.50 -6.33
CA ARG D 67 -52.68 -0.37 -5.50
C ARG D 67 -51.63 0.46 -6.23
N PRO D 68 -51.80 1.78 -6.31
CA PRO D 68 -50.83 2.61 -7.03
C PRO D 68 -49.45 2.56 -6.38
N LEU D 69 -48.44 2.82 -7.19
CA LEU D 69 -47.07 2.86 -6.68
C LEU D 69 -46.90 4.03 -5.72
N SER D 70 -46.21 3.76 -4.61
CA SER D 70 -46.00 4.79 -3.60
C SER D 70 -45.00 5.82 -4.09
N ASP D 71 -45.27 7.10 -3.78
CA ASP D 71 -44.33 8.16 -4.11
C ASP D 71 -43.20 8.26 -3.10
N LYS D 72 -43.44 7.85 -1.86
CA LYS D 72 -42.44 7.90 -0.80
C LYS D 72 -42.44 6.59 -0.05
N GLY D 73 -41.30 6.27 0.56
CA GLY D 73 -41.16 5.09 1.39
C GLY D 73 -41.05 5.37 2.88
N SER D 74 -41.24 6.62 3.30
CA SER D 74 -41.21 6.97 4.71
C SER D 74 -42.54 6.61 5.37
N GLY D 75 -42.64 6.87 6.67
CA GLY D 75 -43.86 6.56 7.38
C GLY D 75 -43.98 5.08 7.66
N ASP D 76 -45.15 4.52 7.36
CA ASP D 76 -45.39 3.11 7.61
C ASP D 76 -44.77 2.26 6.52
N SER D 77 -44.08 1.19 6.93
CA SER D 77 -43.47 0.29 5.98
C SER D 77 -44.49 -0.63 5.31
N SER D 78 -45.65 -0.82 5.93
CA SER D 78 -46.73 -1.59 5.32
C SER D 78 -47.43 -0.83 4.20
N GLN D 79 -47.28 0.49 4.16
CA GLN D 79 -47.96 1.32 3.17
C GLN D 79 -47.18 1.48 1.86
N VAL D 80 -45.95 1.00 1.80
CA VAL D 80 -45.12 1.19 0.61
C VAL D 80 -45.51 0.16 -0.44
N THR D 81 -45.69 0.63 -1.68
CA THR D 81 -46.03 -0.23 -2.82
C THR D 81 -45.04 0.05 -3.94
N GLN D 82 -44.23 -0.94 -4.28
CA GLN D 82 -43.20 -0.80 -5.30
C GLN D 82 -43.51 -1.56 -6.58
N VAL D 83 -44.55 -2.40 -6.60
CA VAL D 83 -44.85 -3.26 -7.74
C VAL D 83 -46.35 -3.18 -8.01
N SER D 84 -46.70 -2.86 -9.26
CA SER D 84 -48.10 -2.76 -9.66
C SER D 84 -48.32 -3.45 -11.00
N PRO D 85 -49.39 -4.26 -11.13
CA PRO D 85 -50.31 -4.57 -10.04
C PRO D 85 -49.73 -5.61 -9.07
N GLN D 86 -50.48 -5.94 -8.02
CA GLN D 86 -50.01 -6.90 -7.03
C GLN D 86 -50.66 -8.27 -7.16
N ARG D 87 -51.71 -8.40 -7.96
CA ARG D 87 -52.38 -9.68 -8.15
C ARG D 87 -53.24 -9.62 -9.40
N ILE D 88 -53.09 -10.61 -10.28
CA ILE D 88 -53.90 -10.71 -11.49
C ILE D 88 -54.43 -12.12 -11.60
N ALA D 89 -55.54 -12.26 -12.33
CA ALA D 89 -56.17 -13.55 -12.61
C ALA D 89 -55.95 -13.87 -14.08
N LEU D 90 -55.16 -14.92 -14.36
CA LEU D 90 -54.82 -15.30 -15.71
C LEU D 90 -55.60 -16.54 -16.10
N ARG D 91 -56.46 -16.41 -17.10
CA ARG D 91 -57.24 -17.53 -17.63
C ARG D 91 -56.68 -17.92 -18.99
N LEU D 92 -56.38 -19.20 -19.16
CA LEU D 92 -55.81 -19.70 -20.40
C LEU D 92 -56.47 -21.02 -20.77
N ARG D 93 -56.80 -21.17 -22.04
CA ARG D 93 -57.30 -22.42 -22.60
C ARG D 93 -56.14 -23.20 -23.22
N PRO D 94 -56.33 -24.48 -23.53
CA PRO D 94 -55.19 -25.30 -23.97
C PRO D 94 -54.41 -24.69 -25.11
N ASP D 95 -53.08 -24.69 -24.96
CA ASP D 95 -52.11 -24.25 -25.97
C ASP D 95 -52.27 -22.77 -26.33
N ASP D 96 -52.94 -22.00 -25.48
CA ASP D 96 -53.17 -20.58 -25.75
C ASP D 96 -52.13 -19.73 -25.00
N SER D 97 -52.29 -18.41 -25.12
CA SER D 97 -51.36 -17.48 -24.47
C SER D 97 -52.04 -16.13 -24.33
N LYS D 98 -51.73 -15.44 -23.23
CA LYS D 98 -52.23 -14.11 -22.96
C LYS D 98 -51.11 -13.27 -22.36
N ASN D 99 -51.13 -11.97 -22.64
CA ASN D 99 -50.09 -11.07 -22.16
C ASN D 99 -50.62 -10.15 -21.06
N PHE D 100 -49.72 -9.76 -20.17
CA PHE D 100 -50.03 -8.84 -19.08
C PHE D 100 -48.79 -7.98 -18.83
N SER D 101 -48.86 -7.14 -17.80
CA SER D 101 -47.80 -6.16 -17.54
C SER D 101 -47.52 -6.07 -16.05
N ILE D 102 -46.42 -5.41 -15.71
CA ILE D 102 -46.02 -5.20 -14.33
C ILE D 102 -45.17 -3.93 -14.28
N GLN D 103 -45.40 -3.10 -13.26
CA GLN D 103 -44.64 -1.88 -13.05
C GLN D 103 -43.80 -2.02 -11.77
N VAL D 104 -42.56 -1.54 -11.84
CA VAL D 104 -41.64 -1.58 -10.70
C VAL D 104 -41.00 -0.21 -10.55
N ARG D 105 -41.03 0.34 -9.34
CA ARG D 105 -40.46 1.64 -9.05
C ARG D 105 -39.44 1.52 -7.93
N GLN D 106 -38.27 2.14 -8.12
CA GLN D 106 -37.33 2.35 -7.02
C GLN D 106 -37.84 3.53 -6.21
N VAL D 107 -38.67 3.22 -5.21
CA VAL D 107 -39.37 4.26 -4.47
C VAL D 107 -38.37 5.18 -3.76
N GLU D 108 -38.68 6.47 -3.76
CA GLU D 108 -37.83 7.47 -3.14
C GLU D 108 -38.02 7.47 -1.62
N ASP D 109 -36.93 7.70 -0.90
CA ASP D 109 -36.92 7.81 0.56
C ASP D 109 -37.40 6.51 1.22
N TYR D 110 -36.66 5.45 0.99
CA TYR D 110 -36.86 4.12 1.56
C TYR D 110 -35.90 3.91 2.72
N PRO D 111 -36.34 3.23 3.79
CA PRO D 111 -35.45 3.00 4.94
C PRO D 111 -34.19 2.25 4.52
N VAL D 112 -33.10 2.49 5.26
CA VAL D 112 -31.80 1.93 4.94
C VAL D 112 -31.14 1.41 6.22
N ASP D 113 -30.67 0.17 6.18
CA ASP D 113 -29.82 -0.39 7.22
C ASP D 113 -28.40 -0.50 6.69
N ILE D 114 -27.43 -0.09 7.50
CA ILE D 114 -26.01 -0.14 7.13
C ILE D 114 -25.24 -0.72 8.32
N TYR D 115 -24.74 -1.94 8.16
CA TYR D 115 -23.90 -2.57 9.18
C TYR D 115 -22.44 -2.50 8.70
N TYR D 116 -21.61 -1.80 9.47
CA TYR D 116 -20.21 -1.60 9.11
C TYR D 116 -19.39 -2.74 9.69
N LEU D 117 -19.09 -3.73 8.85
CA LEU D 117 -18.28 -4.89 9.24
C LEU D 117 -16.83 -4.60 8.86
N MET D 118 -15.94 -4.58 9.85
CA MET D 118 -14.62 -4.01 9.67
C MET D 118 -13.52 -5.00 10.01
N ASP D 119 -12.57 -5.16 9.10
CA ASP D 119 -11.28 -5.77 9.41
C ASP D 119 -10.59 -4.93 10.47
N LEU D 120 -10.28 -5.54 11.62
CA LEU D 120 -9.52 -4.89 12.67
C LEU D 120 -8.22 -5.63 12.96
N SER D 121 -7.61 -6.20 11.93
CA SER D 121 -6.24 -6.67 12.08
C SER D 121 -5.29 -5.48 12.14
N TYR D 122 -4.01 -5.76 12.38
CA TYR D 122 -3.08 -4.71 12.76
C TYR D 122 -2.95 -3.62 11.70
N SER D 123 -3.08 -3.96 10.42
CA SER D 123 -2.91 -2.98 9.36
C SER D 123 -4.06 -1.98 9.26
N MET D 124 -5.14 -2.20 10.00
CA MET D 124 -6.29 -1.29 9.97
C MET D 124 -6.29 -0.33 11.15
N LYS D 125 -5.17 -0.20 11.86
CA LYS D 125 -5.07 0.73 12.97
C LYS D 125 -5.32 2.16 12.53
N ASP D 126 -4.73 2.56 11.40
CA ASP D 126 -4.96 3.89 10.84
C ASP D 126 -6.40 4.06 10.38
N ASP D 127 -7.04 2.98 9.92
CA ASP D 127 -8.43 3.06 9.49
C ASP D 127 -9.36 3.31 10.67
N LEU D 128 -9.02 2.78 11.85
CA LEU D 128 -9.84 3.04 13.02
C LEU D 128 -9.85 4.51 13.39
N TRP D 129 -8.75 5.21 13.15
CA TRP D 129 -8.67 6.62 13.49
C TRP D 129 -9.45 7.49 12.50
N SER D 130 -9.60 7.03 11.26
CA SER D 130 -10.32 7.82 10.28
C SER D 130 -11.82 7.84 10.57
N ILE D 131 -12.38 6.69 10.90
CA ILE D 131 -13.83 6.53 10.99
C ILE D 131 -14.33 6.84 12.39
N GLN D 132 -13.53 7.59 13.16
CA GLN D 132 -13.92 7.96 14.52
C GLN D 132 -15.30 8.59 14.55
N ASN D 133 -15.54 9.60 13.70
CA ASN D 133 -16.82 10.28 13.60
C ASN D 133 -17.56 9.90 12.32
N LEU D 134 -17.42 8.66 11.87
CA LEU D 134 -18.05 8.25 10.62
C LEU D 134 -19.56 8.22 10.74
N GLY D 135 -20.09 7.84 11.90
CA GLY D 135 -21.54 7.80 12.07
C GLY D 135 -22.19 9.15 11.87
N THR D 136 -21.54 10.21 12.35
CA THR D 136 -22.05 11.55 12.13
C THR D 136 -21.96 11.94 10.66
N LYS D 137 -20.82 11.67 10.03
CA LYS D 137 -20.64 12.03 8.62
C LYS D 137 -21.56 11.21 7.72
N LEU D 138 -21.75 9.93 8.02
CA LEU D 138 -22.61 9.08 7.19
C LEU D 138 -24.06 9.52 7.29
N ALA D 139 -24.51 9.92 8.49
CA ALA D 139 -25.89 10.34 8.67
C ALA D 139 -26.21 11.59 7.85
N THR D 140 -25.28 12.56 7.84
CA THR D 140 -25.49 13.79 7.09
C THR D 140 -25.68 13.50 5.60
N GLN D 141 -24.87 12.58 5.05
CA GLN D 141 -24.96 12.29 3.63
C GLN D 141 -26.13 11.38 3.29
N MET D 142 -26.44 10.41 4.17
CA MET D 142 -27.56 9.52 3.89
C MET D 142 -28.90 10.22 4.08
N ARG D 143 -28.94 11.26 4.94
CA ARG D 143 -30.16 12.04 5.12
C ARG D 143 -30.67 12.63 3.81
N LYS D 144 -29.77 12.83 2.84
CA LYS D 144 -30.20 13.29 1.52
C LYS D 144 -30.98 12.22 0.77
N LEU D 145 -30.82 10.94 1.14
CA LEU D 145 -31.46 9.84 0.45
C LEU D 145 -32.57 9.18 1.24
N THR D 146 -32.44 9.09 2.56
CA THR D 146 -33.42 8.40 3.38
C THR D 146 -33.72 9.20 4.64
N SER D 147 -34.96 9.09 5.11
CA SER D 147 -35.35 9.66 6.39
C SER D 147 -35.25 8.66 7.54
N ASN D 148 -35.14 7.36 7.23
CA ASN D 148 -35.11 6.29 8.21
C ASN D 148 -33.84 5.49 8.04
N LEU D 149 -32.75 5.99 8.62
CA LEU D 149 -31.44 5.35 8.55
C LEU D 149 -31.09 4.74 9.90
N ARG D 150 -30.67 3.48 9.89
CA ARG D 150 -30.08 2.82 11.04
C ARG D 150 -28.69 2.32 10.66
N ILE D 151 -27.75 2.41 11.61
CA ILE D 151 -26.38 1.99 11.38
C ILE D 151 -25.91 1.16 12.57
N GLY D 152 -24.96 0.26 12.29
CA GLY D 152 -24.40 -0.61 13.31
C GLY D 152 -22.93 -0.89 12.99
N PHE D 153 -22.28 -1.63 13.89
CA PHE D 153 -20.86 -1.88 13.74
C PHE D 153 -20.50 -3.29 14.21
N GLY D 154 -19.56 -3.91 13.50
CA GLY D 154 -18.96 -5.16 13.91
C GLY D 154 -17.56 -5.25 13.36
N ALA D 155 -16.77 -6.16 13.92
CA ALA D 155 -15.36 -6.25 13.59
C ALA D 155 -14.89 -7.69 13.54
N PHE D 156 -13.89 -7.96 12.70
CA PHE D 156 -13.33 -9.29 12.56
C PHE D 156 -11.80 -9.20 12.44
N VAL D 157 -11.14 -10.30 12.79
CA VAL D 157 -9.73 -10.47 12.48
C VAL D 157 -9.55 -11.81 11.78
N ASP D 158 -9.52 -12.90 12.55
CA ASP D 158 -9.37 -14.25 11.99
C ASP D 158 -9.59 -15.24 13.12
N LYS D 159 -9.58 -16.54 12.77
CA LYS D 159 -9.79 -17.61 13.74
C LYS D 159 -8.67 -17.62 14.79
N PRO D 160 -8.98 -17.39 16.06
CA PRO D 160 -7.92 -17.36 17.08
C PRO D 160 -7.39 -18.74 17.43
N VAL D 161 -6.51 -19.28 16.59
CA VAL D 161 -5.93 -20.60 16.81
C VAL D 161 -4.68 -20.71 15.94
N SER D 162 -3.67 -21.41 16.45
CA SER D 162 -2.46 -21.64 15.69
C SER D 162 -2.79 -22.34 14.37
N PRO D 163 -2.10 -22.01 13.27
CA PRO D 163 -1.01 -21.04 13.19
C PRO D 163 -1.45 -19.63 12.83
N TYR D 164 -2.77 -19.39 12.74
CA TYR D 164 -3.24 -18.02 12.49
C TYR D 164 -2.89 -17.11 13.66
N MET D 165 -2.85 -17.65 14.87
CA MET D 165 -2.62 -16.89 16.09
C MET D 165 -1.24 -17.23 16.65
N TYR D 166 -0.55 -16.21 17.16
CA TYR D 166 0.70 -16.42 17.87
C TYR D 166 0.41 -17.00 19.25
N ILE D 167 1.08 -18.10 19.58
CA ILE D 167 0.85 -18.77 20.86
C ILE D 167 2.15 -18.86 21.65
N SER D 168 3.08 -17.93 21.42
CA SER D 168 4.33 -17.89 22.17
C SER D 168 4.89 -16.49 22.04
N PRO D 169 5.36 -15.87 23.13
CA PRO D 169 5.38 -16.35 24.52
C PRO D 169 4.02 -16.16 25.20
N PRO D 170 3.86 -16.52 26.48
CA PRO D 170 2.57 -16.30 27.15
C PRO D 170 2.09 -14.86 27.08
N GLU D 171 2.99 -13.88 26.99
CA GLU D 171 2.55 -12.50 26.91
C GLU D 171 1.78 -12.24 25.62
N ALA D 172 2.12 -12.97 24.55
CA ALA D 172 1.54 -12.69 23.25
C ALA D 172 0.06 -13.05 23.21
N LEU D 173 -0.37 -13.97 24.06
CA LEU D 173 -1.77 -14.36 24.07
C LEU D 173 -2.65 -13.25 24.65
N GLU D 174 -2.16 -12.57 25.68
CA GLU D 174 -2.86 -11.40 26.21
C GLU D 174 -2.57 -10.15 25.40
N ASN D 175 -1.46 -10.11 24.69
CA ASN D 175 -1.06 -8.94 23.91
C ASN D 175 -0.31 -9.41 22.67
N PRO D 176 -1.02 -9.65 21.56
CA PRO D 176 -0.34 -10.07 20.32
C PRO D 176 0.77 -9.13 19.88
N CYS D 177 0.70 -7.85 20.28
CA CYS D 177 1.71 -6.87 19.95
C CYS D 177 2.85 -6.82 20.96
N TYR D 178 3.06 -7.92 21.72
CA TYR D 178 4.05 -7.88 22.79
C TYR D 178 5.47 -7.74 22.24
N ASP D 179 5.75 -8.38 21.11
CA ASP D 179 7.11 -8.33 20.57
C ASP D 179 7.45 -6.95 20.06
N MET D 180 6.45 -6.19 19.64
CA MET D 180 6.63 -4.78 19.32
C MET D 180 6.42 -3.95 20.59
N LYS D 181 6.73 -2.66 20.49
CA LYS D 181 6.62 -1.75 21.61
C LYS D 181 5.25 -1.08 21.64
N THR D 182 4.22 -1.91 21.67
CA THR D 182 2.85 -1.42 21.70
C THR D 182 1.95 -2.50 22.24
N THR D 183 0.67 -2.15 22.41
CA THR D 183 -0.34 -3.04 23.01
C THR D 183 -1.57 -3.08 22.12
N CYS D 184 -2.04 -4.29 21.81
CA CYS D 184 -3.26 -4.48 21.05
C CYS D 184 -4.10 -5.57 21.71
N LEU D 185 -5.35 -5.69 21.25
CA LEU D 185 -6.30 -6.60 21.86
C LEU D 185 -5.90 -8.06 21.63
N PRO D 186 -6.33 -8.97 22.51
CA PRO D 186 -6.22 -10.39 22.20
C PRO D 186 -6.96 -10.71 20.91
N MET D 187 -6.48 -11.73 20.21
N MET D 187 -6.48 -11.75 20.24
CA MET D 187 -7.05 -12.07 18.91
CA MET D 187 -7.06 -12.19 18.97
C MET D 187 -8.48 -12.57 19.05
C MET D 187 -8.55 -12.50 19.13
N PHE D 188 -9.33 -12.17 18.11
CA PHE D 188 -10.74 -12.54 18.09
C PHE D 188 -11.19 -12.76 16.66
N GLY D 189 -12.17 -13.66 16.50
CA GLY D 189 -12.68 -14.00 15.19
C GLY D 189 -13.67 -12.97 14.65
N TYR D 190 -14.88 -12.97 15.20
CA TYR D 190 -15.87 -11.97 14.87
C TYR D 190 -16.58 -11.55 16.16
N LYS D 191 -16.77 -10.24 16.33
CA LYS D 191 -17.49 -9.74 17.48
C LYS D 191 -18.46 -8.65 17.05
N HIS D 192 -19.70 -8.76 17.51
CA HIS D 192 -20.71 -7.74 17.26
C HIS D 192 -20.55 -6.61 18.27
N VAL D 193 -20.66 -5.38 17.79
CA VAL D 193 -20.39 -4.19 18.62
C VAL D 193 -21.67 -3.38 18.84
N LEU D 194 -22.35 -2.98 17.78
CA LEU D 194 -23.49 -2.09 17.88
C LEU D 194 -24.61 -2.59 16.99
N THR D 195 -25.74 -2.95 17.60
CA THR D 195 -26.93 -3.30 16.83
C THR D 195 -27.43 -2.08 16.06
N LEU D 196 -27.97 -2.34 14.87
CA LEU D 196 -28.47 -1.26 14.01
C LEU D 196 -29.39 -0.31 14.77
N THR D 197 -29.10 0.98 14.66
CA THR D 197 -29.83 1.99 15.42
C THR D 197 -29.83 3.30 14.66
N ASP D 198 -30.92 4.06 14.81
CA ASP D 198 -31.00 5.39 14.23
C ASP D 198 -30.29 6.44 15.07
N GLN D 199 -29.80 6.06 16.26
CA GLN D 199 -29.00 6.95 17.10
C GLN D 199 -27.54 6.83 16.66
N VAL D 200 -27.23 7.50 15.54
CA VAL D 200 -25.92 7.40 14.92
C VAL D 200 -24.80 7.91 15.83
N THR D 201 -25.15 8.60 16.92
CA THR D 201 -24.13 9.01 17.90
C THR D 201 -23.48 7.80 18.56
N ARG D 202 -24.25 6.72 18.80
CA ARG D 202 -23.69 5.51 19.39
C ARG D 202 -22.65 4.86 18.49
N PHE D 203 -22.70 5.08 17.18
CA PHE D 203 -21.67 4.55 16.29
C PHE D 203 -20.32 5.18 16.58
N ASN D 204 -20.26 6.50 16.66
CA ASN D 204 -19.00 7.18 16.96
C ASN D 204 -18.46 6.75 18.31
N GLU D 205 -19.33 6.61 19.32
CA GLU D 205 -18.88 6.28 20.66
C GLU D 205 -18.30 4.87 20.72
N GLU D 206 -18.96 3.90 20.06
CA GLU D 206 -18.47 2.53 20.10
C GLU D 206 -17.18 2.37 19.28
N VAL D 207 -17.10 3.03 18.13
CA VAL D 207 -15.90 2.95 17.31
C VAL D 207 -14.71 3.58 18.03
N LYS D 208 -14.95 4.63 18.81
CA LYS D 208 -13.87 5.25 19.58
C LYS D 208 -13.30 4.32 20.65
N LYS D 209 -14.08 3.34 21.11
CA LYS D 209 -13.63 2.38 22.10
C LYS D 209 -13.02 1.13 21.48
N GLN D 210 -13.03 1.01 20.15
CA GLN D 210 -12.49 -0.17 19.50
C GLN D 210 -10.98 -0.06 19.34
N SER D 211 -10.35 -1.23 19.17
CA SER D 211 -8.91 -1.32 18.95
C SER D 211 -8.62 -2.56 18.13
N VAL D 212 -7.45 -2.58 17.50
CA VAL D 212 -7.10 -3.64 16.55
C VAL D 212 -6.42 -4.79 17.28
N SER D 213 -6.21 -5.90 16.57
CA SER D 213 -5.43 -7.01 17.09
C SER D 213 -4.35 -7.33 16.05
N ARG D 214 -3.77 -8.51 16.15
CA ARG D 214 -2.65 -8.86 15.28
C ARG D 214 -2.56 -10.38 15.16
N ASN D 215 -2.46 -10.88 13.91
CA ASN D 215 -2.28 -12.30 13.65
C ASN D 215 -1.19 -12.50 12.59
N ARG D 216 -1.03 -13.75 12.17
CA ARG D 216 0.19 -14.15 11.46
C ARG D 216 0.03 -14.12 9.94
N ASP D 217 -0.96 -14.82 9.41
CA ASP D 217 -1.05 -15.03 7.97
C ASP D 217 -1.98 -14.01 7.31
N ALA D 218 -1.64 -13.67 6.07
CA ALA D 218 -2.30 -12.62 5.28
C ALA D 218 -3.82 -12.80 5.17
N PRO D 219 -4.36 -13.93 4.71
CA PRO D 219 -5.81 -14.02 4.56
C PRO D 219 -6.50 -14.03 5.91
N GLU D 220 -7.61 -13.31 6.00
CA GLU D 220 -8.31 -13.13 7.26
C GLU D 220 -9.66 -13.84 7.24
N GLY D 221 -10.27 -13.93 8.42
CA GLY D 221 -11.51 -14.68 8.58
C GLY D 221 -12.75 -13.82 8.44
N GLY D 222 -12.76 -12.93 7.45
CA GLY D 222 -13.90 -12.05 7.25
C GLY D 222 -15.12 -12.76 6.71
N PHE D 223 -14.94 -13.87 6.00
CA PHE D 223 -16.10 -14.61 5.49
C PHE D 223 -16.86 -15.29 6.63
N ASP D 224 -16.17 -15.64 7.72
CA ASP D 224 -16.87 -16.02 8.94
C ASP D 224 -17.77 -14.89 9.43
N ALA D 225 -17.23 -13.66 9.43
CA ALA D 225 -17.99 -12.52 9.92
C ALA D 225 -19.16 -12.18 9.02
N ILE D 226 -18.93 -12.21 7.70
CA ILE D 226 -20.02 -11.97 6.74
C ILE D 226 -21.18 -12.91 7.01
N MET D 227 -20.86 -14.19 7.23
CA MET D 227 -21.91 -15.17 7.48
C MET D 227 -22.67 -14.88 8.77
N GLN D 228 -21.94 -14.56 9.85
CA GLN D 228 -22.59 -14.29 11.12
C GLN D 228 -23.40 -13.00 11.09
N ALA D 229 -22.85 -11.95 10.49
CA ALA D 229 -23.59 -10.70 10.34
C ALA D 229 -24.83 -10.86 9.47
N THR D 230 -24.91 -11.95 8.70
CA THR D 230 -26.04 -12.21 7.83
C THR D 230 -27.14 -13.02 8.53
N VAL D 231 -26.76 -14.11 9.20
CA VAL D 231 -27.75 -15.03 9.76
C VAL D 231 -28.10 -14.74 11.22
N CYS D 232 -27.38 -13.83 11.88
CA CYS D 232 -27.74 -13.42 13.24
C CYS D 232 -28.67 -12.21 13.17
N ASP D 233 -29.91 -12.49 12.75
CA ASP D 233 -30.94 -11.47 12.55
C ASP D 233 -31.10 -10.55 13.76
N GLU D 234 -31.58 -11.12 14.87
CA GLU D 234 -31.93 -10.32 16.04
C GLU D 234 -30.77 -9.46 16.53
N LYS D 235 -29.55 -10.01 16.50
CA LYS D 235 -28.41 -9.29 17.03
C LYS D 235 -27.98 -8.14 16.12
N ILE D 236 -27.87 -8.40 14.81
CA ILE D 236 -27.51 -7.32 13.89
C ILE D 236 -28.65 -6.31 13.78
N GLY D 237 -29.89 -6.80 13.72
CA GLY D 237 -31.04 -5.93 13.78
C GLY D 237 -31.56 -5.44 12.45
N TRP D 238 -31.44 -6.24 11.39
CA TRP D 238 -31.96 -5.82 10.10
C TRP D 238 -33.47 -5.60 10.17
N ARG D 239 -33.94 -4.53 9.54
CA ARG D 239 -35.36 -4.23 9.49
C ARG D 239 -36.00 -4.94 8.31
N ASN D 240 -37.23 -5.42 8.52
CA ASN D 240 -37.93 -6.18 7.49
C ASN D 240 -38.10 -5.39 6.22
N ASP D 241 -38.41 -4.09 6.32
CA ASP D 241 -38.72 -3.25 5.18
C ASP D 241 -37.67 -2.15 5.08
N ALA D 242 -36.49 -2.52 4.57
CA ALA D 242 -35.40 -1.56 4.42
C ALA D 242 -34.32 -2.19 3.53
N SER D 243 -33.57 -1.34 2.85
CA SER D 243 -32.36 -1.80 2.18
C SER D 243 -31.35 -2.24 3.22
N HIS D 244 -30.70 -3.37 2.94
CA HIS D 244 -29.72 -3.96 3.85
C HIS D 244 -28.36 -3.87 3.20
N LEU D 245 -27.51 -2.97 3.71
CA LEU D 245 -26.15 -2.79 3.22
C LEU D 245 -25.18 -3.34 4.25
N LEU D 246 -24.43 -4.36 3.86
CA LEU D 246 -23.38 -4.95 4.69
C LEU D 246 -22.04 -4.48 4.13
N VAL D 247 -21.48 -3.44 4.74
CA VAL D 247 -20.24 -2.83 4.28
C VAL D 247 -19.08 -3.62 4.87
N PHE D 248 -18.36 -4.34 4.00
CA PHE D 248 -17.26 -5.22 4.39
C PHE D 248 -15.96 -4.58 3.96
N THR D 249 -15.20 -4.05 4.91
CA THR D 249 -13.97 -3.33 4.64
C THR D 249 -12.77 -4.14 5.08
N THR D 250 -11.79 -4.29 4.19
CA THR D 250 -10.56 -5.01 4.48
C THR D 250 -9.51 -4.61 3.45
N ASP D 251 -8.26 -4.97 3.73
CA ASP D 251 -7.15 -4.68 2.82
C ASP D 251 -6.35 -5.93 2.46
N ALA D 252 -6.88 -7.11 2.72
CA ALA D 252 -6.12 -8.35 2.59
C ALA D 252 -6.95 -9.40 1.86
N LYS D 253 -6.29 -10.53 1.57
CA LYS D 253 -6.98 -11.71 1.11
C LYS D 253 -8.00 -12.18 2.13
N THR D 254 -8.80 -13.17 1.75
CA THR D 254 -9.77 -13.77 2.66
C THR D 254 -9.60 -15.28 2.68
N HIS D 255 -9.77 -15.87 3.85
CA HIS D 255 -9.82 -17.31 3.96
C HIS D 255 -11.13 -17.83 3.37
N ILE D 256 -11.07 -19.01 2.76
CA ILE D 256 -12.23 -19.63 2.15
C ILE D 256 -12.44 -21.00 2.79
N ALA D 257 -13.57 -21.62 2.46
CA ALA D 257 -13.87 -22.94 2.97
C ALA D 257 -12.79 -23.94 2.55
N LEU D 258 -12.45 -24.85 3.47
CA LEU D 258 -11.42 -25.89 3.41
C LEU D 258 -10.04 -25.35 3.79
N ASP D 259 -9.88 -24.04 3.99
CA ASP D 259 -8.64 -23.54 4.57
C ASP D 259 -8.49 -23.98 6.02
N GLY D 260 -9.62 -24.11 6.74
CA GLY D 260 -9.57 -24.38 8.18
C GLY D 260 -8.82 -25.63 8.58
N ARG D 261 -8.58 -26.54 7.63
CA ARG D 261 -7.85 -27.77 7.94
C ARG D 261 -6.42 -27.48 8.41
N LEU D 262 -5.87 -26.32 8.09
CA LEU D 262 -4.55 -25.96 8.60
C LEU D 262 -4.57 -25.60 10.08
N ALA D 263 -5.74 -25.48 10.69
CA ALA D 263 -5.85 -25.35 12.13
C ALA D 263 -6.54 -26.57 12.74
N GLY D 264 -6.63 -27.67 11.99
CA GLY D 264 -7.37 -28.83 12.41
C GLY D 264 -8.86 -28.72 12.28
N ILE D 265 -9.37 -27.63 11.70
CA ILE D 265 -10.80 -27.41 11.56
C ILE D 265 -11.27 -28.14 10.30
N VAL D 266 -12.15 -29.12 10.47
CA VAL D 266 -12.68 -29.86 9.33
C VAL D 266 -14.21 -29.81 9.25
N GLN D 267 -14.91 -29.43 10.31
CA GLN D 267 -16.36 -29.40 10.27
C GLN D 267 -16.84 -28.34 9.30
N PRO D 268 -17.70 -28.67 8.35
CA PRO D 268 -18.21 -27.66 7.41
C PRO D 268 -19.03 -26.60 8.11
N ASN D 269 -19.01 -25.40 7.54
CA ASN D 269 -19.81 -24.30 8.06
C ASN D 269 -21.29 -24.63 7.93
N ASP D 270 -22.04 -24.42 9.02
CA ASP D 270 -23.44 -24.80 9.06
C ASP D 270 -24.38 -23.64 8.74
N GLY D 271 -23.86 -22.47 8.41
CA GLY D 271 -24.68 -21.33 8.07
C GLY D 271 -25.65 -20.91 9.16
N GLN D 272 -25.35 -21.21 10.41
CA GLN D 272 -26.20 -20.86 11.54
C GLN D 272 -25.54 -19.76 12.36
N CYS D 273 -26.34 -19.14 13.23
CA CYS D 273 -25.84 -18.08 14.09
C CYS D 273 -25.20 -18.68 15.34
N HIS D 274 -24.00 -18.20 15.68
CA HIS D 274 -23.27 -18.68 16.85
C HIS D 274 -22.72 -17.52 17.66
N VAL D 275 -23.44 -16.40 17.71
CA VAL D 275 -23.04 -15.23 18.49
C VAL D 275 -24.02 -15.11 19.65
N GLY D 276 -23.52 -15.29 20.87
CA GLY D 276 -24.33 -15.26 22.06
C GLY D 276 -24.25 -13.93 22.79
N SER D 277 -24.67 -13.95 24.06
CA SER D 277 -24.75 -12.72 24.84
C SER D 277 -23.41 -11.99 24.92
N ASP D 278 -22.30 -12.74 24.88
CA ASP D 278 -20.99 -12.11 24.90
C ASP D 278 -20.63 -11.44 23.58
N ASN D 279 -21.49 -11.56 22.56
CA ASN D 279 -21.33 -10.85 21.28
C ASN D 279 -20.07 -11.28 20.53
N HIS D 280 -19.60 -12.51 20.73
CA HIS D 280 -18.48 -13.06 20.01
C HIS D 280 -18.89 -14.31 19.25
N TYR D 281 -18.20 -14.58 18.15
CA TYR D 281 -18.48 -15.75 17.31
C TYR D 281 -17.89 -16.98 17.98
N SER D 282 -18.76 -17.76 18.64
CA SER D 282 -18.31 -18.86 19.48
C SER D 282 -17.81 -20.06 18.68
N ALA D 283 -18.19 -20.18 17.42
CA ALA D 283 -17.79 -21.32 16.59
C ALA D 283 -16.60 -21.00 15.69
N SER D 284 -15.83 -19.96 16.02
CA SER D 284 -14.71 -19.56 15.18
C SER D 284 -13.63 -20.65 15.14
N THR D 285 -13.40 -21.32 16.27
CA THR D 285 -12.33 -22.30 16.38
C THR D 285 -12.82 -23.73 16.31
N THR D 286 -14.05 -23.96 15.88
CA THR D 286 -14.60 -25.32 15.76
C THR D 286 -15.29 -25.57 14.43
N MET D 287 -15.38 -24.57 13.56
CA MET D 287 -16.16 -24.67 12.34
C MET D 287 -15.41 -23.98 11.21
N ASP D 288 -15.40 -24.61 10.04
CA ASP D 288 -14.62 -24.11 8.92
C ASP D 288 -15.21 -22.81 8.37
N TYR D 289 -14.40 -22.12 7.58
CA TYR D 289 -14.88 -20.93 6.88
C TYR D 289 -16.01 -21.33 5.92
N PRO D 290 -16.94 -20.43 5.65
CA PRO D 290 -18.04 -20.77 4.76
C PRO D 290 -17.64 -20.70 3.29
N SER D 291 -18.30 -21.52 2.49
CA SER D 291 -18.04 -21.53 1.06
C SER D 291 -18.83 -20.43 0.37
N LEU D 292 -18.43 -20.12 -0.87
CA LEU D 292 -19.09 -19.04 -1.60
C LEU D 292 -20.57 -19.33 -1.82
N GLY D 293 -20.90 -20.60 -2.07
CA GLY D 293 -22.30 -20.95 -2.28
C GLY D 293 -23.15 -20.78 -1.04
N LEU D 294 -22.60 -21.13 0.13
CA LEU D 294 -23.35 -20.97 1.38
C LEU D 294 -23.57 -19.50 1.70
N MET D 295 -22.55 -18.66 1.48
CA MET D 295 -22.72 -17.22 1.67
C MET D 295 -23.78 -16.68 0.72
N THR D 296 -23.75 -17.10 -0.54
CA THR D 296 -24.74 -16.64 -1.51
C THR D 296 -26.15 -17.01 -1.05
N GLU D 297 -26.33 -18.23 -0.57
CA GLU D 297 -27.66 -18.66 -0.12
C GLU D 297 -28.17 -17.81 1.04
N LYS D 298 -27.29 -17.49 1.98
CA LYS D 298 -27.72 -16.74 3.15
C LYS D 298 -27.95 -15.26 2.84
N LEU D 299 -27.03 -14.65 2.08
CA LEU D 299 -27.23 -13.26 1.67
C LEU D 299 -28.53 -13.10 0.90
N SER D 300 -28.83 -14.03 -0.01
CA SER D 300 -30.07 -13.98 -0.77
C SER D 300 -31.27 -14.21 0.13
N GLN D 301 -31.13 -15.09 1.12
CA GLN D 301 -32.24 -15.40 2.02
C GLN D 301 -32.59 -14.22 2.91
N LYS D 302 -31.60 -13.44 3.34
CA LYS D 302 -31.82 -12.30 4.22
C LYS D 302 -31.88 -10.98 3.47
N ASN D 303 -31.83 -11.01 2.13
CA ASN D 303 -31.87 -9.81 1.30
C ASN D 303 -30.76 -8.83 1.70
N ILE D 304 -29.56 -9.36 1.84
CA ILE D 304 -28.38 -8.58 2.20
C ILE D 304 -27.63 -8.20 0.94
N ASN D 305 -27.33 -6.91 0.79
CA ASN D 305 -26.49 -6.42 -0.29
C ASN D 305 -25.07 -6.29 0.26
N LEU D 306 -24.25 -7.31 0.01
CA LEU D 306 -22.87 -7.26 0.47
C LEU D 306 -22.07 -6.29 -0.37
N ILE D 307 -21.20 -5.53 0.29
CA ILE D 307 -20.36 -4.52 -0.35
C ILE D 307 -18.92 -4.80 0.01
N PHE D 308 -18.13 -5.25 -0.95
CA PHE D 308 -16.69 -5.44 -0.77
C PHE D 308 -16.02 -4.08 -0.93
N ALA D 309 -15.63 -3.48 0.19
CA ALA D 309 -14.93 -2.19 0.19
C ALA D 309 -13.47 -2.47 0.55
N VAL D 310 -12.64 -2.70 -0.48
CA VAL D 310 -11.29 -3.22 -0.30
C VAL D 310 -10.29 -2.28 -0.95
N THR D 311 -9.02 -2.47 -0.59
CA THR D 311 -7.93 -1.65 -1.11
C THR D 311 -7.53 -2.10 -2.50
N GLU D 312 -6.65 -1.30 -3.12
CA GLU D 312 -6.31 -1.49 -4.52
C GLU D 312 -5.64 -2.84 -4.76
N ASN D 313 -4.84 -3.31 -3.80
CA ASN D 313 -4.11 -4.56 -3.99
C ASN D 313 -5.02 -5.77 -4.08
N VAL D 314 -6.24 -5.68 -3.58
CA VAL D 314 -7.17 -6.81 -3.60
C VAL D 314 -8.48 -6.46 -4.32
N VAL D 315 -8.46 -5.41 -5.14
CA VAL D 315 -9.67 -5.06 -5.90
C VAL D 315 -10.04 -6.18 -6.86
N ASN D 316 -9.06 -6.64 -7.64
CA ASN D 316 -9.33 -7.71 -8.60
C ASN D 316 -9.80 -8.98 -7.91
N LEU D 317 -9.22 -9.29 -6.76
CA LEU D 317 -9.60 -10.48 -6.01
C LEU D 317 -11.09 -10.47 -5.69
N TYR D 318 -11.54 -9.42 -4.99
CA TYR D 318 -12.94 -9.37 -4.56
C TYR D 318 -13.90 -9.05 -5.69
N GLN D 319 -13.42 -8.36 -6.74
CA GLN D 319 -14.25 -8.20 -7.94
C GLN D 319 -14.55 -9.55 -8.57
N ASN D 320 -13.57 -10.45 -8.57
CA ASN D 320 -13.78 -11.78 -9.13
C ASN D 320 -14.72 -12.60 -8.26
N TYR D 321 -14.57 -12.51 -6.93
CA TYR D 321 -15.55 -13.12 -6.03
C TYR D 321 -16.94 -12.56 -6.29
N SER D 322 -17.04 -11.24 -6.50
CA SER D 322 -18.33 -10.61 -6.72
C SER D 322 -19.05 -11.18 -7.93
N GLU D 323 -18.31 -11.66 -8.92
CA GLU D 323 -18.94 -12.28 -10.08
C GLU D 323 -19.50 -13.66 -9.75
N LEU D 324 -18.93 -14.33 -8.75
CA LEU D 324 -19.45 -15.61 -8.29
C LEU D 324 -20.55 -15.47 -7.25
N ILE D 325 -20.70 -14.28 -6.66
CA ILE D 325 -21.75 -14.02 -5.68
C ILE D 325 -22.61 -12.88 -6.24
N PRO D 326 -23.59 -13.18 -7.09
CA PRO D 326 -24.34 -12.12 -7.76
C PRO D 326 -25.05 -11.21 -6.79
N GLY D 327 -25.08 -9.92 -7.12
CA GLY D 327 -25.69 -8.91 -6.29
C GLY D 327 -24.73 -8.11 -5.43
N THR D 328 -23.48 -8.55 -5.32
CA THR D 328 -22.50 -7.89 -4.47
C THR D 328 -21.81 -6.76 -5.22
N THR D 329 -21.35 -5.77 -4.46
CA THR D 329 -20.78 -4.54 -4.98
C THR D 329 -19.34 -4.40 -4.51
N VAL D 330 -18.49 -3.85 -5.37
CA VAL D 330 -17.07 -3.67 -5.08
C VAL D 330 -16.73 -2.18 -5.16
N GLY D 331 -15.96 -1.71 -4.19
CA GLY D 331 -15.48 -0.34 -4.20
C GLY D 331 -14.07 -0.28 -3.68
N VAL D 332 -13.30 0.66 -4.23
CA VAL D 332 -11.88 0.80 -3.88
C VAL D 332 -11.75 1.65 -2.63
N LEU D 333 -11.17 1.08 -1.58
CA LEU D 333 -11.04 1.73 -0.30
C LEU D 333 -9.64 2.30 -0.13
N SER D 334 -9.56 3.47 0.51
CA SER D 334 -8.26 4.06 0.80
C SER D 334 -7.53 3.24 1.85
N MET D 335 -6.21 3.41 1.89
CA MET D 335 -5.39 2.67 2.85
C MET D 335 -5.74 3.01 4.29
N ASP D 336 -6.35 4.16 4.55
CA ASP D 336 -6.82 4.52 5.88
C ASP D 336 -8.34 4.62 5.96
N SER D 337 -9.05 4.15 4.92
CA SER D 337 -10.51 4.21 4.81
C SER D 337 -11.06 5.63 4.81
N SER D 338 -10.28 6.62 4.34
CA SER D 338 -10.73 8.00 4.37
C SER D 338 -11.81 8.30 3.33
N ASN D 339 -11.99 7.41 2.36
CA ASN D 339 -12.99 7.59 1.32
C ASN D 339 -14.18 6.67 1.48
N VAL D 340 -14.30 5.99 2.63
CA VAL D 340 -15.35 4.98 2.80
C VAL D 340 -16.72 5.60 2.75
N LEU D 341 -16.84 6.87 3.15
CA LEU D 341 -18.15 7.54 3.14
C LEU D 341 -18.71 7.60 1.72
N GLN D 342 -17.95 8.20 0.79
CA GLN D 342 -18.42 8.29 -0.58
C GLN D 342 -18.54 6.93 -1.23
N LEU D 343 -17.68 5.99 -0.84
CA LEU D 343 -17.78 4.62 -1.36
C LEU D 343 -19.12 4.00 -1.00
N ILE D 344 -19.63 4.28 0.20
CA ILE D 344 -20.91 3.72 0.63
C ILE D 344 -22.06 4.39 -0.12
N VAL D 345 -22.02 5.73 -0.23
CA VAL D 345 -23.06 6.44 -0.95
C VAL D 345 -23.11 5.99 -2.41
N ASP D 346 -21.94 5.74 -3.00
CA ASP D 346 -21.89 5.22 -4.37
C ASP D 346 -22.52 3.85 -4.46
N ALA D 347 -22.16 2.96 -3.52
CA ALA D 347 -22.71 1.60 -3.55
C ALA D 347 -24.22 1.61 -3.42
N TYR D 348 -24.77 2.48 -2.56
CA TYR D 348 -26.22 2.56 -2.40
C TYR D 348 -26.89 2.95 -3.72
N GLY D 349 -26.25 3.83 -4.50
CA GLY D 349 -26.85 4.26 -5.75
C GLY D 349 -26.87 3.15 -6.80
N LYS D 350 -25.73 2.47 -6.96
CA LYS D 350 -25.67 1.39 -7.94
C LYS D 350 -26.47 0.16 -7.50
N ILE D 351 -26.69 -0.02 -6.20
CA ILE D 351 -27.55 -1.10 -5.73
C ILE D 351 -29.00 -0.85 -6.16
N ARG D 352 -29.46 0.40 -6.07
CA ARG D 352 -30.82 0.75 -6.42
C ARG D 352 -30.95 1.24 -7.86
N SER D 353 -29.99 0.93 -8.72
CA SER D 353 -30.04 1.31 -10.12
C SER D 353 -30.59 0.20 -11.01
N LYS D 354 -30.87 -0.97 -10.46
CA LYS D 354 -31.25 -2.14 -11.23
C LYS D 354 -32.62 -2.66 -10.79
N VAL D 355 -33.33 -3.26 -11.75
CA VAL D 355 -34.58 -3.95 -11.51
C VAL D 355 -34.59 -5.23 -12.34
N GLU D 356 -34.24 -6.34 -11.72
CA GLU D 356 -34.23 -7.64 -12.39
C GLU D 356 -35.37 -8.49 -11.84
N LEU D 357 -36.30 -8.88 -12.71
CA LEU D 357 -37.38 -9.75 -12.32
C LEU D 357 -36.90 -11.20 -12.23
N GLU D 358 -37.41 -11.93 -11.25
CA GLU D 358 -37.24 -13.36 -11.16
C GLU D 358 -38.60 -14.00 -10.97
N VAL D 359 -38.75 -15.24 -11.46
CA VAL D 359 -40.00 -15.97 -11.42
C VAL D 359 -39.84 -17.15 -10.48
N ARG D 360 -40.81 -17.30 -9.56
CA ARG D 360 -40.81 -18.37 -8.59
C ARG D 360 -42.06 -19.22 -8.77
N ASP D 361 -41.91 -20.53 -8.63
CA ASP D 361 -43.02 -21.48 -8.64
C ASP D 361 -43.76 -21.52 -9.98
N LEU D 362 -43.04 -21.32 -11.08
CA LEU D 362 -43.67 -21.40 -12.39
C LEU D 362 -43.95 -22.85 -12.73
N PRO D 363 -45.20 -23.23 -12.98
CA PRO D 363 -45.50 -24.63 -13.34
C PRO D 363 -44.76 -25.06 -14.60
N GLU D 364 -44.67 -26.38 -14.76
CA GLU D 364 -43.89 -26.96 -15.86
C GLU D 364 -44.43 -26.53 -17.21
N GLU D 365 -45.75 -26.63 -17.40
CA GLU D 365 -46.37 -26.41 -18.69
C GLU D 365 -46.33 -24.96 -19.12
N LEU D 366 -46.07 -24.03 -18.21
CA LEU D 366 -46.03 -22.62 -18.56
C LEU D 366 -44.63 -22.20 -19.00
N SER D 367 -44.59 -21.25 -19.93
CA SER D 367 -43.36 -20.62 -20.38
C SER D 367 -43.63 -19.13 -20.55
N LEU D 368 -42.69 -18.31 -20.11
CA LEU D 368 -42.85 -16.87 -20.10
C LEU D 368 -41.93 -16.19 -21.09
N SER D 369 -42.33 -15.00 -21.51
CA SER D 369 -41.55 -14.14 -22.38
C SER D 369 -41.74 -12.69 -21.91
N PHE D 370 -40.66 -11.92 -21.93
CA PHE D 370 -40.65 -10.58 -21.36
C PHE D 370 -40.14 -9.58 -22.36
N ASN D 371 -40.67 -8.36 -22.27
CA ASN D 371 -40.12 -7.19 -22.94
C ASN D 371 -40.02 -6.06 -21.92
N ALA D 372 -38.88 -5.40 -21.88
CA ALA D 372 -38.62 -4.37 -20.88
C ALA D 372 -38.72 -2.98 -21.49
N THR D 373 -39.38 -2.07 -20.77
CA THR D 373 -39.43 -0.65 -21.11
C THR D 373 -38.69 0.08 -20.00
N CYS D 374 -37.39 0.32 -20.20
CA CYS D 374 -36.54 0.88 -19.15
C CYS D 374 -36.39 2.39 -19.29
N LEU D 375 -35.18 2.84 -19.60
CA LEU D 375 -34.90 4.26 -19.77
C LEU D 375 -35.77 4.83 -20.88
N ASN D 376 -36.57 5.84 -20.52
CA ASN D 376 -37.54 6.46 -21.44
C ASN D 376 -38.51 5.37 -21.90
N ASN D 377 -38.90 5.33 -23.17
CA ASN D 377 -39.83 4.35 -23.69
C ASN D 377 -39.15 3.39 -24.66
N GLU D 378 -37.89 3.04 -24.38
CA GLU D 378 -37.13 2.16 -25.27
C GLU D 378 -37.47 0.72 -24.91
N VAL D 379 -38.35 0.12 -25.71
CA VAL D 379 -38.77 -1.26 -25.48
C VAL D 379 -37.61 -2.19 -25.85
N ILE D 380 -37.07 -2.88 -24.87
CA ILE D 380 -35.96 -3.82 -25.10
C ILE D 380 -36.53 -5.24 -25.05
N PRO D 381 -36.69 -5.89 -26.20
CA PRO D 381 -37.37 -7.19 -26.22
C PRO D 381 -36.51 -8.30 -25.64
N GLY D 382 -37.20 -9.33 -25.14
CA GLY D 382 -36.53 -10.49 -24.59
C GLY D 382 -35.71 -10.20 -23.35
N LEU D 383 -36.04 -9.14 -22.61
CA LEU D 383 -35.26 -8.71 -21.46
C LEU D 383 -36.18 -8.50 -20.27
N LYS D 384 -35.78 -9.01 -19.11
CA LYS D 384 -36.54 -8.87 -17.87
C LYS D 384 -35.71 -8.18 -16.79
N SER D 385 -34.92 -7.19 -17.20
CA SER D 385 -34.08 -6.46 -16.26
C SER D 385 -33.73 -5.10 -16.83
N CYS D 386 -33.69 -4.09 -15.97
CA CYS D 386 -33.29 -2.75 -16.34
C CYS D 386 -32.10 -2.30 -15.50
N MET D 387 -31.32 -1.38 -16.04
CA MET D 387 -30.15 -0.85 -15.36
C MET D 387 -30.13 0.67 -15.53
N GLY D 388 -29.12 1.31 -14.94
CA GLY D 388 -28.93 2.74 -15.09
C GLY D 388 -30.07 3.58 -14.55
N LEU D 389 -30.81 3.06 -13.58
CA LEU D 389 -31.95 3.77 -13.03
C LEU D 389 -31.52 4.72 -11.92
N LYS D 390 -32.39 5.68 -11.61
CA LYS D 390 -32.21 6.59 -10.49
C LYS D 390 -33.31 6.34 -9.47
N ILE D 391 -33.01 6.66 -8.21
CA ILE D 391 -34.02 6.52 -7.16
C ILE D 391 -35.22 7.39 -7.50
N GLY D 392 -36.38 6.78 -7.59
CA GLY D 392 -37.59 7.45 -8.05
C GLY D 392 -38.06 7.01 -9.42
N ASP D 393 -37.23 6.31 -10.18
CA ASP D 393 -37.61 5.88 -11.52
C ASP D 393 -38.67 4.79 -11.46
N THR D 394 -39.39 4.64 -12.57
CA THR D 394 -40.37 3.59 -12.73
C THR D 394 -40.14 2.90 -14.07
N VAL D 395 -40.13 1.57 -14.05
CA VAL D 395 -40.00 0.78 -15.26
C VAL D 395 -41.16 -0.22 -15.33
N SER D 396 -41.38 -0.76 -16.51
CA SER D 396 -42.47 -1.70 -16.73
C SER D 396 -41.98 -2.85 -17.61
N PHE D 397 -42.69 -3.98 -17.52
CA PHE D 397 -42.36 -5.16 -18.30
C PHE D 397 -43.64 -5.75 -18.86
N SER D 398 -43.65 -6.03 -20.16
CA SER D 398 -44.75 -6.75 -20.79
C SER D 398 -44.42 -8.24 -20.78
N ILE D 399 -45.38 -9.05 -20.32
CA ILE D 399 -45.17 -10.47 -20.10
C ILE D 399 -46.24 -11.26 -20.82
N GLU D 400 -45.83 -12.35 -21.48
CA GLU D 400 -46.74 -13.24 -22.17
C GLU D 400 -46.55 -14.65 -21.65
N ALA D 401 -47.61 -15.25 -21.13
CA ALA D 401 -47.58 -16.62 -20.63
C ALA D 401 -48.19 -17.55 -21.66
N LYS D 402 -47.47 -18.62 -22.00
CA LYS D 402 -47.93 -19.61 -22.96
C LYS D 402 -47.99 -20.97 -22.28
N VAL D 403 -49.19 -21.58 -22.29
CA VAL D 403 -49.41 -22.87 -21.66
C VAL D 403 -49.33 -23.95 -22.74
N ARG D 404 -48.68 -25.07 -22.41
CA ARG D 404 -48.55 -26.19 -23.33
C ARG D 404 -49.52 -27.29 -22.90
N GLY D 405 -50.47 -27.61 -23.78
CA GLY D 405 -51.45 -28.63 -23.47
C GLY D 405 -52.41 -28.19 -22.41
N CYS D 406 -52.80 -29.13 -21.55
CA CYS D 406 -53.66 -28.83 -20.41
C CYS D 406 -53.20 -29.60 -19.18
N PRO D 407 -52.82 -28.91 -18.11
CA PRO D 407 -52.37 -29.62 -16.91
C PRO D 407 -53.49 -30.36 -16.19
N GLN D 408 -53.07 -31.29 -15.34
CA GLN D 408 -54.02 -31.98 -14.47
C GLN D 408 -54.67 -31.03 -13.49
N GLU D 409 -53.87 -30.19 -12.83
CA GLU D 409 -54.39 -29.18 -11.92
C GLU D 409 -54.84 -27.96 -12.72
N LYS D 410 -56.08 -27.54 -12.49
CA LYS D 410 -56.66 -26.42 -13.24
C LYS D 410 -56.39 -25.07 -12.59
N GLU D 411 -55.94 -25.04 -11.34
CA GLU D 411 -55.71 -23.79 -10.63
C GLU D 411 -54.32 -23.82 -10.00
N LYS D 412 -53.41 -23.02 -10.54
CA LYS D 412 -52.09 -22.82 -9.98
C LYS D 412 -51.81 -21.33 -9.87
N SER D 413 -50.68 -20.99 -9.26
CA SER D 413 -50.27 -19.60 -9.16
C SER D 413 -48.76 -19.54 -9.02
N PHE D 414 -48.17 -18.46 -9.54
CA PHE D 414 -46.74 -18.23 -9.43
C PHE D 414 -46.50 -16.78 -9.07
N THR D 415 -45.23 -16.44 -8.87
CA THR D 415 -44.83 -15.14 -8.38
C THR D 415 -43.75 -14.52 -9.27
N ILE D 416 -43.93 -13.25 -9.60
CA ILE D 416 -42.91 -12.46 -10.29
C ILE D 416 -42.46 -11.37 -9.32
N LYS D 417 -41.22 -11.49 -8.82
CA LYS D 417 -40.71 -10.58 -7.81
C LYS D 417 -39.40 -9.97 -8.30
N PRO D 418 -39.21 -8.66 -8.17
CA PRO D 418 -37.90 -8.09 -8.49
C PRO D 418 -36.89 -8.47 -7.43
N VAL D 419 -35.64 -8.66 -7.86
CA VAL D 419 -34.59 -9.10 -6.95
C VAL D 419 -34.38 -8.04 -5.88
N GLY D 420 -34.40 -8.48 -4.62
CA GLY D 420 -34.19 -7.58 -3.51
C GLY D 420 -35.41 -6.76 -3.12
N PHE D 421 -36.55 -6.98 -3.76
CA PHE D 421 -37.77 -6.22 -3.50
C PHE D 421 -38.69 -7.00 -2.57
N LYS D 422 -39.34 -6.29 -1.65
CA LYS D 422 -40.35 -6.91 -0.80
C LYS D 422 -41.60 -7.26 -1.60
N ASP D 423 -42.09 -6.31 -2.39
CA ASP D 423 -43.34 -6.48 -3.12
C ASP D 423 -43.15 -7.40 -4.32
N SER D 424 -44.27 -7.94 -4.81
CA SER D 424 -44.26 -8.86 -5.93
C SER D 424 -45.67 -8.94 -6.52
N LEU D 425 -45.74 -9.49 -7.73
CA LEU D 425 -47.00 -9.71 -8.42
C LEU D 425 -47.34 -11.20 -8.36
N ILE D 426 -48.46 -11.52 -7.71
CA ILE D 426 -48.98 -12.88 -7.70
C ILE D 426 -49.88 -13.07 -8.90
N VAL D 427 -49.59 -14.10 -9.69
CA VAL D 427 -50.37 -14.43 -10.88
C VAL D 427 -51.15 -15.70 -10.57
N GLN D 428 -52.48 -15.58 -10.50
CA GLN D 428 -53.34 -16.73 -10.28
C GLN D 428 -53.79 -17.26 -11.63
N VAL D 429 -53.32 -18.47 -11.97
CA VAL D 429 -53.55 -19.05 -13.29
C VAL D 429 -54.65 -20.10 -13.18
N THR D 430 -55.70 -19.92 -14.00
CA THR D 430 -56.76 -20.90 -14.14
C THR D 430 -56.76 -21.41 -15.57
N PHE D 431 -56.70 -22.73 -15.73
CA PHE D 431 -56.64 -23.35 -17.04
C PHE D 431 -58.04 -23.75 -17.47
N ASP D 432 -58.50 -23.20 -18.60
CA ASP D 432 -59.87 -23.38 -19.07
C ASP D 432 -59.88 -24.47 -20.13
N CYS D 433 -59.90 -25.73 -19.68
CA CYS D 433 -59.88 -26.88 -20.57
C CYS D 433 -61.23 -27.57 -20.73
N ASP D 434 -62.12 -27.45 -19.75
CA ASP D 434 -63.40 -28.12 -19.77
C ASP D 434 -64.48 -27.21 -20.33
N CYS D 435 -65.66 -27.78 -20.53
CA CYS D 435 -66.81 -27.05 -21.04
C CYS D 435 -67.85 -26.87 -19.95
N ALA D 436 -68.56 -25.74 -20.01
CA ALA D 436 -69.57 -25.46 -18.99
C ALA D 436 -70.71 -26.46 -19.04
N CYS D 437 -70.98 -27.04 -20.20
CA CYS D 437 -72.05 -28.02 -20.32
C CYS D 437 -71.71 -29.34 -19.65
N GLN D 438 -70.44 -29.58 -19.34
CA GLN D 438 -70.06 -30.81 -18.64
C GLN D 438 -70.66 -30.85 -17.24
N ALA D 439 -70.86 -29.70 -16.63
CA ALA D 439 -71.52 -29.66 -15.32
C ALA D 439 -72.93 -30.23 -15.40
N GLN D 440 -73.59 -30.08 -16.55
CA GLN D 440 -74.91 -30.64 -16.78
C GLN D 440 -74.87 -32.01 -17.45
N ALA D 441 -73.79 -32.77 -17.24
CA ALA D 441 -73.71 -34.10 -17.81
C ALA D 441 -74.70 -35.04 -17.13
N GLU D 442 -75.25 -35.96 -17.91
CA GLU D 442 -76.28 -36.88 -17.43
C GLU D 442 -75.75 -38.30 -17.42
N PRO D 443 -75.24 -38.80 -16.30
CA PRO D 443 -74.72 -40.16 -16.27
C PRO D 443 -75.83 -41.19 -16.36
N ASN D 444 -75.48 -42.36 -16.94
CA ASN D 444 -76.43 -43.46 -17.12
C ASN D 444 -77.71 -43.00 -17.80
N SER D 445 -77.55 -42.10 -18.76
CA SER D 445 -78.70 -41.53 -19.44
C SER D 445 -79.42 -42.60 -20.25
N HIS D 446 -80.76 -42.59 -20.16
CA HIS D 446 -81.59 -43.44 -21.01
C HIS D 446 -81.34 -43.18 -22.49
N ARG D 447 -80.68 -42.08 -22.84
CA ARG D 447 -80.46 -41.63 -24.21
C ARG D 447 -79.19 -42.20 -24.84
N CYS D 448 -78.34 -42.87 -24.06
CA CYS D 448 -77.09 -43.43 -24.56
C CYS D 448 -77.06 -44.92 -24.22
N ASN D 449 -77.39 -45.75 -25.21
CA ASN D 449 -77.35 -47.21 -25.07
C ASN D 449 -78.27 -47.69 -23.94
N ASN D 450 -79.42 -47.03 -23.81
CA ASN D 450 -80.46 -47.36 -22.84
C ASN D 450 -80.06 -47.02 -21.42
N GLY D 451 -78.79 -46.67 -21.19
CA GLY D 451 -78.36 -46.30 -19.85
C GLY D 451 -76.92 -46.67 -19.55
N ASN D 452 -76.17 -47.03 -20.60
CA ASN D 452 -74.80 -47.45 -20.43
C ASN D 452 -73.78 -46.32 -20.53
N GLY D 453 -74.16 -45.20 -21.18
CA GLY D 453 -73.23 -44.11 -21.41
C GLY D 453 -73.73 -42.79 -20.84
N THR D 454 -72.82 -41.83 -20.79
CA THR D 454 -73.12 -40.48 -20.33
C THR D 454 -73.51 -39.59 -21.50
N PHE D 455 -74.46 -38.69 -21.25
CA PHE D 455 -74.91 -37.71 -22.24
C PHE D 455 -74.46 -36.33 -21.77
N GLU D 456 -73.37 -35.83 -22.35
CA GLU D 456 -72.86 -34.51 -22.02
C GLU D 456 -72.69 -33.69 -23.29
N CYS D 457 -73.06 -32.41 -23.21
CA CYS D 457 -72.82 -31.43 -24.27
C CYS D 457 -73.37 -31.89 -25.62
N GLY D 458 -74.51 -32.57 -25.59
CA GLY D 458 -75.21 -32.93 -26.81
C GLY D 458 -74.73 -34.19 -27.50
N VAL D 459 -73.85 -34.97 -26.88
CA VAL D 459 -73.35 -36.21 -27.45
C VAL D 459 -73.33 -37.28 -26.37
N CYS D 460 -73.03 -38.51 -26.78
CA CYS D 460 -72.99 -39.66 -25.89
C CYS D 460 -71.56 -40.13 -25.72
N ARG D 461 -71.06 -40.10 -24.49
CA ARG D 461 -69.74 -40.61 -24.15
C ARG D 461 -69.89 -41.95 -23.43
N CYS D 462 -68.97 -42.86 -23.69
CA CYS D 462 -68.96 -44.13 -22.97
C CYS D 462 -68.61 -43.89 -21.50
N GLY D 463 -69.41 -44.46 -20.61
CA GLY D 463 -69.31 -44.16 -19.21
C GLY D 463 -68.09 -44.78 -18.56
N PRO D 464 -67.90 -44.47 -17.28
CA PRO D 464 -66.73 -44.98 -16.56
C PRO D 464 -66.81 -46.49 -16.39
N GLY D 465 -65.68 -47.14 -16.64
CA GLY D 465 -65.58 -48.58 -16.59
C GLY D 465 -65.57 -49.27 -17.94
N TRP D 466 -65.91 -48.56 -19.01
CA TRP D 466 -65.95 -49.13 -20.34
C TRP D 466 -64.64 -48.87 -21.08
N LEU D 467 -64.44 -49.64 -22.15
CA LEU D 467 -63.28 -49.50 -23.03
C LEU D 467 -63.74 -49.33 -24.46
N GLY D 468 -62.96 -48.57 -25.23
CA GLY D 468 -63.30 -48.30 -26.62
C GLY D 468 -64.07 -47.02 -26.79
N SER D 469 -63.81 -46.29 -27.89
CA SER D 469 -64.50 -45.04 -28.13
C SER D 469 -65.99 -45.25 -28.36
N GLN D 470 -66.36 -46.37 -28.99
CA GLN D 470 -67.77 -46.72 -29.22
C GLN D 470 -68.21 -47.90 -28.36
N CYS D 471 -67.52 -48.13 -27.24
CA CYS D 471 -67.84 -49.23 -26.32
C CYS D 471 -67.83 -50.58 -27.03
N GLU E 1 30.94 -41.13 0.80
CA GLU E 1 31.55 -41.26 2.12
C GLU E 1 31.97 -39.90 2.67
N VAL E 2 31.60 -39.63 3.92
CA VAL E 2 31.98 -38.36 4.54
C VAL E 2 33.47 -38.34 4.84
N GLN E 3 34.10 -37.20 4.59
CA GLN E 3 35.53 -37.04 4.85
C GLN E 3 35.92 -35.57 4.85
N LEU E 4 36.62 -35.12 5.90
CA LEU E 4 37.08 -33.74 6.01
C LEU E 4 38.56 -33.70 5.64
N GLN E 5 38.88 -33.05 4.53
CA GLN E 5 40.24 -32.96 4.03
C GLN E 5 40.79 -31.57 4.34
N GLN E 6 41.81 -31.51 5.18
CA GLN E 6 42.42 -30.26 5.60
C GLN E 6 43.68 -29.99 4.78
N SER E 7 44.14 -28.74 4.85
CA SER E 7 45.31 -28.32 4.10
C SER E 7 46.59 -28.84 4.76
N GLY E 8 47.71 -28.62 4.07
CA GLY E 8 48.98 -29.13 4.51
C GLY E 8 49.50 -28.44 5.75
N ALA E 9 50.63 -28.96 6.25
CA ALA E 9 51.27 -28.38 7.41
C ALA E 9 51.76 -26.96 7.10
N GLU E 10 51.77 -26.12 8.13
CA GLU E 10 52.13 -24.71 7.98
C GLU E 10 53.34 -24.38 8.83
N LEU E 11 54.10 -23.40 8.35
CA LEU E 11 55.30 -22.93 9.06
C LEU E 11 55.33 -21.42 8.92
N VAL E 12 55.06 -20.70 10.01
CA VAL E 12 54.90 -19.26 9.97
C VAL E 12 55.71 -18.64 11.10
N LYS E 13 56.04 -17.35 10.93
CA LYS E 13 56.83 -16.59 11.89
C LYS E 13 55.92 -15.87 12.88
N PRO E 14 56.42 -15.56 14.07
CA PRO E 14 55.60 -14.85 15.06
C PRO E 14 55.11 -13.52 14.53
N GLY E 15 53.84 -13.21 14.81
CA GLY E 15 53.21 -12.02 14.31
C GLY E 15 52.50 -12.17 12.98
N ALA E 16 52.85 -13.19 12.20
CA ALA E 16 52.20 -13.41 10.91
C ALA E 16 50.82 -14.03 11.11
N SER E 17 50.09 -14.14 10.01
CA SER E 17 48.75 -14.70 10.01
C SER E 17 48.66 -15.83 9.00
N VAL E 18 48.10 -16.96 9.42
CA VAL E 18 47.92 -18.13 8.56
C VAL E 18 46.44 -18.45 8.51
N LYS E 19 46.00 -18.97 7.35
CA LYS E 19 44.60 -19.33 7.13
C LYS E 19 44.53 -20.80 6.79
N LEU E 20 43.87 -21.58 7.66
CA LEU E 20 43.76 -23.02 7.48
C LEU E 20 42.52 -23.37 6.67
N SER E 21 42.57 -24.53 6.03
CA SER E 21 41.55 -24.97 5.09
C SER E 21 40.99 -26.33 5.50
N CYS E 22 39.69 -26.52 5.30
CA CYS E 22 39.02 -27.79 5.59
C CYS E 22 37.97 -28.00 4.51
N THR E 23 38.27 -28.85 3.54
CA THR E 23 37.40 -29.11 2.41
C THR E 23 36.53 -30.34 2.68
N ALA E 24 35.28 -30.29 2.26
CA ALA E 24 34.33 -31.37 2.47
C ALA E 24 34.33 -32.33 1.29
N SER E 25 34.32 -33.62 1.60
CA SER E 25 34.32 -34.68 0.59
C SER E 25 33.21 -35.67 0.90
N GLY E 26 32.29 -35.85 -0.05
CA GLY E 26 31.18 -36.77 0.10
C GLY E 26 29.88 -36.13 0.54
N PHE E 27 29.84 -34.81 0.69
CA PHE E 27 28.65 -34.11 1.17
C PHE E 27 28.86 -32.63 0.91
N ASN E 28 27.77 -31.87 1.05
CA ASN E 28 27.83 -30.42 1.00
C ASN E 28 28.11 -29.88 2.40
N ILE E 29 29.14 -29.04 2.51
CA ILE E 29 29.52 -28.47 3.80
C ILE E 29 28.39 -27.66 4.42
N LYS E 30 27.42 -27.22 3.60
CA LYS E 30 26.23 -26.54 4.06
C LYS E 30 25.33 -27.42 4.93
N ASP E 31 25.54 -28.74 4.94
CA ASP E 31 24.60 -29.64 5.59
C ASP E 31 24.55 -29.43 7.10
N THR E 32 25.70 -29.29 7.76
CA THR E 32 25.77 -29.29 9.22
C THR E 32 26.66 -28.15 9.70
N TYR E 33 26.71 -27.99 11.02
CA TYR E 33 27.71 -27.14 11.65
C TYR E 33 29.11 -27.64 11.34
N VAL E 34 30.07 -26.72 11.37
CA VAL E 34 31.49 -27.05 11.17
C VAL E 34 32.27 -26.40 12.30
N HIS E 35 33.00 -27.21 13.06
CA HIS E 35 33.75 -26.74 14.22
C HIS E 35 35.24 -26.76 13.93
N TRP E 36 35.99 -26.09 14.80
CA TRP E 36 37.45 -26.12 14.78
C TRP E 36 37.93 -26.39 16.19
N VAL E 37 38.87 -27.32 16.33
CA VAL E 37 39.39 -27.73 17.63
C VAL E 37 40.90 -27.64 17.62
N LYS E 38 41.45 -27.08 18.70
CA LYS E 38 42.89 -26.92 18.87
C LYS E 38 43.42 -28.00 19.81
N GLN E 39 44.54 -28.61 19.43
CA GLN E 39 45.15 -29.67 20.23
C GLN E 39 46.60 -29.34 20.51
N ARG E 40 46.96 -29.25 21.79
CA ARG E 40 48.33 -29.12 22.23
C ARG E 40 48.71 -30.30 23.11
N PRO E 41 50.00 -30.67 23.13
CA PRO E 41 50.39 -31.85 23.93
C PRO E 41 50.09 -31.71 25.41
N GLU E 42 50.40 -30.56 26.01
CA GLU E 42 50.21 -30.37 27.44
C GLU E 42 48.81 -29.85 27.77
N GLN E 43 48.37 -28.79 27.08
CA GLN E 43 47.08 -28.18 27.41
C GLN E 43 45.92 -29.10 27.04
N GLY E 44 46.01 -29.77 25.89
CA GLY E 44 44.97 -30.71 25.50
C GLY E 44 44.12 -30.24 24.34
N LEU E 45 42.83 -30.55 24.40
CA LEU E 45 41.89 -30.20 23.33
C LEU E 45 41.10 -28.97 23.73
N GLU E 46 41.14 -27.94 22.90
CA GLU E 46 40.39 -26.71 23.11
C GLU E 46 39.45 -26.48 21.94
N TRP E 47 38.18 -26.24 22.23
CA TRP E 47 37.20 -25.94 21.20
C TRP E 47 37.30 -24.46 20.82
N ILE E 48 37.55 -24.20 19.54
CA ILE E 48 37.76 -22.84 19.07
C ILE E 48 36.42 -22.18 18.77
N GLY E 49 35.67 -22.74 17.83
CA GLY E 49 34.38 -22.18 17.47
C GLY E 49 33.71 -23.04 16.42
N ARG E 50 32.57 -22.56 15.95
CA ARG E 50 31.77 -23.25 14.95
C ARG E 50 31.27 -22.25 13.92
N ILE E 51 30.78 -22.78 12.80
CA ILE E 51 30.14 -21.96 11.77
C ILE E 51 29.03 -22.78 11.13
N ASP E 52 27.98 -22.08 10.73
CA ASP E 52 26.92 -22.67 9.92
C ASP E 52 27.13 -22.22 8.48
N PRO E 53 27.84 -23.01 7.66
CA PRO E 53 28.10 -22.57 6.28
C PRO E 53 26.84 -22.24 5.47
N ALA E 54 25.66 -22.71 5.92
CA ALA E 54 24.42 -22.33 5.24
C ALA E 54 24.18 -20.83 5.27
N ASN E 55 24.63 -20.15 6.31
CA ASN E 55 24.37 -18.72 6.46
C ASN E 55 25.57 -17.91 6.92
N GLY E 56 26.58 -18.51 7.56
CA GLY E 56 27.74 -17.78 8.00
C GLY E 56 27.76 -17.40 9.47
N TYR E 57 26.69 -17.68 10.21
CA TYR E 57 26.65 -17.36 11.63
C TYR E 57 27.66 -18.20 12.38
N THR E 58 28.46 -17.55 13.23
CA THR E 58 29.54 -18.21 13.95
C THR E 58 29.36 -18.07 15.46
N LYS E 59 30.00 -18.98 16.19
CA LYS E 59 30.15 -18.89 17.62
C LYS E 59 31.62 -19.10 17.95
N TYR E 60 32.03 -18.66 19.13
CA TYR E 60 33.43 -18.80 19.53
C TYR E 60 33.51 -19.02 21.04
N ASP E 61 34.59 -19.67 21.45
CA ASP E 61 35.03 -19.57 22.84
C ASP E 61 35.64 -18.19 23.02
N PRO E 62 35.18 -17.38 23.97
CA PRO E 62 35.73 -16.02 24.12
C PRO E 62 37.23 -15.97 24.37
N LYS E 63 37.86 -17.11 24.68
CA LYS E 63 39.32 -17.12 24.81
C LYS E 63 40.01 -16.86 23.48
N PHE E 64 39.37 -17.22 22.37
CA PHE E 64 39.96 -17.08 21.04
C PHE E 64 39.46 -15.84 20.30
N GLN E 65 38.78 -14.92 21.00
CA GLN E 65 38.26 -13.73 20.35
C GLN E 65 39.39 -12.84 19.84
N GLY E 66 39.29 -12.43 18.57
CA GLY E 66 40.32 -11.67 17.89
C GLY E 66 41.44 -12.50 17.28
N LYS E 67 41.71 -13.68 17.84
CA LYS E 67 42.77 -14.54 17.33
C LYS E 67 42.27 -15.48 16.22
N ALA E 68 41.09 -16.06 16.41
CA ALA E 68 40.52 -17.00 15.45
C ALA E 68 39.32 -16.38 14.75
N THR E 69 39.26 -16.54 13.43
CA THR E 69 38.15 -16.06 12.62
C THR E 69 37.74 -17.17 11.66
N ILE E 70 36.56 -17.72 11.87
CA ILE E 70 36.06 -18.84 11.08
C ILE E 70 35.20 -18.30 9.94
N THR E 71 35.49 -18.74 8.73
CA THR E 71 34.68 -18.41 7.56
C THR E 71 34.46 -19.68 6.75
N ALA E 72 33.62 -19.57 5.71
CA ALA E 72 33.34 -20.70 4.84
C ALA E 72 32.98 -20.18 3.46
N ASP E 73 33.10 -21.07 2.48
CA ASP E 73 32.83 -20.74 1.07
C ASP E 73 32.15 -21.96 0.45
N THR E 74 30.84 -21.88 0.26
CA THR E 74 30.10 -23.00 -0.32
C THR E 74 30.50 -23.25 -1.77
N SER E 75 30.98 -22.23 -2.47
CA SER E 75 31.44 -22.42 -3.84
C SER E 75 32.59 -23.41 -3.90
N SER E 76 33.57 -23.25 -3.02
CA SER E 76 34.66 -24.22 -2.90
C SER E 76 34.36 -25.32 -1.88
N ASN E 77 33.16 -25.30 -1.28
CA ASN E 77 32.73 -26.34 -0.35
C ASN E 77 33.70 -26.51 0.81
N THR E 78 34.32 -25.43 1.25
CA THR E 78 35.42 -25.47 2.20
C THR E 78 35.19 -24.46 3.32
N ALA E 79 35.48 -24.88 4.55
CA ALA E 79 35.51 -24.00 5.71
C ALA E 79 36.95 -23.55 5.98
N TYR E 80 37.07 -22.46 6.73
CA TYR E 80 38.36 -21.84 6.94
C TYR E 80 38.55 -21.46 8.40
N LEU E 81 39.81 -21.35 8.80
CA LEU E 81 40.19 -20.90 10.13
C LEU E 81 41.39 -19.98 10.00
N GLN E 82 41.19 -18.69 10.24
CA GLN E 82 42.24 -17.71 10.16
C GLN E 82 42.80 -17.44 11.56
N LEU E 83 44.12 -17.54 11.69
CA LEU E 83 44.81 -17.30 12.95
C LEU E 83 45.76 -16.13 12.76
N SER E 84 45.50 -15.03 13.48
CA SER E 84 46.29 -13.82 13.38
C SER E 84 47.09 -13.58 14.66
N SER E 85 48.09 -12.71 14.55
CA SER E 85 48.95 -12.33 15.66
C SER E 85 49.50 -13.57 16.38
N LEU E 86 50.17 -14.41 15.60
CA LEU E 86 50.57 -15.72 16.08
C LEU E 86 51.70 -15.62 17.10
N THR E 87 51.64 -16.50 18.10
CA THR E 87 52.66 -16.62 19.13
C THR E 87 53.04 -18.09 19.26
N SER E 88 54.00 -18.38 20.13
CA SER E 88 54.39 -19.76 20.38
C SER E 88 53.25 -20.57 20.98
N GLU E 89 52.35 -19.91 21.71
CA GLU E 89 51.21 -20.59 22.31
C GLU E 89 50.19 -21.04 21.27
N ASP E 90 50.27 -20.51 20.05
CA ASP E 90 49.39 -20.93 18.97
C ASP E 90 49.94 -22.12 18.19
N THR E 91 51.09 -22.66 18.59
CA THR E 91 51.64 -23.85 17.97
C THR E 91 50.85 -25.07 18.45
N ALA E 92 50.16 -25.74 17.54
CA ALA E 92 49.25 -26.82 17.89
C ALA E 92 48.85 -27.56 16.62
N VAL E 93 48.04 -28.60 16.80
CA VAL E 93 47.41 -29.31 15.70
C VAL E 93 45.93 -28.94 15.70
N TYR E 94 45.44 -28.48 14.55
CA TYR E 94 44.08 -27.99 14.42
C TYR E 94 43.25 -28.96 13.58
N TYR E 95 42.02 -29.19 14.03
CA TYR E 95 41.09 -30.11 13.38
C TYR E 95 39.78 -29.40 13.08
N CYS E 96 39.07 -29.88 12.07
CA CYS E 96 37.69 -29.49 11.82
C CYS E 96 36.77 -30.67 12.12
N VAL E 97 35.61 -30.37 12.70
CA VAL E 97 34.69 -31.39 13.19
C VAL E 97 33.28 -31.08 12.71
N ARG E 98 32.55 -32.12 12.35
CA ARG E 98 31.13 -32.03 12.03
C ARG E 98 30.43 -33.26 12.61
N PRO E 99 29.16 -33.15 12.96
CA PRO E 99 28.47 -34.27 13.58
C PRO E 99 27.96 -35.28 12.57
N LEU E 100 27.52 -36.43 13.08
CA LEU E 100 26.94 -37.49 12.24
C LEU E 100 25.44 -37.28 12.07
N TYR E 101 24.68 -37.42 13.16
CA TYR E 101 23.25 -37.16 13.15
C TYR E 101 22.89 -35.99 14.04
N ASP E 102 23.16 -36.09 15.35
CA ASP E 102 22.88 -35.03 16.31
C ASP E 102 23.42 -33.69 15.81
N TYR E 103 22.54 -32.70 15.69
CA TYR E 103 22.93 -31.37 15.26
C TYR E 103 24.12 -30.84 16.06
N TYR E 104 24.31 -31.32 17.27
CA TYR E 104 25.28 -30.77 18.21
C TYR E 104 26.44 -31.71 18.50
N ALA E 105 26.53 -32.85 17.84
CA ALA E 105 27.57 -33.83 18.13
C ALA E 105 28.90 -33.40 17.51
N MET E 106 29.95 -34.21 17.76
CA MET E 106 31.31 -33.95 17.30
C MET E 106 31.94 -35.30 16.90
N ASP E 107 31.47 -35.85 15.79
CA ASP E 107 31.76 -37.24 15.43
C ASP E 107 32.78 -37.40 14.31
N TYR E 108 32.74 -36.57 13.27
CA TYR E 108 33.66 -36.67 12.14
C TYR E 108 34.76 -35.64 12.28
N TRP E 109 36.01 -36.09 12.14
CA TRP E 109 37.17 -35.25 12.35
C TRP E 109 38.10 -35.30 11.14
N GLY E 110 38.66 -34.16 10.79
CA GLY E 110 39.67 -34.12 9.75
C GLY E 110 40.96 -34.79 10.18
N GLN E 111 41.84 -35.02 9.21
CA GLN E 111 43.10 -35.68 9.50
C GLN E 111 44.06 -34.78 10.28
N GLY E 112 43.78 -33.49 10.35
CA GLY E 112 44.58 -32.58 11.15
C GLY E 112 45.55 -31.75 10.31
N THR E 113 45.92 -30.61 10.86
CA THR E 113 46.91 -29.73 10.26
C THR E 113 47.78 -29.14 11.36
N SER E 114 49.08 -29.31 11.23
CA SER E 114 50.03 -28.82 12.23
C SER E 114 50.45 -27.40 11.91
N VAL E 115 50.46 -26.54 12.93
CA VAL E 115 50.91 -25.17 12.82
C VAL E 115 52.10 -24.99 13.77
N THR E 116 53.24 -24.62 13.21
CA THR E 116 54.46 -24.38 13.99
C THR E 116 54.88 -22.93 13.80
N VAL E 117 55.05 -22.21 14.91
CA VAL E 117 55.48 -20.82 14.90
C VAL E 117 56.92 -20.75 15.37
N SER E 118 57.79 -20.14 14.56
CA SER E 118 59.20 -20.05 14.88
C SER E 118 59.81 -18.89 14.11
N SER E 119 60.90 -18.36 14.66
CA SER E 119 61.60 -17.23 14.04
C SER E 119 62.77 -17.65 13.16
N ALA E 120 63.29 -18.86 13.34
CA ALA E 120 64.46 -19.29 12.59
C ALA E 120 64.10 -19.69 11.17
N LYS E 121 65.08 -19.59 10.28
CA LYS E 121 64.91 -20.00 8.90
C LYS E 121 65.34 -21.45 8.74
N THR E 122 65.27 -21.95 7.52
CA THR E 122 65.67 -23.33 7.24
C THR E 122 67.15 -23.53 7.58
N THR E 123 67.43 -24.52 8.43
CA THR E 123 68.77 -24.77 8.92
C THR E 123 69.09 -26.26 8.81
N ALA E 124 70.29 -26.57 8.33
CA ALA E 124 70.71 -27.96 8.20
C ALA E 124 71.23 -28.48 9.53
N PRO E 125 70.99 -29.75 9.84
CA PRO E 125 71.40 -30.31 11.13
C PRO E 125 72.90 -30.57 11.19
N SER E 126 73.38 -30.70 12.42
CA SER E 126 74.75 -31.11 12.70
C SER E 126 74.72 -32.50 13.31
N VAL E 127 75.52 -33.40 12.74
CA VAL E 127 75.56 -34.80 13.16
C VAL E 127 76.78 -35.01 14.03
N TYR E 128 76.56 -35.43 15.26
CA TYR E 128 77.65 -35.69 16.21
C TYR E 128 77.59 -37.12 16.71
N PRO E 129 78.59 -37.95 16.40
CA PRO E 129 78.58 -39.34 16.89
C PRO E 129 78.73 -39.39 18.41
N LEU E 130 78.24 -40.48 18.98
CA LEU E 130 78.25 -40.69 20.42
C LEU E 130 78.76 -42.09 20.71
N ALA E 131 79.92 -42.17 21.38
CA ALA E 131 80.58 -43.42 21.72
C ALA E 131 80.77 -43.50 23.23
N PRO E 132 80.87 -44.72 23.79
CA PRO E 132 81.07 -44.86 25.24
C PRO E 132 82.38 -44.24 25.74
N VAL E 133 82.59 -44.28 27.05
CA VAL E 133 83.74 -43.65 27.68
C VAL E 133 84.89 -44.63 27.76
N CYS E 134 86.11 -44.09 27.81
CA CYS E 134 87.31 -44.89 27.99
C CYS E 134 87.28 -45.71 29.28
N SER E 140 79.19 -57.40 27.69
CA SER E 140 78.44 -58.36 26.89
C SER E 140 77.60 -57.66 25.84
N SER E 141 77.36 -56.36 26.04
CA SER E 141 76.60 -55.56 25.10
C SER E 141 77.03 -54.11 25.23
N VAL E 142 76.82 -53.35 24.14
CA VAL E 142 77.25 -51.97 24.05
C VAL E 142 76.14 -51.14 23.42
N THR E 143 76.03 -49.88 23.84
CA THR E 143 75.04 -48.95 23.30
C THR E 143 75.76 -47.75 22.71
N LEU E 144 75.40 -47.39 21.48
CA LEU E 144 75.92 -46.21 20.79
C LEU E 144 74.83 -45.16 20.67
N GLY E 145 75.24 -43.96 20.25
CA GLY E 145 74.30 -42.87 20.07
C GLY E 145 74.65 -42.06 18.84
N CYS E 146 73.77 -41.09 18.54
CA CYS E 146 73.96 -40.24 17.37
C CYS E 146 73.15 -38.96 17.62
N LEU E 147 73.85 -37.89 18.01
CA LEU E 147 73.21 -36.63 18.35
C LEU E 147 73.03 -35.77 17.09
N VAL E 148 71.82 -35.26 16.91
CA VAL E 148 71.49 -34.39 15.78
C VAL E 148 70.86 -33.13 16.38
N LYS E 149 71.59 -32.02 16.31
CA LYS E 149 71.17 -30.78 16.96
C LYS E 149 71.22 -29.62 15.97
N GLY E 150 70.37 -28.64 16.21
CA GLY E 150 70.39 -27.40 15.45
C GLY E 150 69.93 -27.54 14.02
N TYR E 151 68.63 -27.74 13.82
CA TYR E 151 68.08 -27.81 12.48
C TYR E 151 66.66 -27.30 12.49
N PHE E 152 66.18 -26.94 11.31
CA PHE E 152 64.82 -26.44 11.12
C PHE E 152 64.44 -26.52 9.65
N PRO E 153 63.23 -27.01 9.34
CA PRO E 153 62.29 -27.51 10.34
C PRO E 153 62.24 -29.02 10.43
N GLU E 154 61.15 -29.53 11.00
CA GLU E 154 60.88 -30.95 11.02
C GLU E 154 60.45 -31.42 9.64
N PRO E 155 60.64 -32.71 9.32
CA PRO E 155 61.33 -33.70 10.15
C PRO E 155 62.71 -34.09 9.60
N VAL E 156 63.28 -35.14 10.18
CA VAL E 156 64.54 -35.70 9.72
C VAL E 156 64.42 -37.22 9.72
N THR E 157 65.20 -37.86 8.86
CA THR E 157 65.24 -39.31 8.75
C THR E 157 66.58 -39.81 9.27
N LEU E 158 66.54 -40.62 10.32
CA LEU E 158 67.74 -41.18 10.92
C LEU E 158 67.71 -42.69 10.76
N THR E 159 68.77 -43.24 10.14
CA THR E 159 68.92 -44.67 9.96
C THR E 159 70.33 -45.08 10.35
N TRP E 160 70.53 -46.37 10.57
CA TRP E 160 71.81 -46.93 10.97
C TRP E 160 72.29 -47.91 9.90
N ASN E 161 73.46 -47.64 9.34
CA ASN E 161 74.02 -48.42 8.23
C ASN E 161 73.06 -48.46 7.05
N SER E 162 72.52 -47.28 6.70
CA SER E 162 71.55 -47.14 5.63
C SER E 162 70.31 -48.01 5.89
N GLY E 163 69.81 -47.94 7.11
CA GLY E 163 68.66 -48.72 7.49
C GLY E 163 68.90 -50.21 7.65
N SER E 164 70.17 -50.64 7.62
CA SER E 164 70.47 -52.06 7.77
C SER E 164 70.00 -52.58 9.12
N LEU E 165 70.56 -52.04 10.20
CA LEU E 165 70.21 -52.46 11.55
C LEU E 165 69.06 -51.61 12.08
N SER E 166 67.93 -52.25 12.34
CA SER E 166 66.77 -51.59 12.95
C SER E 166 66.39 -52.17 14.30
N SER E 167 66.61 -53.46 14.52
CA SER E 167 66.31 -54.06 15.82
C SER E 167 67.23 -53.51 16.89
N GLY E 168 66.65 -53.06 17.99
CA GLY E 168 67.42 -52.50 19.08
C GLY E 168 67.81 -51.05 18.91
N VAL E 169 67.02 -50.29 18.16
CA VAL E 169 67.30 -48.88 17.89
C VAL E 169 66.18 -48.04 18.52
N HIS E 170 66.57 -46.97 19.21
CA HIS E 170 65.64 -46.05 19.85
C HIS E 170 65.89 -44.65 19.32
N THR E 171 64.98 -44.14 18.51
CA THR E 171 65.03 -42.78 18.02
C THR E 171 64.03 -41.93 18.79
N PHE E 172 64.50 -40.85 19.40
CA PHE E 172 63.69 -40.04 20.28
C PHE E 172 63.09 -38.85 19.53
N PRO E 173 61.85 -38.48 19.88
CA PRO E 173 61.22 -37.33 19.24
C PRO E 173 62.01 -36.05 19.48
N ALA E 174 62.07 -35.20 18.47
CA ALA E 174 62.79 -33.94 18.59
C ALA E 174 62.11 -33.02 19.60
N VAL E 175 62.94 -32.22 20.27
CA VAL E 175 62.47 -31.27 21.27
C VAL E 175 62.90 -29.87 20.85
N LEU E 176 61.98 -28.92 20.96
CA LEU E 176 62.25 -27.55 20.55
C LEU E 176 63.25 -26.89 21.50
N GLN E 177 64.31 -26.32 20.94
CA GLN E 177 65.36 -25.65 21.71
C GLN E 177 65.63 -24.30 21.05
N SER E 178 64.90 -23.28 21.49
CA SER E 178 65.06 -21.89 21.04
C SER E 178 65.09 -21.81 19.51
N ASP E 179 63.93 -22.07 18.92
CA ASP E 179 63.68 -22.02 17.49
C ASP E 179 64.50 -23.03 16.68
N LEU E 180 65.10 -24.02 17.33
CA LEU E 180 65.88 -25.06 16.66
C LEU E 180 65.63 -26.39 17.37
N TYR E 181 65.61 -27.46 16.58
CA TYR E 181 65.26 -28.78 17.09
C TYR E 181 66.50 -29.56 17.51
N THR E 182 66.28 -30.54 18.39
CA THR E 182 67.35 -31.42 18.88
C THR E 182 66.80 -32.83 18.94
N LEU E 183 67.35 -33.72 18.11
CA LEU E 183 66.93 -35.10 18.04
C LEU E 183 68.13 -36.02 18.28
N SER E 184 67.87 -37.16 18.92
CA SER E 184 68.92 -38.11 19.23
C SER E 184 68.40 -39.53 19.07
N SER E 185 69.31 -40.45 18.76
CA SER E 185 68.95 -41.85 18.56
C SER E 185 70.04 -42.74 19.13
N SER E 186 69.63 -43.83 19.77
CA SER E 186 70.53 -44.80 20.36
C SER E 186 70.33 -46.16 19.71
N VAL E 187 71.33 -47.04 19.90
CA VAL E 187 71.31 -48.39 19.34
C VAL E 187 72.15 -49.27 20.23
N THR E 188 71.73 -50.54 20.38
CA THR E 188 72.42 -51.49 21.23
C THR E 188 72.68 -52.78 20.46
N VAL E 189 73.92 -53.28 20.55
CA VAL E 189 74.34 -54.52 19.91
C VAL E 189 75.22 -55.30 20.89
N THR E 190 75.71 -56.44 20.44
CA THR E 190 76.61 -57.25 21.24
C THR E 190 78.05 -56.75 21.13
N SER E 191 78.88 -57.16 22.09
CA SER E 191 80.26 -56.70 22.13
C SER E 191 81.09 -57.30 21.00
N SER E 192 80.73 -58.50 20.53
CA SER E 192 81.43 -59.12 19.41
C SER E 192 80.99 -58.56 18.06
N THR E 193 80.25 -57.46 18.05
CA THR E 193 79.82 -56.78 16.83
C THR E 193 80.53 -55.46 16.60
N TRP E 194 80.65 -54.63 17.64
CA TRP E 194 81.29 -53.33 17.56
C TRP E 194 82.40 -53.26 18.60
N PRO E 195 83.56 -52.69 18.26
CA PRO E 195 83.89 -52.07 16.97
C PRO E 195 84.43 -53.05 15.93
N SER E 196 84.22 -54.35 16.14
CA SER E 196 84.68 -55.35 15.18
C SER E 196 83.96 -55.24 13.83
N GLN E 197 82.89 -54.45 13.75
CA GLN E 197 82.22 -54.15 12.51
C GLN E 197 81.85 -52.67 12.48
N SER E 198 81.89 -52.07 11.30
CA SER E 198 81.62 -50.65 11.16
C SER E 198 80.13 -50.37 11.29
N ILE E 199 79.80 -49.25 11.93
CA ILE E 199 78.40 -48.83 12.14
C ILE E 199 78.35 -47.33 11.90
N THR E 200 77.64 -46.91 10.87
CA THR E 200 77.50 -45.50 10.50
C THR E 200 76.06 -45.04 10.76
N CYS E 201 75.93 -43.85 11.33
CA CYS E 201 74.63 -43.24 11.58
C CYS E 201 74.27 -42.31 10.42
N ASN E 202 73.17 -42.61 9.73
CA ASN E 202 72.74 -41.84 8.57
C ASN E 202 71.62 -40.88 8.97
N VAL E 203 71.82 -39.59 8.67
CA VAL E 203 70.87 -38.54 8.98
C VAL E 203 70.50 -37.82 7.69
N ALA E 204 69.21 -37.64 7.45
CA ALA E 204 68.72 -36.98 6.25
C ALA E 204 67.76 -35.86 6.66
N HIS E 205 67.93 -34.68 6.05
CA HIS E 205 67.08 -33.53 6.30
C HIS E 205 66.56 -33.03 4.96
N PRO E 206 65.36 -33.46 4.57
CA PRO E 206 64.84 -33.05 3.24
C PRO E 206 64.65 -31.55 3.09
N ALA E 207 64.43 -30.83 4.18
CA ALA E 207 64.21 -29.39 4.08
C ALA E 207 65.41 -28.69 3.47
N SER E 208 66.61 -29.03 3.92
CA SER E 208 67.84 -28.49 3.33
C SER E 208 68.47 -29.44 2.33
N SER E 209 67.84 -30.60 2.07
CA SER E 209 68.32 -31.57 1.10
C SER E 209 69.76 -32.01 1.40
N THR E 210 70.08 -32.12 2.70
CA THR E 210 71.40 -32.54 3.13
C THR E 210 71.37 -34.00 3.55
N LYS E 211 72.46 -34.73 3.26
CA LYS E 211 72.56 -36.16 3.51
C LYS E 211 73.95 -36.44 4.08
N VAL E 212 74.13 -36.13 5.37
CA VAL E 212 75.40 -36.32 6.06
C VAL E 212 75.27 -37.51 7.01
N ASP E 213 76.37 -38.22 7.18
CA ASP E 213 76.39 -39.39 8.07
C ASP E 213 77.78 -39.55 8.66
N LYS E 214 77.85 -39.63 9.98
CA LYS E 214 79.10 -39.80 10.70
C LYS E 214 79.27 -41.24 11.16
N LYS E 215 80.50 -41.75 11.07
CA LYS E 215 80.81 -43.09 11.49
C LYS E 215 81.22 -43.11 12.96
N ILE E 216 80.70 -44.08 13.71
CA ILE E 216 80.99 -44.18 15.14
C ILE E 216 82.41 -44.69 15.33
N GLU E 217 83.19 -43.99 16.14
CA GLU E 217 84.57 -44.36 16.38
C GLU E 217 84.82 -44.57 17.87
N PRO E 218 85.67 -45.53 18.23
CA PRO E 218 85.98 -45.75 19.65
C PRO E 218 86.79 -44.60 20.22
N ARG E 219 86.88 -44.59 21.55
CA ARG E 219 87.66 -43.58 22.25
C ARG E 219 88.89 -44.21 22.91
N ASP F 1 32.00 -21.43 31.95
CA ASP F 1 32.26 -22.66 31.21
C ASP F 1 31.99 -23.89 32.06
N ILE F 2 31.79 -25.03 31.42
CA ILE F 2 31.61 -26.31 32.08
C ILE F 2 32.95 -27.04 32.08
N LEU F 3 33.38 -27.49 33.26
CA LEU F 3 34.66 -28.18 33.41
C LEU F 3 34.44 -29.69 33.30
N MET F 4 35.25 -30.33 32.46
CA MET F 4 35.17 -31.78 32.24
C MET F 4 36.38 -32.43 32.90
N THR F 5 36.12 -33.21 33.94
CA THR F 5 37.17 -33.90 34.69
C THR F 5 37.15 -35.37 34.30
N GLN F 6 38.14 -35.79 33.52
CA GLN F 6 38.23 -37.16 33.01
C GLN F 6 39.27 -37.93 33.80
N SER F 7 38.88 -39.12 34.26
CA SER F 7 39.75 -39.98 35.06
C SER F 7 39.56 -41.42 34.63
N PRO F 8 40.62 -42.25 34.69
CA PRO F 8 41.97 -41.86 35.10
C PRO F 8 42.78 -41.27 33.95
N SER F 9 43.86 -40.55 34.27
CA SER F 9 44.70 -39.97 33.22
C SER F 9 45.34 -41.05 32.36
N SER F 10 45.59 -42.23 32.94
CA SER F 10 46.12 -43.36 32.19
C SER F 10 45.91 -44.63 33.01
N MET F 11 45.96 -45.76 32.33
CA MET F 11 45.79 -47.06 32.98
C MET F 11 46.62 -48.10 32.25
N SER F 12 47.29 -48.94 33.02
CA SER F 12 48.08 -50.05 32.49
C SER F 12 47.22 -51.30 32.51
N VAL F 13 46.78 -51.74 31.33
CA VAL F 13 45.88 -52.87 31.19
C VAL F 13 46.41 -53.80 30.11
N SER F 14 45.82 -54.99 30.04
CA SER F 14 46.25 -56.03 29.10
C SER F 14 45.09 -56.40 28.18
N LEU F 15 45.38 -57.30 27.25
CA LEU F 15 44.39 -57.69 26.25
C LEU F 15 43.24 -58.47 26.89
N GLY F 16 42.03 -58.18 26.43
CA GLY F 16 40.84 -58.86 26.90
C GLY F 16 40.19 -58.25 28.12
N ASP F 17 40.83 -57.29 28.77
CA ASP F 17 40.28 -56.70 29.98
C ASP F 17 39.05 -55.85 29.68
N THR F 18 38.18 -55.72 30.68
CA THR F 18 37.03 -54.83 30.62
C THR F 18 37.34 -53.61 31.48
N VAL F 19 37.52 -52.46 30.84
CA VAL F 19 37.92 -51.24 31.53
C VAL F 19 36.83 -50.18 31.36
N SER F 20 36.82 -49.22 32.27
CA SER F 20 35.86 -48.12 32.25
C SER F 20 36.57 -46.81 32.51
N ILE F 21 36.21 -45.79 31.73
CA ILE F 21 36.75 -44.45 31.87
C ILE F 21 35.63 -43.52 32.30
N THR F 22 35.83 -42.80 33.40
CA THR F 22 34.82 -41.90 33.93
C THR F 22 35.09 -40.47 33.48
N CYS F 23 34.01 -39.70 33.38
CA CYS F 23 34.07 -38.29 32.99
C CYS F 23 33.08 -37.53 33.85
N HIS F 24 33.55 -36.54 34.59
CA HIS F 24 32.73 -35.77 35.51
C HIS F 24 32.63 -34.33 35.04
N ALA F 25 31.40 -33.82 34.99
CA ALA F 25 31.14 -32.44 34.60
C ALA F 25 30.85 -31.60 35.83
N SER F 26 31.19 -30.30 35.75
CA SER F 26 30.94 -29.40 36.87
C SER F 26 29.44 -29.20 37.13
N GLN F 27 28.61 -29.48 36.14
CA GLN F 27 27.16 -29.39 36.30
C GLN F 27 26.51 -30.44 35.41
N GLY F 28 25.21 -30.65 35.64
CA GLY F 28 24.49 -31.63 34.84
C GLY F 28 24.46 -31.23 33.37
N ILE F 29 24.64 -32.22 32.50
CA ILE F 29 24.63 -32.01 31.06
C ILE F 29 23.61 -32.88 30.34
N SER F 30 22.87 -33.72 31.05
CA SER F 30 21.75 -34.48 30.51
C SER F 30 22.13 -35.28 29.27
N SER F 31 23.16 -36.12 29.44
CA SER F 31 23.65 -37.05 28.42
C SER F 31 24.13 -36.36 27.15
N ASN F 32 24.32 -35.04 27.17
CA ASN F 32 24.86 -34.31 26.01
C ASN F 32 26.39 -34.40 26.00
N ILE F 33 26.87 -35.64 25.89
CA ILE F 33 28.30 -35.93 25.95
C ILE F 33 28.66 -36.91 24.83
N GLY F 34 29.86 -36.76 24.29
CA GLY F 34 30.38 -37.67 23.30
C GLY F 34 31.73 -38.20 23.71
N TRP F 35 32.12 -39.31 23.08
CA TRP F 35 33.37 -40.00 23.38
C TRP F 35 34.19 -40.17 22.12
N LEU F 36 35.48 -39.87 22.22
CA LEU F 36 36.38 -39.85 21.08
C LEU F 36 37.54 -40.83 21.30
N GLN F 37 38.20 -41.17 20.19
CA GLN F 37 39.38 -42.01 20.20
C GLN F 37 40.43 -41.41 19.27
N GLN F 38 41.70 -41.55 19.66
CA GLN F 38 42.81 -41.12 18.81
C GLN F 38 43.93 -42.15 18.93
N LYS F 39 44.10 -42.97 17.90
CA LYS F 39 45.20 -43.92 17.88
C LYS F 39 46.54 -43.18 17.76
N PRO F 40 47.63 -43.81 18.21
CA PRO F 40 48.94 -43.13 18.19
C PRO F 40 49.33 -42.68 16.79
N GLY F 41 49.61 -41.38 16.65
CA GLY F 41 49.94 -40.74 15.39
C GLY F 41 48.77 -40.41 14.50
N LYS F 42 47.67 -41.16 14.61
CA LYS F 42 46.53 -40.96 13.72
C LYS F 42 45.65 -39.83 14.26
N SER F 43 44.49 -39.63 13.65
CA SER F 43 43.59 -38.56 14.03
C SER F 43 42.47 -39.10 14.92
N PHE F 44 41.34 -38.40 14.97
CA PHE F 44 40.26 -38.74 15.88
C PHE F 44 39.15 -39.51 15.17
N MET F 45 38.47 -40.36 15.95
CA MET F 45 37.33 -41.13 15.47
C MET F 45 36.24 -41.06 16.52
N GLY F 46 35.00 -40.82 16.09
CA GLY F 46 33.89 -40.74 17.03
C GLY F 46 33.46 -42.14 17.47
N LEU F 47 33.26 -42.30 18.77
CA LEU F 47 32.81 -43.56 19.35
C LEU F 47 31.38 -43.48 19.86
N ILE F 48 31.04 -42.44 20.61
CA ILE F 48 29.72 -42.29 21.23
C ILE F 48 29.24 -40.87 20.99
N TYR F 49 27.93 -40.72 20.83
CA TYR F 49 27.29 -39.42 20.81
C TYR F 49 26.00 -39.49 21.62
N TYR F 50 25.68 -38.38 22.29
CA TYR F 50 24.51 -38.28 23.16
C TYR F 50 24.51 -39.37 24.23
N GLY F 51 25.68 -39.63 24.80
CA GLY F 51 25.79 -40.50 25.96
C GLY F 51 25.92 -41.98 25.68
N THR F 52 24.99 -42.56 24.92
CA THR F 52 24.93 -44.00 24.74
C THR F 52 24.94 -44.48 23.31
N ASN F 53 24.66 -43.64 22.32
CA ASN F 53 24.53 -44.08 20.95
C ASN F 53 25.90 -44.27 20.31
N LEU F 54 26.11 -45.45 19.71
CA LEU F 54 27.36 -45.74 19.02
C LEU F 54 27.40 -45.03 17.68
N VAL F 55 28.57 -44.49 17.34
CA VAL F 55 28.78 -43.93 16.01
C VAL F 55 28.81 -45.07 15.00
N ASP F 56 28.22 -44.84 13.82
CA ASP F 56 28.15 -45.84 12.77
C ASP F 56 29.52 -46.43 12.47
N GLY F 57 29.66 -47.74 12.65
CA GLY F 57 30.88 -48.47 12.38
C GLY F 57 31.66 -48.88 13.62
N VAL F 58 31.39 -48.24 14.75
CA VAL F 58 32.15 -48.56 15.98
C VAL F 58 31.74 -49.95 16.48
N PRO F 59 32.69 -50.81 16.82
CA PRO F 59 32.34 -52.14 17.31
C PRO F 59 31.50 -52.07 18.58
N SER F 60 30.67 -53.10 18.78
CA SER F 60 29.75 -53.15 19.91
C SER F 60 30.45 -53.37 21.25
N ARG F 61 31.77 -53.62 21.27
CA ARG F 61 32.47 -53.74 22.54
C ARG F 61 32.64 -52.41 23.26
N PHE F 62 32.36 -51.30 22.58
CA PHE F 62 32.31 -49.99 23.22
C PHE F 62 30.88 -49.71 23.67
N SER F 63 30.75 -48.99 24.78
CA SER F 63 29.44 -48.64 25.31
C SER F 63 29.58 -47.47 26.26
N GLY F 64 28.59 -46.58 26.25
CA GLY F 64 28.56 -45.44 27.14
C GLY F 64 27.34 -45.49 28.04
N SER F 65 27.48 -44.94 29.24
CA SER F 65 26.42 -44.95 30.23
C SER F 65 26.54 -43.70 31.09
N GLY F 66 25.61 -43.57 32.03
CA GLY F 66 25.63 -42.49 32.99
C GLY F 66 24.52 -41.49 32.77
N SER F 67 24.33 -40.64 33.77
CA SER F 67 23.32 -39.58 33.73
C SER F 67 23.76 -38.44 34.63
N GLY F 68 23.06 -37.33 34.54
CA GLY F 68 23.34 -36.18 35.36
C GLY F 68 24.66 -35.51 35.03
N ALA F 69 25.67 -35.72 35.87
CA ALA F 69 26.98 -35.10 35.68
C ALA F 69 28.12 -36.12 35.71
N ASP F 70 27.83 -37.41 35.63
CA ASP F 70 28.85 -38.45 35.66
C ASP F 70 28.53 -39.48 34.59
N TYR F 71 29.49 -39.72 33.70
CA TYR F 71 29.30 -40.63 32.58
C TYR F 71 30.54 -41.51 32.44
N SER F 72 30.34 -42.70 31.87
CA SER F 72 31.41 -43.68 31.78
C SER F 72 31.43 -44.32 30.41
N LEU F 73 32.63 -44.46 29.86
CA LEU F 73 32.88 -45.29 28.69
C LEU F 73 33.39 -46.65 29.15
N THR F 74 32.95 -47.71 28.47
CA THR F 74 33.33 -49.06 28.85
C THR F 74 33.70 -49.86 27.62
N ILE F 75 34.84 -50.54 27.67
CA ILE F 75 35.30 -51.41 26.61
C ILE F 75 35.31 -52.84 27.14
N SER F 76 34.60 -53.72 26.46
CA SER F 76 34.55 -55.14 26.82
C SER F 76 35.52 -55.91 25.94
N SER F 77 36.43 -56.66 26.59
CA SER F 77 37.46 -57.44 25.91
C SER F 77 38.34 -56.53 25.04
N LEU F 78 39.39 -55.99 25.64
CA LEU F 78 40.24 -55.04 24.93
C LEU F 78 40.95 -55.70 23.76
N ASP F 79 41.03 -54.97 22.65
CA ASP F 79 41.75 -55.39 21.46
C ASP F 79 43.02 -54.56 21.32
N SER F 80 44.01 -55.12 20.62
CA SER F 80 45.29 -54.43 20.47
C SER F 80 45.11 -53.05 19.84
N GLU F 81 44.06 -52.87 19.04
CA GLU F 81 43.78 -51.55 18.48
C GLU F 81 43.26 -50.56 19.51
N ASP F 82 42.70 -51.06 20.62
CA ASP F 82 42.10 -50.19 21.63
C ASP F 82 43.11 -49.50 22.52
N PHE F 83 44.40 -49.73 22.34
CA PHE F 83 45.44 -49.05 23.10
C PHE F 83 45.72 -47.70 22.45
N ALA F 84 44.95 -46.69 22.86
CA ALA F 84 45.02 -45.37 22.26
C ALA F 84 44.58 -44.34 23.29
N ASP F 85 44.34 -43.11 22.82
CA ASP F 85 43.89 -42.03 23.67
C ASP F 85 42.37 -41.86 23.53
N TYR F 86 41.73 -41.50 24.63
CA TYR F 86 40.28 -41.31 24.67
C TYR F 86 39.96 -40.00 25.36
N TYR F 87 38.91 -39.33 24.88
CA TYR F 87 38.49 -38.05 25.42
C TYR F 87 36.98 -37.97 25.44
N CYS F 88 36.44 -37.30 26.46
CA CYS F 88 35.03 -36.96 26.52
C CYS F 88 34.86 -35.48 26.17
N VAL F 89 33.75 -35.17 25.50
CA VAL F 89 33.43 -33.81 25.11
C VAL F 89 31.97 -33.54 25.43
N GLN F 90 31.69 -32.45 26.13
CA GLN F 90 30.33 -32.02 26.41
C GLN F 90 29.89 -31.00 25.38
N TYR F 91 28.59 -31.00 25.10
CA TYR F 91 28.02 -29.96 24.25
C TYR F 91 26.63 -29.55 24.71
N ALA F 92 26.39 -29.63 26.03
CA ALA F 92 25.15 -29.09 26.58
C ALA F 92 25.16 -27.56 26.59
N GLN F 93 26.34 -26.96 26.70
CA GLN F 93 26.48 -25.51 26.69
C GLN F 93 27.66 -25.12 25.82
N LEU F 94 27.59 -23.91 25.27
CA LEU F 94 28.74 -23.34 24.60
C LEU F 94 29.55 -22.52 25.61
N PRO F 95 30.89 -22.58 25.55
CA PRO F 95 31.70 -23.30 24.57
C PRO F 95 31.79 -24.80 24.85
N TYR F 96 31.98 -25.60 23.80
CA TYR F 96 32.26 -27.01 24.00
C TYR F 96 33.56 -27.17 24.75
N THR F 97 33.61 -28.13 25.67
CA THR F 97 34.80 -28.37 26.46
C THR F 97 35.12 -29.86 26.47
N PHE F 98 36.40 -30.19 26.35
CA PHE F 98 36.87 -31.56 26.30
C PHE F 98 37.40 -32.00 27.65
N GLY F 99 37.53 -33.31 27.83
CA GLY F 99 38.12 -33.86 29.02
C GLY F 99 39.64 -33.88 28.94
N GLY F 100 40.26 -34.14 30.09
CA GLY F 100 41.71 -34.17 30.15
C GLY F 100 42.32 -35.24 29.27
N GLY F 101 41.65 -36.37 29.13
CA GLY F 101 42.14 -37.45 28.28
C GLY F 101 42.48 -38.68 29.09
N THR F 102 42.57 -39.81 28.38
CA THR F 102 42.92 -41.08 28.99
C THR F 102 43.72 -41.90 28.00
N LYS F 103 44.89 -42.36 28.43
CA LYS F 103 45.79 -43.16 27.59
C LYS F 103 45.82 -44.59 28.10
N LEU F 104 45.52 -45.55 27.22
CA LEU F 104 45.53 -46.96 27.57
C LEU F 104 46.89 -47.55 27.18
N GLU F 105 47.64 -48.00 28.17
CA GLU F 105 48.97 -48.52 27.98
C GLU F 105 49.02 -50.01 28.34
N ILE F 106 49.97 -50.72 27.74
CA ILE F 106 50.08 -52.16 27.94
C ILE F 106 50.73 -52.43 29.29
N LYS F 107 50.07 -53.25 30.11
CA LYS F 107 50.63 -53.68 31.38
C LYS F 107 51.63 -54.80 31.17
N ARG F 108 52.74 -54.73 31.90
CA ARG F 108 53.77 -55.75 31.84
C ARG F 108 54.56 -55.72 33.14
N ALA F 109 55.55 -56.61 33.23
CA ALA F 109 56.41 -56.63 34.40
C ALA F 109 57.29 -55.39 34.44
N ASP F 110 57.69 -55.01 35.65
CA ASP F 110 58.58 -53.87 35.82
C ASP F 110 59.95 -54.17 35.22
N ALA F 111 60.68 -53.10 34.90
CA ALA F 111 61.98 -53.23 34.28
C ALA F 111 62.86 -52.06 34.68
N ALA F 112 64.17 -52.30 34.75
CA ALA F 112 65.14 -51.28 35.12
C ALA F 112 65.74 -50.63 33.89
N PRO F 113 66.03 -49.32 33.95
CA PRO F 113 66.57 -48.64 32.78
C PRO F 113 68.06 -48.90 32.60
N THR F 114 68.45 -49.17 31.35
CA THR F 114 69.85 -49.36 31.00
C THR F 114 70.46 -47.99 30.72
N VAL F 115 71.16 -47.45 31.70
CA VAL F 115 71.70 -46.10 31.61
C VAL F 115 73.03 -46.12 30.87
N SER F 116 73.26 -45.10 30.05
CA SER F 116 74.50 -44.95 29.30
C SER F 116 74.76 -43.47 29.08
N ILE F 117 76.01 -43.04 29.30
CA ILE F 117 76.40 -41.64 29.16
C ILE F 117 77.45 -41.55 28.06
N PHE F 118 77.39 -40.46 27.29
CA PHE F 118 78.27 -40.28 26.13
C PHE F 118 78.88 -38.89 26.20
N PRO F 119 80.20 -38.76 26.19
CA PRO F 119 80.83 -37.44 26.24
C PRO F 119 80.75 -36.76 24.88
N PRO F 120 80.99 -35.45 24.82
CA PRO F 120 80.90 -34.75 23.53
C PRO F 120 81.92 -35.27 22.53
N SER F 121 81.50 -35.31 21.26
CA SER F 121 82.37 -35.77 20.19
C SER F 121 83.40 -34.70 19.84
N SER F 122 84.47 -35.13 19.17
CA SER F 122 85.51 -34.19 18.75
C SER F 122 84.99 -33.25 17.68
N GLU F 123 84.15 -33.75 16.77
CA GLU F 123 83.55 -32.89 15.75
C GLU F 123 82.71 -31.78 16.40
N GLN F 124 82.10 -32.07 17.54
CA GLN F 124 81.28 -31.07 18.23
C GLN F 124 82.13 -30.11 19.04
N LEU F 125 83.21 -30.61 19.64
CA LEU F 125 84.10 -29.74 20.42
C LEU F 125 84.81 -28.72 19.53
N THR F 126 85.00 -29.05 18.25
CA THR F 126 85.69 -28.13 17.35
C THR F 126 84.81 -26.98 16.91
N SER F 127 83.48 -27.11 16.99
CA SER F 127 82.56 -26.04 16.65
C SER F 127 82.24 -25.14 17.84
N GLY F 128 83.00 -25.22 18.92
CA GLY F 128 82.76 -24.36 20.06
C GLY F 128 81.59 -24.79 20.91
N GLY F 129 81.27 -26.09 20.93
CA GLY F 129 80.15 -26.59 21.69
C GLY F 129 80.47 -27.92 22.33
N ALA F 130 79.54 -28.36 23.19
CA ALA F 130 79.66 -29.65 23.88
C ALA F 130 78.32 -30.08 24.46
N SER F 131 77.91 -31.31 24.19
CA SER F 131 76.66 -31.85 24.72
C SER F 131 76.90 -33.25 25.26
N VAL F 132 76.45 -33.50 26.48
CA VAL F 132 76.57 -34.80 27.12
C VAL F 132 75.20 -35.46 27.04
N VAL F 133 75.11 -36.54 26.26
CA VAL F 133 73.87 -37.28 26.08
C VAL F 133 73.85 -38.47 27.02
N CYS F 134 72.72 -38.70 27.68
CA CYS F 134 72.57 -39.79 28.63
C CYS F 134 71.28 -40.55 28.28
N PHE F 135 71.42 -41.79 27.83
CA PHE F 135 70.29 -42.60 27.41
C PHE F 135 69.84 -43.51 28.55
N LEU F 136 68.53 -43.73 28.63
CA LEU F 136 67.90 -44.57 29.65
C LEU F 136 66.89 -45.44 28.91
N ASN F 137 67.36 -46.56 28.37
CA ASN F 137 66.57 -47.37 27.44
C ASN F 137 65.87 -48.51 28.15
N ASN F 138 64.68 -48.84 27.63
CA ASN F 138 63.90 -50.02 28.03
C ASN F 138 63.66 -50.08 29.53
N PHE F 139 62.60 -49.43 30.01
CA PHE F 139 62.23 -49.50 31.41
C PHE F 139 60.71 -49.45 31.52
N TYR F 140 60.21 -49.86 32.68
CA TYR F 140 58.77 -49.85 32.94
C TYR F 140 58.55 -49.74 34.43
N PRO F 141 57.57 -48.93 34.90
CA PRO F 141 56.65 -48.11 34.11
C PRO F 141 57.30 -46.87 33.49
N LYS F 142 56.46 -46.00 32.91
CA LYS F 142 56.96 -44.81 32.24
C LYS F 142 57.53 -43.78 33.21
N ASP F 143 57.15 -43.85 34.49
CA ASP F 143 57.61 -42.86 35.45
C ASP F 143 59.12 -43.00 35.69
N ILE F 144 59.83 -41.88 35.59
CA ILE F 144 61.29 -41.87 35.75
C ILE F 144 61.75 -40.43 35.93
N ASN F 145 62.87 -40.25 36.64
CA ASN F 145 63.46 -38.93 36.87
C ASN F 145 64.95 -38.98 36.60
N VAL F 146 65.45 -37.97 35.91
CA VAL F 146 66.88 -37.84 35.62
C VAL F 146 67.43 -36.64 36.37
N LYS F 147 68.70 -36.72 36.75
CA LYS F 147 69.34 -35.63 37.49
C LYS F 147 70.79 -35.53 37.06
N TRP F 148 71.25 -34.30 36.82
CA TRP F 148 72.64 -34.03 36.49
C TRP F 148 73.34 -33.41 37.68
N LYS F 149 74.59 -33.83 37.92
CA LYS F 149 75.40 -33.31 39.03
C LYS F 149 76.80 -33.05 38.51
N ILE F 150 77.12 -31.78 38.25
CA ILE F 150 78.46 -31.38 37.83
C ILE F 150 79.32 -31.23 39.08
N ASP F 151 80.24 -32.17 39.29
CA ASP F 151 81.09 -32.21 40.48
C ASP F 151 80.25 -32.26 41.76
N GLY F 152 79.13 -32.99 41.69
CA GLY F 152 78.20 -33.09 42.80
C GLY F 152 77.10 -32.04 42.79
N SER F 153 77.44 -30.82 42.37
CA SER F 153 76.45 -29.75 42.31
C SER F 153 75.42 -30.06 41.23
N GLU F 154 74.15 -30.11 41.63
CA GLU F 154 73.07 -30.41 40.70
C GLU F 154 73.01 -29.37 39.59
N ARG F 155 72.53 -29.81 38.42
CA ARG F 155 72.43 -28.97 37.25
C ARG F 155 70.98 -28.94 36.75
N GLN F 156 70.50 -27.74 36.40
CA GLN F 156 69.14 -27.59 35.92
C GLN F 156 69.05 -26.59 34.77
N ASN F 157 70.17 -26.23 34.15
CA ASN F 157 70.22 -25.22 33.10
C ASN F 157 70.53 -25.88 31.77
N GLY F 158 69.64 -25.71 30.80
CA GLY F 158 69.86 -26.20 29.45
C GLY F 158 69.88 -27.70 29.31
N VAL F 159 68.79 -28.36 29.70
CA VAL F 159 68.65 -29.81 29.60
C VAL F 159 67.48 -30.10 28.67
N LEU F 160 67.71 -30.94 27.67
CA LEU F 160 66.71 -31.32 26.69
C LEU F 160 66.39 -32.80 26.86
N ASN F 161 65.19 -33.09 27.33
CA ASN F 161 64.73 -34.46 27.56
C ASN F 161 63.68 -34.85 26.55
N SER F 162 63.79 -36.08 26.04
CA SER F 162 62.84 -36.60 25.05
C SER F 162 62.47 -38.02 25.43
N TRP F 163 61.20 -38.37 25.26
CA TRP F 163 60.67 -39.68 25.61
C TRP F 163 60.09 -40.35 24.37
N THR F 164 60.25 -41.67 24.30
CA THR F 164 59.65 -42.47 23.23
C THR F 164 58.34 -43.08 23.69
N ASP F 165 57.45 -43.32 22.74
CA ASP F 165 56.21 -44.02 23.03
C ASP F 165 56.51 -45.46 23.46
N GLN F 166 55.53 -46.07 24.12
CA GLN F 166 55.65 -47.46 24.56
C GLN F 166 56.03 -48.34 23.38
N ASP F 167 57.24 -48.91 23.43
CA ASP F 167 57.76 -49.68 22.32
C ASP F 167 56.82 -50.82 21.96
N SER F 168 56.52 -50.96 20.66
CA SER F 168 55.67 -52.05 20.22
C SER F 168 56.34 -53.41 20.36
N LYS F 169 57.67 -53.44 20.40
CA LYS F 169 58.39 -54.69 20.47
C LYS F 169 58.23 -55.35 21.83
N ASP F 170 58.64 -54.66 22.90
CA ASP F 170 58.68 -55.23 24.24
C ASP F 170 57.89 -54.42 25.26
N SER F 171 57.09 -53.45 24.83
CA SER F 171 56.22 -52.67 25.70
C SER F 171 57.00 -51.87 26.75
N THR F 172 58.17 -51.39 26.39
CA THR F 172 59.02 -50.61 27.30
C THR F 172 59.11 -49.16 26.82
N TYR F 173 59.60 -48.31 27.71
CA TYR F 173 59.81 -46.90 27.44
C TYR F 173 61.30 -46.56 27.46
N SER F 174 61.64 -45.43 26.85
CA SER F 174 63.01 -44.96 26.82
C SER F 174 63.01 -43.44 26.96
N MET F 175 64.11 -42.93 27.53
CA MET F 175 64.26 -41.49 27.77
C MET F 175 65.65 -41.05 27.35
N SER F 176 65.71 -39.87 26.72
CA SER F 176 66.96 -39.25 26.32
C SER F 176 67.12 -37.91 27.04
N SER F 177 68.36 -37.55 27.33
CA SER F 177 68.66 -36.30 28.02
C SER F 177 69.96 -35.72 27.48
N THR F 178 69.91 -34.46 27.06
CA THR F 178 71.06 -33.80 26.42
C THR F 178 71.37 -32.51 27.19
N LEU F 179 72.43 -32.54 27.98
CA LEU F 179 72.90 -31.35 28.69
C LEU F 179 73.88 -30.60 27.79
N THR F 180 73.49 -29.40 27.38
CA THR F 180 74.23 -28.63 26.40
C THR F 180 74.82 -27.37 27.03
N LEU F 181 76.07 -27.08 26.69
CA LEU F 181 76.73 -25.85 27.09
C LEU F 181 77.87 -25.58 26.11
N THR F 182 78.51 -24.43 26.30
CA THR F 182 79.58 -24.02 25.39
C THR F 182 80.85 -24.81 25.66
N LYS F 183 81.74 -24.83 24.66
CA LYS F 183 83.03 -25.49 24.81
C LYS F 183 83.87 -24.81 25.89
N ASP F 184 83.77 -23.48 25.99
CA ASP F 184 84.47 -22.76 27.04
C ASP F 184 84.01 -23.20 28.41
N GLU F 185 82.71 -23.41 28.58
CA GLU F 185 82.18 -23.85 29.87
C GLU F 185 82.44 -25.32 30.12
N TYR F 186 82.49 -26.14 29.07
CA TYR F 186 82.78 -27.56 29.26
C TYR F 186 84.18 -27.77 29.78
N GLU F 187 85.13 -26.95 29.33
CA GLU F 187 86.51 -27.02 29.81
C GLU F 187 86.71 -26.34 31.16
N ARG F 188 85.76 -26.53 32.08
CA ARG F 188 85.84 -25.94 33.42
C ARG F 188 85.77 -26.96 34.54
N HIS F 189 85.22 -28.15 34.28
CA HIS F 189 85.04 -29.18 35.30
C HIS F 189 85.55 -30.51 34.76
N ASN F 190 85.54 -31.53 35.62
CA ASN F 190 86.01 -32.86 35.25
C ASN F 190 84.97 -33.94 35.45
N SER F 191 84.36 -34.01 36.64
CA SER F 191 83.41 -35.07 36.95
C SER F 191 82.00 -34.64 36.58
N TYR F 192 81.30 -35.50 35.82
CA TYR F 192 79.93 -35.25 35.40
C TYR F 192 79.10 -36.50 35.70
N THR F 193 78.03 -36.32 36.47
CA THR F 193 77.18 -37.41 36.92
C THR F 193 75.84 -37.37 36.20
N CYS F 194 75.32 -38.55 35.86
CA CYS F 194 73.97 -38.70 35.28
C CYS F 194 73.18 -39.66 36.16
N GLU F 195 72.50 -39.12 37.17
CA GLU F 195 71.70 -39.93 38.07
C GLU F 195 70.32 -40.20 37.45
N ALA F 196 69.65 -41.23 37.99
CA ALA F 196 68.36 -41.65 37.48
C ALA F 196 67.60 -42.38 38.57
N THR F 197 66.39 -41.92 38.86
CA THR F 197 65.54 -42.51 39.90
C THR F 197 64.39 -43.27 39.27
N HIS F 198 64.15 -44.48 39.76
CA HIS F 198 63.08 -45.33 39.25
C HIS F 198 62.49 -46.12 40.40
N LYS F 199 61.31 -46.70 40.17
CA LYS F 199 60.66 -47.48 41.22
C LYS F 199 61.28 -48.86 41.40
N THR F 200 61.95 -49.38 40.37
CA THR F 200 62.59 -50.68 40.49
C THR F 200 63.89 -50.63 41.30
N SER F 201 64.44 -49.44 41.52
CA SER F 201 65.70 -49.26 42.24
C SER F 201 65.49 -48.29 43.38
N THR F 202 65.88 -48.70 44.59
CA THR F 202 65.80 -47.79 45.73
C THR F 202 66.90 -46.74 45.66
N SER F 203 68.06 -47.08 45.13
CA SER F 203 69.17 -46.15 44.96
C SER F 203 69.27 -45.70 43.50
N PRO F 204 69.59 -44.44 43.25
CA PRO F 204 69.65 -43.95 41.87
C PRO F 204 70.83 -44.53 41.11
N ILE F 205 70.60 -44.84 39.84
CA ILE F 205 71.65 -45.38 38.97
C ILE F 205 72.51 -44.22 38.46
N VAL F 206 73.82 -44.39 38.53
CA VAL F 206 74.79 -43.33 38.25
C VAL F 206 75.69 -43.75 37.10
N LYS F 207 75.99 -42.79 36.22
CA LYS F 207 76.99 -42.97 35.17
C LYS F 207 77.80 -41.69 35.07
N SER F 208 79.12 -41.81 35.18
CA SER F 208 80.00 -40.65 35.22
C SER F 208 81.22 -40.88 34.34
N PHE F 209 82.06 -39.86 34.24
CA PHE F 209 83.29 -39.90 33.47
C PHE F 209 84.11 -38.64 33.77
N ASN F 210 85.39 -38.68 33.40
CA ASN F 210 86.29 -37.56 33.57
C ASN F 210 86.53 -36.87 32.23
N ARG F 211 86.59 -35.55 32.25
CA ARG F 211 86.76 -34.77 31.03
C ARG F 211 88.13 -35.04 30.41
N ASN F 212 88.12 -35.53 29.17
CA ASN F 212 89.32 -35.86 28.41
C ASN F 212 90.25 -36.76 29.22
N GLU F 213 89.78 -37.98 29.42
CA GLU F 213 90.54 -38.97 30.19
C GLU F 213 91.65 -39.59 29.36
N CYS F 214 91.29 -40.30 28.29
CA CYS F 214 92.25 -40.93 27.40
C CYS F 214 93.26 -39.93 26.86
N GLU G 1 -23.88 26.48 -28.56
CA GLU G 1 -24.88 27.48 -28.16
C GLU G 1 -25.68 27.00 -26.96
N VAL G 2 -25.81 27.85 -25.95
CA VAL G 2 -26.57 27.51 -24.76
C VAL G 2 -28.06 27.52 -25.09
N GLN G 3 -28.74 26.41 -24.78
CA GLN G 3 -30.18 26.31 -24.99
C GLN G 3 -30.78 25.45 -23.89
N LEU G 4 -31.93 25.88 -23.38
CA LEU G 4 -32.68 25.15 -22.37
C LEU G 4 -33.95 24.60 -23.01
N GLN G 5 -34.04 23.28 -23.09
CA GLN G 5 -35.13 22.61 -23.79
C GLN G 5 -36.06 21.97 -22.76
N GLN G 6 -37.25 22.53 -22.61
CA GLN G 6 -38.21 22.09 -21.61
C GLN G 6 -39.22 21.11 -22.19
N SER G 7 -39.83 20.32 -21.32
CA SER G 7 -40.79 19.31 -21.73
C SER G 7 -42.09 19.97 -22.21
N GLY G 8 -42.91 19.17 -22.88
CA GLY G 8 -44.08 19.68 -23.57
C GLY G 8 -45.21 20.07 -22.63
N ALA G 9 -46.31 20.50 -23.25
CA ALA G 9 -47.45 21.00 -22.49
C ALA G 9 -48.10 19.89 -21.69
N GLU G 10 -48.56 20.24 -20.49
CA GLU G 10 -49.19 19.30 -19.56
C GLU G 10 -50.65 19.67 -19.37
N LEU G 11 -51.51 18.65 -19.31
CA LEU G 11 -52.93 18.81 -19.03
C LEU G 11 -53.31 17.78 -17.97
N VAL G 12 -53.44 18.24 -16.72
CA VAL G 12 -53.63 17.35 -15.58
C VAL G 12 -54.89 17.78 -14.83
N LYS G 13 -55.33 16.93 -13.92
CA LYS G 13 -56.50 17.13 -13.09
C LYS G 13 -56.12 17.69 -11.71
N PRO G 14 -57.02 18.39 -11.04
CA PRO G 14 -56.70 18.92 -9.71
C PRO G 14 -56.48 17.79 -8.71
N GLY G 15 -55.51 17.99 -7.82
CA GLY G 15 -55.12 16.99 -6.85
C GLY G 15 -54.04 16.04 -7.30
N ALA G 16 -53.70 16.03 -8.59
CA ALA G 16 -52.64 15.18 -9.10
C ALA G 16 -51.29 15.89 -8.97
N SER G 17 -50.25 15.26 -9.49
CA SER G 17 -48.92 15.83 -9.51
C SER G 17 -48.38 15.82 -10.94
N VAL G 18 -47.47 16.76 -11.22
CA VAL G 18 -46.80 16.85 -12.51
C VAL G 18 -45.33 17.16 -12.26
N LYS G 19 -44.49 16.71 -13.17
CA LYS G 19 -43.04 16.88 -13.06
C LYS G 19 -42.51 17.43 -14.39
N LEU G 20 -42.03 18.67 -14.37
CA LEU G 20 -41.53 19.32 -15.57
C LEU G 20 -40.02 19.08 -15.69
N SER G 21 -39.55 18.96 -16.92
CA SER G 21 -38.15 18.70 -17.19
C SER G 21 -37.54 19.85 -17.97
N CYS G 22 -36.28 20.16 -17.67
CA CYS G 22 -35.53 21.21 -18.34
C CYS G 22 -34.14 20.64 -18.64
N THR G 23 -33.91 20.27 -19.90
CA THR G 23 -32.69 19.58 -20.31
C THR G 23 -31.71 20.58 -20.92
N ALA G 24 -30.46 20.51 -20.46
CA ALA G 24 -29.42 21.41 -20.94
C ALA G 24 -28.90 20.96 -22.30
N SER G 25 -28.63 21.93 -23.17
CA SER G 25 -28.12 21.66 -24.51
C SER G 25 -27.01 22.66 -24.82
N GLY G 26 -25.89 22.15 -25.33
CA GLY G 26 -24.73 22.99 -25.57
C GLY G 26 -23.90 23.29 -24.36
N PHE G 27 -24.24 22.75 -23.20
CA PHE G 27 -23.51 22.97 -21.96
C PHE G 27 -23.94 21.91 -20.96
N ASN G 28 -23.21 21.85 -19.85
CA ASN G 28 -23.50 20.91 -18.78
C ASN G 28 -24.38 21.58 -17.75
N ILE G 29 -25.53 20.97 -17.44
CA ILE G 29 -26.47 21.52 -16.46
C ILE G 29 -25.78 21.81 -15.12
N LYS G 30 -24.67 21.13 -14.83
CA LYS G 30 -23.92 21.29 -13.59
C LYS G 30 -23.18 22.63 -13.50
N ASP G 31 -23.10 23.37 -14.60
CA ASP G 31 -22.22 24.54 -14.64
C ASP G 31 -22.70 25.65 -13.72
N THR G 32 -24.01 25.95 -13.71
CA THR G 32 -24.52 27.14 -13.05
C THR G 32 -25.76 26.79 -12.23
N TYR G 33 -26.27 27.80 -11.52
CA TYR G 33 -27.59 27.70 -10.91
C TYR G 33 -28.65 27.48 -11.99
N VAL G 34 -29.73 26.81 -11.61
CA VAL G 34 -30.89 26.61 -12.47
C VAL G 34 -32.12 27.02 -11.69
N HIS G 35 -32.88 27.97 -12.23
CA HIS G 35 -34.06 28.50 -11.57
C HIS G 35 -35.33 28.01 -12.27
N TRP G 36 -36.47 28.21 -11.59
CA TRP G 36 -37.78 27.97 -12.16
C TRP G 36 -38.65 29.19 -11.90
N VAL G 37 -39.29 29.70 -12.95
CA VAL G 37 -40.13 30.88 -12.86
C VAL G 37 -41.53 30.54 -13.35
N LYS G 38 -42.54 31.04 -12.63
CA LYS G 38 -43.94 30.86 -12.98
C LYS G 38 -44.48 32.14 -13.58
N GLN G 39 -45.35 32.01 -14.59
CA GLN G 39 -45.93 33.16 -15.26
C GLN G 39 -47.42 32.96 -15.44
N ARG G 40 -48.20 34.01 -15.14
CA ARG G 40 -49.63 34.05 -15.37
C ARG G 40 -49.99 35.41 -15.95
N PRO G 41 -51.08 35.50 -16.72
CA PRO G 41 -51.42 36.80 -17.34
C PRO G 41 -51.70 37.90 -16.34
N GLU G 42 -52.37 37.60 -15.23
CA GLU G 42 -52.72 38.62 -14.25
C GLU G 42 -51.66 38.79 -13.18
N GLN G 43 -51.25 37.69 -12.53
CA GLN G 43 -50.30 37.79 -11.42
C GLN G 43 -48.88 38.10 -11.90
N GLY G 44 -48.54 37.76 -13.14
CA GLY G 44 -47.23 38.08 -13.66
C GLY G 44 -46.18 37.01 -13.46
N LEU G 45 -44.95 37.43 -13.16
CA LEU G 45 -43.82 36.52 -13.02
C LEU G 45 -43.50 36.31 -11.55
N GLU G 46 -43.44 35.05 -11.14
CA GLU G 46 -43.11 34.67 -9.77
C GLU G 46 -41.94 33.71 -9.78
N TRP G 47 -40.95 33.97 -8.93
CA TRP G 47 -39.78 33.11 -8.81
C TRP G 47 -40.10 31.96 -7.88
N ILE G 48 -39.97 30.73 -8.38
CA ILE G 48 -40.26 29.54 -7.59
C ILE G 48 -39.07 29.13 -6.75
N GLY G 49 -37.91 28.99 -7.37
CA GLY G 49 -36.73 28.56 -6.65
C GLY G 49 -35.61 28.24 -7.61
N ARG G 50 -34.49 27.82 -7.03
CA ARG G 50 -33.29 27.48 -7.79
C ARG G 50 -32.68 26.20 -7.25
N ILE G 51 -31.75 25.65 -8.01
CA ILE G 51 -31.01 24.45 -7.62
C ILE G 51 -29.59 24.55 -8.16
N ASP G 52 -28.64 24.10 -7.36
CA ASP G 52 -27.27 23.88 -7.83
C ASP G 52 -27.16 22.41 -8.20
N PRO G 53 -27.22 22.07 -9.49
CA PRO G 53 -27.18 20.65 -9.88
C PRO G 53 -25.90 19.95 -9.48
N ALA G 54 -24.83 20.68 -9.19
CA ALA G 54 -23.57 20.05 -8.80
C ALA G 54 -23.68 19.37 -7.44
N ASN G 55 -24.57 19.86 -6.57
CA ASN G 55 -24.68 19.30 -5.22
C ASN G 55 -26.11 19.08 -4.75
N GLY G 56 -27.12 19.55 -5.48
CA GLY G 56 -28.50 19.31 -5.11
C GLY G 56 -29.11 20.31 -4.16
N TYR G 57 -28.33 21.24 -3.63
CA TYR G 57 -28.87 22.25 -2.72
C TYR G 57 -29.86 23.14 -3.45
N THR G 58 -30.93 23.56 -2.75
CA THR G 58 -32.01 24.29 -3.36
C THR G 58 -32.40 25.48 -2.50
N LYS G 59 -33.11 26.42 -3.11
CA LYS G 59 -33.73 27.54 -2.44
C LYS G 59 -35.13 27.73 -3.01
N TYR G 60 -36.07 28.15 -2.18
CA TYR G 60 -37.45 28.32 -2.61
C TYR G 60 -38.01 29.63 -2.05
N ASP G 61 -38.92 30.21 -2.80
CA ASP G 61 -39.83 31.19 -2.21
C ASP G 61 -40.81 30.45 -1.30
N PRO G 62 -40.94 30.86 -0.05
CA PRO G 62 -41.85 30.13 0.87
C PRO G 62 -43.29 30.04 0.39
N LYS G 63 -43.69 30.81 -0.62
CA LYS G 63 -45.03 30.68 -1.17
C LYS G 63 -45.23 29.32 -1.84
N PHE G 64 -44.15 28.72 -2.34
CA PHE G 64 -44.21 27.42 -3.00
C PHE G 64 -43.70 26.29 -2.11
N GLN G 65 -43.49 26.56 -0.82
CA GLN G 65 -43.04 25.52 0.10
C GLN G 65 -44.10 24.45 0.25
N GLY G 66 -43.83 23.26 -0.28
CA GLY G 66 -44.79 22.17 -0.25
C GLY G 66 -45.33 21.83 -1.62
N LYS G 67 -45.63 22.84 -2.42
CA LYS G 67 -46.16 22.61 -3.77
C LYS G 67 -45.05 22.22 -4.74
N ALA G 68 -43.98 23.01 -4.78
CA ALA G 68 -42.91 22.83 -5.76
C ALA G 68 -41.73 22.09 -5.13
N THR G 69 -41.13 21.22 -5.92
CA THR G 69 -39.93 20.48 -5.52
C THR G 69 -38.99 20.43 -6.71
N ILE G 70 -37.85 21.12 -6.60
CA ILE G 70 -36.88 21.21 -7.68
C ILE G 70 -35.78 20.17 -7.43
N THR G 71 -35.50 19.37 -8.47
CA THR G 71 -34.42 18.38 -8.44
C THR G 71 -33.62 18.49 -9.72
N ALA G 72 -32.56 17.70 -9.81
CA ALA G 72 -31.71 17.70 -11.00
C ALA G 72 -31.00 16.36 -11.09
N ASP G 73 -30.64 16.00 -12.32
CA ASP G 73 -29.93 14.75 -12.60
C ASP G 73 -28.82 15.07 -13.61
N THR G 74 -27.58 15.15 -13.12
CA THR G 74 -26.45 15.41 -14.02
C THR G 74 -26.25 14.26 -15.02
N SER G 75 -26.69 13.05 -14.67
CA SER G 75 -26.61 11.94 -15.60
C SER G 75 -27.31 12.26 -16.90
N SER G 76 -28.60 12.61 -16.83
CA SER G 76 -29.36 12.99 -18.00
C SER G 76 -29.24 14.47 -18.34
N ASN G 77 -28.42 15.21 -17.59
CA ASN G 77 -28.18 16.64 -17.84
C ASN G 77 -29.48 17.43 -17.83
N THR G 78 -30.34 17.15 -16.84
CA THR G 78 -31.69 17.69 -16.80
C THR G 78 -32.02 18.17 -15.39
N ALA G 79 -32.76 19.26 -15.31
CA ALA G 79 -33.33 19.75 -14.07
C ALA G 79 -34.84 19.57 -14.09
N TYR G 80 -35.43 19.39 -12.92
CA TYR G 80 -36.84 19.05 -12.82
C TYR G 80 -37.57 19.99 -11.88
N LEU G 81 -38.89 20.03 -12.05
CA LEU G 81 -39.79 20.79 -11.17
C LEU G 81 -41.05 19.96 -10.97
N GLN G 82 -41.29 19.51 -9.74
CA GLN G 82 -42.46 18.70 -9.42
C GLN G 82 -43.47 19.56 -8.68
N LEU G 83 -44.69 19.60 -9.20
CA LEU G 83 -45.79 20.32 -8.59
C LEU G 83 -46.81 19.31 -8.07
N SER G 84 -47.12 19.38 -6.78
CA SER G 84 -48.03 18.46 -6.14
C SER G 84 -49.28 19.18 -5.66
N SER G 85 -50.34 18.40 -5.44
CA SER G 85 -51.65 18.92 -5.01
C SER G 85 -52.10 20.05 -5.92
N LEU G 86 -52.30 19.71 -7.19
CA LEU G 86 -52.50 20.72 -8.23
C LEU G 86 -53.86 21.38 -8.10
N THR G 87 -53.89 22.67 -8.43
CA THR G 87 -55.08 23.51 -8.36
C THR G 87 -55.13 24.37 -9.61
N SER G 88 -56.31 24.93 -9.89
CA SER G 88 -56.44 25.89 -10.99
C SER G 88 -55.44 27.03 -10.87
N GLU G 89 -55.10 27.43 -9.63
CA GLU G 89 -54.09 28.47 -9.44
C GLU G 89 -52.69 28.02 -9.85
N ASP G 90 -52.47 26.72 -10.05
CA ASP G 90 -51.21 26.24 -10.58
C ASP G 90 -51.16 26.25 -12.10
N THR G 91 -52.30 26.45 -12.76
CA THR G 91 -52.34 26.59 -14.21
C THR G 91 -51.53 27.82 -14.64
N ALA G 92 -50.41 27.61 -15.30
CA ALA G 92 -49.49 28.68 -15.65
C ALA G 92 -48.47 28.14 -16.64
N VAL G 93 -47.62 29.04 -17.14
CA VAL G 93 -46.47 28.68 -17.95
C VAL G 93 -45.24 28.75 -17.07
N TYR G 94 -44.41 27.70 -17.11
CA TYR G 94 -43.25 27.58 -16.24
C TYR G 94 -41.97 27.58 -17.05
N TYR G 95 -40.99 28.37 -16.63
CA TYR G 95 -39.72 28.52 -17.32
C TYR G 95 -38.58 28.07 -16.41
N CYS G 96 -37.52 27.55 -17.02
CA CYS G 96 -36.26 27.34 -16.33
C CYS G 96 -35.25 28.36 -16.83
N VAL G 97 -34.43 28.87 -15.91
CA VAL G 97 -33.53 29.99 -16.19
C VAL G 97 -32.14 29.65 -15.66
N ARG G 98 -31.12 30.18 -16.33
CA ARG G 98 -29.75 30.10 -15.86
C ARG G 98 -29.04 31.38 -16.28
N PRO G 99 -28.01 31.80 -15.55
CA PRO G 99 -27.34 33.05 -15.88
C PRO G 99 -26.32 32.87 -17.00
N LEU G 100 -25.89 34.01 -17.55
CA LEU G 100 -24.83 34.02 -18.57
C LEU G 100 -23.47 34.05 -17.90
N TYR G 101 -23.11 35.19 -17.31
CA TYR G 101 -21.85 35.36 -16.60
C TYR G 101 -22.06 35.50 -15.10
N ASP G 102 -22.78 36.54 -14.67
CA ASP G 102 -23.06 36.78 -13.26
C ASP G 102 -23.64 35.53 -12.61
N TYR G 103 -23.03 35.11 -11.49
CA TYR G 103 -23.49 33.91 -10.79
C TYR G 103 -24.96 33.97 -10.44
N TYR G 104 -25.50 35.16 -10.22
CA TYR G 104 -26.83 35.33 -9.67
C TYR G 104 -27.83 35.87 -10.68
N ALA G 105 -27.44 36.06 -11.94
CA ALA G 105 -28.30 36.68 -12.92
C ALA G 105 -29.35 35.70 -13.43
N MET G 106 -30.20 36.18 -14.36
CA MET G 106 -31.32 35.41 -14.92
C MET G 106 -31.41 35.77 -16.41
N ASP G 107 -30.55 35.16 -17.21
CA ASP G 107 -30.33 35.59 -18.60
C ASP G 107 -30.82 34.61 -19.64
N TYR G 108 -30.57 33.31 -19.46
CA TYR G 108 -30.97 32.30 -20.44
C TYR G 108 -32.26 31.63 -19.98
N TRP G 109 -33.26 31.61 -20.85
CA TRP G 109 -34.57 31.07 -20.54
C TRP G 109 -34.95 29.97 -21.51
N GLY G 110 -35.53 28.90 -20.98
CA GLY G 110 -36.15 27.90 -21.81
C GLY G 110 -37.37 28.46 -22.53
N GLN G 111 -37.97 27.60 -23.35
CA GLN G 111 -39.12 28.04 -24.14
C GLN G 111 -40.41 28.05 -23.33
N GLY G 112 -40.38 27.60 -22.08
CA GLY G 112 -41.58 27.61 -21.25
C GLY G 112 -42.43 26.37 -21.42
N THR G 113 -42.94 25.84 -20.31
CA THR G 113 -43.81 24.67 -20.32
C THR G 113 -45.19 25.07 -19.83
N SER G 114 -46.21 24.77 -20.62
CA SER G 114 -47.58 25.14 -20.30
C SER G 114 -48.24 24.02 -19.47
N VAL G 115 -48.88 24.42 -18.38
CA VAL G 115 -49.58 23.49 -17.49
C VAL G 115 -51.02 23.96 -17.36
N THR G 116 -51.97 23.04 -17.54
CA THR G 116 -53.38 23.34 -17.42
C THR G 116 -54.00 22.34 -16.45
N VAL G 117 -54.65 22.86 -15.41
CA VAL G 117 -55.30 22.04 -14.39
C VAL G 117 -56.81 22.20 -14.56
N SER G 118 -57.51 21.09 -14.76
CA SER G 118 -58.95 21.13 -14.97
C SER G 118 -59.53 19.73 -14.83
N SER G 119 -60.75 19.68 -14.31
CA SER G 119 -61.53 18.44 -14.27
C SER G 119 -62.35 18.22 -15.54
N ALA G 120 -62.35 19.18 -16.46
CA ALA G 120 -63.21 19.11 -17.63
C ALA G 120 -62.85 17.93 -18.51
N LYS G 121 -63.85 17.38 -19.17
CA LYS G 121 -63.69 16.27 -20.10
C LYS G 121 -63.58 16.80 -21.53
N THR G 122 -62.96 16.00 -22.40
CA THR G 122 -62.82 16.35 -23.80
C THR G 122 -64.20 16.57 -24.43
N THR G 123 -64.59 17.83 -24.60
CA THR G 123 -65.91 18.18 -25.08
C THR G 123 -65.79 18.88 -26.42
N ALA G 124 -66.53 18.38 -27.42
CA ALA G 124 -66.49 18.97 -28.74
C ALA G 124 -67.24 20.29 -28.76
N PRO G 125 -66.82 21.23 -29.59
CA PRO G 125 -67.45 22.56 -29.60
C PRO G 125 -68.79 22.56 -30.33
N SER G 126 -69.59 23.58 -30.00
CA SER G 126 -70.84 23.88 -30.68
C SER G 126 -70.63 25.12 -31.54
N VAL G 127 -70.79 24.95 -32.85
CA VAL G 127 -70.53 26.03 -33.81
C VAL G 127 -71.86 26.64 -34.21
N TYR G 128 -71.98 27.96 -34.04
CA TYR G 128 -73.21 28.67 -34.35
C TYR G 128 -72.93 29.79 -35.36
N PRO G 129 -73.73 29.91 -36.41
CA PRO G 129 -73.54 31.02 -37.36
C PRO G 129 -74.12 32.32 -36.82
N LEU G 130 -73.44 33.41 -37.11
CA LEU G 130 -73.86 34.74 -36.68
C LEU G 130 -74.13 35.60 -37.92
N ALA G 131 -75.39 35.65 -38.34
CA ALA G 131 -75.81 36.47 -39.45
C ALA G 131 -76.39 37.79 -38.96
N PRO G 132 -76.24 38.87 -39.73
CA PRO G 132 -76.76 40.17 -39.28
C PRO G 132 -78.27 40.22 -39.19
N VAL G 133 -78.81 41.35 -38.75
CA VAL G 133 -80.24 41.52 -38.58
C VAL G 133 -80.82 42.16 -39.83
N CYS G 134 -82.11 41.91 -40.07
CA CYS G 134 -82.80 42.48 -41.22
C CYS G 134 -82.93 44.00 -41.08
N THR G 138 -77.48 46.66 -45.17
CA THR G 138 -78.07 47.98 -45.37
C THR G 138 -77.02 49.00 -45.79
N GLY G 139 -75.79 48.81 -45.31
CA GLY G 139 -74.70 49.71 -45.60
C GLY G 139 -73.85 49.24 -46.76
N SER G 140 -72.61 49.71 -46.78
CA SER G 140 -71.68 49.35 -47.85
C SER G 140 -70.86 48.12 -47.51
N SER G 141 -70.58 47.88 -46.24
CA SER G 141 -69.83 46.72 -45.80
C SER G 141 -70.66 45.90 -44.82
N VAL G 142 -70.53 44.58 -44.90
CA VAL G 142 -71.28 43.65 -44.06
C VAL G 142 -70.30 42.83 -43.24
N THR G 143 -70.67 42.54 -42.00
CA THR G 143 -69.85 41.76 -41.09
C THR G 143 -70.61 40.51 -40.66
N LEU G 144 -70.00 39.35 -40.84
CA LEU G 144 -70.53 38.07 -40.38
C LEU G 144 -69.75 37.60 -39.16
N GLY G 145 -70.27 36.56 -38.52
CA GLY G 145 -69.64 36.05 -37.32
C GLY G 145 -69.80 34.55 -37.19
N CYS G 146 -69.01 33.98 -36.27
CA CYS G 146 -69.05 32.56 -35.98
C CYS G 146 -68.76 32.38 -34.49
N LEU G 147 -69.60 31.58 -33.82
CA LEU G 147 -69.52 31.39 -32.38
C LEU G 147 -69.17 29.94 -32.07
N VAL G 148 -68.01 29.74 -31.44
CA VAL G 148 -67.56 28.43 -31.00
C VAL G 148 -67.70 28.39 -29.48
N LYS G 149 -68.54 27.49 -28.97
CA LYS G 149 -68.94 27.52 -27.57
C LYS G 149 -68.78 26.14 -26.94
N GLY G 150 -68.32 26.14 -25.69
CA GLY G 150 -68.30 24.95 -24.86
C GLY G 150 -67.45 23.80 -25.36
N TYR G 151 -66.15 24.02 -25.53
CA TYR G 151 -65.24 22.96 -25.92
C TYR G 151 -64.10 22.85 -24.91
N PHE G 152 -63.42 21.70 -24.94
CA PHE G 152 -62.29 21.45 -24.07
C PHE G 152 -61.50 20.28 -24.61
N PRO G 153 -60.17 20.33 -24.61
CA PRO G 153 -59.41 21.53 -24.21
C PRO G 153 -59.05 22.39 -25.42
N GLU G 154 -58.15 23.34 -25.20
CA GLU G 154 -57.61 24.15 -26.28
C GLU G 154 -56.62 23.33 -27.11
N PRO G 155 -56.34 23.75 -28.36
CA PRO G 155 -56.91 24.90 -29.08
C PRO G 155 -57.96 24.52 -30.11
N VAL G 156 -58.34 25.48 -30.93
CA VAL G 156 -59.24 25.28 -32.06
C VAL G 156 -58.77 26.14 -33.22
N THR G 157 -58.78 25.58 -34.43
CA THR G 157 -58.41 26.30 -35.63
C THR G 157 -59.67 26.76 -36.34
N LEU G 158 -59.76 28.06 -36.63
CA LEU G 158 -60.91 28.65 -37.30
C LEU G 158 -60.43 29.38 -38.54
N THR G 159 -61.01 29.04 -39.69
CA THR G 159 -60.77 29.72 -40.95
C THR G 159 -62.11 29.98 -41.63
N TRP G 160 -62.05 30.71 -42.74
CA TRP G 160 -63.22 31.03 -43.54
C TRP G 160 -63.01 30.52 -44.96
N ASN G 161 -63.99 29.76 -45.46
CA ASN G 161 -63.90 29.14 -46.79
C ASN G 161 -62.66 28.28 -46.92
N SER G 162 -62.32 27.57 -45.83
CA SER G 162 -61.15 26.69 -45.78
C SER G 162 -59.86 27.48 -46.05
N GLY G 163 -59.68 28.58 -45.32
CA GLY G 163 -58.50 29.40 -45.44
C GLY G 163 -58.51 30.37 -46.61
N SER G 164 -59.47 30.26 -47.53
CA SER G 164 -59.51 31.15 -48.68
C SER G 164 -59.65 32.60 -48.24
N LEU G 165 -60.74 32.94 -47.56
CA LEU G 165 -60.95 34.28 -47.06
C LEU G 165 -60.11 34.48 -45.80
N SER G 166 -59.12 35.36 -45.87
CA SER G 166 -58.21 35.61 -44.76
C SER G 166 -58.16 37.07 -44.33
N SER G 167 -58.10 38.01 -45.28
CA SER G 167 -58.01 39.41 -44.96
C SER G 167 -59.36 39.95 -44.46
N GLY G 168 -59.30 40.87 -43.51
CA GLY G 168 -60.51 41.42 -42.92
C GLY G 168 -61.18 40.48 -41.93
N VAL G 169 -60.40 39.78 -41.11
CA VAL G 169 -60.91 38.79 -40.17
C VAL G 169 -60.32 39.07 -38.79
N HIS G 170 -61.12 38.83 -37.76
CA HIS G 170 -60.67 38.93 -36.37
C HIS G 170 -61.16 37.69 -35.63
N THR G 171 -60.22 36.85 -35.20
CA THR G 171 -60.51 35.70 -34.36
C THR G 171 -60.06 36.01 -32.94
N PHE G 172 -61.02 36.04 -32.01
CA PHE G 172 -60.76 36.52 -30.67
C PHE G 172 -60.20 35.39 -29.79
N PRO G 173 -59.38 35.75 -28.80
CA PRO G 173 -58.83 34.72 -27.90
C PRO G 173 -59.94 34.00 -27.16
N ALA G 174 -59.74 32.70 -26.96
CA ALA G 174 -60.73 31.89 -26.24
C ALA G 174 -60.86 32.37 -24.81
N VAL G 175 -62.07 32.19 -24.26
CA VAL G 175 -62.37 32.59 -22.89
C VAL G 175 -62.99 31.39 -22.18
N LEU G 176 -62.57 31.15 -20.94
CA LEU G 176 -63.01 29.99 -20.18
C LEU G 176 -64.37 30.27 -19.55
N GLN G 177 -65.43 29.66 -20.11
CA GLN G 177 -66.78 29.80 -19.60
C GLN G 177 -67.13 28.54 -18.82
N SER G 178 -66.87 28.59 -17.51
CA SER G 178 -67.19 27.52 -16.57
C SER G 178 -66.64 26.17 -17.06
N ASP G 179 -65.32 26.05 -16.94
CA ASP G 179 -64.59 24.82 -17.21
C ASP G 179 -64.62 24.44 -18.69
N LEU G 180 -65.20 25.29 -19.53
CA LEU G 180 -65.20 25.07 -20.97
C LEU G 180 -64.86 26.39 -21.66
N TYR G 181 -64.26 26.27 -22.85
CA TYR G 181 -63.75 27.42 -23.58
C TYR G 181 -64.75 27.88 -24.63
N THR G 182 -64.76 29.19 -24.86
CA THR G 182 -65.65 29.82 -25.83
C THR G 182 -64.84 30.82 -26.65
N LEU G 183 -65.07 30.83 -27.96
CA LEU G 183 -64.33 31.67 -28.89
C LEU G 183 -65.26 32.18 -29.97
N SER G 184 -64.92 33.34 -30.53
CA SER G 184 -65.71 33.95 -31.59
C SER G 184 -64.78 34.56 -32.63
N SER G 185 -65.31 34.70 -33.85
CA SER G 185 -64.55 35.24 -34.97
C SER G 185 -65.47 36.05 -35.88
N SER G 186 -64.96 37.18 -36.36
CA SER G 186 -65.70 38.06 -37.25
C SER G 186 -64.97 38.21 -38.58
N VAL G 187 -65.69 38.67 -39.59
CA VAL G 187 -65.13 38.89 -40.91
C VAL G 187 -66.00 39.93 -41.62
N THR G 188 -65.33 40.84 -42.33
CA THR G 188 -65.99 41.97 -42.98
C THR G 188 -65.68 41.97 -44.47
N VAL G 189 -66.72 42.13 -45.29
CA VAL G 189 -66.60 42.25 -46.74
C VAL G 189 -67.58 43.32 -47.21
N THR G 190 -67.65 43.51 -48.52
CA THR G 190 -68.57 44.47 -49.10
C THR G 190 -69.98 43.89 -49.21
N SER G 191 -70.95 44.79 -49.40
CA SER G 191 -72.35 44.35 -49.50
C SER G 191 -72.58 43.48 -50.73
N SER G 192 -71.84 43.72 -51.81
CA SER G 192 -71.99 42.96 -53.04
C SER G 192 -71.42 41.55 -52.95
N THR G 193 -70.78 41.19 -51.83
CA THR G 193 -70.18 39.87 -51.68
C THR G 193 -71.11 38.88 -50.98
N TRP G 194 -71.88 39.36 -49.99
CA TRP G 194 -72.75 38.50 -49.22
C TRP G 194 -74.15 39.08 -49.19
N PRO G 195 -75.21 38.24 -49.31
CA PRO G 195 -75.16 36.77 -49.43
C PRO G 195 -74.91 36.29 -50.86
N SER G 196 -74.32 37.14 -51.70
CA SER G 196 -74.04 36.77 -53.08
C SER G 196 -73.11 35.56 -53.14
N GLN G 197 -72.03 35.58 -52.36
CA GLN G 197 -71.06 34.50 -52.34
C GLN G 197 -71.16 33.73 -51.03
N SER G 198 -71.11 32.41 -51.13
CA SER G 198 -71.22 31.56 -49.95
C SER G 198 -70.03 31.76 -49.02
N ILE G 199 -70.33 31.97 -47.73
CA ILE G 199 -69.30 32.14 -46.71
C ILE G 199 -69.54 31.08 -45.64
N THR G 200 -68.52 30.28 -45.37
CA THR G 200 -68.63 29.16 -44.43
C THR G 200 -67.55 29.30 -43.35
N CYS G 201 -67.92 28.92 -42.13
CA CYS G 201 -67.02 28.97 -40.97
C CYS G 201 -66.45 27.57 -40.73
N ASN G 202 -65.15 27.42 -40.88
CA ASN G 202 -64.47 26.15 -40.69
C ASN G 202 -63.82 26.12 -39.31
N VAL G 203 -64.19 25.14 -38.50
CA VAL G 203 -63.66 24.99 -37.14
C VAL G 203 -63.22 23.55 -36.95
N ALA G 204 -61.98 23.37 -36.51
CA ALA G 204 -61.41 22.06 -36.22
C ALA G 204 -61.01 21.99 -34.76
N HIS G 205 -61.42 20.92 -34.08
CA HIS G 205 -61.06 20.67 -32.68
C HIS G 205 -60.34 19.33 -32.64
N PRO G 206 -59.00 19.33 -32.76
CA PRO G 206 -58.27 18.06 -32.84
C PRO G 206 -58.42 17.19 -31.61
N ALA G 207 -58.66 17.79 -30.45
CA ALA G 207 -58.77 17.01 -29.22
C ALA G 207 -59.93 16.03 -29.27
N SER G 208 -61.02 16.41 -29.93
CA SER G 208 -62.17 15.55 -30.11
C SER G 208 -62.31 15.03 -31.53
N SER G 209 -61.37 15.36 -32.42
CA SER G 209 -61.36 14.89 -33.80
C SER G 209 -62.66 15.28 -34.52
N THR G 210 -62.96 16.58 -34.49
CA THR G 210 -64.16 17.12 -35.11
C THR G 210 -63.79 18.33 -35.95
N LYS G 211 -64.31 18.39 -37.17
CA LYS G 211 -64.11 19.52 -38.09
C LYS G 211 -65.48 19.91 -38.64
N VAL G 212 -66.23 20.68 -37.87
CA VAL G 212 -67.57 21.13 -38.25
C VAL G 212 -67.46 22.44 -39.01
N ASP G 213 -68.34 22.63 -40.00
CA ASP G 213 -68.36 23.84 -40.80
C ASP G 213 -69.80 24.28 -41.02
N LYS G 214 -70.09 25.53 -40.68
CA LYS G 214 -71.42 26.11 -40.80
C LYS G 214 -71.43 27.21 -41.87
N LYS G 215 -72.36 27.11 -42.81
CA LYS G 215 -72.54 28.15 -43.81
C LYS G 215 -73.42 29.26 -43.22
N ILE G 216 -73.02 30.50 -43.41
CA ILE G 216 -73.74 31.64 -42.86
C ILE G 216 -74.93 31.95 -43.77
N GLU G 217 -76.15 31.86 -43.22
CA GLU G 217 -77.36 32.11 -43.99
C GLU G 217 -78.04 33.38 -43.49
N PRO G 218 -78.57 34.20 -44.40
CA PRO G 218 -79.24 35.43 -43.99
C PRO G 218 -80.56 35.14 -43.27
N ARG G 219 -81.14 36.20 -42.72
CA ARG G 219 -82.39 36.08 -41.99
C ARG G 219 -83.56 36.63 -42.81
N ASP H 1 -40.14 40.50 1.46
CA ASP H 1 -39.73 40.47 0.06
C ASP H 1 -39.56 41.88 -0.49
N ILE H 2 -38.74 42.00 -1.53
CA ILE H 2 -38.48 43.29 -2.16
C ILE H 2 -39.52 43.51 -3.26
N LEU H 3 -40.21 44.65 -3.18
CA LEU H 3 -41.24 44.99 -4.16
C LEU H 3 -40.62 45.80 -5.30
N MET H 4 -40.86 45.35 -6.53
CA MET H 4 -40.37 46.03 -7.73
C MET H 4 -41.56 46.67 -8.43
N THR H 5 -41.66 48.00 -8.32
CA THR H 5 -42.70 48.75 -8.99
C THR H 5 -42.19 49.21 -10.35
N GLN H 6 -42.83 48.75 -11.41
CA GLN H 6 -42.44 49.06 -12.78
C GLN H 6 -43.43 50.01 -13.40
N SER H 7 -42.93 50.95 -14.21
CA SER H 7 -43.77 51.97 -14.83
C SER H 7 -43.20 52.32 -16.20
N PRO H 8 -44.07 52.58 -17.20
CA PRO H 8 -45.52 52.49 -17.07
C PRO H 8 -46.03 51.10 -17.36
N SER H 9 -47.33 50.85 -17.12
CA SER H 9 -47.92 49.57 -17.48
C SER H 9 -47.85 49.33 -18.98
N SER H 10 -48.01 50.39 -19.76
CA SER H 10 -47.91 50.31 -21.22
C SER H 10 -47.64 51.70 -21.76
N MET H 11 -47.25 51.77 -23.02
CA MET H 11 -46.99 53.03 -23.69
C MET H 11 -47.21 52.87 -25.18
N SER H 12 -47.79 53.89 -25.81
CA SER H 12 -47.99 53.93 -27.25
C SER H 12 -46.94 54.87 -27.84
N VAL H 13 -46.03 54.30 -28.63
CA VAL H 13 -44.88 55.02 -29.17
C VAL H 13 -44.72 54.63 -30.63
N SER H 14 -43.74 55.23 -31.29
CA SER H 14 -43.53 55.05 -32.72
C SER H 14 -42.07 54.65 -32.98
N LEU H 15 -41.82 54.27 -34.23
CA LEU H 15 -40.47 53.89 -34.64
C LEU H 15 -39.52 55.08 -34.56
N GLY H 16 -38.33 54.84 -34.02
CA GLY H 16 -37.33 55.86 -33.87
C GLY H 16 -37.37 56.60 -32.55
N ASP H 17 -38.47 56.52 -31.81
CA ASP H 17 -38.57 57.21 -30.53
C ASP H 17 -37.57 56.63 -29.54
N THR H 18 -37.18 57.47 -28.57
CA THR H 18 -36.33 57.05 -27.46
C THR H 18 -37.19 56.95 -26.21
N VAL H 19 -37.42 55.73 -25.75
CA VAL H 19 -38.33 55.48 -24.64
C VAL H 19 -37.53 54.94 -23.46
N SER H 20 -38.09 55.13 -22.27
CA SER H 20 -37.47 54.67 -21.03
C SER H 20 -38.50 53.97 -20.17
N ILE H 21 -38.10 52.83 -19.59
CA ILE H 21 -38.91 52.08 -18.64
C ILE H 21 -38.23 52.15 -17.29
N THR H 22 -38.98 52.51 -16.26
CA THR H 22 -38.43 52.65 -14.93
C THR H 22 -38.87 51.49 -14.03
N CYS H 23 -38.03 51.19 -13.05
CA CYS H 23 -38.27 50.11 -12.09
C CYS H 23 -37.82 50.60 -10.73
N HIS H 24 -38.71 50.55 -9.74
CA HIS H 24 -38.43 51.06 -8.40
C HIS H 24 -38.52 49.92 -7.40
N ALA H 25 -37.45 49.72 -6.63
CA ALA H 25 -37.42 48.72 -5.59
C ALA H 25 -37.81 49.33 -4.24
N SER H 26 -38.36 48.50 -3.37
CA SER H 26 -38.75 48.94 -2.04
C SER H 26 -37.57 49.16 -1.10
N GLN H 27 -36.34 48.99 -1.59
CA GLN H 27 -35.12 49.23 -0.83
C GLN H 27 -33.94 49.21 -1.80
N GLY H 28 -32.80 49.69 -1.34
CA GLY H 28 -31.59 49.71 -2.16
C GLY H 28 -31.16 48.32 -2.57
N ILE H 29 -30.84 48.15 -3.86
CA ILE H 29 -30.39 46.86 -4.38
C ILE H 29 -29.05 46.97 -5.10
N SER H 30 -28.50 48.18 -5.18
CA SER H 30 -27.16 48.45 -5.73
C SER H 30 -26.94 47.70 -7.05
N SER H 31 -27.76 48.04 -8.04
CA SER H 31 -27.61 47.58 -9.42
C SER H 31 -27.67 46.06 -9.58
N ASN H 32 -28.19 45.34 -8.58
CA ASN H 32 -28.42 43.90 -8.69
C ASN H 32 -29.77 43.67 -9.36
N ILE H 33 -29.87 44.10 -10.61
CA ILE H 33 -31.12 44.08 -11.35
C ILE H 33 -30.84 43.60 -12.78
N GLY H 34 -31.85 42.94 -13.37
CA GLY H 34 -31.79 42.55 -14.76
C GLY H 34 -33.03 42.98 -15.48
N TRP H 35 -32.91 43.07 -16.81
CA TRP H 35 -34.01 43.47 -17.67
C TRP H 35 -34.28 42.36 -18.68
N LEU H 36 -35.57 42.08 -18.91
CA LEU H 36 -35.99 40.97 -19.74
C LEU H 36 -36.93 41.48 -20.83
N GLN H 37 -36.97 40.73 -21.94
CA GLN H 37 -37.86 41.03 -23.05
C GLN H 37 -38.63 39.77 -23.42
N GLN H 38 -39.91 39.95 -23.75
CA GLN H 38 -40.76 38.84 -24.19
C GLN H 38 -41.57 39.32 -25.39
N LYS H 39 -41.13 38.93 -26.59
CA LYS H 39 -41.88 39.25 -27.79
C LYS H 39 -43.24 38.54 -27.77
N PRO H 40 -44.24 39.07 -28.51
CA PRO H 40 -45.58 38.48 -28.48
C PRO H 40 -45.61 36.98 -28.72
N GLY H 41 -46.18 36.24 -27.77
CA GLY H 41 -46.36 34.80 -27.90
C GLY H 41 -45.11 33.97 -27.78
N LYS H 42 -43.95 34.56 -27.58
CA LYS H 42 -42.69 33.83 -27.51
C LYS H 42 -42.12 33.86 -26.10
N SER H 43 -41.00 33.16 -25.92
CA SER H 43 -40.40 33.01 -24.60
C SER H 43 -39.62 34.27 -24.20
N PHE H 44 -38.75 34.14 -23.21
CA PHE H 44 -38.02 35.27 -22.66
C PHE H 44 -36.61 35.35 -23.23
N MET H 45 -36.10 36.58 -23.30
CA MET H 45 -34.77 36.85 -23.83
C MET H 45 -34.14 37.96 -23.00
N GLY H 46 -33.06 37.65 -22.31
CA GLY H 46 -32.47 38.59 -21.38
C GLY H 46 -31.75 39.72 -22.10
N LEU H 47 -31.88 40.93 -21.55
CA LEU H 47 -31.30 42.13 -22.13
C LEU H 47 -30.15 42.70 -21.29
N ILE H 48 -30.37 42.91 -19.99
CA ILE H 48 -29.40 43.54 -19.12
C ILE H 48 -29.19 42.67 -17.89
N TYR H 49 -27.95 42.65 -17.39
CA TYR H 49 -27.65 42.03 -16.10
C TYR H 49 -26.74 42.96 -15.31
N TYR H 50 -26.90 42.92 -13.99
CA TYR H 50 -26.17 43.78 -13.05
C TYR H 50 -26.25 45.25 -13.48
N GLY H 51 -27.47 45.71 -13.68
CA GLY H 51 -27.72 47.12 -13.89
C GLY H 51 -27.49 47.67 -15.29
N THR H 52 -26.26 47.51 -15.81
CA THR H 52 -25.87 48.20 -17.04
C THR H 52 -25.25 47.30 -18.11
N ASN H 53 -25.05 46.02 -17.84
CA ASN H 53 -24.30 45.15 -18.74
C ASN H 53 -25.23 44.50 -19.76
N LEU H 54 -24.91 44.68 -21.03
CA LEU H 54 -25.69 44.08 -22.11
C LEU H 54 -25.39 42.59 -22.22
N VAL H 55 -26.47 41.78 -22.28
CA VAL H 55 -26.31 40.37 -22.58
C VAL H 55 -25.74 40.22 -23.98
N ASP H 56 -24.87 39.24 -24.16
CA ASP H 56 -24.23 39.00 -25.45
C ASP H 56 -25.28 38.85 -26.55
N GLY H 57 -25.13 39.63 -27.62
CA GLY H 57 -26.04 39.61 -28.74
C GLY H 57 -27.06 40.73 -28.75
N VAL H 58 -27.34 41.33 -27.60
CA VAL H 58 -28.36 42.38 -27.52
C VAL H 58 -27.85 43.63 -28.24
N PRO H 59 -28.66 44.28 -29.08
CA PRO H 59 -28.21 45.49 -29.76
C PRO H 59 -27.86 46.60 -28.78
N SER H 60 -26.99 47.51 -29.23
CA SER H 60 -26.49 48.58 -28.39
C SER H 60 -27.52 49.67 -28.11
N ARG H 61 -28.64 49.69 -28.84
CA ARG H 61 -29.67 50.68 -28.56
C ARG H 61 -30.32 50.49 -27.21
N PHE H 62 -30.26 49.28 -26.65
CA PHE H 62 -30.68 49.04 -25.28
C PHE H 62 -29.60 49.51 -24.32
N SER H 63 -30.02 50.08 -23.19
CA SER H 63 -29.07 50.54 -22.18
C SER H 63 -29.79 50.64 -20.85
N GLY H 64 -29.12 50.18 -19.79
CA GLY H 64 -29.65 50.23 -18.44
C GLY H 64 -28.86 51.20 -17.60
N SER H 65 -29.54 51.81 -16.62
CA SER H 65 -28.92 52.82 -15.77
C SER H 65 -29.61 52.80 -14.41
N GLY H 66 -29.14 53.67 -13.52
CA GLY H 66 -29.73 53.83 -12.22
C GLY H 66 -28.87 53.25 -11.11
N SER H 67 -29.28 53.56 -9.88
CA SER H 67 -28.63 53.04 -8.68
C SER H 67 -29.59 53.17 -7.51
N GLY H 68 -29.20 52.63 -6.37
CA GLY H 68 -30.04 52.65 -5.20
C GLY H 68 -31.27 51.79 -5.37
N ALA H 69 -32.44 52.44 -5.52
CA ALA H 69 -33.70 51.75 -5.73
C ALA H 69 -34.42 52.24 -6.97
N ASP H 70 -33.71 52.84 -7.92
CA ASP H 70 -34.32 53.43 -9.10
C ASP H 70 -33.46 53.11 -10.30
N TYR H 71 -34.05 52.45 -11.30
CA TYR H 71 -33.32 52.00 -12.48
C TYR H 71 -34.19 52.22 -13.72
N SER H 72 -33.53 52.24 -14.88
CA SER H 72 -34.21 52.56 -16.12
C SER H 72 -33.67 51.71 -17.25
N LEU H 73 -34.55 51.31 -18.16
CA LEU H 73 -34.19 50.63 -19.40
C LEU H 73 -34.55 51.56 -20.56
N THR H 74 -33.54 52.06 -21.25
CA THR H 74 -33.72 53.02 -22.33
C THR H 74 -33.44 52.34 -23.67
N ILE H 75 -34.34 52.55 -24.62
CA ILE H 75 -34.18 52.05 -25.99
C ILE H 75 -34.11 53.25 -26.92
N SER H 76 -32.99 53.39 -27.62
CA SER H 76 -32.79 54.49 -28.56
C SER H 76 -33.19 54.04 -29.96
N SER H 77 -34.03 54.84 -30.61
CA SER H 77 -34.53 54.55 -31.95
C SER H 77 -35.18 53.17 -32.00
N LEU H 78 -36.46 53.11 -31.63
CA LEU H 78 -37.16 51.84 -31.54
C LEU H 78 -37.22 51.15 -32.90
N ASP H 79 -36.98 49.85 -32.90
CA ASP H 79 -37.15 49.00 -34.07
C ASP H 79 -38.48 48.27 -33.98
N SER H 80 -38.97 47.81 -35.14
CA SER H 80 -40.25 47.11 -35.18
C SER H 80 -40.26 45.90 -34.27
N GLU H 81 -39.11 45.26 -34.07
CA GLU H 81 -39.01 44.11 -33.17
C GLU H 81 -38.98 44.52 -31.70
N ASP H 82 -38.90 45.81 -31.39
CA ASP H 82 -38.85 46.27 -30.00
C ASP H 82 -40.23 46.41 -29.37
N PHE H 83 -41.30 46.21 -30.15
CA PHE H 83 -42.66 46.28 -29.61
C PHE H 83 -42.97 44.93 -28.97
N ALA H 84 -42.74 44.85 -27.66
CA ALA H 84 -42.89 43.61 -26.92
C ALA H 84 -43.14 43.95 -25.46
N ASP H 85 -43.07 42.94 -24.59
CA ASP H 85 -43.19 43.13 -23.16
C ASP H 85 -41.81 43.15 -22.53
N TYR H 86 -41.68 43.92 -21.46
CA TYR H 86 -40.41 44.09 -20.76
C TYR H 86 -40.63 43.97 -19.26
N TYR H 87 -39.64 43.39 -18.57
CA TYR H 87 -39.73 43.15 -17.15
C TYR H 87 -38.38 43.43 -16.50
N CYS H 88 -38.43 43.92 -15.26
CA CYS H 88 -37.25 44.00 -14.41
C CYS H 88 -37.31 42.92 -13.34
N VAL H 89 -36.14 42.56 -12.82
CA VAL H 89 -36.04 41.57 -11.76
C VAL H 89 -34.84 41.91 -10.89
N GLN H 90 -35.06 41.96 -9.57
CA GLN H 90 -33.98 42.14 -8.63
C GLN H 90 -33.47 40.78 -8.17
N TYR H 91 -32.15 40.67 -8.02
CA TYR H 91 -31.57 39.49 -7.39
C TYR H 91 -30.62 39.88 -6.27
N ALA H 92 -30.90 41.00 -5.61
CA ALA H 92 -30.14 41.36 -4.43
C ALA H 92 -30.49 40.48 -3.24
N GLN H 93 -31.74 40.02 -3.16
CA GLN H 93 -32.19 39.20 -2.04
C GLN H 93 -33.08 38.08 -2.54
N LEU H 94 -33.00 36.95 -1.86
CA LEU H 94 -33.93 35.84 -2.07
C LEU H 94 -35.20 36.07 -1.25
N PRO H 95 -36.39 35.84 -1.82
CA PRO H 95 -36.60 35.35 -3.19
C PRO H 95 -36.49 36.44 -4.25
N TYR H 96 -36.06 36.06 -5.46
CA TYR H 96 -36.05 37.00 -6.57
C TYR H 96 -37.47 37.46 -6.86
N THR H 97 -37.62 38.76 -7.15
CA THR H 97 -38.91 39.34 -7.43
C THR H 97 -38.85 40.15 -8.72
N PHE H 98 -39.93 40.08 -9.51
CA PHE H 98 -39.99 40.73 -10.80
C PHE H 98 -40.86 41.99 -10.73
N GLY H 99 -40.62 42.89 -11.68
CA GLY H 99 -41.51 44.01 -11.87
C GLY H 99 -42.83 43.57 -12.48
N GLY H 100 -43.78 44.52 -12.52
CA GLY H 100 -45.10 44.21 -13.06
C GLY H 100 -45.12 43.99 -14.55
N GLY H 101 -44.24 44.66 -15.29
CA GLY H 101 -44.19 44.51 -16.72
C GLY H 101 -44.60 45.79 -17.44
N THR H 102 -44.03 45.98 -18.63
CA THR H 102 -44.34 47.12 -19.48
C THR H 102 -44.51 46.64 -20.91
N LYS H 103 -45.59 47.03 -21.56
CA LYS H 103 -45.90 46.63 -22.92
C LYS H 103 -45.74 47.83 -23.85
N LEU H 104 -44.91 47.68 -24.87
CA LEU H 104 -44.73 48.72 -25.89
C LEU H 104 -45.70 48.47 -27.03
N GLU H 105 -46.46 49.50 -27.40
CA GLU H 105 -47.50 49.39 -28.41
C GLU H 105 -47.30 50.45 -29.47
N ILE H 106 -47.78 50.15 -30.68
CA ILE H 106 -47.61 51.05 -31.82
C ILE H 106 -48.67 52.14 -31.76
N LYS H 107 -48.22 53.40 -31.84
CA LYS H 107 -49.14 54.53 -31.85
C LYS H 107 -49.66 54.77 -33.26
N ARG H 108 -50.91 55.24 -33.34
CA ARG H 108 -51.53 55.57 -34.61
C ARG H 108 -52.64 56.58 -34.35
N ALA H 109 -53.31 56.99 -35.44
CA ALA H 109 -54.41 57.93 -35.32
C ALA H 109 -55.63 57.25 -34.72
N ASP H 110 -56.42 58.03 -33.99
CA ASP H 110 -57.61 57.50 -33.34
C ASP H 110 -58.63 57.04 -34.38
N ALA H 111 -59.21 55.86 -34.14
CA ALA H 111 -60.21 55.28 -35.02
C ALA H 111 -61.39 54.80 -34.19
N ALA H 112 -62.60 55.11 -34.66
CA ALA H 112 -63.81 54.71 -33.96
C ALA H 112 -64.12 53.24 -34.23
N PRO H 113 -64.79 52.56 -33.29
CA PRO H 113 -65.10 51.15 -33.49
C PRO H 113 -66.27 50.94 -34.44
N THR H 114 -66.22 49.80 -35.15
CA THR H 114 -67.32 49.35 -35.99
C THR H 114 -68.10 48.29 -35.19
N VAL H 115 -69.32 48.63 -34.79
CA VAL H 115 -70.11 47.81 -33.88
C VAL H 115 -71.13 47.02 -34.68
N SER H 116 -71.24 45.72 -34.39
CA SER H 116 -72.21 44.85 -35.02
C SER H 116 -72.80 43.93 -33.97
N ILE H 117 -74.12 43.84 -33.91
CA ILE H 117 -74.82 42.99 -32.97
C ILE H 117 -75.42 41.80 -33.73
N PHE H 118 -75.49 40.66 -33.04
CA PHE H 118 -75.95 39.42 -33.67
C PHE H 118 -76.94 38.69 -32.77
N PRO H 119 -78.16 38.45 -33.23
CA PRO H 119 -79.13 37.69 -32.43
C PRO H 119 -78.74 36.24 -32.36
N PRO H 120 -79.34 35.47 -31.44
CA PRO H 120 -79.01 34.04 -31.34
C PRO H 120 -79.40 33.29 -32.61
N SER H 121 -78.58 32.30 -32.96
CA SER H 121 -78.82 31.49 -34.14
C SER H 121 -79.99 30.53 -33.90
N SER H 122 -80.57 30.06 -35.01
CA SER H 122 -81.65 29.09 -34.91
C SER H 122 -81.18 27.79 -34.27
N GLU H 123 -79.94 27.37 -34.57
CA GLU H 123 -79.40 26.16 -33.98
C GLU H 123 -79.30 26.28 -32.46
N GLN H 124 -78.71 27.38 -31.98
CA GLN H 124 -78.55 27.56 -30.54
C GLN H 124 -79.89 27.68 -29.83
N LEU H 125 -80.86 28.33 -30.47
CA LEU H 125 -82.18 28.49 -29.85
C LEU H 125 -82.88 27.15 -29.68
N THR H 126 -82.82 26.29 -30.70
CA THR H 126 -83.46 24.97 -30.59
C THR H 126 -82.79 24.06 -29.57
N SER H 127 -81.60 24.41 -29.09
CA SER H 127 -80.90 23.63 -28.09
C SER H 127 -81.14 24.12 -26.67
N GLY H 128 -81.74 25.30 -26.49
CA GLY H 128 -82.06 25.81 -25.18
C GLY H 128 -81.25 27.03 -24.75
N GLY H 129 -80.27 27.44 -25.53
CA GLY H 129 -79.47 28.60 -25.18
C GLY H 129 -79.66 29.78 -26.10
N ALA H 130 -79.23 30.96 -25.68
CA ALA H 130 -79.39 32.17 -26.49
C ALA H 130 -78.24 33.11 -26.17
N SER H 131 -77.35 33.32 -27.14
CA SER H 131 -76.21 34.22 -26.99
C SER H 131 -76.37 35.39 -27.95
N VAL H 132 -76.18 36.60 -27.45
CA VAL H 132 -76.24 37.83 -28.24
C VAL H 132 -74.82 38.35 -28.34
N VAL H 133 -74.25 38.33 -29.55
CA VAL H 133 -72.85 38.68 -29.78
C VAL H 133 -72.77 40.12 -30.28
N CYS H 134 -71.78 40.85 -29.78
CA CYS H 134 -71.55 42.25 -30.14
C CYS H 134 -70.07 42.40 -30.48
N PHE H 135 -69.77 42.64 -31.75
CA PHE H 135 -68.39 42.82 -32.21
C PHE H 135 -68.04 44.30 -32.26
N LEU H 136 -66.86 44.65 -31.76
CA LEU H 136 -66.37 46.03 -31.74
C LEU H 136 -64.99 45.99 -32.40
N ASN H 137 -64.96 46.17 -33.71
CA ASN H 137 -63.78 45.87 -34.52
C ASN H 137 -63.05 47.15 -34.92
N ASN H 138 -61.72 47.08 -34.87
CA ASN H 138 -60.83 48.09 -35.41
C ASN H 138 -61.06 49.47 -34.80
N PHE H 139 -60.50 49.72 -33.63
CA PHE H 139 -60.57 51.02 -32.99
C PHE H 139 -59.24 51.35 -32.32
N TYR H 140 -59.04 52.63 -32.03
CA TYR H 140 -57.86 53.11 -31.35
C TYR H 140 -58.25 54.39 -30.62
N PRO H 141 -57.83 54.57 -29.36
CA PRO H 141 -56.98 53.65 -28.58
C PRO H 141 -57.74 52.44 -28.03
N LYS H 142 -57.04 51.63 -27.25
CA LYS H 142 -57.59 50.36 -26.78
C LYS H 142 -58.62 50.51 -25.68
N ASP H 143 -58.62 51.62 -24.97
CA ASP H 143 -59.53 51.81 -23.85
C ASP H 143 -60.97 51.94 -24.37
N ILE H 144 -61.82 51.00 -23.98
CA ILE H 144 -63.20 50.96 -24.46
C ILE H 144 -64.06 50.25 -23.42
N ASN H 145 -65.33 50.66 -23.35
CA ASN H 145 -66.30 50.08 -22.43
C ASN H 145 -67.54 49.68 -23.19
N VAL H 146 -67.99 48.44 -22.98
CA VAL H 146 -69.21 47.92 -23.61
C VAL H 146 -70.28 47.81 -22.53
N LYS H 147 -71.51 48.20 -22.88
CA LYS H 147 -72.64 48.14 -21.97
C LYS H 147 -73.78 47.42 -22.67
N TRP H 148 -74.34 46.42 -21.99
CA TRP H 148 -75.49 45.69 -22.51
C TRP H 148 -76.78 46.24 -21.91
N LYS H 149 -77.84 46.24 -22.71
CA LYS H 149 -79.15 46.69 -22.25
C LYS H 149 -80.21 45.73 -22.76
N ILE H 150 -81.11 45.33 -21.86
CA ILE H 150 -82.23 44.47 -22.18
C ILE H 150 -83.50 45.26 -21.88
N ASP H 151 -84.27 45.57 -22.93
CA ASP H 151 -85.45 46.43 -22.84
C ASP H 151 -85.09 47.79 -22.22
N GLY H 152 -83.91 48.31 -22.59
CA GLY H 152 -83.48 49.60 -22.14
C GLY H 152 -82.71 49.62 -20.83
N SER H 153 -82.82 48.57 -20.03
CA SER H 153 -82.17 48.50 -18.73
C SER H 153 -80.86 47.76 -18.83
N GLU H 154 -79.86 48.22 -18.08
CA GLU H 154 -78.53 47.65 -18.15
C GLU H 154 -78.52 46.19 -17.68
N ARG H 155 -77.64 45.39 -18.27
CA ARG H 155 -77.47 43.99 -17.92
C ARG H 155 -75.98 43.72 -17.75
N GLN H 156 -75.61 43.05 -16.65
CA GLN H 156 -74.21 42.80 -16.33
C GLN H 156 -73.87 41.34 -16.09
N ASN H 157 -74.83 40.49 -15.74
CA ASN H 157 -74.55 39.08 -15.47
C ASN H 157 -74.73 38.27 -16.75
N GLY H 158 -73.77 37.39 -17.02
CA GLY H 158 -73.80 36.59 -18.23
C GLY H 158 -73.06 37.18 -19.41
N VAL H 159 -72.26 38.22 -19.20
CA VAL H 159 -71.47 38.84 -20.26
C VAL H 159 -70.09 38.22 -20.28
N LEU H 160 -69.54 38.05 -21.48
CA LEU H 160 -68.24 37.42 -21.67
C LEU H 160 -67.47 38.21 -22.71
N ASN H 161 -66.41 38.88 -22.29
CA ASN H 161 -65.66 39.80 -23.14
C ASN H 161 -64.30 39.22 -23.49
N SER H 162 -63.82 39.55 -24.70
CA SER H 162 -62.55 39.06 -25.19
C SER H 162 -61.93 40.13 -26.09
N TRP H 163 -60.66 40.45 -25.84
CA TRP H 163 -59.95 41.48 -26.58
C TRP H 163 -58.80 40.87 -27.36
N THR H 164 -58.55 41.41 -28.55
CA THR H 164 -57.42 40.98 -29.37
C THR H 164 -56.20 41.84 -29.09
N ASP H 165 -55.03 41.28 -29.36
CA ASP H 165 -53.82 42.07 -29.37
C ASP H 165 -53.87 43.05 -30.54
N GLN H 166 -52.92 44.00 -30.55
CA GLN H 166 -52.90 45.02 -31.58
C GLN H 166 -52.68 44.40 -32.95
N ASP H 167 -53.49 44.81 -33.92
CA ASP H 167 -53.41 44.25 -35.26
C ASP H 167 -52.06 44.56 -35.89
N SER H 168 -51.63 43.68 -36.79
CA SER H 168 -50.33 43.82 -37.43
C SER H 168 -50.37 44.74 -38.64
N LYS H 169 -51.54 44.91 -39.27
CA LYS H 169 -51.65 45.74 -40.47
C LYS H 169 -51.97 47.19 -40.12
N ASP H 170 -53.12 47.44 -39.50
CA ASP H 170 -53.56 48.79 -39.20
C ASP H 170 -53.33 49.19 -37.74
N SER H 171 -52.76 48.30 -36.93
CA SER H 171 -52.38 48.61 -35.55
C SER H 171 -53.58 49.05 -34.70
N THR H 172 -54.73 48.44 -34.95
CA THR H 172 -55.94 48.73 -34.21
C THR H 172 -56.26 47.59 -33.24
N TYR H 173 -57.32 47.79 -32.45
CA TYR H 173 -57.79 46.80 -31.51
C TYR H 173 -59.24 46.43 -31.81
N SER H 174 -59.60 45.20 -31.46
CA SER H 174 -60.97 44.73 -31.62
C SER H 174 -61.40 44.03 -30.33
N MET H 175 -62.71 43.84 -30.20
CA MET H 175 -63.29 43.29 -28.97
C MET H 175 -64.55 42.53 -29.29
N SER H 176 -64.76 41.41 -28.59
CA SER H 176 -65.96 40.60 -28.69
C SER H 176 -66.65 40.57 -27.33
N SER H 177 -67.96 40.82 -27.34
CA SER H 177 -68.77 40.81 -26.13
C SER H 177 -69.98 39.92 -26.37
N THR H 178 -70.11 38.86 -25.57
CA THR H 178 -71.17 37.87 -25.73
C THR H 178 -72.02 37.82 -24.48
N LEU H 179 -73.30 38.14 -24.63
CA LEU H 179 -74.30 38.00 -23.56
C LEU H 179 -75.07 36.71 -23.80
N THR H 180 -75.00 35.79 -22.84
CA THR H 180 -75.60 34.48 -22.97
C THR H 180 -76.74 34.34 -21.95
N LEU H 181 -77.94 34.07 -22.46
CA LEU H 181 -79.12 33.81 -21.65
C LEU H 181 -79.68 32.44 -21.99
N THR H 182 -80.56 31.95 -21.14
CA THR H 182 -81.33 30.78 -21.51
C THR H 182 -82.37 31.15 -22.56
N LYS H 183 -82.81 30.16 -23.33
CA LYS H 183 -83.84 30.42 -24.34
C LYS H 183 -85.09 31.00 -23.72
N ASP H 184 -85.51 30.47 -22.56
CA ASP H 184 -86.72 30.96 -21.90
C ASP H 184 -86.54 32.39 -21.41
N GLU H 185 -85.41 32.68 -20.75
CA GLU H 185 -85.17 34.04 -20.28
C GLU H 185 -85.01 35.01 -21.44
N TYR H 186 -84.48 34.53 -22.57
CA TYR H 186 -84.31 35.39 -23.74
C TYR H 186 -85.65 35.86 -24.28
N GLU H 187 -86.68 35.01 -24.20
CA GLU H 187 -87.98 35.31 -24.77
C GLU H 187 -88.89 36.11 -23.82
N ARG H 188 -88.43 36.39 -22.59
CA ARG H 188 -89.18 37.29 -21.72
C ARG H 188 -89.05 38.75 -22.13
N HIS H 189 -88.17 39.06 -23.07
CA HIS H 189 -87.88 40.44 -23.44
C HIS H 189 -87.85 40.57 -24.96
N ASN H 190 -87.76 41.82 -25.43
CA ASN H 190 -87.88 42.12 -26.85
C ASN H 190 -86.68 42.86 -27.40
N SER H 191 -86.20 43.89 -26.72
CA SER H 191 -85.13 44.74 -27.22
C SER H 191 -83.79 44.35 -26.60
N TYR H 192 -82.76 44.29 -27.43
CA TYR H 192 -81.42 43.94 -26.99
C TYR H 192 -80.42 44.92 -27.60
N THR H 193 -79.59 45.52 -26.74
CA THR H 193 -78.70 46.60 -27.14
C THR H 193 -77.33 46.42 -26.51
N CYS H 194 -76.27 46.73 -27.28
CA CYS H 194 -74.94 46.93 -26.72
C CYS H 194 -74.48 48.34 -27.08
N GLU H 195 -73.95 49.06 -26.09
CA GLU H 195 -73.49 50.43 -26.25
C GLU H 195 -71.98 50.48 -26.08
N ALA H 196 -71.30 51.11 -27.03
CA ALA H 196 -69.84 51.25 -27.00
C ALA H 196 -69.48 52.67 -26.62
N THR H 197 -68.61 52.80 -25.61
CA THR H 197 -68.09 54.09 -25.17
C THR H 197 -66.62 54.16 -25.53
N HIS H 198 -66.23 55.23 -26.22
CA HIS H 198 -64.88 55.39 -26.73
C HIS H 198 -64.57 56.88 -26.80
N LYS H 199 -63.30 57.23 -26.57
CA LYS H 199 -62.91 58.64 -26.54
C LYS H 199 -63.09 59.33 -27.89
N THR H 200 -63.36 58.59 -28.96
CA THR H 200 -63.63 59.18 -30.26
C THR H 200 -65.01 59.78 -30.37
N SER H 201 -65.83 59.69 -29.32
CA SER H 201 -67.20 60.22 -29.37
C SER H 201 -67.71 60.39 -27.94
N THR H 202 -68.15 61.59 -27.61
CA THR H 202 -68.76 61.82 -26.30
C THR H 202 -70.03 61.00 -26.13
N SER H 203 -70.77 60.77 -27.21
CA SER H 203 -71.97 59.94 -27.21
C SER H 203 -71.61 58.49 -27.53
N PRO H 204 -72.29 57.53 -26.92
CA PRO H 204 -71.98 56.13 -27.17
C PRO H 204 -72.50 55.66 -28.53
N ILE H 205 -71.77 54.73 -29.12
CA ILE H 205 -72.23 54.07 -30.35
C ILE H 205 -73.19 52.95 -29.96
N VAL H 206 -74.38 52.96 -30.53
CA VAL H 206 -75.48 52.09 -30.13
C VAL H 206 -75.85 51.19 -31.28
N LYS H 207 -75.95 49.89 -31.00
CA LYS H 207 -76.44 48.89 -31.96
C LYS H 207 -77.44 48.00 -31.25
N SER H 208 -78.60 47.80 -31.87
CA SER H 208 -79.67 47.05 -31.22
C SER H 208 -80.55 46.38 -32.26
N PHE H 209 -81.28 45.36 -31.81
CA PHE H 209 -82.26 44.66 -32.63
C PHE H 209 -83.46 44.30 -31.75
N ASN H 210 -84.55 43.92 -32.41
CA ASN H 210 -85.77 43.51 -31.72
C ASN H 210 -86.06 42.06 -32.04
N ARG H 211 -86.36 41.28 -31.01
CA ARG H 211 -86.71 39.88 -31.21
C ARG H 211 -88.02 39.78 -32.01
N ASN H 212 -88.17 38.67 -32.73
CA ASN H 212 -89.28 38.42 -33.65
C ASN H 212 -89.26 39.40 -34.81
N GLU H 213 -89.27 40.69 -34.51
CA GLU H 213 -89.24 41.72 -35.56
C GLU H 213 -87.94 41.64 -36.35
N CYS H 214 -88.07 41.43 -37.66
CA CYS H 214 -86.92 41.46 -38.55
C CYS H 214 -87.34 41.96 -39.93
#